data_7TDV
#
_entry.id   7TDV
#
_cell.length_a   154.615
_cell.length_b   154.615
_cell.length_c   299.295
_cell.angle_alpha   90.000
_cell.angle_beta   90.000
_cell.angle_gamma   90.000
#
_symmetry.space_group_name_H-M   'P 41 21 2'
#
loop_
_entity.id
_entity.type
_entity.pdbx_description
1 polymer 'Glutamine synthetase'
2 non-polymer "ADENOSINE-5'-DIPHOSPHATE"
3 non-polymer 'L-METHIONINE-S-SULFOXIMINE PHOSPHATE'
4 non-polymer 'MAGNESIUM ION'
5 non-polymer 'SULFATE ION'
6 water water
#
_entity_poly.entity_id   1
_entity_poly.type   'polypeptide(L)'
_entity_poly.pdbx_seq_one_letter_code
;GSHMPKRTFTKEDIRKFVEEENVRYLRLQFTDILGTIKNVEVPVSQLEKVLDNEMMFDGSSIEGFVRIEESDMYLHPDLD
TWVIFPWTAGQGKVARLICDVYKTDGTPFEGDPRANLKRVLKEMEDLGFTDFNLGPEPEFFLFKLDEKGEPTLELNDDGG
YFDLAPTDLGENCRRDIVLELEDMGFDIEASHHEVAPGQHEIDFKYADAVTACDNIQTFKLVVKTIARKHNLHATFMPKP
LFGVNGSGMHFNVSLFKGKENAFFDPNTEMGLTETAYQFTAGVLKNARGFTAVCNPLVNSYKRLVPGYEAPCYIAWSGKN
RSPLIRVPSSRGLSTRIEVRSVDPAANPYMALAAILEAGLDGIKNKLKVPEPVNQNIYEMNREEREAVGIQDLPSTLYTA
LKAMRENEVIKKALGNHIYNQFINSKSIEWDYYRTQVSEWERDQYMKQY
;
_entity_poly.pdbx_strand_id   A,C,D,E,B,H
#
loop_
_chem_comp.id
_chem_comp.type
_chem_comp.name
_chem_comp.formula
ADP non-polymer ADENOSINE-5'-DIPHOSPHATE 'C10 H15 N5 O10 P2'
MG non-polymer 'MAGNESIUM ION' 'Mg 2'
P3S non-polymer 'L-METHIONINE-S-SULFOXIMINE PHOSPHATE' 'C5 H13 N2 O6 P S'
SO4 non-polymer 'SULFATE ION' 'O4 S -2'
#
# COMPACT_ATOMS: atom_id res chain seq x y z
N THR A 8 -12.48 8.59 -51.86
CA THR A 8 -12.94 8.47 -50.48
C THR A 8 -13.10 6.99 -50.07
N PHE A 9 -13.71 6.77 -48.88
CA PHE A 9 -14.02 5.46 -48.30
C PHE A 9 -15.49 5.10 -48.56
N THR A 10 -15.80 3.81 -48.43
CA THR A 10 -17.12 3.33 -48.82
C THR A 10 -17.62 2.23 -47.88
N LYS A 11 -18.94 1.98 -47.96
CA LYS A 11 -19.55 0.94 -47.14
C LYS A 11 -18.70 -0.33 -47.15
N GLU A 12 -18.38 -0.84 -48.34
CA GLU A 12 -17.56 -2.05 -48.45
C GLU A 12 -16.22 -1.87 -47.73
N ASP A 13 -15.55 -0.73 -47.95
CA ASP A 13 -14.29 -0.45 -47.24
C ASP A 13 -14.48 -0.54 -45.74
N ILE A 14 -15.55 0.09 -45.22
CA ILE A 14 -15.78 0.09 -43.78
C ILE A 14 -16.04 -1.32 -43.27
N ARG A 15 -16.83 -2.11 -44.03
CA ARG A 15 -17.11 -3.49 -43.63
C ARG A 15 -15.82 -4.28 -43.48
N LYS A 16 -14.86 -4.04 -44.39
CA LYS A 16 -13.51 -4.64 -44.31
C LYS A 16 -12.87 -4.37 -43.00
N PHE A 17 -12.76 -3.07 -42.70
CA PHE A 17 -11.98 -2.57 -41.60
C PHE A 17 -12.41 -3.25 -40.31
N VAL A 18 -13.72 -3.42 -40.13
CA VAL A 18 -14.23 -4.07 -38.92
C VAL A 18 -13.69 -5.48 -38.84
N GLU A 19 -13.81 -6.24 -39.93
CA GLU A 19 -13.39 -7.63 -39.92
C GLU A 19 -11.88 -7.76 -39.86
N GLU A 20 -11.15 -6.87 -40.54
CA GLU A 20 -9.71 -7.01 -40.68
C GLU A 20 -8.97 -6.70 -39.39
N GLU A 21 -9.52 -5.84 -38.52
CA GLU A 21 -8.85 -5.49 -37.27
C GLU A 21 -9.67 -5.87 -36.03
N ASN A 22 -10.72 -6.66 -36.16
CA ASN A 22 -11.53 -7.12 -35.03
C ASN A 22 -11.98 -5.96 -34.16
N VAL A 23 -12.71 -5.04 -34.80
CA VAL A 23 -13.39 -3.96 -34.10
C VAL A 23 -14.68 -4.51 -33.50
N ARG A 24 -14.94 -4.19 -32.24
CA ARG A 24 -16.12 -4.71 -31.57
C ARG A 24 -17.15 -3.64 -31.24
N TYR A 25 -16.78 -2.37 -31.22
CA TYR A 25 -17.72 -1.28 -30.94
C TYR A 25 -17.44 -0.04 -31.79
N LEU A 26 -18.51 0.71 -32.08
CA LEU A 26 -18.45 1.95 -32.85
C LEU A 26 -18.92 3.16 -32.02
N ARG A 27 -18.17 4.26 -32.10
CA ARG A 27 -18.57 5.55 -31.55
C ARG A 27 -19.10 6.40 -32.69
N LEU A 28 -20.40 6.67 -32.68
CA LEU A 28 -20.99 7.59 -33.64
C LEU A 28 -20.94 8.97 -32.99
N GLN A 29 -20.26 9.92 -33.62
CA GLN A 29 -19.95 11.19 -32.97
C GLN A 29 -20.40 12.38 -33.82
N PHE A 30 -20.88 13.40 -33.15
CA PHE A 30 -21.24 14.64 -33.82
C PHE A 30 -21.12 15.80 -32.83
N THR A 31 -21.54 16.98 -33.28
CA THR A 31 -21.25 18.22 -32.58
C THR A 31 -22.53 19.04 -32.45
N ASP A 32 -22.70 19.62 -31.26
CA ASP A 32 -23.84 20.47 -30.98
C ASP A 32 -23.50 21.90 -31.40
N ILE A 33 -24.35 22.84 -31.01
CA ILE A 33 -24.13 24.22 -31.42
C ILE A 33 -23.07 24.90 -30.55
N LEU A 34 -22.95 24.49 -29.28
CA LEU A 34 -21.91 25.00 -28.41
C LEU A 34 -20.52 24.44 -28.74
N GLY A 35 -20.41 23.58 -29.75
CA GLY A 35 -19.15 22.97 -30.13
C GLY A 35 -18.81 21.70 -29.38
N THR A 36 -19.73 21.20 -28.55
CA THR A 36 -19.44 20.04 -27.70
C THR A 36 -19.63 18.73 -28.46
N ILE A 37 -18.64 17.84 -28.35
CA ILE A 37 -18.79 16.52 -28.97
C ILE A 37 -19.91 15.78 -28.27
N LYS A 38 -20.57 14.91 -29.03
CA LYS A 38 -21.67 14.09 -28.58
C LYS A 38 -21.53 12.69 -29.18
N ASN A 39 -21.89 11.66 -28.43
CA ASN A 39 -21.70 10.39 -29.10
C ASN A 39 -22.45 9.27 -28.38
N VAL A 40 -22.58 8.18 -29.11
CA VAL A 40 -23.23 6.95 -28.67
C VAL A 40 -22.34 5.80 -29.14
N GLU A 41 -22.22 4.77 -28.30
CA GLU A 41 -21.43 3.59 -28.61
C GLU A 41 -22.36 2.48 -29.11
N VAL A 42 -21.92 1.76 -30.14
CA VAL A 42 -22.79 0.75 -30.76
C VAL A 42 -21.96 -0.50 -31.08
N PRO A 43 -22.34 -1.67 -30.60
CA PRO A 43 -21.65 -2.90 -31.00
C PRO A 43 -21.72 -3.11 -32.51
N VAL A 44 -20.63 -3.62 -33.08
CA VAL A 44 -20.56 -3.69 -34.53
C VAL A 44 -21.62 -4.60 -35.12
N SER A 45 -22.26 -5.43 -34.30
CA SER A 45 -23.50 -6.12 -34.66
C SER A 45 -24.44 -5.15 -35.37
N GLN A 46 -24.42 -3.88 -34.95
CA GLN A 46 -25.29 -2.86 -35.52
C GLN A 46 -24.66 -2.15 -36.70
N LEU A 47 -23.69 -2.77 -37.37
CA LEU A 47 -22.97 -2.00 -38.39
C LEU A 47 -23.83 -1.71 -39.61
N GLU A 48 -24.80 -2.57 -39.93
CA GLU A 48 -25.61 -2.35 -41.10
C GLU A 48 -26.67 -1.30 -40.85
N LYS A 49 -27.15 -1.22 -39.62
CA LYS A 49 -28.04 -0.12 -39.31
C LYS A 49 -27.28 1.19 -39.43
N VAL A 50 -26.00 1.22 -39.07
CA VAL A 50 -25.24 2.47 -39.11
C VAL A 50 -24.93 2.85 -40.55
N LEU A 51 -24.62 1.86 -41.39
CA LEU A 51 -24.30 2.17 -42.78
C LEU A 51 -25.55 2.35 -43.63
N ASP A 52 -26.71 1.88 -43.17
CA ASP A 52 -27.99 2.16 -43.81
C ASP A 52 -28.56 3.51 -43.39
N ASN A 53 -27.88 4.24 -42.51
CA ASN A 53 -28.28 5.60 -42.12
C ASN A 53 -29.59 5.58 -41.33
N GLU A 54 -29.80 4.53 -40.53
CA GLU A 54 -31.07 4.33 -39.87
C GLU A 54 -30.94 4.40 -38.34
N MET A 55 -29.90 5.07 -37.84
CA MET A 55 -29.63 5.21 -36.41
C MET A 55 -30.14 6.55 -35.91
N MET A 56 -31.04 6.54 -34.91
CA MET A 56 -31.72 7.73 -34.40
C MET A 56 -31.32 8.04 -32.96
N PHE A 57 -31.68 9.23 -32.54
CA PHE A 57 -31.42 9.75 -31.20
C PHE A 57 -32.48 10.79 -30.89
N ASP A 58 -32.30 11.52 -29.77
CA ASP A 58 -33.26 12.52 -29.32
C ASP A 58 -32.74 13.93 -29.63
N GLY A 59 -33.30 14.53 -30.68
CA GLY A 59 -32.94 15.90 -31.03
C GLY A 59 -33.26 16.95 -29.98
N SER A 60 -34.33 16.74 -29.19
CA SER A 60 -34.74 17.78 -28.27
C SER A 60 -33.72 18.00 -27.15
N SER A 61 -32.84 17.02 -26.92
CA SER A 61 -31.86 17.02 -25.82
C SER A 61 -30.48 17.55 -26.22
N ILE A 62 -30.30 17.98 -27.47
CA ILE A 62 -29.05 18.55 -27.94
C ILE A 62 -29.16 20.06 -28.01
N GLU A 63 -28.15 20.76 -27.47
CA GLU A 63 -28.17 22.21 -27.45
C GLU A 63 -28.27 22.77 -28.85
N GLY A 64 -29.42 23.38 -29.15
CA GLY A 64 -29.60 24.15 -30.36
C GLY A 64 -30.21 23.42 -31.51
N PHE A 65 -30.74 22.22 -31.30
CA PHE A 65 -31.27 21.49 -32.45
C PHE A 65 -32.77 21.63 -32.66
N VAL A 66 -33.57 21.02 -31.77
CA VAL A 66 -34.92 20.62 -32.15
C VAL A 66 -35.79 20.57 -30.91
N ARG A 67 -37.11 20.68 -31.13
CA ARG A 67 -38.07 20.73 -30.05
C ARG A 67 -38.70 19.37 -29.80
N ILE A 68 -39.18 19.20 -28.57
CA ILE A 68 -39.60 17.90 -28.09
C ILE A 68 -40.74 17.31 -28.92
N GLU A 69 -41.52 18.13 -29.63
CA GLU A 69 -42.61 17.61 -30.49
C GLU A 69 -42.09 16.93 -31.74
N GLU A 70 -40.99 17.40 -32.33
CA GLU A 70 -40.42 16.87 -33.56
C GLU A 70 -39.04 16.27 -33.29
N SER A 71 -38.90 15.55 -32.19
CA SER A 71 -37.61 15.32 -31.56
C SER A 71 -36.82 14.13 -32.13
N ASP A 72 -37.31 13.46 -33.17
CA ASP A 72 -36.60 12.32 -33.73
C ASP A 72 -35.61 12.80 -34.79
N MET A 73 -34.36 12.37 -34.66
CA MET A 73 -33.30 12.72 -35.58
C MET A 73 -32.47 11.49 -35.90
N TYR A 74 -31.71 11.60 -36.97
CA TYR A 74 -30.96 10.51 -37.56
C TYR A 74 -29.49 10.91 -37.72
N LEU A 75 -28.61 9.92 -37.70
CA LEU A 75 -27.18 10.11 -37.87
C LEU A 75 -26.73 9.41 -39.14
N HIS A 76 -26.17 10.18 -40.08
CA HIS A 76 -25.55 9.68 -41.30
C HIS A 76 -24.04 9.72 -41.08
N PRO A 77 -23.36 8.59 -41.03
CA PRO A 77 -21.90 8.65 -40.86
C PRO A 77 -21.18 9.18 -42.11
N ASP A 78 -20.22 10.10 -41.89
CA ASP A 78 -19.24 10.47 -42.89
C ASP A 78 -18.17 9.39 -42.92
N LEU A 79 -18.18 8.57 -43.97
CA LEU A 79 -17.34 7.38 -43.93
C LEU A 79 -15.86 7.72 -43.90
N ASP A 80 -15.44 8.83 -44.52
CA ASP A 80 -14.02 9.17 -44.53
C ASP A 80 -13.45 9.40 -43.15
N THR A 81 -14.29 9.57 -42.12
CA THR A 81 -13.85 9.94 -40.78
C THR A 81 -13.55 8.72 -39.91
N TRP A 82 -13.26 7.59 -40.53
CA TRP A 82 -13.00 6.36 -39.81
C TRP A 82 -11.67 6.42 -39.11
N VAL A 83 -11.65 6.08 -37.82
CA VAL A 83 -10.41 5.96 -37.08
C VAL A 83 -10.67 5.05 -35.88
N ILE A 84 -9.61 4.37 -35.43
CA ILE A 84 -9.65 3.41 -34.34
C ILE A 84 -8.93 4.02 -33.14
N PHE A 85 -9.58 4.02 -32.00
CA PHE A 85 -8.87 4.52 -30.84
C PHE A 85 -7.70 3.61 -30.51
N PRO A 86 -6.46 4.10 -30.54
CA PRO A 86 -5.30 3.24 -30.31
C PRO A 86 -5.02 2.94 -28.86
N TRP A 87 -5.89 3.32 -27.94
CA TRP A 87 -5.77 2.94 -26.56
C TRP A 87 -6.79 1.88 -26.16
N THR A 88 -7.45 1.25 -27.13
CA THR A 88 -8.46 0.27 -26.83
C THR A 88 -7.92 -1.15 -27.06
N ALA A 89 -8.50 -2.10 -26.32
CA ALA A 89 -8.05 -3.49 -26.20
C ALA A 89 -8.41 -4.26 -27.46
N GLY A 90 -8.40 -5.59 -27.40
CA GLY A 90 -8.86 -6.39 -28.51
C GLY A 90 -10.35 -6.67 -28.41
N GLN A 91 -10.81 -7.11 -27.24
CA GLN A 91 -12.24 -7.30 -27.01
C GLN A 91 -12.97 -6.00 -26.75
N GLY A 92 -12.24 -4.89 -26.60
CA GLY A 92 -12.86 -3.60 -26.42
C GLY A 92 -12.33 -2.61 -27.44
N LYS A 93 -12.01 -3.09 -28.64
CA LYS A 93 -11.49 -2.18 -29.67
C LYS A 93 -12.61 -1.33 -30.25
N VAL A 94 -12.44 -0.02 -30.19
CA VAL A 94 -13.48 0.92 -30.55
C VAL A 94 -13.04 1.72 -31.76
N ALA A 95 -13.94 1.86 -32.74
CA ALA A 95 -13.74 2.81 -33.83
C ALA A 95 -14.86 3.85 -33.77
N ARG A 96 -14.54 5.07 -34.20
CA ARG A 96 -15.52 6.15 -34.28
C ARG A 96 -15.81 6.49 -35.74
N LEU A 97 -16.99 7.06 -35.94
CA LEU A 97 -17.41 7.61 -37.22
C LEU A 97 -18.06 8.94 -36.90
N ILE A 98 -17.58 10.00 -37.49
CA ILE A 98 -18.26 11.28 -37.34
C ILE A 98 -19.45 11.29 -38.29
N CYS A 99 -20.57 11.81 -37.80
CA CYS A 99 -21.81 11.83 -38.53
C CYS A 99 -22.34 13.24 -38.70
N ASP A 100 -23.05 13.42 -39.81
CA ASP A 100 -23.94 14.55 -40.01
C ASP A 100 -25.31 14.22 -39.43
N VAL A 101 -26.01 15.23 -38.96
CA VAL A 101 -27.39 15.10 -38.48
C VAL A 101 -28.34 15.26 -39.65
N TYR A 102 -29.24 14.29 -39.83
CA TYR A 102 -30.32 14.37 -40.81
C TYR A 102 -31.67 14.29 -40.10
N LYS A 103 -32.67 14.99 -40.64
CA LYS A 103 -34.06 14.96 -40.21
C LYS A 103 -34.75 13.69 -40.71
N THR A 104 -35.98 13.46 -40.23
CA THR A 104 -36.67 12.22 -40.55
C THR A 104 -37.10 12.16 -42.02
N ASP A 105 -37.22 13.31 -42.68
CA ASP A 105 -37.42 13.30 -44.13
C ASP A 105 -36.17 12.88 -44.90
N GLY A 106 -35.09 12.49 -44.22
CA GLY A 106 -33.89 12.04 -44.89
C GLY A 106 -33.07 13.14 -45.50
N THR A 107 -33.27 14.37 -45.09
CA THR A 107 -32.51 15.50 -45.59
C THR A 107 -31.67 16.09 -44.48
N PRO A 108 -30.58 16.77 -44.83
CA PRO A 108 -29.67 17.28 -43.80
C PRO A 108 -30.30 18.38 -42.97
N PHE A 109 -29.90 18.43 -41.69
CA PHE A 109 -30.49 19.32 -40.72
C PHE A 109 -29.88 20.72 -40.82
N GLU A 110 -30.75 21.72 -40.90
CA GLU A 110 -30.33 23.10 -41.04
C GLU A 110 -29.52 23.60 -39.85
N GLY A 111 -29.64 22.94 -38.71
CA GLY A 111 -28.93 23.35 -37.51
C GLY A 111 -27.66 22.60 -37.22
N ASP A 112 -27.33 21.56 -38.00
CA ASP A 112 -26.07 20.83 -37.86
C ASP A 112 -24.92 21.71 -38.32
N PRO A 113 -24.03 22.14 -37.42
CA PRO A 113 -22.98 23.09 -37.84
C PRO A 113 -22.07 22.53 -38.93
N ARG A 114 -21.78 21.22 -38.86
CA ARG A 114 -20.84 20.59 -39.78
C ARG A 114 -21.44 20.48 -41.18
N ALA A 115 -22.67 19.96 -41.28
CA ALA A 115 -23.40 20.03 -42.54
C ALA A 115 -23.44 21.46 -43.05
N ASN A 116 -23.65 22.43 -42.16
CA ASN A 116 -23.73 23.81 -42.62
C ASN A 116 -22.43 24.28 -43.26
N LEU A 117 -21.29 23.95 -42.64
CA LEU A 117 -19.98 24.33 -43.18
C LEU A 117 -19.76 23.75 -44.58
N LYS A 118 -20.26 22.54 -44.83
CA LYS A 118 -20.20 21.98 -46.17
C LYS A 118 -21.08 22.76 -47.14
N ARG A 119 -22.26 23.18 -46.68
CA ARG A 119 -23.13 24.04 -47.48
C ARG A 119 -22.44 25.34 -47.86
N VAL A 120 -21.61 25.87 -46.97
CA VAL A 120 -20.85 27.07 -47.31
C VAL A 120 -19.64 26.71 -48.16
N LEU A 121 -19.09 25.50 -48.00
CA LEU A 121 -17.94 25.14 -48.82
C LEU A 121 -18.31 25.05 -50.29
N LYS A 122 -19.52 24.59 -50.62
CA LYS A 122 -19.93 24.45 -52.02
C LYS A 122 -19.99 25.79 -52.73
N GLU A 123 -20.14 26.90 -52.00
CA GLU A 123 -20.05 28.23 -52.60
C GLU A 123 -18.62 28.69 -52.75
N MET A 124 -17.66 27.90 -52.28
CA MET A 124 -16.25 28.16 -52.52
C MET A 124 -15.76 27.47 -53.78
N GLU A 125 -16.18 26.21 -53.99
CA GLU A 125 -15.96 25.56 -55.28
C GLU A 125 -16.70 26.31 -56.38
N ASP A 126 -17.81 26.97 -56.05
CA ASP A 126 -18.52 27.80 -57.02
C ASP A 126 -17.57 28.79 -57.69
N LEU A 127 -16.85 29.56 -56.88
CA LEU A 127 -16.05 30.68 -57.35
C LEU A 127 -14.60 30.33 -57.67
N GLY A 128 -14.29 29.04 -57.83
CA GLY A 128 -13.03 28.63 -58.42
C GLY A 128 -12.15 27.73 -57.59
N PHE A 129 -12.02 28.03 -56.30
CA PHE A 129 -11.09 27.30 -55.43
C PHE A 129 -11.61 25.90 -55.13
N THR A 130 -10.68 25.00 -54.79
CA THR A 130 -11.04 23.60 -54.59
C THR A 130 -11.08 23.19 -53.12
N ASP A 131 -10.08 23.57 -52.32
CA ASP A 131 -10.09 23.26 -50.90
C ASP A 131 -9.71 24.50 -50.08
N PHE A 132 -10.27 24.55 -48.87
CA PHE A 132 -10.03 25.61 -47.89
C PHE A 132 -9.34 24.94 -46.71
N ASN A 133 -8.03 25.20 -46.55
CA ASN A 133 -7.20 24.49 -45.59
C ASN A 133 -7.11 25.29 -44.30
N LEU A 134 -7.13 24.56 -43.17
CA LEU A 134 -7.08 25.18 -41.85
C LEU A 134 -6.03 24.48 -40.98
N GLY A 135 -5.08 25.26 -40.47
CA GLY A 135 -4.19 24.83 -39.41
C GLY A 135 -4.55 25.51 -38.09
N PRO A 136 -5.16 24.76 -37.19
CA PRO A 136 -5.50 25.29 -35.86
C PRO A 136 -4.36 25.15 -34.86
N GLU A 137 -4.23 26.17 -34.00
CA GLU A 137 -3.35 26.14 -32.83
C GLU A 137 -4.18 26.33 -31.57
N PRO A 138 -4.90 25.28 -31.10
CA PRO A 138 -5.70 25.39 -29.87
C PRO A 138 -4.82 25.22 -28.63
N GLU A 139 -4.62 26.32 -27.90
CA GLU A 139 -3.79 26.20 -26.72
C GLU A 139 -4.65 25.73 -25.53
N PHE A 140 -4.03 25.13 -24.53
CA PHE A 140 -4.82 24.73 -23.37
C PHE A 140 -4.05 24.91 -22.08
N PHE A 141 -4.76 24.78 -20.97
CA PHE A 141 -4.22 24.86 -19.63
C PHE A 141 -4.44 23.53 -18.94
N LEU A 142 -3.45 23.08 -18.17
CA LEU A 142 -3.56 21.88 -17.36
C LEU A 142 -3.62 22.26 -15.90
N PHE A 143 -4.61 21.73 -15.17
CA PHE A 143 -4.79 21.96 -13.76
C PHE A 143 -4.66 20.64 -13.01
N LYS A 144 -4.25 20.73 -11.75
CA LYS A 144 -4.14 19.55 -10.90
C LYS A 144 -5.51 19.16 -10.33
N LEU A 145 -5.78 17.85 -10.35
CA LEU A 145 -6.97 17.32 -9.71
C LEU A 145 -6.69 17.11 -8.23
N ASP A 146 -7.76 17.16 -7.44
CA ASP A 146 -7.66 16.96 -6.00
C ASP A 146 -7.84 15.49 -5.65
N GLU A 147 -8.07 15.19 -4.37
CA GLU A 147 -8.09 13.82 -3.91
C GLU A 147 -9.22 12.99 -4.53
N LYS A 148 -10.35 13.63 -4.91
CA LYS A 148 -11.52 12.93 -5.42
C LYS A 148 -11.91 13.35 -6.85
N GLY A 149 -10.95 13.70 -7.70
CA GLY A 149 -11.15 13.76 -9.14
C GLY A 149 -11.64 15.07 -9.72
N GLU A 150 -11.61 16.16 -8.95
CA GLU A 150 -12.21 17.41 -9.40
C GLU A 150 -11.16 18.49 -9.58
N PRO A 151 -11.26 19.32 -10.63
CA PRO A 151 -10.23 20.32 -10.89
C PRO A 151 -10.09 21.32 -9.75
N THR A 152 -8.86 21.59 -9.39
CA THR A 152 -8.53 22.69 -8.48
C THR A 152 -8.07 23.89 -9.32
N LEU A 153 -7.75 24.98 -8.65
CA LEU A 153 -7.19 26.12 -9.34
C LEU A 153 -5.66 26.18 -9.29
N GLU A 154 -5.03 25.07 -8.91
CA GLU A 154 -3.58 24.91 -9.01
C GLU A 154 -3.22 24.39 -10.41
N LEU A 155 -2.51 25.19 -11.18
CA LEU A 155 -1.96 24.70 -12.44
C LEU A 155 -0.80 23.73 -12.19
N ASN A 156 -0.44 23.00 -13.24
CA ASN A 156 0.50 21.89 -13.12
C ASN A 156 1.96 22.35 -13.04
N ASP A 157 2.29 23.58 -13.42
CA ASP A 157 3.65 24.03 -13.22
C ASP A 157 3.65 25.55 -13.15
N ASP A 158 4.86 26.12 -13.04
CA ASP A 158 5.06 27.56 -13.09
C ASP A 158 5.87 27.92 -14.32
N GLY A 159 5.73 27.13 -15.38
CA GLY A 159 6.58 27.25 -16.54
C GLY A 159 6.30 28.46 -17.41
N GLY A 160 7.16 28.64 -18.42
CA GLY A 160 7.00 29.73 -19.36
C GLY A 160 7.05 29.23 -20.79
N TYR A 161 7.27 30.14 -21.74
CA TYR A 161 7.39 29.76 -23.14
C TYR A 161 8.57 28.83 -23.38
N PHE A 162 8.31 27.72 -24.05
CA PHE A 162 9.36 26.85 -24.55
C PHE A 162 10.21 26.30 -23.42
N ASP A 163 9.65 26.17 -22.23
CA ASP A 163 10.49 25.78 -21.13
C ASP A 163 10.69 24.25 -21.09
N LEU A 164 11.64 23.85 -20.25
CA LEU A 164 12.11 22.49 -20.14
C LEU A 164 11.77 21.98 -18.74
N ALA A 165 11.74 20.66 -18.59
CA ALA A 165 11.47 20.09 -17.28
C ALA A 165 12.70 20.22 -16.37
N PRO A 166 12.50 20.37 -15.05
CA PRO A 166 11.23 20.34 -14.34
C PRO A 166 10.59 21.70 -14.01
N THR A 167 10.99 22.77 -14.69
CA THR A 167 10.12 23.95 -14.71
C THR A 167 8.81 23.65 -15.44
N ASP A 168 8.85 22.69 -16.38
CA ASP A 168 7.73 22.30 -17.23
C ASP A 168 7.32 20.87 -16.85
N LEU A 169 6.27 20.75 -16.05
CA LEU A 169 5.80 19.46 -15.61
C LEU A 169 4.62 18.96 -16.44
N GLY A 170 4.51 19.42 -17.70
CA GLY A 170 3.59 18.83 -18.64
C GLY A 170 4.25 18.02 -19.76
N GLU A 171 5.54 17.68 -19.60
CA GLU A 171 6.28 17.05 -20.69
C GLU A 171 5.73 15.66 -21.00
N ASN A 172 5.52 14.83 -19.98
CA ASN A 172 5.07 13.46 -20.23
C ASN A 172 3.58 13.36 -20.54
N CYS A 173 2.79 14.38 -20.17
CA CYS A 173 1.42 14.43 -20.63
C CYS A 173 1.37 14.80 -22.11
N ARG A 174 2.08 15.87 -22.51
CA ARG A 174 2.10 16.25 -23.91
C ARG A 174 2.55 15.10 -24.80
N ARG A 175 3.53 14.32 -24.33
CA ARG A 175 4.05 13.22 -25.14
C ARG A 175 3.02 12.13 -25.29
N ASP A 176 2.36 11.75 -24.20
CA ASP A 176 1.32 10.75 -24.32
C ASP A 176 0.26 11.20 -25.33
N ILE A 177 -0.11 12.48 -25.30
CA ILE A 177 -1.07 12.98 -26.29
C ILE A 177 -0.49 12.87 -27.69
N VAL A 178 0.70 13.48 -27.89
CA VAL A 178 1.34 13.39 -29.19
C VAL A 178 1.41 11.94 -29.68
N LEU A 179 1.67 10.99 -28.78
CA LEU A 179 1.71 9.57 -29.14
C LEU A 179 0.38 9.11 -29.69
N GLU A 180 -0.67 9.11 -28.84
CA GLU A 180 -1.96 8.60 -29.27
C GLU A 180 -2.43 9.33 -30.52
N LEU A 181 -2.23 10.64 -30.58
CA LEU A 181 -2.60 11.40 -31.77
C LEU A 181 -1.85 10.88 -33.00
N GLU A 182 -0.55 10.69 -32.86
CA GLU A 182 0.22 10.19 -33.98
C GLU A 182 -0.33 8.85 -34.47
N ASP A 183 -0.92 8.06 -33.57
CA ASP A 183 -1.48 6.78 -33.97
C ASP A 183 -2.95 6.87 -34.40
N MET A 184 -3.54 8.06 -34.34
CA MET A 184 -4.85 8.29 -34.94
C MET A 184 -4.75 8.87 -36.34
N GLY A 185 -3.56 9.24 -36.81
CA GLY A 185 -3.41 9.77 -38.15
C GLY A 185 -3.14 11.25 -38.21
N PHE A 186 -2.87 11.87 -37.07
CA PHE A 186 -2.52 13.29 -37.04
C PHE A 186 -1.10 13.50 -37.54
N ASP A 187 -0.93 14.47 -38.43
CA ASP A 187 0.40 14.93 -38.79
C ASP A 187 0.81 15.99 -37.76
N ILE A 188 1.37 15.51 -36.64
CA ILE A 188 1.85 16.38 -35.58
C ILE A 188 3.07 17.17 -36.02
N GLU A 189 3.22 18.39 -35.52
CA GLU A 189 4.24 19.30 -36.02
C GLU A 189 5.04 20.02 -34.96
N ALA A 190 4.59 20.04 -33.70
CA ALA A 190 5.42 20.59 -32.63
C ALA A 190 4.67 20.45 -31.31
N SER A 191 5.42 20.54 -30.22
CA SER A 191 4.87 20.36 -28.88
C SER A 191 5.73 21.17 -27.90
N HIS A 192 5.14 22.15 -27.24
CA HIS A 192 5.89 23.04 -26.37
C HIS A 192 4.97 23.67 -25.32
N HIS A 193 5.58 24.04 -24.20
CA HIS A 193 4.96 24.90 -23.20
C HIS A 193 4.79 26.31 -23.75
N GLU A 194 3.63 26.93 -23.50
CA GLU A 194 3.41 28.30 -23.98
C GLU A 194 3.57 29.28 -22.81
N VAL A 195 3.15 30.54 -23.06
CA VAL A 195 3.59 31.69 -22.28
C VAL A 195 3.21 31.58 -20.81
N ALA A 196 2.00 31.13 -20.55
CA ALA A 196 1.46 31.22 -19.19
C ALA A 196 1.85 30.01 -18.36
N PRO A 197 1.77 30.12 -17.04
CA PRO A 197 1.96 28.93 -16.20
C PRO A 197 0.92 27.87 -16.55
N GLY A 198 1.40 26.64 -16.72
CA GLY A 198 0.51 25.52 -16.99
C GLY A 198 -0.21 25.57 -18.33
N GLN A 199 0.42 26.15 -19.34
CA GLN A 199 -0.19 26.34 -20.65
C GLN A 199 0.65 25.66 -21.73
N HIS A 200 -0.01 24.88 -22.56
CA HIS A 200 0.63 24.00 -23.51
C HIS A 200 -0.03 24.19 -24.87
N GLU A 201 0.75 23.89 -25.90
CA GLU A 201 0.32 23.95 -27.30
C GLU A 201 0.77 22.65 -27.94
N ILE A 202 -0.06 22.12 -28.83
CA ILE A 202 0.37 21.07 -29.74
C ILE A 202 -0.09 21.44 -31.13
N ASP A 203 0.83 21.45 -32.09
CA ASP A 203 0.49 21.83 -33.45
C ASP A 203 0.45 20.60 -34.33
N PHE A 204 -0.45 20.61 -35.31
CA PHE A 204 -0.55 19.54 -36.28
C PHE A 204 -0.79 20.14 -37.65
N LYS A 205 -0.87 19.29 -38.68
CA LYS A 205 -0.85 19.78 -40.05
C LYS A 205 -2.18 20.38 -40.46
N TYR A 206 -2.11 21.34 -41.38
CA TYR A 206 -3.32 21.91 -41.96
C TYR A 206 -4.07 20.85 -42.76
N ALA A 207 -5.39 20.93 -42.73
CA ALA A 207 -6.21 20.01 -43.50
C ALA A 207 -7.28 20.80 -44.25
N ASP A 208 -7.98 20.09 -45.15
CA ASP A 208 -9.19 20.65 -45.73
C ASP A 208 -10.16 20.98 -44.60
N ALA A 209 -10.96 22.02 -44.80
CA ALA A 209 -11.74 22.62 -43.72
C ALA A 209 -12.44 21.61 -42.80
N VAL A 210 -13.37 20.83 -43.33
CA VAL A 210 -14.17 19.93 -42.49
C VAL A 210 -13.28 18.94 -41.77
N THR A 211 -12.29 18.36 -42.48
CA THR A 211 -11.32 17.50 -41.79
C THR A 211 -10.68 18.25 -40.62
N ALA A 212 -10.20 19.48 -40.89
CA ALA A 212 -9.53 20.26 -39.84
C ALA A 212 -10.45 20.49 -38.65
N CYS A 213 -11.72 20.81 -38.89
CA CYS A 213 -12.63 20.98 -37.77
C CYS A 213 -12.90 19.66 -37.11
N ASP A 214 -12.98 18.58 -37.89
CA ASP A 214 -13.03 17.26 -37.31
C ASP A 214 -11.79 17.03 -36.44
N ASN A 215 -10.62 17.45 -36.94
CA ASN A 215 -9.37 17.30 -36.19
C ASN A 215 -9.42 18.03 -34.84
N ILE A 216 -10.05 19.23 -34.80
CA ILE A 216 -10.07 20.04 -33.58
C ILE A 216 -10.94 19.41 -32.52
N GLN A 217 -12.11 18.89 -32.93
CA GLN A 217 -12.94 18.15 -31.99
C GLN A 217 -12.19 16.92 -31.49
N THR A 218 -11.49 16.22 -32.38
CA THR A 218 -10.77 15.04 -31.94
C THR A 218 -9.63 15.41 -31.00
N PHE A 219 -8.96 16.53 -31.29
CA PHE A 219 -7.82 16.99 -30.49
C PHE A 219 -8.21 17.16 -29.02
N LYS A 220 -9.25 17.95 -28.76
CA LYS A 220 -9.65 18.19 -27.37
C LYS A 220 -9.94 16.86 -26.67
N LEU A 221 -10.72 16.00 -27.31
CA LEU A 221 -11.10 14.73 -26.72
C LEU A 221 -9.88 13.97 -26.19
N VAL A 222 -8.84 13.82 -27.02
CA VAL A 222 -7.61 13.17 -26.56
C VAL A 222 -6.96 13.95 -25.42
N VAL A 223 -6.70 15.26 -25.65
CA VAL A 223 -6.06 16.07 -24.61
C VAL A 223 -6.75 15.84 -23.26
N LYS A 224 -8.08 15.83 -23.27
CA LYS A 224 -8.82 15.76 -22.01
C LYS A 224 -8.75 14.38 -21.36
N THR A 225 -8.94 13.31 -22.14
CA THR A 225 -8.97 12.00 -21.53
C THR A 225 -7.58 11.60 -21.03
N ILE A 226 -6.54 12.02 -21.72
CA ILE A 226 -5.17 11.69 -21.32
C ILE A 226 -4.74 12.54 -20.13
N ALA A 227 -5.04 13.84 -20.20
CA ALA A 227 -4.72 14.73 -19.09
C ALA A 227 -5.27 14.18 -17.79
N ARG A 228 -6.44 13.54 -17.87
CA ARG A 228 -7.03 12.94 -16.69
C ARG A 228 -6.23 11.71 -16.24
N LYS A 229 -5.84 10.85 -17.20
CA LYS A 229 -4.98 9.70 -16.96
C LYS A 229 -3.67 10.13 -16.32
N HIS A 230 -3.34 11.42 -16.35
CA HIS A 230 -2.17 11.95 -15.66
C HIS A 230 -2.54 12.69 -14.36
N ASN A 231 -3.75 12.48 -13.84
CA ASN A 231 -4.25 13.18 -12.66
C ASN A 231 -4.31 14.68 -12.87
N LEU A 232 -4.54 15.05 -14.12
CA LEU A 232 -4.57 16.45 -14.48
C LEU A 232 -5.89 16.78 -15.12
N HIS A 233 -6.11 18.07 -15.37
CA HIS A 233 -7.39 18.53 -15.95
C HIS A 233 -7.14 19.54 -17.07
N ALA A 234 -7.52 19.20 -18.29
CA ALA A 234 -7.27 20.11 -19.42
C ALA A 234 -8.46 21.03 -19.65
N THR A 235 -8.19 22.31 -19.85
CA THR A 235 -9.26 23.21 -20.17
C THR A 235 -8.91 24.07 -21.37
N PHE A 236 -9.87 24.20 -22.28
CA PHE A 236 -9.75 25.10 -23.42
C PHE A 236 -10.48 26.42 -23.16
N MET A 237 -10.59 26.81 -21.89
CA MET A 237 -11.26 28.04 -21.52
C MET A 237 -10.42 29.24 -21.97
N PRO A 238 -11.03 30.26 -22.56
CA PRO A 238 -10.22 31.34 -23.14
C PRO A 238 -9.20 31.95 -22.20
N LYS A 239 -9.61 32.32 -20.99
CA LYS A 239 -8.66 32.90 -20.03
C LYS A 239 -9.13 32.50 -18.64
N PRO A 240 -8.74 31.31 -18.16
CA PRO A 240 -9.16 30.88 -16.83
C PRO A 240 -8.64 31.74 -15.71
N LEU A 241 -7.54 32.47 -15.93
CA LEU A 241 -6.90 33.26 -14.87
C LEU A 241 -6.64 34.67 -15.38
N PHE A 242 -6.94 35.66 -14.54
CA PHE A 242 -6.59 37.03 -14.88
C PHE A 242 -5.07 37.24 -14.78
N GLY A 243 -4.53 38.09 -15.64
CA GLY A 243 -3.16 38.55 -15.50
C GLY A 243 -2.08 37.70 -16.13
N VAL A 244 -2.42 36.60 -16.79
CA VAL A 244 -1.49 35.80 -17.58
C VAL A 244 -2.13 35.53 -18.95
N ASN A 245 -1.29 35.21 -19.94
CA ASN A 245 -1.80 34.98 -21.29
C ASN A 245 -3.03 34.09 -21.28
N GLY A 246 -4.01 34.41 -22.11
CA GLY A 246 -5.10 33.49 -22.34
C GLY A 246 -4.68 32.46 -23.38
N SER A 247 -5.48 31.41 -23.53
CA SER A 247 -5.23 30.43 -24.57
C SER A 247 -6.20 30.68 -25.73
N GLY A 248 -5.64 30.95 -26.91
CA GLY A 248 -6.41 31.21 -28.11
C GLY A 248 -6.18 30.14 -29.17
N MET A 249 -7.19 29.94 -30.01
CA MET A 249 -7.15 28.92 -31.06
C MET A 249 -6.93 29.56 -32.43
N HIS A 250 -5.68 29.98 -32.69
CA HIS A 250 -5.37 30.66 -33.94
C HIS A 250 -5.80 29.83 -35.13
N PHE A 251 -6.46 30.47 -36.10
CA PHE A 251 -6.90 29.83 -37.33
C PHE A 251 -6.02 30.32 -38.47
N ASN A 252 -4.94 29.57 -38.75
CA ASN A 252 -4.20 29.78 -39.99
C ASN A 252 -4.98 29.15 -41.13
N VAL A 253 -5.31 29.95 -42.14
CA VAL A 253 -6.17 29.45 -43.25
C VAL A 253 -5.56 29.80 -44.58
N SER A 254 -6.00 29.14 -45.65
CA SER A 254 -5.52 29.44 -47.00
C SER A 254 -6.54 29.05 -48.02
N LEU A 255 -6.31 29.46 -49.25
CA LEU A 255 -7.20 29.02 -50.31
C LEU A 255 -6.34 28.33 -51.34
N PHE A 256 -6.80 27.18 -51.77
CA PHE A 256 -6.12 26.37 -52.78
C PHE A 256 -6.96 26.30 -54.05
N LYS A 257 -6.25 26.25 -55.18
CA LYS A 257 -6.80 25.94 -56.48
C LYS A 257 -6.21 24.61 -56.93
N GLY A 258 -6.26 23.60 -56.05
CA GLY A 258 -5.95 22.23 -56.44
C GLY A 258 -4.51 21.81 -56.50
N LYS A 259 -3.84 21.72 -55.36
CA LYS A 259 -2.40 21.46 -55.19
C LYS A 259 -1.55 22.73 -55.20
N GLU A 260 -2.12 23.91 -55.48
CA GLU A 260 -1.34 25.13 -55.47
C GLU A 260 -1.96 26.15 -54.52
N ASN A 261 -1.12 26.74 -53.69
CA ASN A 261 -1.55 27.67 -52.66
C ASN A 261 -1.94 28.99 -53.33
N ALA A 262 -3.25 29.20 -53.51
CA ALA A 262 -3.80 30.36 -54.20
C ALA A 262 -3.58 31.67 -53.44
N PHE A 263 -2.90 31.62 -52.30
CA PHE A 263 -2.50 32.81 -51.58
C PHE A 263 -1.10 33.31 -51.93
N PHE A 264 -0.30 32.52 -52.64
CA PHE A 264 1.14 32.75 -52.75
C PHE A 264 1.52 33.16 -54.18
N ASP A 265 1.99 34.40 -54.34
CA ASP A 265 2.52 34.88 -55.61
C ASP A 265 4.04 34.78 -55.57
N PRO A 266 4.66 33.91 -56.36
CA PRO A 266 6.11 33.73 -56.22
C PRO A 266 6.91 34.88 -56.81
N ASN A 267 6.32 35.68 -57.69
CA ASN A 267 7.07 36.75 -58.35
C ASN A 267 7.32 37.89 -57.38
N THR A 268 6.25 38.40 -56.76
CA THR A 268 6.39 39.60 -55.95
C THR A 268 7.18 39.33 -54.67
N GLU A 269 7.67 40.41 -54.08
CA GLU A 269 8.52 40.32 -52.90
C GLU A 269 7.70 40.09 -51.64
N MET A 270 6.49 40.63 -51.58
CA MET A 270 5.63 40.39 -50.43
C MET A 270 5.39 38.90 -50.22
N GLY A 271 5.10 38.18 -51.30
CA GLY A 271 4.73 36.79 -51.25
C GLY A 271 3.24 36.54 -51.38
N LEU A 272 2.45 37.61 -51.48
CA LEU A 272 1.00 37.50 -51.41
C LEU A 272 0.37 37.85 -52.76
N THR A 273 -0.52 36.98 -53.22
CA THR A 273 -1.40 37.26 -54.35
C THR A 273 -2.44 38.30 -53.94
N GLU A 274 -3.17 38.83 -54.93
CA GLU A 274 -4.24 39.77 -54.56
C GLU A 274 -5.50 39.05 -54.09
N THR A 275 -5.60 37.74 -54.33
CA THR A 275 -6.67 36.98 -53.71
C THR A 275 -6.47 36.91 -52.19
N ALA A 276 -5.23 36.75 -51.74
CA ALA A 276 -4.95 36.82 -50.31
C ALA A 276 -5.31 38.20 -49.75
N TYR A 277 -5.03 39.27 -50.51
CA TYR A 277 -5.36 40.62 -50.07
C TYR A 277 -6.87 40.82 -50.02
N GLN A 278 -7.56 40.50 -51.12
CA GLN A 278 -9.02 40.52 -51.13
C GLN A 278 -9.59 39.71 -49.98
N PHE A 279 -9.02 38.55 -49.71
CA PHE A 279 -9.58 37.65 -48.70
C PHE A 279 -9.48 38.27 -47.31
N THR A 280 -8.35 38.90 -46.99
CA THR A 280 -8.21 39.47 -45.65
C THR A 280 -9.02 40.77 -45.52
N ALA A 281 -9.05 41.59 -46.58
CA ALA A 281 -10.03 42.68 -46.62
C ALA A 281 -11.41 42.16 -46.23
N GLY A 282 -11.76 40.97 -46.72
CA GLY A 282 -12.94 40.24 -46.31
C GLY A 282 -13.11 40.09 -44.82
N VAL A 283 -12.20 39.38 -44.15
CA VAL A 283 -12.38 39.12 -42.71
C VAL A 283 -12.24 40.41 -41.91
N LEU A 284 -11.34 41.30 -42.30
CA LEU A 284 -11.25 42.58 -41.62
C LEU A 284 -12.59 43.31 -41.65
N LYS A 285 -13.22 43.37 -42.82
CA LYS A 285 -14.45 44.13 -42.96
C LYS A 285 -15.56 43.62 -42.06
N ASN A 286 -15.63 42.30 -41.86
CA ASN A 286 -16.74 41.70 -41.14
C ASN A 286 -16.36 41.18 -39.75
N ALA A 287 -15.14 41.47 -39.29
CA ALA A 287 -14.68 40.90 -38.02
C ALA A 287 -15.66 41.19 -36.88
N ARG A 288 -16.15 42.44 -36.80
CA ARG A 288 -17.17 42.79 -35.81
C ARG A 288 -18.33 41.79 -35.82
N GLY A 289 -18.74 41.35 -37.02
CA GLY A 289 -19.90 40.49 -37.13
C GLY A 289 -19.67 39.06 -36.69
N PHE A 290 -18.50 38.47 -37.01
CA PHE A 290 -18.29 37.07 -36.62
C PHE A 290 -17.68 36.90 -35.24
N THR A 291 -17.42 38.00 -34.51
CA THR A 291 -16.69 37.89 -33.25
C THR A 291 -17.44 37.08 -32.20
N ALA A 292 -18.77 37.24 -32.12
CA ALA A 292 -19.52 36.50 -31.10
C ALA A 292 -19.40 34.99 -31.29
N VAL A 293 -19.30 34.53 -32.53
CA VAL A 293 -19.24 33.12 -32.83
C VAL A 293 -17.85 32.54 -32.52
N CYS A 294 -16.80 33.31 -32.82
CA CYS A 294 -15.42 32.91 -32.56
C CYS A 294 -14.99 33.12 -31.12
N ASN A 295 -15.70 33.97 -30.40
CA ASN A 295 -15.41 34.29 -29.00
C ASN A 295 -16.72 34.22 -28.24
N PRO A 296 -17.23 33.01 -28.06
CA PRO A 296 -18.64 32.81 -27.68
C PRO A 296 -18.93 32.72 -26.19
N LEU A 297 -17.95 32.83 -25.31
CA LEU A 297 -18.25 32.83 -23.89
C LEU A 297 -18.10 34.22 -23.31
N VAL A 298 -18.73 34.46 -22.16
CA VAL A 298 -18.42 35.69 -21.44
C VAL A 298 -16.92 35.74 -21.19
N ASN A 299 -16.34 34.59 -20.82
CA ASN A 299 -14.90 34.49 -20.61
C ASN A 299 -14.11 34.91 -21.86
N SER A 300 -14.63 34.64 -23.05
CA SER A 300 -13.89 34.96 -24.26
C SER A 300 -13.34 36.39 -24.21
N TYR A 301 -14.10 37.32 -23.63
CA TYR A 301 -13.78 38.74 -23.77
C TYR A 301 -12.81 39.26 -22.70
N LYS A 302 -12.46 38.42 -21.73
CA LYS A 302 -11.36 38.68 -20.81
C LYS A 302 -10.03 38.21 -21.37
N ARG A 303 -10.03 37.58 -22.55
CA ARG A 303 -8.84 37.35 -23.34
C ARG A 303 -8.56 38.43 -24.36
N LEU A 304 -9.58 39.16 -24.81
CA LEU A 304 -9.38 40.23 -25.79
C LEU A 304 -9.04 41.56 -25.13
N VAL A 305 -8.42 41.47 -23.95
CA VAL A 305 -7.76 42.56 -23.24
C VAL A 305 -6.39 42.80 -23.90
N PRO A 306 -5.91 44.04 -23.96
CA PRO A 306 -4.62 44.28 -24.61
C PRO A 306 -3.44 43.83 -23.76
N GLY A 307 -2.40 43.34 -24.40
CA GLY A 307 -1.14 43.04 -23.76
C GLY A 307 -0.77 41.57 -23.57
N TYR A 308 -1.45 40.62 -24.26
CA TYR A 308 -1.27 39.19 -24.00
C TYR A 308 -1.25 38.39 -25.29
N GLU A 309 -0.75 39.00 -26.37
CA GLU A 309 -0.74 38.36 -27.69
C GLU A 309 -2.13 37.87 -28.09
N ALA A 310 -3.17 38.43 -27.46
CA ALA A 310 -4.45 38.31 -28.09
C ALA A 310 -4.80 39.62 -28.82
N PRO A 311 -5.52 39.56 -29.93
CA PRO A 311 -5.93 40.80 -30.60
C PRO A 311 -7.04 41.51 -29.84
N CYS A 312 -7.10 42.82 -30.01
CA CYS A 312 -8.30 43.57 -29.71
C CYS A 312 -8.56 44.72 -30.65
N TYR A 313 -7.78 44.90 -31.70
CA TYR A 313 -8.08 45.88 -32.74
C TYR A 313 -8.11 45.20 -34.10
N ILE A 314 -9.00 45.65 -34.98
CA ILE A 314 -9.17 45.05 -36.30
C ILE A 314 -8.09 45.62 -37.20
N ALA A 315 -7.00 44.86 -37.40
CA ALA A 315 -5.86 45.26 -38.21
C ALA A 315 -5.12 43.99 -38.66
N TRP A 316 -4.13 44.16 -39.53
CA TRP A 316 -3.31 43.04 -39.99
C TRP A 316 -1.87 43.47 -40.16
N SER A 317 -0.95 42.56 -39.80
CA SER A 317 0.46 42.75 -40.06
C SER A 317 1.10 41.41 -40.38
N GLY A 318 2.22 41.47 -41.09
CA GLY A 318 3.14 40.36 -41.18
C GLY A 318 4.23 40.53 -40.08
N LYS A 319 4.59 39.39 -39.50
CA LYS A 319 5.68 39.29 -38.54
C LYS A 319 5.29 39.86 -37.16
N ASN A 320 3.99 40.04 -36.90
CA ASN A 320 3.51 40.91 -35.82
C ASN A 320 2.34 40.25 -35.12
N ARG A 321 2.36 40.19 -33.77
CA ARG A 321 1.44 39.36 -33.00
C ARG A 321 0.39 40.13 -32.20
N SER A 322 0.39 41.46 -32.26
CA SER A 322 -0.63 42.35 -31.66
C SER A 322 -1.93 42.46 -32.47
N PRO A 323 -1.89 42.38 -33.80
CA PRO A 323 -3.08 42.69 -34.61
C PRO A 323 -4.06 41.52 -34.72
N LEU A 324 -5.21 41.82 -35.33
CA LEU A 324 -6.22 40.78 -35.55
C LEU A 324 -5.67 39.65 -36.42
N ILE A 325 -5.23 40.04 -37.60
CA ILE A 325 -4.71 39.04 -38.55
C ILE A 325 -3.19 39.16 -38.59
N ARG A 326 -2.53 38.04 -38.45
CA ARG A 326 -1.06 38.03 -38.59
C ARG A 326 -0.79 37.20 -39.84
N VAL A 327 0.12 37.65 -40.68
CA VAL A 327 0.47 36.83 -41.86
C VAL A 327 1.90 36.42 -41.58
N PRO A 328 2.36 35.05 -41.17
CA PRO A 328 3.68 34.51 -40.85
C PRO A 328 4.65 34.69 -42.01
N SER A 329 5.94 34.61 -41.66
CA SER A 329 6.99 34.80 -42.64
C SER A 329 7.02 33.69 -43.67
N SER A 330 6.47 32.53 -43.35
CA SER A 330 6.47 31.42 -44.31
C SER A 330 5.74 31.82 -45.58
N ARG A 331 6.35 31.53 -46.71
CA ARG A 331 5.70 31.65 -48.01
C ARG A 331 5.87 30.30 -48.70
N GLY A 332 5.58 30.26 -50.00
CA GLY A 332 5.52 28.98 -50.69
C GLY A 332 4.21 28.31 -50.36
N LEU A 333 4.21 27.00 -50.16
CA LEU A 333 2.96 26.32 -49.85
C LEU A 333 2.50 26.58 -48.43
N SER A 334 3.19 27.43 -47.69
CA SER A 334 2.85 27.75 -46.31
C SER A 334 2.31 29.16 -46.15
N THR A 335 2.22 29.93 -47.23
CA THR A 335 1.54 31.22 -47.21
C THR A 335 0.13 31.07 -46.65
N ARG A 336 -0.23 31.95 -45.72
CA ARG A 336 -1.52 31.82 -45.05
C ARG A 336 -1.79 33.09 -44.28
N ILE A 337 -3.05 33.29 -43.92
CA ILE A 337 -3.40 34.31 -42.93
C ILE A 337 -3.84 33.59 -41.66
N GLU A 338 -3.24 33.99 -40.54
CA GLU A 338 -3.53 33.46 -39.21
C GLU A 338 -4.49 34.42 -38.52
N VAL A 339 -5.75 34.01 -38.38
CA VAL A 339 -6.77 34.82 -37.70
C VAL A 339 -6.60 34.56 -36.22
N ARG A 340 -6.10 35.54 -35.48
CA ARG A 340 -5.76 35.32 -34.09
C ARG A 340 -6.95 35.49 -33.16
N SER A 341 -8.08 35.94 -33.71
CA SER A 341 -9.27 36.22 -32.89
C SER A 341 -9.78 34.95 -32.22
N VAL A 342 -9.92 33.85 -32.98
CA VAL A 342 -10.63 32.67 -32.49
C VAL A 342 -10.05 32.20 -31.15
N ASP A 343 -10.93 31.80 -30.23
CA ASP A 343 -10.43 31.04 -29.09
C ASP A 343 -10.96 29.60 -29.09
N PRO A 344 -10.29 28.70 -28.36
CA PRO A 344 -10.62 27.27 -28.44
C PRO A 344 -12.00 26.90 -27.91
N ALA A 345 -12.77 27.87 -27.39
CA ALA A 345 -14.14 27.63 -26.98
C ALA A 345 -15.11 27.74 -28.15
N ALA A 346 -14.69 28.34 -29.26
CA ALA A 346 -15.51 28.43 -30.45
C ALA A 346 -15.81 27.04 -31.04
N ASN A 347 -16.98 26.94 -31.69
CA ASN A 347 -17.44 25.84 -32.50
C ASN A 347 -16.68 25.88 -33.83
N PRO A 348 -15.71 25.00 -34.03
CA PRO A 348 -14.85 25.15 -35.22
C PRO A 348 -15.63 25.20 -36.53
N TYR A 349 -16.69 24.41 -36.68
CA TYR A 349 -17.42 24.41 -37.94
C TYR A 349 -18.20 25.70 -38.17
N MET A 350 -18.52 26.43 -37.10
CA MET A 350 -19.21 27.70 -37.29
C MET A 350 -18.23 28.84 -37.50
N ALA A 351 -17.21 28.92 -36.65
CA ALA A 351 -16.14 29.89 -36.87
C ALA A 351 -15.54 29.76 -38.27
N LEU A 352 -15.29 28.55 -38.72
CA LEU A 352 -14.67 28.42 -40.04
C LEU A 352 -15.63 28.83 -41.13
N ALA A 353 -16.90 28.41 -41.00
CA ALA A 353 -17.94 28.88 -41.91
C ALA A 353 -18.05 30.39 -41.91
N ALA A 354 -17.87 31.02 -40.75
CA ALA A 354 -17.94 32.48 -40.67
C ALA A 354 -16.75 33.13 -41.36
N ILE A 355 -15.54 32.70 -41.02
CA ILE A 355 -14.38 33.32 -41.61
C ILE A 355 -14.34 33.09 -43.12
N LEU A 356 -14.84 31.95 -43.57
CA LEU A 356 -14.73 31.65 -44.99
C LEU A 356 -15.63 32.56 -45.81
N GLU A 357 -16.84 32.82 -45.32
CA GLU A 357 -17.71 33.69 -46.09
C GLU A 357 -17.32 35.16 -45.95
N ALA A 358 -16.80 35.55 -44.79
CA ALA A 358 -16.23 36.89 -44.67
C ALA A 358 -15.13 37.10 -45.70
N GLY A 359 -14.23 36.12 -45.84
CA GLY A 359 -13.26 36.16 -46.91
C GLY A 359 -13.91 36.11 -48.28
N LEU A 360 -14.86 35.20 -48.46
CA LEU A 360 -15.52 35.08 -49.77
C LEU A 360 -16.25 36.37 -50.13
N ASP A 361 -16.72 37.13 -49.15
CA ASP A 361 -17.26 38.44 -49.43
C ASP A 361 -16.18 39.36 -49.99
N GLY A 362 -15.02 39.38 -49.37
CA GLY A 362 -13.95 40.21 -49.87
C GLY A 362 -13.40 39.77 -51.21
N ILE A 363 -13.70 38.54 -51.64
CA ILE A 363 -13.23 38.09 -52.94
C ILE A 363 -14.24 38.38 -54.05
N LYS A 364 -15.54 38.17 -53.80
CA LYS A 364 -16.54 38.45 -54.83
C LYS A 364 -16.97 39.92 -54.86
N ASN A 365 -16.53 40.75 -53.91
CA ASN A 365 -16.57 42.20 -54.09
C ASN A 365 -15.18 42.81 -54.24
N LYS A 366 -14.13 41.99 -54.26
CA LYS A 366 -12.77 42.44 -54.56
C LYS A 366 -12.41 43.71 -53.81
N LEU A 367 -12.84 43.78 -52.56
CA LEU A 367 -12.44 44.88 -51.69
C LEU A 367 -10.92 44.98 -51.67
N LYS A 368 -10.40 46.21 -51.57
CA LYS A 368 -8.97 46.39 -51.35
C LYS A 368 -8.68 46.61 -49.87
N VAL A 369 -7.54 46.10 -49.44
CA VAL A 369 -7.20 45.91 -48.04
C VAL A 369 -6.66 47.20 -47.44
N PRO A 370 -7.05 47.57 -46.22
CA PRO A 370 -6.35 48.67 -45.55
C PRO A 370 -4.86 48.34 -45.44
N GLU A 371 -4.05 49.37 -45.36
CA GLU A 371 -2.63 49.10 -45.29
C GLU A 371 -2.25 48.60 -43.89
N PRO A 372 -1.26 47.71 -43.78
CA PRO A 372 -0.99 47.06 -42.49
C PRO A 372 -0.57 48.03 -41.39
N VAL A 373 -0.70 47.56 -40.13
CA VAL A 373 -0.29 48.33 -38.96
C VAL A 373 0.97 47.73 -38.37
N ASN A 374 2.14 48.16 -38.83
CA ASN A 374 3.38 47.44 -38.52
C ASN A 374 4.11 48.01 -37.30
N GLN A 375 3.39 48.12 -36.19
CA GLN A 375 3.98 48.33 -34.88
C GLN A 375 3.14 47.58 -33.86
N ASN A 376 3.57 47.63 -32.60
CA ASN A 376 2.80 47.10 -31.50
C ASN A 376 1.48 47.85 -31.42
N ILE A 377 0.37 47.24 -31.83
CA ILE A 377 -0.89 47.97 -31.84
C ILE A 377 -1.46 48.17 -30.45
N TYR A 378 -0.81 47.65 -29.39
CA TYR A 378 -1.30 47.89 -28.04
C TYR A 378 -0.87 49.25 -27.51
N GLU A 379 0.35 49.69 -27.84
CA GLU A 379 0.92 50.93 -27.33
C GLU A 379 0.42 52.18 -28.07
N MET A 380 -0.64 52.05 -28.87
CA MET A 380 -1.21 53.15 -29.62
C MET A 380 -2.39 53.72 -28.84
N ASN A 381 -2.45 55.05 -28.74
CA ASN A 381 -3.54 55.73 -28.05
C ASN A 381 -4.81 55.69 -28.89
N ARG A 382 -5.95 55.96 -28.24
CA ARG A 382 -7.20 56.13 -28.99
C ARG A 382 -6.98 57.10 -30.16
N GLU A 383 -6.40 58.26 -29.85
CA GLU A 383 -6.16 59.27 -30.89
C GLU A 383 -5.29 58.66 -31.97
N GLU A 384 -4.26 57.91 -31.60
CA GLU A 384 -3.34 57.34 -32.61
C GLU A 384 -3.97 56.20 -33.42
N ARG A 385 -5.06 55.58 -32.94
CA ARG A 385 -5.71 54.48 -33.68
C ARG A 385 -6.88 55.04 -34.47
N GLU A 386 -7.60 56.00 -33.92
CA GLU A 386 -8.69 56.59 -34.67
C GLU A 386 -8.17 57.27 -35.93
N ALA A 387 -6.99 57.90 -35.83
CA ALA A 387 -6.39 58.56 -36.99
C ALA A 387 -6.27 57.60 -38.17
N VAL A 388 -5.55 56.50 -37.97
CA VAL A 388 -5.34 55.51 -39.03
C VAL A 388 -6.60 54.75 -39.40
N GLY A 389 -7.63 54.79 -38.55
CA GLY A 389 -8.88 54.12 -38.84
C GLY A 389 -8.91 52.67 -38.41
N ILE A 390 -8.57 52.40 -37.16
CA ILE A 390 -8.53 51.05 -36.61
C ILE A 390 -9.71 50.90 -35.67
N GLN A 391 -10.66 50.04 -36.04
CA GLN A 391 -11.81 49.73 -35.21
C GLN A 391 -11.45 48.69 -34.15
N ASP A 392 -11.97 48.87 -32.94
CA ASP A 392 -11.83 47.86 -31.90
C ASP A 392 -12.74 46.67 -32.18
N LEU A 393 -12.42 45.56 -31.56
CA LEU A 393 -13.36 44.46 -31.60
C LEU A 393 -14.34 44.56 -30.44
N PRO A 394 -15.51 43.93 -30.53
CA PRO A 394 -16.49 44.07 -29.45
C PRO A 394 -15.88 43.77 -28.08
N SER A 395 -16.13 44.67 -27.13
CA SER A 395 -15.54 44.56 -25.80
C SER A 395 -16.17 43.44 -24.98
N THR A 396 -17.49 43.28 -25.06
CA THR A 396 -18.24 42.32 -24.27
C THR A 396 -19.02 41.36 -25.18
N LEU A 397 -19.57 40.32 -24.59
CA LEU A 397 -20.37 39.40 -25.39
C LEU A 397 -21.66 40.04 -25.88
N TYR A 398 -22.37 40.80 -25.03
CA TYR A 398 -23.57 41.50 -25.50
C TYR A 398 -23.26 42.36 -26.71
N THR A 399 -22.29 43.25 -26.58
CA THR A 399 -21.90 44.10 -27.71
C THR A 399 -21.53 43.28 -28.94
N ALA A 400 -20.95 42.09 -28.73
CA ALA A 400 -20.62 41.19 -29.84
C ALA A 400 -21.86 40.64 -30.51
N LEU A 401 -22.87 40.28 -29.72
CA LEU A 401 -24.14 39.84 -30.27
C LEU A 401 -24.76 40.92 -31.16
N LYS A 402 -24.78 42.16 -30.70
CA LYS A 402 -25.40 43.19 -31.53
C LYS A 402 -24.58 43.43 -32.78
N ALA A 403 -23.25 43.51 -32.64
CA ALA A 403 -22.42 43.56 -33.84
C ALA A 403 -22.82 42.45 -34.78
N MET A 404 -23.23 41.30 -34.23
CA MET A 404 -23.66 40.15 -35.02
C MET A 404 -25.02 40.36 -35.67
N ARG A 405 -25.91 41.14 -35.07
CA ARG A 405 -27.21 41.27 -35.71
C ARG A 405 -27.21 42.29 -36.86
N GLU A 406 -26.28 43.24 -36.89
CA GLU A 406 -26.26 44.07 -38.09
C GLU A 406 -25.41 43.47 -39.19
N ASN A 407 -24.33 42.77 -38.86
CA ASN A 407 -23.54 42.23 -39.95
C ASN A 407 -24.37 41.17 -40.66
N GLU A 408 -24.70 41.40 -41.93
CA GLU A 408 -25.56 40.49 -42.67
C GLU A 408 -24.80 39.31 -43.29
N VAL A 409 -23.49 39.43 -43.51
CA VAL A 409 -22.78 38.33 -44.13
C VAL A 409 -22.76 37.10 -43.20
N ILE A 410 -22.68 37.33 -41.89
CA ILE A 410 -22.66 36.21 -40.95
C ILE A 410 -23.97 35.44 -40.94
N LYS A 411 -25.10 36.11 -41.19
CA LYS A 411 -26.37 35.40 -41.17
C LYS A 411 -26.45 34.35 -42.29
N LYS A 412 -26.00 34.71 -43.50
CA LYS A 412 -25.90 33.74 -44.58
C LYS A 412 -24.87 32.67 -44.31
N ALA A 413 -23.96 32.89 -43.36
CA ALA A 413 -22.89 31.94 -43.11
C ALA A 413 -23.38 30.76 -42.28
N LEU A 414 -24.22 31.03 -41.27
CA LEU A 414 -24.74 30.01 -40.38
C LEU A 414 -26.10 29.47 -40.77
N GLY A 415 -26.81 30.15 -41.65
CA GLY A 415 -28.18 29.81 -41.90
C GLY A 415 -29.11 30.35 -40.81
N ASN A 416 -30.39 30.41 -41.16
CA ASN A 416 -31.36 30.96 -40.23
C ASN A 416 -31.42 30.14 -38.96
N HIS A 417 -31.39 28.80 -39.06
CA HIS A 417 -31.59 28.00 -37.86
C HIS A 417 -30.44 28.20 -36.88
N ILE A 418 -29.21 28.11 -37.35
CA ILE A 418 -28.07 28.20 -36.42
C ILE A 418 -27.91 29.63 -35.90
N TYR A 419 -28.05 30.62 -36.79
CA TYR A 419 -28.00 32.02 -36.38
C TYR A 419 -28.94 32.31 -35.21
N ASN A 420 -30.21 31.92 -35.34
CA ASN A 420 -31.18 32.29 -34.31
C ASN A 420 -30.84 31.65 -32.98
N GLN A 421 -30.50 30.38 -33.02
CA GLN A 421 -30.39 29.65 -31.77
C GLN A 421 -29.08 29.97 -31.08
N PHE A 422 -28.04 30.27 -31.85
CA PHE A 422 -26.86 30.84 -31.22
C PHE A 422 -27.20 32.16 -30.53
N ILE A 423 -27.95 33.04 -31.20
CA ILE A 423 -28.28 34.33 -30.60
C ILE A 423 -29.09 34.13 -29.34
N ASN A 424 -30.19 33.40 -29.43
CA ASN A 424 -30.95 33.08 -28.22
C ASN A 424 -30.05 32.53 -27.12
N SER A 425 -29.42 31.38 -27.36
CA SER A 425 -28.65 30.69 -26.32
C SER A 425 -27.69 31.62 -25.59
N LYS A 426 -27.09 32.56 -26.32
CA LYS A 426 -26.04 33.40 -25.75
C LYS A 426 -26.58 34.68 -25.16
N SER A 427 -27.65 35.24 -25.74
CA SER A 427 -28.35 36.35 -25.10
C SER A 427 -28.72 36.01 -23.67
N ILE A 428 -29.25 34.81 -23.45
CA ILE A 428 -29.69 34.42 -22.11
C ILE A 428 -28.50 33.96 -21.25
N GLU A 429 -27.45 33.44 -21.87
CA GLU A 429 -26.20 33.27 -21.15
C GLU A 429 -25.74 34.59 -20.57
N TRP A 430 -25.85 35.67 -21.35
CA TRP A 430 -25.45 37.00 -20.87
C TRP A 430 -26.32 37.47 -19.74
N ASP A 431 -27.65 37.39 -19.90
CA ASP A 431 -28.57 37.82 -18.86
C ASP A 431 -28.24 37.17 -17.51
N TYR A 432 -27.90 35.88 -17.52
CA TYR A 432 -27.49 35.25 -16.28
C TYR A 432 -26.22 35.86 -15.72
N TYR A 433 -25.33 36.32 -16.59
CA TYR A 433 -24.09 36.91 -16.11
C TYR A 433 -24.28 38.37 -15.73
N ARG A 434 -25.19 39.06 -16.42
CA ARG A 434 -25.45 40.45 -16.09
C ARG A 434 -25.96 40.59 -14.67
N THR A 435 -26.63 39.57 -14.15
CA THR A 435 -27.27 39.70 -12.85
C THR A 435 -26.48 39.09 -11.71
N GLN A 436 -25.49 38.23 -11.99
CA GLN A 436 -24.58 37.71 -10.97
C GLN A 436 -23.92 38.85 -10.20
N VAL A 437 -23.50 38.56 -8.97
CA VAL A 437 -22.70 39.51 -8.22
C VAL A 437 -21.35 38.87 -8.01
N SER A 438 -20.31 39.51 -8.55
CA SER A 438 -18.95 38.97 -8.42
C SER A 438 -18.47 39.17 -7.00
N GLU A 439 -17.62 38.25 -6.53
CA GLU A 439 -16.95 38.65 -5.30
C GLU A 439 -15.77 39.57 -5.60
N TRP A 440 -15.49 39.86 -6.88
CA TRP A 440 -14.81 41.12 -7.16
C TRP A 440 -15.55 42.27 -6.51
N GLU A 441 -16.88 42.30 -6.64
CA GLU A 441 -17.68 43.42 -6.15
C GLU A 441 -17.74 43.44 -4.63
N ARG A 442 -17.98 42.30 -4.00
CA ARG A 442 -18.07 42.27 -2.55
C ARG A 442 -16.72 42.58 -1.92
N ASP A 443 -15.63 42.17 -2.57
CA ASP A 443 -14.30 42.49 -2.07
C ASP A 443 -13.96 43.95 -2.25
N GLN A 444 -14.82 44.75 -2.87
CA GLN A 444 -14.53 46.15 -3.15
C GLN A 444 -15.56 47.09 -2.54
N TYR A 445 -16.84 46.77 -2.64
CA TYR A 445 -17.90 47.66 -2.27
C TYR A 445 -18.51 47.33 -0.92
N MET A 446 -18.35 46.09 -0.44
CA MET A 446 -19.09 45.64 0.73
C MET A 446 -18.51 46.15 2.03
N LYS A 447 -17.24 46.56 2.05
CA LYS A 447 -16.65 47.26 3.16
C LYS A 447 -16.50 48.75 2.88
N GLN A 448 -16.37 49.12 1.61
CA GLN A 448 -16.16 50.51 1.23
C GLN A 448 -17.42 51.35 1.34
N TYR A 449 -18.59 50.76 1.08
CA TYR A 449 -19.84 51.51 0.93
C TYR A 449 -20.92 51.01 1.89
N ARG B 7 -33.23 -24.50 -30.44
CA ARG B 7 -34.71 -24.68 -30.27
C ARG B 7 -35.17 -24.86 -28.74
N THR B 8 -36.38 -25.43 -28.55
CA THR B 8 -36.90 -25.71 -27.21
C THR B 8 -36.08 -26.85 -26.60
N PHE B 9 -35.52 -26.54 -25.45
CA PHE B 9 -34.62 -27.42 -24.70
C PHE B 9 -35.43 -28.45 -23.95
N THR B 10 -34.86 -29.63 -23.81
CA THR B 10 -35.48 -30.74 -23.06
C THR B 10 -34.40 -31.29 -22.14
N LYS B 11 -34.81 -31.79 -20.97
CA LYS B 11 -33.98 -32.34 -19.88
C LYS B 11 -32.64 -32.87 -20.36
N GLU B 12 -32.65 -33.91 -21.20
CA GLU B 12 -31.35 -34.47 -21.60
C GLU B 12 -30.51 -33.43 -22.34
N ASP B 13 -31.15 -32.49 -23.05
CA ASP B 13 -30.40 -31.34 -23.52
C ASP B 13 -29.75 -30.61 -22.34
N ILE B 14 -30.51 -30.41 -21.27
CA ILE B 14 -29.98 -29.78 -20.06
C ILE B 14 -28.83 -30.61 -19.50
N ARG B 15 -29.06 -31.92 -19.27
CA ARG B 15 -28.02 -32.81 -18.76
C ARG B 15 -26.71 -32.67 -19.53
N LYS B 16 -26.78 -32.75 -20.87
CA LYS B 16 -25.56 -32.67 -21.68
C LYS B 16 -24.84 -31.33 -21.49
N PHE B 17 -25.57 -30.21 -21.48
CA PHE B 17 -24.86 -28.94 -21.24
C PHE B 17 -24.18 -28.93 -19.89
N VAL B 18 -24.81 -29.50 -18.86
CA VAL B 18 -24.19 -29.53 -17.53
C VAL B 18 -22.87 -30.27 -17.58
N GLU B 19 -22.87 -31.46 -18.18
CA GLU B 19 -21.65 -32.25 -18.29
C GLU B 19 -20.63 -31.56 -19.19
N GLU B 20 -21.05 -31.18 -20.39
CA GLU B 20 -20.10 -30.67 -21.38
C GLU B 20 -19.41 -29.40 -20.92
N GLU B 21 -19.98 -28.67 -19.96
CA GLU B 21 -19.44 -27.40 -19.51
C GLU B 21 -18.94 -27.44 -18.08
N ASN B 22 -19.20 -28.53 -17.36
CA ASN B 22 -18.98 -28.62 -15.92
C ASN B 22 -19.33 -27.32 -15.23
N VAL B 23 -20.61 -27.00 -15.30
CA VAL B 23 -21.23 -26.14 -14.32
C VAL B 23 -21.40 -26.97 -13.06
N ARG B 24 -21.06 -26.39 -11.92
CA ARG B 24 -21.17 -27.08 -10.65
C ARG B 24 -22.39 -26.65 -9.84
N TYR B 25 -23.04 -25.55 -10.22
CA TYR B 25 -24.12 -24.92 -9.45
C TYR B 25 -25.25 -24.46 -10.37
N LEU B 26 -26.48 -24.88 -10.03
CA LEU B 26 -27.69 -24.31 -10.61
C LEU B 26 -28.16 -23.11 -9.80
N ARG B 27 -28.58 -22.06 -10.47
CA ARG B 27 -29.28 -20.97 -9.79
C ARG B 27 -30.68 -20.83 -10.35
N LEU B 28 -31.66 -21.23 -9.52
CA LEU B 28 -33.08 -21.20 -9.87
C LEU B 28 -33.65 -19.87 -9.40
N GLN B 29 -34.27 -19.15 -10.32
CA GLN B 29 -34.77 -17.81 -10.05
C GLN B 29 -36.25 -17.73 -10.40
N PHE B 30 -36.97 -16.94 -9.60
CA PHE B 30 -38.30 -16.48 -9.91
C PHE B 30 -38.45 -15.07 -9.36
N THR B 31 -39.56 -14.44 -9.68
CA THR B 31 -39.80 -13.03 -9.34
C THR B 31 -41.02 -12.91 -8.43
N ASP B 32 -40.93 -12.02 -7.45
CA ASP B 32 -42.04 -11.81 -6.53
C ASP B 32 -43.02 -10.79 -7.13
N ILE B 33 -43.99 -10.33 -6.34
CA ILE B 33 -44.92 -9.35 -6.87
C ILE B 33 -44.24 -8.01 -7.13
N LEU B 34 -43.26 -7.63 -6.31
CA LEU B 34 -42.64 -6.32 -6.44
C LEU B 34 -41.61 -6.25 -7.57
N GLY B 35 -41.51 -7.32 -8.34
CA GLY B 35 -40.59 -7.39 -9.44
C GLY B 35 -39.21 -7.85 -9.07
N THR B 36 -38.96 -8.13 -7.80
CA THR B 36 -37.61 -8.41 -7.29
C THR B 36 -37.21 -9.87 -7.57
N ILE B 37 -35.95 -10.07 -8.07
CA ILE B 37 -35.51 -11.43 -8.42
C ILE B 37 -35.28 -12.25 -7.17
N LYS B 38 -35.68 -13.51 -7.21
CA LYS B 38 -35.48 -14.42 -6.10
C LYS B 38 -34.79 -15.70 -6.58
N ASN B 39 -33.78 -16.18 -5.84
CA ASN B 39 -33.15 -17.41 -6.29
C ASN B 39 -32.52 -18.19 -5.14
N VAL B 40 -32.36 -19.48 -5.39
CA VAL B 40 -31.62 -20.38 -4.51
C VAL B 40 -30.53 -21.05 -5.33
N GLU B 41 -29.34 -21.15 -4.73
CA GLU B 41 -28.27 -21.93 -5.34
C GLU B 41 -28.40 -23.38 -4.88
N VAL B 42 -28.33 -24.31 -5.83
CA VAL B 42 -28.21 -25.73 -5.49
C VAL B 42 -27.05 -26.31 -6.29
N PRO B 43 -26.26 -27.22 -5.73
CA PRO B 43 -25.18 -27.83 -6.52
C PRO B 43 -25.74 -28.81 -7.57
N VAL B 44 -24.91 -29.04 -8.60
CA VAL B 44 -25.31 -29.93 -9.69
C VAL B 44 -25.61 -31.36 -9.24
N SER B 45 -25.20 -31.74 -8.02
CA SER B 45 -25.68 -32.94 -7.36
C SER B 45 -27.17 -33.14 -7.60
N GLN B 46 -27.92 -32.04 -7.42
CA GLN B 46 -29.37 -32.04 -7.37
C GLN B 46 -30.02 -31.86 -8.73
N LEU B 47 -29.23 -31.98 -9.81
CA LEU B 47 -29.78 -31.69 -11.14
C LEU B 47 -31.11 -32.40 -11.35
N GLU B 48 -31.19 -33.69 -11.01
CA GLU B 48 -32.40 -34.42 -11.33
C GLU B 48 -33.58 -34.02 -10.45
N LYS B 49 -33.31 -33.62 -9.20
CA LYS B 49 -34.38 -33.09 -8.37
C LYS B 49 -34.96 -31.82 -8.96
N VAL B 50 -34.11 -31.04 -9.64
CA VAL B 50 -34.56 -29.84 -10.32
C VAL B 50 -35.49 -30.19 -11.47
N LEU B 51 -35.04 -31.06 -12.39
CA LEU B 51 -35.74 -31.34 -13.64
C LEU B 51 -37.05 -32.12 -13.45
N ASP B 52 -37.22 -32.80 -12.30
CA ASP B 52 -38.46 -33.44 -11.92
C ASP B 52 -39.35 -32.54 -11.06
N ASN B 53 -39.11 -31.22 -11.11
CA ASN B 53 -39.91 -30.21 -10.43
C ASN B 53 -40.17 -30.59 -8.97
N GLU B 54 -39.20 -31.24 -8.34
CA GLU B 54 -39.38 -31.85 -7.03
C GLU B 54 -39.00 -30.92 -5.89
N MET B 55 -38.78 -29.63 -6.13
CA MET B 55 -38.04 -28.87 -5.14
C MET B 55 -38.66 -27.54 -4.79
N MET B 56 -38.55 -27.17 -3.50
CA MET B 56 -39.49 -26.32 -2.77
C MET B 56 -38.82 -25.13 -2.07
N PHE B 57 -39.65 -24.22 -1.60
CA PHE B 57 -39.24 -23.02 -0.86
C PHE B 57 -40.42 -22.56 -0.01
N ASP B 58 -40.24 -21.44 0.69
CA ASP B 58 -41.23 -20.94 1.64
C ASP B 58 -41.95 -19.75 1.04
N GLY B 59 -43.19 -19.96 0.61
CA GLY B 59 -43.96 -18.91 -0.03
C GLY B 59 -44.44 -17.81 0.88
N SER B 60 -44.52 -18.03 2.20
CA SER B 60 -44.99 -16.95 3.06
C SER B 60 -43.93 -15.88 3.25
N SER B 61 -42.69 -16.17 2.89
CA SER B 61 -41.58 -15.21 2.93
C SER B 61 -41.33 -14.54 1.59
N ILE B 62 -42.17 -14.81 0.60
CA ILE B 62 -42.18 -14.09 -0.66
C ILE B 62 -43.36 -13.13 -0.59
N GLU B 63 -43.12 -11.85 -0.92
CA GLU B 63 -44.19 -10.87 -0.88
C GLU B 63 -45.15 -11.09 -2.04
N GLY B 64 -46.45 -11.06 -1.72
CA GLY B 64 -47.51 -11.21 -2.70
C GLY B 64 -47.89 -12.63 -3.00
N PHE B 65 -47.26 -13.61 -2.33
CA PHE B 65 -47.53 -15.04 -2.42
C PHE B 65 -48.50 -15.48 -1.33
N VAL B 66 -48.36 -16.74 -0.92
CA VAL B 66 -49.18 -17.41 0.09
C VAL B 66 -48.93 -17.00 1.54
N ARG B 67 -49.83 -17.45 2.41
CA ARG B 67 -49.83 -17.31 3.85
C ARG B 67 -49.10 -18.49 4.51
N ILE B 68 -48.61 -18.25 5.73
CA ILE B 68 -47.75 -19.19 6.43
C ILE B 68 -48.42 -20.54 6.68
N GLU B 69 -49.76 -20.61 6.67
CA GLU B 69 -50.47 -21.88 6.90
C GLU B 69 -50.40 -22.80 5.70
N GLU B 70 -50.25 -22.23 4.52
CA GLU B 70 -50.31 -22.92 3.23
C GLU B 70 -49.00 -22.72 2.46
N SER B 71 -47.88 -22.68 3.18
CA SER B 71 -46.70 -21.94 2.76
C SER B 71 -45.68 -22.72 1.95
N ASP B 72 -45.93 -23.98 1.61
CA ASP B 72 -45.00 -24.79 0.84
C ASP B 72 -45.31 -24.68 -0.64
N MET B 73 -44.33 -24.31 -1.44
CA MET B 73 -44.52 -24.18 -2.88
C MET B 73 -43.37 -24.84 -3.60
N TYR B 74 -43.53 -25.09 -4.90
CA TYR B 74 -42.51 -25.74 -5.69
C TYR B 74 -42.04 -24.83 -6.81
N LEU B 75 -41.00 -25.29 -7.52
CA LEU B 75 -40.44 -24.59 -8.67
C LEU B 75 -40.42 -25.53 -9.86
N HIS B 76 -40.99 -25.09 -10.98
CA HIS B 76 -40.85 -25.75 -12.28
C HIS B 76 -39.93 -24.89 -13.13
N PRO B 77 -38.78 -25.41 -13.56
CA PRO B 77 -37.87 -24.60 -14.39
C PRO B 77 -38.32 -24.55 -15.85
N ASP B 78 -38.31 -23.34 -16.40
CA ASP B 78 -38.38 -23.13 -17.84
C ASP B 78 -37.00 -23.46 -18.40
N LEU B 79 -36.87 -24.62 -19.04
CA LEU B 79 -35.55 -25.03 -19.47
C LEU B 79 -34.99 -24.11 -20.54
N ASP B 80 -35.84 -23.44 -21.30
CA ASP B 80 -35.30 -22.62 -22.38
C ASP B 80 -34.49 -21.44 -21.86
N THR B 81 -34.50 -21.21 -20.56
CA THR B 81 -33.83 -20.08 -19.94
C THR B 81 -32.41 -20.40 -19.47
N TRP B 82 -31.87 -21.57 -19.86
CA TRP B 82 -30.50 -21.92 -19.54
C TRP B 82 -29.53 -20.79 -19.89
N VAL B 83 -28.68 -20.43 -18.93
CA VAL B 83 -27.62 -19.44 -19.19
C VAL B 83 -26.50 -19.53 -18.16
N ILE B 84 -25.25 -19.57 -18.63
CA ILE B 84 -24.07 -19.69 -17.78
C ILE B 84 -23.48 -18.29 -17.56
N PHE B 85 -23.28 -17.94 -16.30
CA PHE B 85 -22.76 -16.61 -15.98
C PHE B 85 -21.31 -16.48 -16.44
N PRO B 86 -21.00 -15.58 -17.38
CA PRO B 86 -19.65 -15.52 -17.96
C PRO B 86 -18.60 -14.94 -17.02
N TRP B 87 -18.95 -14.65 -15.78
CA TRP B 87 -17.96 -14.21 -14.81
C TRP B 87 -17.78 -15.23 -13.70
N THR B 88 -18.21 -16.47 -13.93
CA THR B 88 -17.96 -17.59 -13.02
C THR B 88 -17.05 -18.59 -13.73
N ALA B 89 -15.84 -18.75 -13.19
CA ALA B 89 -14.88 -19.69 -13.76
C ALA B 89 -15.25 -21.12 -13.36
N GLY B 90 -14.42 -22.09 -13.75
CA GLY B 90 -14.68 -23.47 -13.37
C GLY B 90 -14.54 -23.67 -11.87
N GLN B 91 -15.21 -24.73 -11.37
CA GLN B 91 -15.21 -25.10 -9.96
C GLN B 91 -16.07 -24.16 -9.12
N GLY B 92 -16.50 -23.05 -9.74
CA GLY B 92 -17.37 -22.08 -9.12
C GLY B 92 -18.31 -21.57 -10.19
N LYS B 93 -18.60 -22.43 -11.17
CA LYS B 93 -19.31 -22.04 -12.38
C LYS B 93 -20.81 -22.27 -12.22
N VAL B 94 -21.60 -21.21 -12.44
CA VAL B 94 -23.01 -21.17 -12.10
C VAL B 94 -23.82 -21.06 -13.39
N ALA B 95 -24.78 -21.96 -13.57
CA ALA B 95 -25.84 -21.77 -14.53
C ALA B 95 -27.13 -21.35 -13.82
N ARG B 96 -28.04 -20.74 -14.58
CA ARG B 96 -29.32 -20.27 -14.07
C ARG B 96 -30.48 -20.88 -14.83
N LEU B 97 -31.60 -21.05 -14.15
CA LEU B 97 -32.85 -21.43 -14.79
C LEU B 97 -33.96 -20.60 -14.17
N ILE B 98 -34.66 -19.80 -14.97
CA ILE B 98 -35.86 -19.15 -14.46
C ILE B 98 -36.93 -20.21 -14.22
N CYS B 99 -37.71 -20.03 -13.17
CA CYS B 99 -38.73 -20.99 -12.78
C CYS B 99 -40.12 -20.38 -12.77
N ASP B 100 -41.09 -21.26 -13.01
CA ASP B 100 -42.49 -21.03 -12.67
C ASP B 100 -42.80 -21.65 -11.31
N VAL B 101 -43.88 -21.17 -10.69
CA VAL B 101 -44.19 -21.49 -9.30
C VAL B 101 -45.48 -22.28 -9.27
N TYR B 102 -45.47 -23.41 -8.56
CA TYR B 102 -46.58 -24.34 -8.54
C TYR B 102 -47.01 -24.56 -7.10
N LYS B 103 -48.23 -25.07 -6.93
CA LYS B 103 -48.79 -25.32 -5.60
C LYS B 103 -48.56 -26.79 -5.21
N THR B 104 -48.81 -27.10 -3.94
CA THR B 104 -48.60 -28.47 -3.49
C THR B 104 -49.52 -29.45 -4.19
N ASP B 105 -50.62 -28.99 -4.78
CA ASP B 105 -51.47 -29.89 -5.55
C ASP B 105 -51.04 -30.02 -7.00
N GLY B 106 -49.90 -29.42 -7.39
CA GLY B 106 -49.41 -29.53 -8.75
C GLY B 106 -49.91 -28.48 -9.73
N THR B 107 -50.78 -27.56 -9.28
CA THR B 107 -51.33 -26.44 -10.06
C THR B 107 -50.30 -25.32 -10.14
N PRO B 108 -50.22 -24.63 -11.28
CA PRO B 108 -49.54 -23.32 -11.29
C PRO B 108 -50.15 -22.38 -10.28
N PHE B 109 -49.32 -21.49 -9.78
CA PHE B 109 -49.73 -20.53 -8.79
C PHE B 109 -50.33 -19.31 -9.47
N GLU B 110 -51.61 -19.05 -9.17
CA GLU B 110 -52.33 -17.87 -9.60
C GLU B 110 -51.53 -16.61 -9.32
N GLY B 111 -50.68 -16.64 -8.27
CA GLY B 111 -49.85 -15.52 -7.83
C GLY B 111 -48.52 -15.35 -8.55
N ASP B 112 -48.13 -16.28 -9.39
CA ASP B 112 -46.89 -16.14 -10.16
C ASP B 112 -47.04 -15.06 -11.22
N PRO B 113 -46.30 -13.95 -11.14
CA PRO B 113 -46.45 -12.91 -12.18
C PRO B 113 -46.08 -13.41 -13.55
N ARG B 114 -45.00 -14.19 -13.66
CA ARG B 114 -44.57 -14.75 -14.93
C ARG B 114 -45.60 -15.73 -15.49
N ALA B 115 -46.05 -16.70 -14.68
CA ALA B 115 -47.13 -17.56 -15.12
C ALA B 115 -48.23 -16.71 -15.76
N ASN B 116 -48.51 -15.57 -15.13
CA ASN B 116 -49.64 -14.75 -15.54
C ASN B 116 -49.42 -14.15 -16.91
N LEU B 117 -48.27 -13.52 -17.13
CA LEU B 117 -47.97 -13.07 -18.48
C LEU B 117 -48.27 -14.18 -19.48
N LYS B 118 -47.86 -15.42 -19.14
CA LYS B 118 -48.10 -16.56 -20.03
C LYS B 118 -49.58 -16.82 -20.21
N ARG B 119 -50.36 -16.61 -19.15
CA ARG B 119 -51.80 -16.80 -19.27
C ARG B 119 -52.38 -15.83 -20.29
N VAL B 120 -52.00 -14.55 -20.19
CA VAL B 120 -52.53 -13.54 -21.09
C VAL B 120 -52.02 -13.76 -22.51
N LEU B 121 -50.75 -14.12 -22.66
CA LEU B 121 -50.25 -14.37 -24.02
C LEU B 121 -51.06 -15.45 -24.72
N LYS B 122 -51.70 -16.34 -23.94
CA LYS B 122 -52.55 -17.38 -24.52
C LYS B 122 -53.81 -16.76 -25.14
N GLU B 123 -54.40 -15.78 -24.45
CA GLU B 123 -55.54 -15.03 -24.97
C GLU B 123 -55.17 -14.17 -26.17
N MET B 124 -53.88 -13.93 -26.38
CA MET B 124 -53.43 -13.22 -27.57
C MET B 124 -53.34 -14.16 -28.77
N GLU B 125 -52.91 -15.41 -28.54
CA GLU B 125 -52.97 -16.44 -29.58
C GLU B 125 -54.40 -16.74 -30.02
N ASP B 126 -55.38 -16.58 -29.10
CA ASP B 126 -56.79 -16.69 -29.45
C ASP B 126 -57.15 -15.75 -30.60
N LEU B 127 -56.79 -14.48 -30.48
CA LEU B 127 -57.12 -13.46 -31.46
C LEU B 127 -56.20 -13.48 -32.68
N GLY B 128 -55.36 -14.51 -32.81
CA GLY B 128 -54.57 -14.78 -34.01
C GLY B 128 -53.24 -14.08 -34.14
N PHE B 129 -52.53 -13.84 -33.03
CA PHE B 129 -51.18 -13.31 -33.06
C PHE B 129 -50.21 -14.33 -32.50
N THR B 130 -49.02 -14.39 -33.10
CA THR B 130 -48.08 -15.44 -32.71
C THR B 130 -47.15 -15.01 -31.59
N ASP B 131 -46.80 -13.73 -31.54
CA ASP B 131 -45.79 -13.28 -30.61
C ASP B 131 -46.03 -11.81 -30.31
N PHE B 132 -45.75 -11.43 -29.07
CA PHE B 132 -45.93 -10.06 -28.59
C PHE B 132 -44.53 -9.60 -28.20
N ASN B 133 -43.86 -8.86 -29.07
CA ASN B 133 -42.48 -8.46 -28.80
C ASN B 133 -42.43 -7.17 -27.97
N LEU B 134 -41.44 -7.10 -27.09
CA LEU B 134 -41.21 -5.92 -26.27
C LEU B 134 -39.73 -5.60 -26.29
N GLY B 135 -39.40 -4.34 -26.54
CA GLY B 135 -38.05 -3.87 -26.37
C GLY B 135 -38.02 -2.83 -25.27
N PRO B 136 -37.48 -3.19 -24.10
CA PRO B 136 -37.52 -2.28 -22.96
C PRO B 136 -36.29 -1.40 -22.96
N GLU B 137 -36.41 -0.27 -22.25
CA GLU B 137 -35.39 0.79 -22.23
C GLU B 137 -35.10 1.20 -20.78
N PRO B 138 -34.46 0.34 -20.00
CA PRO B 138 -34.38 0.61 -18.54
C PRO B 138 -33.27 1.59 -18.18
N GLU B 139 -33.57 2.90 -18.18
CA GLU B 139 -32.60 3.90 -17.79
C GLU B 139 -32.22 3.75 -16.31
N PHE B 140 -31.02 4.18 -15.95
CA PHE B 140 -30.67 4.15 -14.53
C PHE B 140 -29.69 5.26 -14.15
N PHE B 141 -29.51 5.40 -12.84
CA PHE B 141 -28.55 6.33 -12.22
C PHE B 141 -27.41 5.56 -11.56
N LEU B 142 -26.23 6.19 -11.49
CA LEU B 142 -25.10 5.59 -10.76
C LEU B 142 -24.64 6.58 -9.68
N PHE B 143 -24.65 6.15 -8.43
CA PHE B 143 -24.15 6.97 -7.34
C PHE B 143 -22.82 6.42 -6.82
N LYS B 144 -22.02 7.31 -6.20
CA LYS B 144 -20.75 6.90 -5.60
C LYS B 144 -20.96 6.26 -4.24
N LEU B 145 -20.30 5.12 -4.03
CA LEU B 145 -20.21 4.48 -2.72
C LEU B 145 -19.25 5.25 -1.81
N ASP B 146 -19.49 5.15 -0.52
CA ASP B 146 -18.52 5.66 0.45
C ASP B 146 -17.54 4.54 0.83
N GLU B 147 -16.76 4.77 1.89
CA GLU B 147 -15.70 3.84 2.26
C GLU B 147 -16.27 2.52 2.78
N LYS B 148 -17.27 2.57 3.68
CA LYS B 148 -17.79 1.34 4.25
C LYS B 148 -18.73 0.59 3.31
N GLY B 149 -18.88 1.04 2.06
CA GLY B 149 -19.57 0.30 1.03
C GLY B 149 -20.96 0.80 0.68
N GLU B 150 -21.61 1.75 1.58
CA GLU B 150 -23.01 2.13 1.35
C GLU B 150 -23.10 3.29 0.35
N PRO B 151 -24.22 3.42 -0.35
CA PRO B 151 -24.34 4.50 -1.35
C PRO B 151 -24.48 5.86 -0.72
N THR B 152 -23.92 6.86 -1.41
CA THR B 152 -24.09 8.27 -1.06
C THR B 152 -24.93 8.97 -2.10
N LEU B 153 -25.19 10.26 -1.86
CA LEU B 153 -25.96 11.07 -2.79
C LEU B 153 -25.09 11.81 -3.78
N GLU B 154 -23.78 11.57 -3.80
CA GLU B 154 -22.96 12.15 -4.85
C GLU B 154 -23.05 11.27 -6.09
N LEU B 155 -23.34 11.89 -7.23
CA LEU B 155 -23.50 11.18 -8.49
C LEU B 155 -22.16 11.01 -9.19
N ASN B 156 -22.09 10.03 -10.11
CA ASN B 156 -20.82 9.59 -10.68
C ASN B 156 -20.22 10.62 -11.64
N ASP B 157 -21.05 11.36 -12.40
CA ASP B 157 -20.53 12.47 -13.18
C ASP B 157 -21.53 13.63 -13.13
N ASP B 158 -21.27 14.68 -13.91
CA ASP B 158 -22.19 15.80 -14.09
C ASP B 158 -22.51 15.98 -15.57
N GLY B 159 -22.52 14.85 -16.31
CA GLY B 159 -22.59 14.85 -17.75
C GLY B 159 -24.00 14.78 -18.31
N GLY B 160 -24.10 15.01 -19.61
CA GLY B 160 -25.42 15.11 -20.20
C GLY B 160 -25.76 14.05 -21.25
N TYR B 161 -26.83 14.31 -22.00
CA TYR B 161 -27.21 13.43 -23.08
C TYR B 161 -26.06 13.29 -24.04
N PHE B 162 -25.60 12.06 -24.24
CA PHE B 162 -24.64 11.72 -25.29
C PHE B 162 -23.24 12.27 -25.03
N ASP B 163 -22.97 12.70 -23.80
CA ASP B 163 -21.68 13.27 -23.44
C ASP B 163 -20.58 12.22 -23.49
N LEU B 164 -19.36 12.67 -23.75
CA LEU B 164 -18.19 11.81 -23.70
C LEU B 164 -17.44 11.94 -22.38
N ALA B 165 -16.45 11.06 -22.21
CA ALA B 165 -15.45 11.21 -21.18
C ALA B 165 -14.56 12.41 -21.51
N PRO B 166 -14.14 13.21 -20.49
CA PRO B 166 -14.33 12.87 -19.08
C PRO B 166 -15.54 13.53 -18.45
N THR B 167 -16.41 14.21 -19.23
CA THR B 167 -17.73 14.62 -18.72
C THR B 167 -18.57 13.41 -18.33
N ASP B 168 -18.67 12.45 -19.24
CA ASP B 168 -19.19 11.11 -18.96
C ASP B 168 -18.08 10.29 -18.31
N LEU B 169 -18.25 9.95 -17.03
CA LEU B 169 -17.37 9.03 -16.31
C LEU B 169 -18.04 7.67 -16.06
N GLY B 170 -18.89 7.23 -16.99
CA GLY B 170 -19.51 5.93 -16.91
C GLY B 170 -19.22 5.05 -18.12
N GLU B 171 -18.48 5.57 -19.12
CA GLU B 171 -18.08 4.77 -20.27
C GLU B 171 -17.61 3.39 -19.83
N ASN B 172 -16.71 3.38 -18.86
CA ASN B 172 -16.04 2.15 -18.48
C ASN B 172 -16.97 1.24 -17.70
N CYS B 173 -17.89 1.81 -16.91
CA CYS B 173 -18.86 0.97 -16.23
C CYS B 173 -19.84 0.36 -17.24
N ARG B 174 -20.23 1.17 -18.23
CA ARG B 174 -21.14 0.71 -19.27
C ARG B 174 -20.47 -0.35 -20.18
N ARG B 175 -19.23 -0.14 -20.59
CA ARG B 175 -18.58 -1.13 -21.46
C ARG B 175 -18.50 -2.50 -20.78
N ASP B 176 -18.23 -2.52 -19.47
CA ASP B 176 -18.21 -3.79 -18.77
C ASP B 176 -19.59 -4.42 -18.72
N ILE B 177 -20.62 -3.59 -18.48
CA ILE B 177 -21.99 -4.09 -18.49
C ILE B 177 -22.33 -4.66 -19.86
N VAL B 178 -22.04 -3.90 -20.91
CA VAL B 178 -22.33 -4.40 -22.25
C VAL B 178 -21.62 -5.72 -22.50
N LEU B 179 -20.35 -5.82 -22.08
CA LEU B 179 -19.57 -7.04 -22.33
C LEU B 179 -20.18 -8.26 -21.63
N GLU B 180 -20.45 -8.16 -20.32
CA GLU B 180 -21.02 -9.34 -19.69
C GLU B 180 -22.33 -9.70 -20.34
N LEU B 181 -23.11 -8.68 -20.73
CA LEU B 181 -24.43 -8.92 -21.29
C LEU B 181 -24.36 -9.67 -22.61
N GLU B 182 -23.43 -9.27 -23.50
CA GLU B 182 -23.32 -10.02 -24.75
C GLU B 182 -22.92 -11.46 -24.45
N ASP B 183 -22.02 -11.68 -23.49
CA ASP B 183 -21.62 -13.04 -23.18
C ASP B 183 -22.70 -13.81 -22.40
N MET B 184 -23.82 -13.17 -22.05
CA MET B 184 -25.03 -13.88 -21.66
C MET B 184 -26.03 -14.04 -22.80
N GLY B 185 -25.70 -13.60 -24.00
CA GLY B 185 -26.57 -13.80 -25.13
C GLY B 185 -27.39 -12.60 -25.57
N PHE B 186 -27.29 -11.47 -24.86
CA PHE B 186 -28.06 -10.27 -25.22
C PHE B 186 -27.64 -9.75 -26.58
N ASP B 187 -28.62 -9.21 -27.30
CA ASP B 187 -28.37 -8.44 -28.53
C ASP B 187 -28.35 -6.96 -28.17
N ILE B 188 -27.19 -6.46 -27.73
CA ILE B 188 -27.07 -5.07 -27.33
C ILE B 188 -27.10 -4.16 -28.54
N GLU B 189 -27.74 -2.99 -28.39
CA GLU B 189 -27.95 -2.06 -29.49
C GLU B 189 -27.37 -0.67 -29.28
N ALA B 190 -27.23 -0.21 -28.04
CA ALA B 190 -26.51 1.02 -27.82
C ALA B 190 -26.27 1.21 -26.33
N SER B 191 -25.29 2.05 -26.01
CA SER B 191 -25.08 2.52 -24.66
C SER B 191 -24.65 3.97 -24.76
N HIS B 192 -25.04 4.77 -23.78
CA HIS B 192 -24.74 6.20 -23.79
C HIS B 192 -25.16 6.81 -22.47
N HIS B 193 -24.57 7.99 -22.18
CA HIS B 193 -25.08 8.84 -21.13
C HIS B 193 -26.45 9.39 -21.50
N GLU B 194 -27.32 9.48 -20.50
CA GLU B 194 -28.70 9.96 -20.64
C GLU B 194 -28.79 11.41 -20.08
N VAL B 195 -29.98 12.01 -20.15
CA VAL B 195 -30.08 13.47 -19.96
C VAL B 195 -29.56 13.89 -18.58
N ALA B 196 -30.09 13.31 -17.53
CA ALA B 196 -29.73 13.75 -16.20
C ALA B 196 -28.29 13.37 -15.84
N PRO B 197 -27.63 14.23 -15.05
CA PRO B 197 -26.29 13.91 -14.56
C PRO B 197 -26.24 12.59 -13.81
N GLY B 198 -25.35 11.72 -14.21
CA GLY B 198 -25.32 10.44 -13.51
C GLY B 198 -26.29 9.41 -14.05
N GLN B 199 -26.87 9.66 -15.23
CA GLN B 199 -27.92 8.83 -15.81
C GLN B 199 -27.39 8.08 -17.04
N HIS B 200 -27.83 6.84 -17.20
CA HIS B 200 -27.24 6.00 -18.24
C HIS B 200 -28.30 5.06 -18.80
N GLU B 201 -28.07 4.66 -20.06
CA GLU B 201 -29.01 3.86 -20.85
C GLU B 201 -28.20 2.82 -21.62
N ILE B 202 -28.74 1.62 -21.69
CA ILE B 202 -28.19 0.54 -22.50
C ILE B 202 -29.37 -0.17 -23.13
N ASP B 203 -29.43 -0.18 -24.45
CA ASP B 203 -30.61 -0.75 -25.09
C ASP B 203 -30.27 -2.11 -25.70
N PHE B 204 -31.31 -2.91 -25.97
CA PHE B 204 -31.09 -4.22 -26.58
C PHE B 204 -32.30 -4.64 -27.39
N LYS B 205 -32.08 -5.51 -28.39
CA LYS B 205 -33.17 -5.94 -29.25
C LYS B 205 -34.41 -6.43 -28.49
N TYR B 206 -35.55 -6.31 -29.14
CA TYR B 206 -36.78 -6.82 -28.61
C TYR B 206 -36.73 -8.35 -28.64
N ALA B 207 -37.61 -8.96 -27.87
CA ALA B 207 -37.85 -10.39 -27.99
C ALA B 207 -39.26 -10.64 -27.50
N ASP B 208 -39.71 -11.87 -27.68
CA ASP B 208 -41.03 -12.24 -27.21
C ASP B 208 -41.19 -11.81 -25.75
N ALA B 209 -42.45 -11.52 -25.39
CA ALA B 209 -42.86 -10.96 -24.11
C ALA B 209 -42.19 -11.63 -22.91
N VAL B 210 -42.23 -12.96 -22.82
CA VAL B 210 -41.63 -13.61 -21.66
C VAL B 210 -40.12 -13.38 -21.61
N THR B 211 -39.41 -13.70 -22.70
CA THR B 211 -37.96 -13.57 -22.53
C THR B 211 -37.57 -12.11 -22.36
N ALA B 212 -38.36 -11.18 -22.90
CA ALA B 212 -38.03 -9.77 -22.71
C ALA B 212 -38.14 -9.33 -21.25
N CYS B 213 -39.14 -9.83 -20.56
CA CYS B 213 -39.29 -9.50 -19.13
C CYS B 213 -38.16 -10.21 -18.39
N ASP B 214 -37.83 -11.41 -18.83
CA ASP B 214 -36.66 -12.13 -18.28
C ASP B 214 -35.45 -11.30 -18.64
N ASN B 215 -35.37 -10.81 -19.87
CA ASN B 215 -34.24 -9.95 -20.27
C ASN B 215 -34.16 -8.75 -19.34
N ILE B 216 -35.28 -8.17 -18.90
CA ILE B 216 -35.16 -7.02 -18.01
C ILE B 216 -34.62 -7.40 -16.64
N GLN B 217 -35.01 -8.56 -16.11
CA GLN B 217 -34.60 -8.90 -14.76
C GLN B 217 -33.11 -9.18 -14.72
N THR B 218 -32.64 -9.94 -15.72
CA THR B 218 -31.22 -10.20 -15.90
C THR B 218 -30.44 -8.91 -16.04
N PHE B 219 -30.92 -8.02 -16.93
CA PHE B 219 -30.28 -6.74 -17.16
C PHE B 219 -30.11 -5.99 -15.85
N LYS B 220 -31.19 -5.91 -15.05
CA LYS B 220 -31.11 -5.17 -13.80
C LYS B 220 -30.07 -5.81 -12.90
N LEU B 221 -30.11 -7.15 -12.76
CA LEU B 221 -29.16 -7.77 -11.88
C LEU B 221 -27.74 -7.58 -12.38
N VAL B 222 -27.52 -7.61 -13.70
CA VAL B 222 -26.15 -7.44 -14.17
C VAL B 222 -25.66 -6.00 -14.01
N VAL B 223 -26.53 -5.01 -14.05
CA VAL B 223 -26.03 -3.65 -13.87
C VAL B 223 -25.63 -3.42 -12.42
N LYS B 224 -26.48 -3.82 -11.46
CA LYS B 224 -26.12 -3.55 -10.07
C LYS B 224 -24.83 -4.29 -9.68
N THR B 225 -24.66 -5.53 -10.12
CA THR B 225 -23.40 -6.24 -9.86
C THR B 225 -22.20 -5.46 -10.38
N ILE B 226 -22.13 -5.25 -11.69
CA ILE B 226 -20.99 -4.52 -12.26
C ILE B 226 -20.79 -3.14 -11.64
N ALA B 227 -21.86 -2.46 -11.24
CA ALA B 227 -21.67 -1.12 -10.67
C ALA B 227 -20.83 -1.19 -9.41
N ARG B 228 -21.08 -2.19 -8.56
CA ARG B 228 -20.25 -2.39 -7.37
C ARG B 228 -18.80 -2.64 -7.75
N LYS B 229 -18.55 -3.52 -8.73
CA LYS B 229 -17.19 -3.77 -9.18
C LYS B 229 -16.44 -2.48 -9.48
N HIS B 230 -17.17 -1.44 -9.87
CA HIS B 230 -16.62 -0.12 -10.21
C HIS B 230 -16.78 0.90 -9.11
N ASN B 231 -17.15 0.47 -7.91
CA ASN B 231 -17.29 1.35 -6.75
C ASN B 231 -18.51 2.23 -6.85
N LEU B 232 -19.53 1.78 -7.57
CA LEU B 232 -20.75 2.56 -7.80
C LEU B 232 -21.94 1.80 -7.26
N HIS B 233 -23.02 2.55 -7.11
CA HIS B 233 -24.33 2.00 -6.77
C HIS B 233 -25.26 2.34 -7.91
N ALA B 234 -25.77 1.32 -8.61
CA ALA B 234 -26.81 1.52 -9.61
C ALA B 234 -28.20 1.50 -8.93
N THR B 235 -29.03 2.44 -9.31
CA THR B 235 -30.36 2.53 -8.76
C THR B 235 -31.37 2.68 -9.90
N PHE B 236 -32.40 1.83 -9.90
CA PHE B 236 -33.46 1.93 -10.89
C PHE B 236 -34.66 2.70 -10.35
N MET B 237 -34.49 3.37 -9.21
CA MET B 237 -35.43 4.37 -8.67
C MET B 237 -35.89 5.37 -9.77
N PRO B 238 -37.20 5.67 -9.89
CA PRO B 238 -37.65 6.50 -11.00
C PRO B 238 -37.12 7.92 -10.92
N LYS B 239 -37.24 8.57 -9.77
CA LYS B 239 -36.89 9.98 -9.61
C LYS B 239 -36.06 10.11 -8.34
N PRO B 240 -34.82 9.61 -8.36
CA PRO B 240 -33.93 9.79 -7.19
C PRO B 240 -33.67 11.25 -6.84
N LEU B 241 -33.74 12.19 -7.78
CA LEU B 241 -33.41 13.56 -7.45
C LEU B 241 -34.39 14.51 -8.11
N PHE B 242 -34.85 15.48 -7.33
CA PHE B 242 -35.66 16.56 -7.84
C PHE B 242 -34.86 17.46 -8.80
N GLY B 243 -35.58 18.00 -9.80
CA GLY B 243 -35.02 19.03 -10.66
C GLY B 243 -34.39 18.53 -11.94
N VAL B 244 -34.09 17.24 -12.04
CA VAL B 244 -33.49 16.65 -13.23
C VAL B 244 -34.29 15.41 -13.61
N ASN B 245 -34.22 15.04 -14.88
CA ASN B 245 -34.99 13.89 -15.39
C ASN B 245 -34.95 12.69 -14.45
N GLY B 246 -36.03 11.93 -14.49
CA GLY B 246 -36.07 10.61 -13.90
C GLY B 246 -35.62 9.57 -14.90
N SER B 247 -35.71 8.32 -14.48
CA SER B 247 -35.49 7.18 -15.33
C SER B 247 -36.83 6.60 -15.70
N GLY B 248 -37.02 6.30 -16.98
CA GLY B 248 -38.20 5.56 -17.34
C GLY B 248 -37.79 4.19 -17.81
N MET B 249 -38.74 3.27 -17.94
CA MET B 249 -38.53 2.02 -18.67
C MET B 249 -39.50 2.01 -19.85
N HIS B 250 -39.10 2.62 -20.95
CA HIS B 250 -39.98 2.68 -22.10
C HIS B 250 -40.31 1.28 -22.56
N PHE B 251 -41.59 0.95 -22.62
CA PHE B 251 -42.06 -0.32 -23.18
C PHE B 251 -42.35 -0.15 -24.67
N ASN B 252 -41.43 -0.62 -25.52
CA ASN B 252 -41.64 -0.68 -26.95
C ASN B 252 -42.26 -2.03 -27.29
N VAL B 253 -43.44 -2.00 -27.91
CA VAL B 253 -44.20 -3.22 -28.16
C VAL B 253 -44.77 -3.16 -29.56
N SER B 254 -45.24 -4.33 -30.00
CA SER B 254 -45.89 -4.56 -31.29
C SER B 254 -46.40 -6.01 -31.29
N LEU B 255 -47.27 -6.31 -32.23
CA LEU B 255 -47.76 -7.66 -32.42
C LEU B 255 -47.15 -8.28 -33.67
N PHE B 256 -46.93 -9.59 -33.65
CA PHE B 256 -46.45 -10.30 -34.83
C PHE B 256 -47.42 -11.42 -35.23
N LYS B 257 -47.78 -11.44 -36.50
CA LYS B 257 -48.49 -12.57 -37.10
C LYS B 257 -47.46 -13.49 -37.75
N GLY B 258 -46.59 -14.06 -36.92
CA GLY B 258 -45.59 -14.97 -37.44
C GLY B 258 -44.49 -14.33 -38.26
N LYS B 259 -43.54 -13.64 -37.63
CA LYS B 259 -42.39 -13.07 -38.34
C LYS B 259 -42.80 -11.97 -39.33
N GLU B 260 -44.00 -11.40 -39.15
CA GLU B 260 -44.51 -10.25 -39.90
C GLU B 260 -44.92 -9.20 -38.88
N ASN B 261 -44.45 -7.96 -39.03
CA ASN B 261 -44.76 -6.96 -38.00
C ASN B 261 -46.21 -6.54 -38.20
N ALA B 262 -47.11 -7.13 -37.41
CA ALA B 262 -48.54 -6.83 -37.60
C ALA B 262 -48.88 -5.35 -37.38
N PHE B 263 -47.94 -4.52 -36.93
CA PHE B 263 -48.23 -3.12 -36.73
C PHE B 263 -47.86 -2.25 -37.93
N PHE B 264 -47.21 -2.84 -38.92
CA PHE B 264 -46.66 -2.15 -40.07
C PHE B 264 -47.63 -2.24 -41.24
N ASP B 265 -48.09 -1.11 -41.74
CA ASP B 265 -48.80 -1.10 -43.01
C ASP B 265 -47.88 -0.46 -44.03
N PRO B 266 -47.34 -1.21 -44.99
CA PRO B 266 -46.43 -0.63 -45.99
C PRO B 266 -47.09 0.36 -46.97
N ASN B 267 -48.43 0.41 -47.07
CA ASN B 267 -49.11 1.12 -48.16
C ASN B 267 -49.49 2.55 -47.83
N THR B 268 -49.74 2.87 -46.57
CA THR B 268 -50.19 4.19 -46.17
C THR B 268 -49.02 5.04 -45.73
N GLU B 269 -49.22 6.35 -45.76
CA GLU B 269 -48.12 7.26 -45.45
C GLU B 269 -47.62 7.04 -44.02
N MET B 270 -48.53 7.10 -43.05
CA MET B 270 -48.13 6.96 -41.66
C MET B 270 -47.54 5.58 -41.41
N GLY B 271 -48.05 4.57 -42.08
CA GLY B 271 -47.44 3.27 -42.05
C GLY B 271 -47.91 2.36 -40.94
N LEU B 272 -49.00 2.71 -40.26
CA LEU B 272 -49.56 1.87 -39.21
C LEU B 272 -50.78 1.14 -39.73
N THR B 273 -50.91 -0.13 -39.35
CA THR B 273 -52.10 -0.90 -39.66
C THR B 273 -53.23 -0.53 -38.72
N GLU B 274 -54.45 -0.92 -39.10
CA GLU B 274 -55.57 -0.62 -38.21
C GLU B 274 -55.48 -1.45 -36.95
N THR B 275 -54.76 -2.58 -36.97
CA THR B 275 -54.50 -3.35 -35.74
C THR B 275 -53.67 -2.56 -34.74
N ALA B 276 -52.62 -1.89 -35.22
CA ALA B 276 -51.83 -1.02 -34.35
C ALA B 276 -52.69 0.12 -33.80
N TYR B 277 -53.58 0.68 -34.62
CA TYR B 277 -54.43 1.76 -34.11
C TYR B 277 -55.35 1.25 -33.00
N GLN B 278 -56.04 0.14 -33.25
CA GLN B 278 -56.97 -0.41 -32.25
C GLN B 278 -56.25 -0.62 -30.93
N PHE B 279 -55.05 -1.19 -31.03
CA PHE B 279 -54.22 -1.51 -29.86
C PHE B 279 -53.89 -0.27 -29.05
N THR B 280 -53.49 0.81 -29.72
CA THR B 280 -53.26 2.09 -29.06
C THR B 280 -54.54 2.63 -28.44
N ALA B 281 -55.66 2.46 -29.13
CA ALA B 281 -56.92 2.87 -28.55
C ALA B 281 -57.11 2.20 -27.19
N GLY B 282 -56.76 0.92 -27.10
CA GLY B 282 -56.97 0.19 -25.86
C GLY B 282 -55.97 0.60 -24.79
N VAL B 283 -54.69 0.68 -25.17
CA VAL B 283 -53.68 1.29 -24.30
C VAL B 283 -54.15 2.65 -23.79
N LEU B 284 -54.66 3.51 -24.68
CA LEU B 284 -55.02 4.87 -24.27
C LEU B 284 -56.27 4.88 -23.40
N LYS B 285 -57.20 3.95 -23.63
CA LYS B 285 -58.43 3.94 -22.83
C LYS B 285 -58.15 3.48 -21.41
N ASN B 286 -57.23 2.54 -21.24
CA ASN B 286 -57.07 1.86 -19.96
C ASN B 286 -55.86 2.35 -19.18
N ALA B 287 -55.17 3.38 -19.69
CA ALA B 287 -53.92 3.84 -19.09
C ALA B 287 -54.09 4.12 -17.59
N ARG B 288 -55.09 4.92 -17.24
CA ARG B 288 -55.31 5.23 -15.83
C ARG B 288 -55.46 3.95 -15.00
N GLY B 289 -56.15 2.96 -15.53
CA GLY B 289 -56.35 1.72 -14.79
C GLY B 289 -55.09 0.91 -14.55
N PHE B 290 -54.08 1.03 -15.43
CA PHE B 290 -52.86 0.24 -15.25
C PHE B 290 -51.64 1.06 -14.80
N THR B 291 -51.84 2.34 -14.42
CA THR B 291 -50.73 3.21 -14.03
C THR B 291 -50.10 2.80 -12.70
N ALA B 292 -50.93 2.41 -11.71
CA ALA B 292 -50.35 1.96 -10.44
C ALA B 292 -49.35 0.83 -10.66
N VAL B 293 -49.68 -0.13 -11.53
CA VAL B 293 -48.82 -1.29 -11.74
C VAL B 293 -47.61 -0.90 -12.54
N CYS B 294 -47.72 0.08 -13.43
CA CYS B 294 -46.55 0.57 -14.18
C CYS B 294 -45.71 1.57 -13.40
N ASN B 295 -46.29 2.15 -12.34
CA ASN B 295 -45.62 3.15 -11.53
C ASN B 295 -45.97 2.81 -10.11
N PRO B 296 -45.33 1.79 -9.53
CA PRO B 296 -45.75 1.27 -8.23
C PRO B 296 -45.17 1.99 -7.02
N LEU B 297 -44.37 3.01 -7.20
CA LEU B 297 -43.73 3.67 -6.08
C LEU B 297 -44.39 5.01 -5.84
N VAL B 298 -44.40 5.45 -4.58
CA VAL B 298 -44.68 6.85 -4.30
C VAL B 298 -43.83 7.68 -5.26
N ASN B 299 -42.55 7.32 -5.35
CA ASN B 299 -41.57 8.09 -6.10
C ASN B 299 -41.84 8.09 -7.61
N SER B 300 -42.46 7.02 -8.13
CA SER B 300 -42.88 6.95 -9.54
C SER B 300 -43.60 8.23 -9.93
N TYR B 301 -44.29 8.85 -8.97
CA TYR B 301 -45.15 9.99 -9.31
C TYR B 301 -44.44 11.33 -9.21
N LYS B 302 -43.22 11.37 -8.66
CA LYS B 302 -42.39 12.53 -8.87
C LYS B 302 -41.63 12.46 -10.19
N ARG B 303 -41.72 11.35 -10.92
CA ARG B 303 -41.23 11.36 -12.29
C ARG B 303 -42.30 11.89 -13.21
N LEU B 304 -43.56 11.52 -12.94
CA LEU B 304 -44.69 11.79 -13.85
C LEU B 304 -45.18 13.22 -13.64
N VAL B 305 -44.34 14.17 -14.02
CA VAL B 305 -44.57 15.59 -13.79
C VAL B 305 -44.00 16.35 -14.98
N PRO B 306 -44.70 17.34 -15.53
CA PRO B 306 -44.28 17.90 -16.84
C PRO B 306 -42.86 18.45 -16.85
N GLY B 307 -42.29 18.50 -18.06
CA GLY B 307 -41.02 19.15 -18.31
C GLY B 307 -39.79 18.25 -18.41
N TYR B 308 -39.99 16.95 -18.58
CA TYR B 308 -38.88 16.04 -18.32
C TYR B 308 -38.85 14.86 -19.28
N GLU B 309 -39.42 15.01 -20.46
CA GLU B 309 -39.42 13.92 -21.43
C GLU B 309 -40.15 12.68 -20.92
N ALA B 310 -40.95 12.79 -19.84
CA ALA B 310 -41.77 11.73 -19.27
C ALA B 310 -43.24 12.13 -19.25
N PRO B 311 -44.17 11.18 -19.42
CA PRO B 311 -45.58 11.54 -19.64
C PRO B 311 -46.32 11.91 -18.36
N CYS B 312 -47.27 12.84 -18.51
CA CYS B 312 -48.27 13.05 -17.47
C CYS B 312 -49.69 13.21 -18.02
N TYR B 313 -49.88 13.20 -19.34
CA TYR B 313 -51.20 13.27 -19.95
C TYR B 313 -51.42 12.10 -20.90
N ILE B 314 -52.64 11.56 -20.88
CA ILE B 314 -53.03 10.40 -21.69
C ILE B 314 -53.33 10.87 -23.10
N ALA B 315 -52.48 10.50 -24.05
CA ALA B 315 -52.54 10.99 -25.42
C ALA B 315 -51.42 10.30 -26.18
N TRP B 316 -51.42 10.46 -27.51
CA TRP B 316 -50.43 9.76 -28.32
C TRP B 316 -49.99 10.66 -29.47
N SER B 317 -48.71 10.58 -29.82
CA SER B 317 -48.22 11.35 -30.95
C SER B 317 -47.00 10.65 -31.54
N GLY B 318 -46.81 10.82 -32.85
CA GLY B 318 -45.59 10.36 -33.49
C GLY B 318 -44.44 11.37 -33.38
N LYS B 319 -43.21 10.83 -33.34
CA LYS B 319 -41.96 11.57 -33.22
C LYS B 319 -41.92 12.48 -32.01
N ASN B 320 -42.83 12.32 -31.07
CA ASN B 320 -43.11 13.32 -30.05
C ASN B 320 -42.81 12.71 -28.70
N ARG B 321 -42.05 13.41 -27.85
CA ARG B 321 -41.56 12.79 -26.62
C ARG B 321 -42.27 13.25 -25.35
N SER B 322 -43.30 14.17 -25.44
CA SER B 322 -44.17 14.61 -24.34
C SER B 322 -45.36 13.70 -23.98
N PRO B 323 -45.94 12.95 -24.89
CA PRO B 323 -47.18 12.22 -24.57
C PRO B 323 -46.95 10.88 -23.89
N LEU B 324 -48.05 10.27 -23.46
CA LEU B 324 -47.94 8.92 -22.90
C LEU B 324 -47.39 7.95 -23.94
N ILE B 325 -47.93 7.97 -25.16
CA ILE B 325 -47.53 7.03 -26.19
C ILE B 325 -46.85 7.80 -27.31
N ARG B 326 -45.70 7.30 -27.74
CA ARG B 326 -44.95 7.85 -28.87
C ARG B 326 -44.83 6.78 -29.94
N VAL B 327 -45.04 7.17 -31.19
CA VAL B 327 -44.73 6.25 -32.28
C VAL B 327 -43.43 6.74 -32.90
N PRO B 328 -42.31 6.06 -32.66
CA PRO B 328 -41.05 6.52 -33.25
C PRO B 328 -41.09 6.42 -34.78
N SER B 329 -40.26 7.27 -35.40
CA SER B 329 -40.27 7.42 -36.84
C SER B 329 -40.00 6.12 -37.56
N SER B 330 -39.02 5.35 -37.11
CA SER B 330 -38.63 4.14 -37.82
C SER B 330 -39.84 3.27 -38.16
N ARG B 331 -39.83 2.71 -39.35
CA ARG B 331 -40.91 1.82 -39.77
C ARG B 331 -40.34 0.46 -40.21
N GLY B 332 -41.13 -0.33 -40.94
CA GLY B 332 -40.65 -1.65 -41.30
C GLY B 332 -40.83 -2.58 -40.12
N LEU B 333 -39.88 -3.50 -39.89
CA LEU B 333 -40.04 -4.30 -38.69
C LEU B 333 -39.73 -3.51 -37.43
N SER B 334 -39.23 -2.27 -37.53
CA SER B 334 -38.96 -1.46 -36.35
C SER B 334 -40.23 -0.84 -35.80
N THR B 335 -41.33 -0.99 -36.55
CA THR B 335 -42.60 -0.32 -36.27
C THR B 335 -43.15 -0.75 -34.92
N ARG B 336 -43.37 0.22 -34.04
CA ARG B 336 -43.70 -0.10 -32.66
C ARG B 336 -44.50 1.06 -32.10
N ILE B 337 -45.25 0.79 -31.02
CA ILE B 337 -45.67 1.88 -30.12
C ILE B 337 -44.79 1.85 -28.87
N GLU B 338 -44.54 3.03 -28.31
CA GLU B 338 -43.70 3.19 -27.11
C GLU B 338 -44.55 3.74 -25.96
N VAL B 339 -44.87 2.90 -24.97
CA VAL B 339 -45.52 3.39 -23.77
C VAL B 339 -44.45 3.94 -22.84
N ARG B 340 -44.46 5.25 -22.65
CA ARG B 340 -43.41 5.92 -21.90
C ARG B 340 -43.72 6.06 -20.42
N SER B 341 -44.90 5.67 -19.97
CA SER B 341 -45.15 5.78 -18.55
C SER B 341 -44.32 4.78 -17.74
N VAL B 342 -43.98 3.61 -18.30
CA VAL B 342 -43.42 2.53 -17.51
C VAL B 342 -42.16 3.02 -16.79
N ASP B 343 -42.04 2.77 -15.49
CA ASP B 343 -40.73 3.06 -14.95
C ASP B 343 -40.01 1.79 -14.47
N PRO B 344 -38.70 1.87 -14.19
CA PRO B 344 -37.92 0.66 -13.97
C PRO B 344 -38.20 -0.03 -12.64
N ALA B 345 -38.90 0.61 -11.72
CA ALA B 345 -39.40 -0.10 -10.57
C ALA B 345 -40.60 -0.98 -10.90
N ALA B 346 -41.15 -0.87 -12.09
CA ALA B 346 -42.30 -1.69 -12.44
C ALA B 346 -41.92 -3.17 -12.50
N ASN B 347 -42.83 -4.01 -12.07
CA ASN B 347 -42.61 -5.44 -12.25
C ASN B 347 -42.80 -5.79 -13.73
N PRO B 348 -41.78 -6.24 -14.44
CA PRO B 348 -41.90 -6.37 -15.90
C PRO B 348 -43.02 -7.28 -16.36
N TYR B 349 -43.14 -8.45 -15.75
CA TYR B 349 -44.19 -9.37 -16.17
C TYR B 349 -45.56 -8.77 -15.96
N MET B 350 -45.79 -8.14 -14.79
CA MET B 350 -47.10 -7.58 -14.51
C MET B 350 -47.44 -6.45 -15.48
N ALA B 351 -46.54 -5.48 -15.59
CA ALA B 351 -46.74 -4.35 -16.49
C ALA B 351 -47.04 -4.83 -17.91
N LEU B 352 -46.26 -5.80 -18.41
CA LEU B 352 -46.51 -6.25 -19.78
C LEU B 352 -47.89 -6.89 -19.89
N ALA B 353 -48.21 -7.83 -18.99
CA ALA B 353 -49.58 -8.35 -18.86
C ALA B 353 -50.64 -7.24 -18.90
N ALA B 354 -50.38 -6.13 -18.20
CA ALA B 354 -51.35 -5.04 -18.14
C ALA B 354 -51.52 -4.35 -19.49
N ILE B 355 -50.41 -4.03 -20.16
CA ILE B 355 -50.47 -3.32 -21.43
C ILE B 355 -50.93 -4.28 -22.52
N LEU B 356 -50.60 -5.56 -22.39
CA LEU B 356 -51.04 -6.52 -23.39
C LEU B 356 -52.56 -6.60 -23.41
N GLU B 357 -53.19 -6.63 -22.24
CA GLU B 357 -54.63 -6.80 -22.26
C GLU B 357 -55.34 -5.51 -22.65
N ALA B 358 -54.84 -4.36 -22.18
CA ALA B 358 -55.38 -3.08 -22.62
C ALA B 358 -55.42 -3.01 -24.14
N GLY B 359 -54.29 -3.30 -24.77
CA GLY B 359 -54.28 -3.36 -26.23
C GLY B 359 -55.27 -4.36 -26.78
N LEU B 360 -55.23 -5.59 -26.29
CA LEU B 360 -56.22 -6.58 -26.70
C LEU B 360 -57.64 -6.06 -26.55
N ASP B 361 -57.90 -5.28 -25.49
CA ASP B 361 -59.23 -4.70 -25.28
C ASP B 361 -59.65 -3.88 -26.50
N GLY B 362 -58.70 -3.19 -27.13
CA GLY B 362 -58.99 -2.34 -28.27
C GLY B 362 -59.13 -3.09 -29.58
N ILE B 363 -58.33 -4.13 -29.78
CA ILE B 363 -58.50 -4.98 -30.95
C ILE B 363 -59.86 -5.66 -30.92
N LYS B 364 -60.19 -6.30 -29.80
CA LYS B 364 -61.40 -7.14 -29.75
C LYS B 364 -62.65 -6.29 -29.97
N ASN B 365 -62.71 -5.12 -29.32
CA ASN B 365 -63.80 -4.17 -29.45
C ASN B 365 -63.61 -3.20 -30.61
N LYS B 366 -62.61 -3.41 -31.46
CA LYS B 366 -62.33 -2.54 -32.60
C LYS B 366 -62.56 -1.06 -32.29
N LEU B 367 -61.94 -0.61 -31.20
CA LEU B 367 -61.99 0.79 -30.81
C LEU B 367 -61.35 1.66 -31.89
N LYS B 368 -61.60 2.96 -31.79
CA LYS B 368 -61.03 3.94 -32.70
C LYS B 368 -60.18 4.94 -31.92
N VAL B 369 -59.07 5.32 -32.52
CA VAL B 369 -58.02 6.05 -31.81
C VAL B 369 -58.39 7.52 -31.64
N PRO B 370 -58.23 8.09 -30.46
CA PRO B 370 -58.16 9.57 -30.37
C PRO B 370 -57.25 10.08 -31.47
N GLU B 371 -57.47 11.30 -31.92
CA GLU B 371 -56.51 11.75 -32.90
C GLU B 371 -55.23 12.14 -32.17
N PRO B 372 -54.09 12.09 -32.86
CA PRO B 372 -52.82 12.33 -32.18
C PRO B 372 -52.76 13.78 -31.69
N VAL B 373 -51.96 13.98 -30.65
CA VAL B 373 -51.68 15.33 -30.18
C VAL B 373 -50.29 15.75 -30.65
N ASN B 374 -50.23 16.42 -31.80
CA ASN B 374 -48.94 16.70 -32.42
C ASN B 374 -48.41 18.08 -32.00
N GLN B 375 -48.18 18.22 -30.70
CA GLN B 375 -47.56 19.41 -30.15
C GLN B 375 -46.99 19.09 -28.77
N ASN B 376 -46.30 20.07 -28.20
CA ASN B 376 -45.60 19.93 -26.92
C ASN B 376 -46.64 20.02 -25.81
N ILE B 377 -47.19 18.88 -25.44
CA ILE B 377 -48.38 18.83 -24.62
C ILE B 377 -48.08 19.22 -23.16
N TYR B 378 -46.84 19.65 -22.86
CA TYR B 378 -46.58 20.25 -21.55
C TYR B 378 -46.96 21.72 -21.50
N GLU B 379 -47.08 22.38 -22.65
CA GLU B 379 -47.39 23.80 -22.68
C GLU B 379 -48.86 24.04 -23.03
N MET B 380 -49.70 23.04 -22.80
CA MET B 380 -51.14 23.16 -22.96
C MET B 380 -51.76 23.35 -21.59
N ASN B 381 -52.59 24.39 -21.45
CA ASN B 381 -53.30 24.66 -20.22
C ASN B 381 -54.33 23.56 -19.95
N ARG B 382 -54.57 23.28 -18.68
CA ARG B 382 -55.60 22.32 -18.22
C ARG B 382 -56.89 22.56 -19.02
N GLU B 383 -57.24 23.83 -19.19
CA GLU B 383 -58.47 24.12 -19.96
C GLU B 383 -58.21 23.86 -21.44
N GLU B 384 -56.97 24.09 -21.91
CA GLU B 384 -56.67 23.82 -23.34
C GLU B 384 -56.71 22.33 -23.60
N ARG B 385 -56.29 21.54 -22.62
CA ARG B 385 -56.25 20.06 -22.78
C ARG B 385 -57.65 19.48 -22.66
N GLU B 386 -58.45 20.01 -21.75
CA GLU B 386 -59.83 19.48 -21.59
C GLU B 386 -60.54 19.64 -22.92
N ALA B 387 -60.24 20.73 -23.63
CA ALA B 387 -60.86 21.01 -24.92
C ALA B 387 -60.81 19.78 -25.84
N VAL B 388 -59.61 19.29 -26.14
CA VAL B 388 -59.43 18.17 -27.04
C VAL B 388 -59.80 16.86 -26.32
N GLY B 389 -60.19 16.97 -25.05
CA GLY B 389 -60.60 15.79 -24.30
C GLY B 389 -59.46 14.91 -23.79
N ILE B 390 -58.38 15.52 -23.29
CA ILE B 390 -57.17 14.82 -22.91
C ILE B 390 -57.17 14.62 -21.39
N GLN B 391 -57.17 13.36 -20.96
CA GLN B 391 -57.17 13.09 -19.53
C GLN B 391 -55.75 13.20 -18.96
N ASP B 392 -55.68 13.33 -17.64
CA ASP B 392 -54.43 13.34 -16.92
C ASP B 392 -54.15 11.94 -16.39
N LEU B 393 -52.86 11.60 -16.29
CA LEU B 393 -52.47 10.41 -15.53
C LEU B 393 -52.73 10.66 -14.03
N PRO B 394 -52.85 9.58 -13.26
CA PRO B 394 -53.00 9.78 -11.81
C PRO B 394 -51.74 10.43 -11.26
N SER B 395 -51.91 11.24 -10.22
CA SER B 395 -50.81 12.07 -9.72
C SER B 395 -50.13 11.50 -8.48
N THR B 396 -50.84 10.77 -7.67
CA THR B 396 -50.32 10.10 -6.50
C THR B 396 -50.48 8.60 -6.74
N LEU B 397 -49.69 7.82 -6.00
CA LEU B 397 -49.95 6.39 -5.97
C LEU B 397 -51.37 6.10 -5.46
N TYR B 398 -51.89 6.97 -4.58
CA TYR B 398 -53.22 6.74 -4.02
C TYR B 398 -54.30 6.90 -5.09
N THR B 399 -54.25 7.99 -5.87
CA THR B 399 -55.23 8.12 -6.92
C THR B 399 -55.04 7.05 -7.97
N ALA B 400 -53.79 6.67 -8.24
CA ALA B 400 -53.54 5.58 -9.17
C ALA B 400 -54.20 4.30 -8.69
N LEU B 401 -54.07 4.00 -7.39
CA LEU B 401 -54.80 2.88 -6.80
C LEU B 401 -56.30 3.07 -6.92
N LYS B 402 -56.79 4.30 -6.78
CA LYS B 402 -58.22 4.56 -6.94
C LYS B 402 -58.64 4.26 -8.37
N ALA B 403 -57.87 4.77 -9.34
CA ALA B 403 -58.09 4.45 -10.75
C ALA B 403 -58.00 2.96 -11.01
N MET B 404 -57.18 2.24 -10.25
CA MET B 404 -57.05 0.81 -10.46
C MET B 404 -58.24 0.04 -9.90
N ARG B 405 -58.66 0.35 -8.65
CA ARG B 405 -59.83 -0.32 -8.09
C ARG B 405 -61.06 -0.16 -8.97
N GLU B 406 -61.10 0.86 -9.83
CA GLU B 406 -62.25 1.20 -10.66
C GLU B 406 -62.10 0.77 -12.12
N ASN B 407 -61.16 -0.10 -12.45
CA ASN B 407 -60.91 -0.53 -13.83
C ASN B 407 -61.04 -2.04 -13.94
N GLU B 408 -61.68 -2.49 -15.02
CA GLU B 408 -62.01 -3.90 -15.19
C GLU B 408 -61.02 -4.63 -16.06
N VAL B 409 -60.33 -3.95 -16.99
CA VAL B 409 -59.36 -4.63 -17.82
C VAL B 409 -58.15 -5.09 -17.00
N ILE B 410 -57.76 -4.30 -15.99
CA ILE B 410 -56.58 -4.62 -15.19
C ILE B 410 -56.89 -5.75 -14.20
N LYS B 411 -58.11 -5.79 -13.67
CA LYS B 411 -58.48 -6.91 -12.81
C LYS B 411 -58.39 -8.24 -13.56
N LYS B 412 -58.56 -8.22 -14.89
CA LYS B 412 -58.41 -9.44 -15.66
C LYS B 412 -57.01 -9.66 -16.20
N ALA B 413 -56.19 -8.61 -16.32
CA ALA B 413 -54.79 -8.77 -16.70
C ALA B 413 -54.00 -9.49 -15.60
N LEU B 414 -54.37 -9.31 -14.34
CA LEU B 414 -53.61 -9.87 -13.24
C LEU B 414 -54.27 -11.09 -12.61
N GLY B 415 -55.59 -11.21 -12.75
CA GLY B 415 -56.32 -12.21 -11.99
C GLY B 415 -56.44 -11.75 -10.55
N ASN B 416 -57.30 -12.42 -9.77
CA ASN B 416 -57.68 -11.82 -8.50
C ASN B 416 -56.54 -11.82 -7.51
N HIS B 417 -55.69 -12.86 -7.50
CA HIS B 417 -54.67 -12.92 -6.47
C HIS B 417 -53.68 -11.76 -6.59
N ILE B 418 -53.13 -11.54 -7.79
CA ILE B 418 -52.16 -10.47 -7.99
C ILE B 418 -52.83 -9.10 -7.83
N TYR B 419 -54.00 -8.92 -8.46
CA TYR B 419 -54.77 -7.70 -8.24
C TYR B 419 -54.89 -7.41 -6.75
N ASN B 420 -55.46 -8.35 -5.98
CA ASN B 420 -55.76 -8.11 -4.57
C ASN B 420 -54.48 -7.88 -3.77
N GLN B 421 -53.48 -8.75 -3.94
CA GLN B 421 -52.21 -8.62 -3.25
C GLN B 421 -51.57 -7.25 -3.47
N PHE B 422 -51.50 -6.82 -4.74
CA PHE B 422 -50.89 -5.53 -5.06
C PHE B 422 -51.67 -4.35 -4.47
N ILE B 423 -53.00 -4.34 -4.63
CA ILE B 423 -53.80 -3.27 -4.01
C ILE B 423 -53.50 -3.19 -2.52
N ASN B 424 -53.59 -4.34 -1.84
CA ASN B 424 -53.39 -4.38 -0.40
C ASN B 424 -52.02 -3.84 -0.01
N SER B 425 -50.98 -4.37 -0.63
CA SER B 425 -49.62 -4.00 -0.25
C SER B 425 -49.37 -2.53 -0.51
N LYS B 426 -49.80 -2.03 -1.68
CA LYS B 426 -49.46 -0.66 -2.05
C LYS B 426 -50.29 0.35 -1.27
N SER B 427 -51.54 0.02 -0.94
CA SER B 427 -52.30 0.92 -0.08
C SER B 427 -51.59 1.15 1.22
N ILE B 428 -51.00 0.09 1.78
CA ILE B 428 -50.27 0.23 3.02
C ILE B 428 -48.98 1.00 2.80
N GLU B 429 -48.28 0.71 1.70
CA GLU B 429 -47.06 1.48 1.42
C GLU B 429 -47.37 2.97 1.35
N TRP B 430 -48.58 3.35 0.89
CA TRP B 430 -48.97 4.74 0.82
C TRP B 430 -49.28 5.30 2.21
N ASP B 431 -50.03 4.57 3.01
CA ASP B 431 -50.46 5.15 4.28
C ASP B 431 -49.33 5.30 5.28
N TYR B 432 -48.16 4.76 5.01
CA TYR B 432 -47.02 5.19 5.78
C TYR B 432 -46.49 6.51 5.25
N TYR B 433 -46.28 6.57 3.92
CA TYR B 433 -45.77 7.78 3.28
C TYR B 433 -46.59 9.00 3.65
N ARG B 434 -47.92 8.87 3.60
CA ARG B 434 -48.75 10.05 3.84
C ARG B 434 -48.62 10.57 5.27
N THR B 435 -47.99 9.81 6.17
CA THR B 435 -47.89 10.25 7.56
C THR B 435 -46.52 10.82 7.92
N GLN B 436 -45.49 10.60 7.11
CA GLN B 436 -44.16 11.07 7.46
C GLN B 436 -44.04 12.55 7.14
N VAL B 437 -43.24 13.26 7.93
CA VAL B 437 -43.01 14.69 7.76
C VAL B 437 -41.78 14.90 6.89
N SER B 438 -41.94 15.59 5.76
CA SER B 438 -40.81 15.79 4.87
C SER B 438 -39.90 16.88 5.40
N GLU B 439 -38.62 16.78 5.09
CA GLU B 439 -37.76 17.92 5.41
C GLU B 439 -38.14 19.13 4.58
N TRP B 440 -38.77 18.94 3.41
CA TRP B 440 -39.35 20.09 2.73
C TRP B 440 -40.28 20.84 3.66
N GLU B 441 -41.16 20.12 4.35
CA GLU B 441 -42.13 20.79 5.23
C GLU B 441 -41.45 21.51 6.38
N ARG B 442 -40.48 20.87 7.03
CA ARG B 442 -39.79 21.48 8.16
C ARG B 442 -38.86 22.61 7.74
N ASP B 443 -38.48 22.70 6.46
CA ASP B 443 -37.63 23.79 6.01
C ASP B 443 -38.43 25.05 5.69
N GLN B 444 -39.57 24.89 5.02
CA GLN B 444 -40.39 26.05 4.67
C GLN B 444 -41.17 26.57 5.88
N TYR B 445 -41.66 25.65 6.73
CA TYR B 445 -42.67 25.99 7.72
C TYR B 445 -42.16 26.18 9.15
N MET B 446 -41.01 25.60 9.50
CA MET B 446 -40.70 25.45 10.93
C MET B 446 -40.20 26.74 11.58
N LYS B 447 -39.69 27.70 10.81
CA LYS B 447 -39.35 29.01 11.38
C LYS B 447 -40.42 30.04 11.09
N GLN B 448 -41.01 29.96 9.89
CA GLN B 448 -42.06 30.89 9.49
C GLN B 448 -43.27 30.82 10.42
N TYR B 449 -43.60 29.63 10.93
CA TYR B 449 -44.78 29.38 11.78
C TYR B 449 -44.38 28.86 13.16
N THR C 8 53.81 -5.42 -3.24
CA THR C 8 53.09 -6.68 -3.37
C THR C 8 52.03 -6.63 -4.46
N PHE C 9 51.25 -5.54 -4.48
CA PHE C 9 50.30 -5.24 -5.55
C PHE C 9 50.89 -4.16 -6.46
N THR C 10 50.67 -4.31 -7.76
CA THR C 10 51.30 -3.45 -8.76
C THR C 10 50.22 -2.92 -9.70
N LYS C 11 50.62 -1.97 -10.55
CA LYS C 11 49.66 -1.25 -11.37
C LYS C 11 48.99 -2.12 -12.42
N GLU C 12 49.66 -3.15 -12.92
CA GLU C 12 48.99 -4.01 -13.88
C GLU C 12 48.12 -5.07 -13.21
N ASP C 13 48.34 -5.35 -11.91
CA ASP C 13 47.32 -6.05 -11.14
C ASP C 13 46.01 -5.25 -11.15
N ILE C 14 46.07 -3.99 -10.71
CA ILE C 14 44.91 -3.11 -10.74
C ILE C 14 44.28 -3.09 -12.12
N ARG C 15 45.10 -2.91 -13.16
CA ARG C 15 44.55 -2.65 -14.49
C ARG C 15 43.63 -3.77 -14.96
N LYS C 16 44.04 -5.04 -14.79
CA LYS C 16 43.21 -6.15 -15.25
C LYS C 16 42.11 -6.51 -14.26
N PHE C 17 42.32 -6.26 -12.96
CA PHE C 17 41.20 -6.36 -12.03
C PHE C 17 39.97 -5.65 -12.59
N VAL C 18 40.17 -4.44 -13.11
CA VAL C 18 39.10 -3.67 -13.72
C VAL C 18 38.50 -4.42 -14.90
N GLU C 19 39.34 -4.70 -15.91
CA GLU C 19 38.79 -5.21 -17.15
C GLU C 19 37.98 -6.50 -16.93
N GLU C 20 38.46 -7.40 -16.07
CA GLU C 20 37.86 -8.72 -15.88
C GLU C 20 36.64 -8.69 -14.98
N GLU C 21 36.62 -7.83 -13.96
CA GLU C 21 35.48 -7.66 -13.07
C GLU C 21 34.53 -6.55 -13.49
N ASN C 22 34.90 -5.78 -14.51
CA ASN C 22 34.07 -4.72 -15.09
C ASN C 22 33.60 -3.74 -14.02
N VAL C 23 34.56 -3.29 -13.20
CA VAL C 23 34.28 -2.19 -12.29
C VAL C 23 34.23 -0.90 -13.09
N ARG C 24 33.34 0.02 -12.69
CA ARG C 24 33.05 1.19 -13.50
C ARG C 24 33.44 2.50 -12.85
N TYR C 25 33.59 2.54 -11.52
CA TYR C 25 33.96 3.73 -10.78
C TYR C 25 34.94 3.37 -9.67
N LEU C 26 35.82 4.31 -9.32
CA LEU C 26 36.75 4.12 -8.20
C LEU C 26 36.54 5.21 -7.17
N ARG C 27 36.40 4.79 -5.92
CA ARG C 27 36.25 5.69 -4.79
C ARG C 27 37.58 5.69 -4.03
N LEU C 28 38.23 6.84 -3.95
CA LEU C 28 39.50 7.00 -3.25
C LEU C 28 39.27 7.59 -1.86
N GLN C 29 39.80 6.95 -0.83
CA GLN C 29 39.53 7.31 0.56
C GLN C 29 40.79 7.74 1.28
N PHE C 30 40.66 8.72 2.16
CA PHE C 30 41.68 9.04 3.15
C PHE C 30 41.01 9.55 4.40
N THR C 31 41.82 9.96 5.38
CA THR C 31 41.36 10.11 6.76
C THR C 31 41.90 11.40 7.34
N ASP C 32 41.01 12.26 7.83
CA ASP C 32 41.44 13.48 8.50
C ASP C 32 41.86 13.15 9.92
N ILE C 33 42.23 14.18 10.69
CA ILE C 33 42.76 14.02 12.03
C ILE C 33 41.69 13.69 13.07
N LEU C 34 40.43 13.95 12.78
CA LEU C 34 39.37 13.44 13.65
C LEU C 34 39.05 11.99 13.40
N GLY C 35 39.72 11.36 12.42
CA GLY C 35 39.40 10.00 12.01
C GLY C 35 38.28 9.86 11.02
N THR C 36 37.71 10.95 10.51
CA THR C 36 36.65 10.85 9.51
C THR C 36 37.17 10.43 8.13
N ILE C 37 36.48 9.44 7.52
CA ILE C 37 36.76 9.04 6.15
C ILE C 37 36.37 10.17 5.21
N LYS C 38 37.18 10.37 4.19
CA LYS C 38 36.97 11.36 3.15
C LYS C 38 37.19 10.69 1.80
N ASN C 39 36.33 10.94 0.83
CA ASN C 39 36.51 10.26 -0.45
C ASN C 39 35.95 11.06 -1.61
N VAL C 40 36.47 10.77 -2.79
CA VAL C 40 36.01 11.28 -4.09
C VAL C 40 35.82 10.09 -5.02
N GLU C 41 34.76 10.12 -5.84
CA GLU C 41 34.45 9.04 -6.76
C GLU C 41 34.77 9.44 -8.19
N VAL C 42 35.66 8.70 -8.83
CA VAL C 42 36.06 9.00 -10.20
C VAL C 42 35.70 7.83 -11.10
N PRO C 43 35.28 8.06 -12.35
CA PRO C 43 35.09 6.94 -13.29
C PRO C 43 36.43 6.31 -13.62
N VAL C 44 36.39 5.04 -14.03
CA VAL C 44 37.62 4.31 -14.32
C VAL C 44 38.28 4.76 -15.61
N SER C 45 37.56 5.56 -16.41
CA SER C 45 38.22 6.37 -17.43
C SER C 45 39.43 7.12 -16.89
N GLN C 46 39.42 7.47 -15.59
CA GLN C 46 40.49 8.20 -14.93
C GLN C 46 41.42 7.30 -14.13
N LEU C 47 41.54 6.03 -14.52
CA LEU C 47 42.41 5.12 -13.78
C LEU C 47 43.87 5.51 -13.91
N GLU C 48 44.30 6.06 -15.04
CA GLU C 48 45.72 6.38 -15.22
C GLU C 48 46.10 7.78 -14.75
N LYS C 49 45.11 8.63 -14.47
CA LYS C 49 45.36 9.80 -13.63
C LYS C 49 45.56 9.38 -12.17
N VAL C 50 44.84 8.33 -11.74
CA VAL C 50 44.90 7.86 -10.36
C VAL C 50 46.20 7.13 -10.08
N LEU C 51 46.59 6.21 -10.97
CA LEU C 51 47.83 5.46 -10.76
C LEU C 51 49.05 6.35 -11.02
N ASP C 52 48.94 7.30 -11.94
CA ASP C 52 50.00 8.26 -12.18
C ASP C 52 50.15 9.27 -11.03
N ASN C 53 49.18 9.29 -10.11
CA ASN C 53 49.17 10.12 -8.90
C ASN C 53 48.78 11.58 -9.15
N GLU C 54 48.15 11.88 -10.29
CA GLU C 54 47.81 13.25 -10.69
C GLU C 54 46.51 13.75 -10.05
N MET C 55 45.92 12.99 -9.12
CA MET C 55 44.64 13.32 -8.52
C MET C 55 44.82 14.26 -7.34
N MET C 56 44.09 15.39 -7.34
CA MET C 56 44.32 16.40 -6.33
C MET C 56 43.00 16.98 -5.84
N PHE C 57 43.04 17.51 -4.62
CA PHE C 57 41.87 18.00 -3.90
C PHE C 57 42.25 19.28 -3.16
N ASP C 58 41.27 19.84 -2.46
CA ASP C 58 41.44 21.06 -1.66
C ASP C 58 41.65 20.69 -0.19
N GLY C 59 42.81 21.08 0.36
CA GLY C 59 43.18 20.64 1.70
C GLY C 59 42.73 21.55 2.81
N SER C 60 42.36 22.77 2.43
CA SER C 60 41.81 23.70 3.40
C SER C 60 40.40 23.34 3.82
N SER C 61 39.74 22.44 3.10
CA SER C 61 38.40 21.97 3.45
C SER C 61 38.43 20.69 4.28
N ILE C 62 39.59 20.32 4.81
CA ILE C 62 39.77 19.14 5.66
C ILE C 62 40.49 19.58 6.92
N GLU C 63 39.96 19.22 8.09
CA GLU C 63 40.48 19.77 9.34
C GLU C 63 41.77 19.04 9.70
N GLY C 64 42.82 19.80 10.02
CA GLY C 64 44.15 19.30 10.27
C GLY C 64 45.13 19.44 9.12
N PHE C 65 44.65 19.80 7.93
CA PHE C 65 45.47 19.88 6.73
C PHE C 65 46.01 21.30 6.45
N VAL C 66 46.33 21.57 5.18
CA VAL C 66 46.82 22.86 4.71
C VAL C 66 45.88 24.03 5.05
N ARG C 67 46.45 25.23 5.09
CA ARG C 67 45.76 26.50 5.06
C ARG C 67 45.33 26.87 3.63
N ILE C 68 44.38 27.79 3.52
CA ILE C 68 43.76 28.07 2.22
C ILE C 68 44.74 28.77 1.28
N GLU C 69 45.71 29.50 1.83
CA GLU C 69 46.78 30.08 0.99
C GLU C 69 47.68 29.03 0.36
N GLU C 70 47.62 27.77 0.84
CA GLU C 70 48.47 26.67 0.35
C GLU C 70 47.61 25.48 -0.07
N SER C 71 46.39 25.74 -0.55
CA SER C 71 45.30 24.76 -0.49
C SER C 71 45.64 23.40 -1.12
N ASP C 72 46.35 23.39 -2.25
CA ASP C 72 46.41 22.19 -3.10
C ASP C 72 47.12 21.01 -2.44
N MET C 73 46.49 19.84 -2.53
CA MET C 73 47.06 18.56 -2.08
C MET C 73 46.91 17.50 -3.16
N TYR C 74 47.73 16.45 -3.04
CA TYR C 74 47.68 15.30 -3.93
C TYR C 74 47.39 14.04 -3.12
N LEU C 75 46.82 13.05 -3.80
CA LEU C 75 46.52 11.74 -3.21
C LEU C 75 47.25 10.65 -3.99
N HIS C 76 47.98 9.80 -3.27
CA HIS C 76 48.76 8.71 -3.85
C HIS C 76 48.13 7.38 -3.46
N PRO C 77 47.46 6.65 -4.36
CA PRO C 77 46.81 5.41 -3.93
C PRO C 77 47.85 4.37 -3.51
N ASP C 78 47.63 3.80 -2.33
CA ASP C 78 48.28 2.56 -1.88
C ASP C 78 47.48 1.40 -2.48
N LEU C 79 48.02 0.82 -3.56
CA LEU C 79 47.31 -0.20 -4.34
C LEU C 79 47.04 -1.48 -3.55
N ASP C 80 47.72 -1.68 -2.42
CA ASP C 80 47.48 -2.86 -1.58
C ASP C 80 46.08 -2.88 -1.01
N THR C 81 45.42 -1.72 -0.90
CA THR C 81 44.12 -1.64 -0.27
C THR C 81 42.99 -1.94 -1.24
N TRP C 82 43.30 -2.36 -2.46
CA TRP C 82 42.25 -2.55 -3.46
C TRP C 82 41.20 -3.55 -2.95
N VAL C 83 39.93 -3.15 -3.03
CA VAL C 83 38.83 -4.04 -2.68
C VAL C 83 37.57 -3.48 -3.32
N ILE C 84 36.70 -4.39 -3.79
CA ILE C 84 35.46 -4.05 -4.47
C ILE C 84 34.33 -4.04 -3.45
N PHE C 85 33.42 -3.07 -3.56
CA PHE C 85 32.24 -3.09 -2.69
C PHE C 85 31.29 -4.18 -3.20
N PRO C 86 30.96 -5.18 -2.37
CA PRO C 86 30.14 -6.30 -2.84
C PRO C 86 28.65 -6.01 -2.90
N TRP C 87 28.21 -4.81 -2.53
CA TRP C 87 26.82 -4.43 -2.63
C TRP C 87 26.55 -3.52 -3.83
N THR C 88 27.41 -3.53 -4.83
CA THR C 88 27.16 -2.73 -6.02
C THR C 88 27.08 -3.62 -7.26
N ALA C 89 26.25 -3.19 -8.21
CA ALA C 89 25.78 -3.97 -9.35
C ALA C 89 26.87 -4.08 -10.41
N GLY C 90 26.49 -4.41 -11.64
CA GLY C 90 27.42 -4.44 -12.75
C GLY C 90 27.72 -3.08 -13.36
N GLN C 91 26.68 -2.27 -13.59
CA GLN C 91 26.84 -0.95 -14.17
C GLN C 91 27.00 0.15 -13.13
N GLY C 92 26.84 -0.17 -11.85
CA GLY C 92 27.12 0.78 -10.78
C GLY C 92 28.22 0.30 -9.85
N LYS C 93 29.10 -0.57 -10.35
CA LYS C 93 30.03 -1.29 -9.50
C LYS C 93 31.23 -0.41 -9.15
N VAL C 94 31.63 -0.44 -7.87
CA VAL C 94 32.56 0.53 -7.30
C VAL C 94 33.61 -0.17 -6.45
N ALA C 95 34.87 0.21 -6.63
CA ALA C 95 35.96 -0.31 -5.84
C ALA C 95 36.76 0.86 -5.26
N ARG C 96 37.39 0.63 -4.11
CA ARG C 96 38.06 1.70 -3.40
C ARG C 96 39.57 1.52 -3.38
N LEU C 97 40.27 2.63 -3.20
CA LEU C 97 41.69 2.64 -2.92
C LEU C 97 41.92 3.65 -1.80
N ILE C 98 42.50 3.20 -0.68
CA ILE C 98 42.91 4.15 0.35
C ILE C 98 44.16 4.87 -0.13
N CYS C 99 44.23 6.17 0.12
CA CYS C 99 45.40 6.94 -0.33
C CYS C 99 46.11 7.55 0.85
N ASP C 100 47.36 7.92 0.62
CA ASP C 100 48.08 8.82 1.51
C ASP C 100 48.11 10.18 0.84
N VAL C 101 48.27 11.21 1.65
CA VAL C 101 48.30 12.58 1.14
C VAL C 101 49.75 13.01 0.95
N TYR C 102 50.00 13.68 -0.17
CA TYR C 102 51.30 14.21 -0.51
C TYR C 102 51.17 15.69 -0.85
N LYS C 103 52.27 16.42 -0.68
CA LYS C 103 52.26 17.84 -0.98
C LYS C 103 52.50 18.07 -2.46
N THR C 104 52.31 19.33 -2.86
CA THR C 104 52.52 19.72 -4.24
C THR C 104 53.96 19.53 -4.70
N ASP C 105 54.92 19.39 -3.77
CA ASP C 105 56.30 19.16 -4.12
C ASP C 105 56.65 17.68 -4.32
N GLY C 106 55.73 16.76 -4.05
CA GLY C 106 55.96 15.35 -4.27
C GLY C 106 56.31 14.57 -3.02
N THR C 107 56.64 15.26 -1.94
CA THR C 107 56.96 14.63 -0.65
C THR C 107 55.69 14.33 0.14
N PRO C 108 55.68 13.25 0.92
CA PRO C 108 54.53 12.97 1.79
C PRO C 108 54.26 14.11 2.76
N PHE C 109 53.01 14.16 3.22
CA PHE C 109 52.47 15.25 4.02
C PHE C 109 52.57 14.89 5.50
N GLU C 110 53.18 15.77 6.30
CA GLU C 110 53.40 15.53 7.72
C GLU C 110 52.12 15.60 8.55
N GLY C 111 50.97 15.88 7.93
CA GLY C 111 49.70 15.90 8.63
C GLY C 111 48.80 14.73 8.27
N ASP C 112 49.22 13.93 7.31
CA ASP C 112 48.49 12.72 6.96
C ASP C 112 48.68 11.66 8.04
N PRO C 113 47.62 11.21 8.71
CA PRO C 113 47.83 10.25 9.81
C PRO C 113 48.32 8.90 9.34
N ARG C 114 47.78 8.40 8.22
CA ARG C 114 48.24 7.12 7.70
C ARG C 114 49.74 7.16 7.42
N ALA C 115 50.20 8.22 6.76
CA ALA C 115 51.63 8.35 6.50
C ALA C 115 52.39 8.51 7.82
N ASN C 116 51.86 9.27 8.78
CA ASN C 116 52.52 9.39 10.08
C ASN C 116 52.67 8.04 10.74
N LEU C 117 51.61 7.23 10.77
CA LEU C 117 51.72 5.93 11.41
C LEU C 117 52.76 5.05 10.70
N LYS C 118 52.65 4.90 9.37
CA LYS C 118 53.65 4.10 8.68
C LYS C 118 55.06 4.65 8.93
N ARG C 119 55.19 5.93 9.31
CA ARG C 119 56.49 6.44 9.74
C ARG C 119 56.88 5.86 11.08
N VAL C 120 55.98 5.88 12.06
CA VAL C 120 56.33 5.43 13.40
C VAL C 120 56.55 3.92 13.43
N LEU C 121 55.85 3.19 12.57
CA LEU C 121 56.19 1.78 12.37
C LEU C 121 57.62 1.63 11.88
N LYS C 122 58.12 2.58 11.08
CA LYS C 122 59.45 2.49 10.48
C LYS C 122 60.57 2.67 11.48
N GLU C 123 60.28 3.17 12.69
CA GLU C 123 61.25 3.11 13.79
C GLU C 123 61.00 1.92 14.70
N MET C 124 59.96 1.12 14.41
CA MET C 124 59.64 -0.11 15.13
C MET C 124 60.22 -1.33 14.45
N GLU C 125 60.22 -1.38 13.13
CA GLU C 125 61.10 -2.32 12.47
C GLU C 125 62.54 -1.82 12.50
N ASP C 126 62.78 -0.52 12.61
CA ASP C 126 64.08 -0.08 13.17
C ASP C 126 64.40 -0.88 14.43
N LEU C 127 63.47 -0.91 15.38
CA LEU C 127 63.92 -1.44 16.62
C LEU C 127 64.18 -2.93 16.66
N GLY C 128 63.83 -3.72 15.62
CA GLY C 128 64.08 -5.15 15.74
C GLY C 128 63.00 -6.08 15.24
N PHE C 129 61.82 -5.52 15.00
CA PHE C 129 60.57 -6.24 14.80
C PHE C 129 60.10 -6.05 13.38
N THR C 130 59.24 -6.96 12.94
CA THR C 130 58.77 -6.97 11.56
C THR C 130 57.35 -6.44 11.40
N ASP C 131 56.41 -6.89 12.23
CA ASP C 131 55.01 -6.50 12.15
C ASP C 131 54.52 -6.08 13.53
N PHE C 132 53.56 -5.15 13.56
CA PHE C 132 52.91 -4.69 14.79
C PHE C 132 51.41 -4.90 14.64
N ASN C 133 50.92 -6.06 15.07
CA ASN C 133 49.53 -6.42 14.84
C ASN C 133 48.61 -5.79 15.88
N LEU C 134 47.39 -5.47 15.43
CA LEU C 134 46.32 -4.89 16.24
C LEU C 134 45.06 -5.71 16.05
N GLY C 135 44.46 -6.11 17.16
CA GLY C 135 43.09 -6.57 17.15
C GLY C 135 42.19 -5.51 17.73
N PRO C 136 41.43 -4.82 16.87
CA PRO C 136 40.57 -3.71 17.31
C PRO C 136 39.17 -4.17 17.62
N GLU C 137 38.58 -3.63 18.69
CA GLU C 137 37.30 -4.09 19.20
C GLU C 137 36.26 -2.97 19.28
N PRO C 138 35.67 -2.40 18.10
CA PRO C 138 34.54 -1.21 17.69
C PRO C 138 33.21 -1.72 18.22
N GLU C 139 32.93 -1.43 19.48
CA GLU C 139 31.61 -1.68 20.10
C GLU C 139 30.69 -0.58 19.63
N PHE C 140 29.51 -0.90 19.12
CA PHE C 140 28.66 0.22 18.64
C PHE C 140 27.26 0.14 19.21
N PHE C 141 26.49 1.17 18.91
CA PHE C 141 25.11 1.28 19.33
C PHE C 141 24.19 1.38 18.12
N LEU C 142 22.97 0.87 18.26
CA LEU C 142 21.95 0.92 17.20
C LEU C 142 20.71 1.68 17.69
N PHE C 143 20.31 2.73 16.96
CA PHE C 143 19.20 3.59 17.36
C PHE C 143 18.12 3.60 16.29
N LYS C 144 16.86 3.55 16.72
CA LYS C 144 15.75 3.58 15.78
C LYS C 144 15.72 4.91 15.03
N LEU C 145 15.21 4.87 13.79
CA LEU C 145 15.06 6.04 12.94
C LEU C 145 13.60 6.48 12.92
N ASP C 146 13.37 7.78 12.76
CA ASP C 146 12.01 8.32 12.71
C ASP C 146 11.44 8.24 11.31
N GLU C 147 10.24 8.81 11.15
CA GLU C 147 9.52 8.75 9.88
C GLU C 147 10.26 9.53 8.79
N LYS C 148 10.73 10.73 9.12
CA LYS C 148 11.46 11.59 8.19
C LYS C 148 12.93 11.19 8.07
N GLY C 149 13.38 10.18 8.81
CA GLY C 149 14.60 9.47 8.51
C GLY C 149 15.81 9.80 9.36
N GLU C 150 15.66 10.59 10.41
CA GLU C 150 16.77 10.99 11.25
C GLU C 150 16.86 10.08 12.47
N PRO C 151 18.00 10.07 13.15
CA PRO C 151 18.12 9.19 14.32
C PRO C 151 17.29 9.72 15.47
N THR C 152 16.41 8.86 15.97
CA THR C 152 15.74 9.11 17.23
C THR C 152 16.57 8.56 18.38
N LEU C 153 16.13 8.86 19.60
CA LEU C 153 16.88 8.53 20.80
C LEU C 153 16.41 7.24 21.42
N GLU C 154 15.60 6.48 20.69
CA GLU C 154 15.16 5.15 21.10
C GLU C 154 16.17 4.08 20.65
N LEU C 155 16.58 3.21 21.59
CA LEU C 155 17.43 2.08 21.22
C LEU C 155 16.64 1.03 20.42
N ASN C 156 17.38 0.16 19.71
CA ASN C 156 16.74 -0.81 18.83
C ASN C 156 16.25 -2.03 19.61
N ASP C 157 16.74 -2.23 20.83
CA ASP C 157 16.24 -3.28 21.70
C ASP C 157 16.71 -2.96 23.11
N ASP C 158 16.25 -3.76 24.07
CA ASP C 158 16.61 -3.61 25.47
C ASP C 158 17.42 -4.81 25.97
N GLY C 159 18.25 -5.40 25.10
CA GLY C 159 18.98 -6.60 25.45
C GLY C 159 20.30 -6.36 26.17
N GLY C 160 20.91 -7.46 26.58
CA GLY C 160 22.24 -7.36 27.14
C GLY C 160 23.25 -8.33 26.55
N TYR C 161 24.35 -8.46 27.30
CA TYR C 161 25.46 -9.30 26.88
C TYR C 161 24.95 -10.67 26.42
N PHE C 162 25.18 -10.96 25.14
CA PHE C 162 25.03 -12.30 24.58
C PHE C 162 23.57 -12.72 24.46
N ASP C 163 22.67 -11.76 24.26
CA ASP C 163 21.27 -12.15 24.24
C ASP C 163 20.83 -12.63 22.85
N LEU C 164 19.78 -13.44 22.85
CA LEU C 164 19.22 -13.97 21.61
C LEU C 164 17.99 -13.18 21.22
N ALA C 165 17.67 -13.25 19.93
CA ALA C 165 16.35 -12.81 19.46
C ALA C 165 15.26 -13.56 20.23
N PRO C 166 14.16 -12.89 20.59
CA PRO C 166 13.93 -11.48 20.31
C PRO C 166 14.37 -10.45 21.37
N THR C 167 15.03 -10.81 22.48
CA THR C 167 15.61 -9.78 23.35
C THR C 167 16.67 -8.97 22.58
N ASP C 168 17.50 -9.66 21.81
CA ASP C 168 18.38 -9.04 20.82
C ASP C 168 17.59 -8.90 19.52
N LEU C 169 17.19 -7.68 19.20
CA LEU C 169 16.56 -7.45 17.90
C LEU C 169 17.56 -7.08 16.82
N GLY C 170 18.84 -6.91 17.16
CA GLY C 170 19.86 -6.52 16.22
C GLY C 170 20.52 -7.66 15.47
N GLU C 171 19.95 -8.87 15.56
CA GLU C 171 20.60 -10.04 14.97
C GLU C 171 20.66 -9.93 13.47
N ASN C 172 19.65 -9.34 12.84
CA ASN C 172 19.61 -9.32 11.39
C ASN C 172 20.50 -8.23 10.80
N CYS C 173 20.65 -7.11 11.51
CA CYS C 173 21.66 -6.13 11.14
C CYS C 173 23.04 -6.77 11.16
N ARG C 174 23.42 -7.37 12.29
CA ARG C 174 24.75 -7.92 12.39
C ARG C 174 25.01 -8.96 11.29
N ARG C 175 24.00 -9.76 10.95
CA ARG C 175 24.20 -10.78 9.94
C ARG C 175 24.54 -10.17 8.60
N ASP C 176 23.81 -9.11 8.21
CA ASP C 176 24.10 -8.40 6.98
C ASP C 176 25.40 -7.63 7.05
N ILE C 177 25.78 -7.20 8.26
CA ILE C 177 27.06 -6.53 8.42
C ILE C 177 28.20 -7.53 8.23
N VAL C 178 28.14 -8.69 8.90
CA VAL C 178 29.28 -9.62 8.73
C VAL C 178 29.23 -10.28 7.35
N LEU C 179 28.04 -10.40 6.73
CA LEU C 179 28.01 -10.95 5.38
C LEU C 179 28.79 -10.07 4.41
N GLU C 180 28.57 -8.75 4.46
CA GLU C 180 29.20 -7.86 3.48
C GLU C 180 30.67 -7.62 3.81
N LEU C 181 31.06 -7.72 5.09
CA LEU C 181 32.47 -7.68 5.43
C LEU C 181 33.20 -8.94 4.94
N GLU C 182 32.64 -10.11 5.22
CA GLU C 182 33.21 -11.35 4.70
C GLU C 182 33.48 -11.25 3.20
N ASP C 183 32.47 -10.85 2.42
CA ASP C 183 32.71 -10.73 0.99
C ASP C 183 33.63 -9.57 0.65
N MET C 184 34.17 -8.88 1.65
CA MET C 184 35.17 -7.84 1.42
C MET C 184 36.55 -8.26 1.90
N GLY C 185 36.72 -9.51 2.32
CA GLY C 185 38.01 -10.01 2.73
C GLY C 185 38.27 -9.98 4.21
N PHE C 186 37.26 -9.71 5.03
CA PHE C 186 37.42 -9.69 6.47
C PHE C 186 37.46 -11.10 7.03
N ASP C 187 38.39 -11.34 7.95
CA ASP C 187 38.39 -12.56 8.75
C ASP C 187 37.62 -12.26 10.04
N ILE C 188 36.28 -12.42 9.96
CA ILE C 188 35.37 -12.18 11.06
C ILE C 188 35.54 -13.26 12.12
N GLU C 189 35.36 -12.90 13.39
CA GLU C 189 35.59 -13.84 14.47
C GLU C 189 34.35 -13.99 15.35
N ALA C 190 33.52 -12.95 15.48
CA ALA C 190 32.30 -13.10 16.26
C ALA C 190 31.39 -11.89 16.07
N SER C 191 30.10 -12.13 16.17
CA SER C 191 29.11 -11.09 16.35
C SER C 191 28.31 -11.43 17.59
N HIS C 192 27.86 -10.42 18.34
CA HIS C 192 27.10 -10.71 19.54
C HIS C 192 26.54 -9.42 20.12
N HIS C 193 25.49 -9.55 20.94
CA HIS C 193 24.96 -8.41 21.69
C HIS C 193 25.90 -8.08 22.86
N GLU C 194 26.21 -6.79 23.04
CA GLU C 194 27.09 -6.36 24.11
C GLU C 194 26.26 -5.98 25.34
N VAL C 195 26.96 -5.56 26.40
CA VAL C 195 26.36 -5.43 27.72
C VAL C 195 25.14 -4.51 27.68
N ALA C 196 25.30 -3.33 27.11
CA ALA C 196 24.21 -2.37 27.28
C ALA C 196 23.12 -2.58 26.23
N PRO C 197 21.93 -2.04 26.45
CA PRO C 197 20.84 -2.23 25.48
C PRO C 197 21.11 -1.48 24.18
N GLY C 198 20.69 -2.07 23.07
CA GLY C 198 21.01 -1.54 21.76
C GLY C 198 22.48 -1.59 21.34
N GLN C 199 23.31 -2.33 22.09
CA GLN C 199 24.77 -2.31 21.92
C GLN C 199 25.32 -3.62 21.35
N HIS C 200 26.13 -3.50 20.30
CA HIS C 200 26.52 -4.66 19.52
C HIS C 200 28.02 -4.64 19.28
N GLU C 201 28.60 -5.83 19.19
CA GLU C 201 30.03 -5.98 18.96
C GLU C 201 30.26 -6.93 17.80
N ILE C 202 31.16 -6.57 16.89
CA ILE C 202 31.62 -7.49 15.86
C ILE C 202 33.15 -7.44 15.88
N ASP C 203 33.78 -8.61 16.01
CA ASP C 203 35.23 -8.73 16.17
C ASP C 203 35.84 -9.40 14.95
N PHE C 204 37.03 -8.96 14.55
CA PHE C 204 37.67 -9.58 13.40
C PHE C 204 39.15 -9.77 13.69
N LYS C 205 39.77 -10.70 12.94
CA LYS C 205 41.15 -11.12 13.19
C LYS C 205 42.13 -9.95 13.17
N TYR C 206 43.19 -10.08 13.98
CA TYR C 206 44.25 -9.08 13.99
C TYR C 206 44.92 -9.01 12.61
N ALA C 207 45.66 -7.92 12.39
CA ALA C 207 46.31 -7.65 11.13
C ALA C 207 47.37 -6.60 11.38
N ASP C 208 48.33 -6.51 10.44
CA ASP C 208 49.43 -5.56 10.59
C ASP C 208 48.87 -4.17 10.85
N ALA C 209 49.70 -3.34 11.49
CA ALA C 209 49.25 -2.05 12.03
C ALA C 209 48.45 -1.24 11.00
N VAL C 210 48.99 -1.07 9.78
CA VAL C 210 48.31 -0.19 8.83
C VAL C 210 47.00 -0.80 8.38
N THR C 211 47.03 -2.04 7.86
CA THR C 211 45.78 -2.64 7.37
C THR C 211 44.74 -2.71 8.49
N ALA C 212 45.19 -2.98 9.73
CA ALA C 212 44.29 -3.04 10.89
C ALA C 212 43.49 -1.75 11.07
N CYS C 213 44.17 -0.59 10.97
CA CYS C 213 43.52 0.72 10.99
C CYS C 213 42.64 0.93 9.78
N ASP C 214 43.17 0.64 8.59
CA ASP C 214 42.34 0.56 7.41
C ASP C 214 41.11 -0.32 7.67
N ASN C 215 41.28 -1.40 8.45
CA ASN C 215 40.15 -2.26 8.73
C ASN C 215 39.09 -1.54 9.54
N ILE C 216 39.48 -0.83 10.60
CA ILE C 216 38.42 -0.26 11.44
C ILE C 216 37.75 0.91 10.74
N GLN C 217 38.48 1.61 9.87
CA GLN C 217 37.85 2.65 9.05
C GLN C 217 36.73 2.06 8.19
N THR C 218 37.07 1.01 7.44
CA THR C 218 36.06 0.34 6.62
C THR C 218 34.96 -0.22 7.50
N PHE C 219 35.33 -0.76 8.65
CA PHE C 219 34.32 -1.31 9.56
C PHE C 219 33.30 -0.26 9.94
N LYS C 220 33.79 0.85 10.52
CA LYS C 220 32.90 1.96 10.91
C LYS C 220 31.88 2.26 9.81
N LEU C 221 32.31 2.19 8.55
CA LEU C 221 31.50 2.70 7.45
C LEU C 221 30.39 1.74 7.03
N VAL C 222 30.70 0.46 6.78
CA VAL C 222 29.68 -0.52 6.37
C VAL C 222 28.68 -0.76 7.48
N VAL C 223 29.14 -0.71 8.74
CA VAL C 223 28.20 -0.74 9.85
C VAL C 223 27.15 0.35 9.67
N LYS C 224 27.60 1.60 9.64
CA LYS C 224 26.69 2.72 9.42
C LYS C 224 25.86 2.52 8.16
N THR C 225 26.51 2.14 7.05
CA THR C 225 25.81 1.88 5.79
C THR C 225 24.68 0.86 5.96
N ILE C 226 25.01 -0.35 6.41
CA ILE C 226 23.97 -1.37 6.50
C ILE C 226 22.95 -0.98 7.55
N ALA C 227 23.38 -0.35 8.64
CA ALA C 227 22.44 0.03 9.67
C ALA C 227 21.29 0.85 9.07
N ARG C 228 21.61 1.78 8.17
CA ARG C 228 20.57 2.62 7.60
C ARG C 228 19.66 1.82 6.66
N LYS C 229 20.18 0.76 6.02
CA LYS C 229 19.33 -0.10 5.20
C LYS C 229 18.29 -0.83 6.06
N HIS C 230 18.60 -1.09 7.34
CA HIS C 230 17.64 -1.63 8.28
C HIS C 230 16.87 -0.55 9.07
N ASN C 231 16.79 0.66 8.55
CA ASN C 231 16.08 1.78 9.21
C ASN C 231 16.61 2.04 10.61
N LEU C 232 17.90 1.82 10.79
CA LEU C 232 18.58 2.09 12.05
C LEU C 232 19.70 3.09 11.84
N HIS C 233 20.14 3.68 12.93
CA HIS C 233 21.29 4.57 12.90
C HIS C 233 22.37 4.06 13.86
N ALA C 234 23.53 3.74 13.32
CA ALA C 234 24.66 3.26 14.11
C ALA C 234 25.53 4.42 14.62
N THR C 235 25.91 4.36 15.89
CA THR C 235 26.81 5.37 16.42
C THR C 235 27.98 4.71 17.13
N PHE C 236 29.14 5.33 16.97
CA PHE C 236 30.34 4.94 17.68
C PHE C 236 30.73 5.95 18.75
N MET C 237 29.77 6.75 19.21
CA MET C 237 30.04 7.66 20.33
C MET C 237 30.32 6.86 21.61
N PRO C 238 31.37 7.23 22.37
CA PRO C 238 31.73 6.46 23.57
C PRO C 238 30.60 6.22 24.58
N LYS C 239 29.88 7.26 25.06
CA LYS C 239 28.79 7.06 26.03
C LYS C 239 27.54 7.83 25.66
N PRO C 240 26.69 7.26 24.78
CA PRO C 240 25.41 7.93 24.44
C PRO C 240 24.47 8.17 25.61
N LEU C 241 24.48 7.30 26.63
CA LEU C 241 23.51 7.34 27.70
C LEU C 241 24.17 7.14 29.05
N PHE C 242 23.63 7.85 30.04
CA PHE C 242 24.12 7.70 31.41
C PHE C 242 23.66 6.38 32.01
N GLY C 243 24.51 5.78 32.84
CA GLY C 243 24.10 4.60 33.60
C GLY C 243 24.03 3.28 32.84
N VAL C 244 24.57 3.23 31.63
CA VAL C 244 24.73 2.00 30.86
C VAL C 244 26.16 1.99 30.36
N ASN C 245 26.67 0.78 30.07
CA ASN C 245 28.00 0.66 29.46
C ASN C 245 28.14 1.60 28.28
N GLY C 246 29.36 2.11 28.08
CA GLY C 246 29.69 2.78 26.84
C GLY C 246 30.32 1.81 25.86
N SER C 247 30.67 2.35 24.70
CA SER C 247 31.39 1.63 23.65
C SER C 247 32.88 1.94 23.73
N GLY C 248 33.69 0.88 23.91
CA GLY C 248 35.12 1.00 23.73
C GLY C 248 35.50 0.63 22.33
N MET C 249 36.74 0.97 21.95
CA MET C 249 37.37 0.33 20.81
C MET C 249 38.68 -0.23 21.34
N HIS C 250 38.57 -1.38 22.01
CA HIS C 250 39.73 -2.00 22.64
C HIS C 250 40.84 -2.20 21.63
N PHE C 251 42.06 -1.84 22.02
CA PHE C 251 43.24 -2.05 21.17
C PHE C 251 44.06 -3.26 21.65
N ASN C 252 43.90 -4.40 20.98
CA ASN C 252 44.72 -5.59 21.20
C ASN C 252 45.92 -5.52 20.28
N VAL C 253 47.11 -5.47 20.86
CA VAL C 253 48.32 -5.29 20.06
C VAL C 253 49.38 -6.29 20.49
N SER C 254 50.26 -6.62 19.55
CA SER C 254 51.38 -7.52 19.82
C SER C 254 52.47 -7.23 18.80
N LEU C 255 53.72 -7.50 19.18
CA LEU C 255 54.87 -7.40 18.28
C LEU C 255 55.22 -8.77 17.71
N PHE C 256 55.47 -8.83 16.41
CA PHE C 256 55.91 -10.07 15.78
C PHE C 256 57.35 -9.96 15.28
N LYS C 257 58.13 -11.00 15.59
CA LYS C 257 59.44 -11.24 14.99
C LYS C 257 59.30 -12.30 13.89
N GLY C 258 58.69 -11.90 12.79
CA GLY C 258 58.60 -12.74 11.62
C GLY C 258 57.77 -13.98 11.86
N LYS C 259 56.46 -13.87 11.97
CA LYS C 259 55.63 -15.07 12.12
C LYS C 259 55.86 -15.75 13.47
N GLU C 260 56.43 -15.03 14.43
CA GLU C 260 56.59 -15.51 15.80
C GLU C 260 56.22 -14.38 16.74
N ASN C 261 55.34 -14.67 17.69
CA ASN C 261 54.83 -13.64 18.59
C ASN C 261 55.89 -13.28 19.61
N ALA C 262 56.33 -12.01 19.62
CA ALA C 262 57.41 -11.59 20.48
C ALA C 262 57.00 -11.44 21.94
N PHE C 263 55.76 -11.77 22.28
CA PHE C 263 55.31 -11.67 23.65
C PHE C 263 55.14 -13.01 24.32
N PHE C 264 55.18 -14.08 23.55
CA PHE C 264 54.88 -15.42 24.01
C PHE C 264 56.15 -16.11 24.53
N ASP C 265 56.09 -16.63 25.75
CA ASP C 265 57.19 -17.39 26.35
C ASP C 265 56.70 -18.79 26.68
N PRO C 266 56.99 -19.78 25.83
CA PRO C 266 56.31 -21.08 25.98
C PRO C 266 56.63 -21.77 27.29
N ASN C 267 57.67 -21.36 28.01
CA ASN C 267 58.18 -22.15 29.12
C ASN C 267 58.05 -21.52 30.49
N THR C 268 57.60 -20.28 30.59
CA THR C 268 57.25 -19.75 31.90
C THR C 268 55.75 -19.88 32.12
N GLU C 269 55.34 -19.63 33.36
CA GLU C 269 53.96 -19.93 33.78
C GLU C 269 52.97 -18.90 33.27
N MET C 270 53.22 -17.62 33.51
CA MET C 270 52.32 -16.66 32.88
C MET C 270 52.61 -16.47 31.39
N GLY C 271 53.70 -17.01 30.88
CA GLY C 271 53.82 -17.11 29.45
C GLY C 271 54.05 -15.82 28.70
N LEU C 272 54.52 -14.78 29.40
CA LEU C 272 54.86 -13.52 28.77
C LEU C 272 56.39 -13.35 28.77
N THR C 273 56.95 -12.98 27.62
CA THR C 273 58.36 -12.65 27.46
C THR C 273 58.69 -11.38 28.25
N GLU C 274 59.94 -10.92 28.20
CA GLU C 274 60.23 -9.66 28.87
C GLU C 274 60.15 -8.47 27.92
N THR C 275 60.22 -8.70 26.61
CA THR C 275 59.87 -7.64 25.69
C THR C 275 58.38 -7.27 25.77
N ALA C 276 57.53 -8.23 26.14
CA ALA C 276 56.13 -7.93 26.40
C ALA C 276 55.93 -7.26 27.74
N TYR C 277 56.77 -7.57 28.74
CA TYR C 277 56.64 -6.87 30.02
C TYR C 277 56.99 -5.39 29.90
N GLN C 278 57.94 -5.02 29.04
CA GLN C 278 58.44 -3.64 28.99
C GLN C 278 57.77 -2.77 27.93
N PHE C 279 57.17 -3.37 26.90
CA PHE C 279 56.18 -2.64 26.10
C PHE C 279 55.01 -2.20 26.98
N THR C 280 54.64 -3.00 27.97
CA THR C 280 53.57 -2.62 28.88
C THR C 280 54.00 -1.47 29.79
N ALA C 281 55.24 -1.51 30.29
CA ALA C 281 55.73 -0.47 31.19
C ALA C 281 55.60 0.90 30.55
N GLY C 282 56.02 1.02 29.28
CA GLY C 282 55.95 2.30 28.60
C GLY C 282 54.51 2.74 28.34
N VAL C 283 53.65 1.79 27.95
CA VAL C 283 52.24 2.12 27.76
C VAL C 283 51.67 2.79 29.00
N LEU C 284 52.00 2.26 30.19
CA LEU C 284 51.48 2.85 31.42
C LEU C 284 52.22 4.11 31.83
N LYS C 285 53.54 4.16 31.67
CA LYS C 285 54.27 5.39 31.96
C LYS C 285 53.68 6.57 31.18
N ASN C 286 53.14 6.33 29.99
CA ASN C 286 52.73 7.39 29.08
C ASN C 286 51.24 7.44 28.85
N ALA C 287 50.47 6.57 29.51
CA ALA C 287 49.02 6.55 29.31
C ALA C 287 48.45 7.95 29.49
N ARG C 288 48.69 8.55 30.66
CA ARG C 288 48.25 9.90 30.93
C ARG C 288 48.46 10.81 29.72
N GLY C 289 49.64 10.74 29.09
CA GLY C 289 50.01 11.66 28.03
C GLY C 289 49.31 11.45 26.71
N PHE C 290 48.73 10.26 26.47
CA PHE C 290 48.07 9.98 25.19
C PHE C 290 46.55 9.80 25.31
N THR C 291 45.99 9.90 26.50
CA THR C 291 44.54 9.70 26.64
C THR C 291 43.76 10.65 25.73
N ALA C 292 44.15 11.92 25.66
CA ALA C 292 43.46 12.86 24.80
C ALA C 292 43.35 12.34 23.37
N VAL C 293 44.29 11.52 22.94
CA VAL C 293 44.34 11.09 21.55
C VAL C 293 43.48 9.85 21.32
N CYS C 294 43.34 9.00 22.35
CA CYS C 294 42.49 7.82 22.33
C CYS C 294 41.09 8.09 22.85
N ASN C 295 40.88 9.20 23.54
CA ASN C 295 39.56 9.61 24.03
C ASN C 295 39.43 11.07 23.68
N PRO C 296 39.20 11.39 22.41
CA PRO C 296 39.31 12.77 21.92
C PRO C 296 38.01 13.56 21.93
N LEU C 297 36.92 13.05 22.48
CA LEU C 297 35.70 13.82 22.68
C LEU C 297 35.52 14.21 24.15
N VAL C 298 34.82 15.32 24.38
CA VAL C 298 34.17 15.58 25.65
C VAL C 298 33.47 14.31 26.16
N ASN C 299 32.77 13.63 25.25
CA ASN C 299 32.01 12.44 25.59
C ASN C 299 32.89 11.30 26.10
N SER C 300 34.15 11.24 25.68
CA SER C 300 34.96 10.06 26.00
C SER C 300 35.12 9.87 27.51
N TYR C 301 35.21 11.00 28.25
CA TYR C 301 35.37 11.10 29.70
C TYR C 301 34.05 10.97 30.46
N LYS C 302 32.93 10.81 29.76
CA LYS C 302 31.73 10.26 30.38
C LYS C 302 31.72 8.73 30.37
N ARG C 303 32.60 8.09 29.59
CA ARG C 303 32.70 6.64 29.57
C ARG C 303 33.76 6.16 30.52
N LEU C 304 34.80 6.98 30.71
CA LEU C 304 35.84 6.69 31.68
C LEU C 304 35.34 7.11 33.07
N VAL C 305 34.38 6.34 33.55
CA VAL C 305 33.93 6.36 34.94
C VAL C 305 34.00 4.94 35.48
N PRO C 306 34.01 4.78 36.79
CA PRO C 306 34.09 3.44 37.37
C PRO C 306 32.80 2.66 37.23
N GLY C 307 32.96 1.34 37.04
CA GLY C 307 31.84 0.43 37.09
C GLY C 307 31.14 0.15 35.78
N TYR C 308 31.81 0.34 34.63
CA TYR C 308 31.21 -0.07 33.37
C TYR C 308 32.19 -0.85 32.51
N GLU C 309 33.18 -1.47 33.14
CA GLU C 309 34.22 -2.22 32.45
C GLU C 309 35.04 -1.34 31.53
N ALA C 310 35.16 -0.06 31.88
CA ALA C 310 36.10 0.83 31.24
C ALA C 310 37.21 1.24 32.22
N PRO C 311 38.37 1.66 31.73
CA PRO C 311 39.45 2.08 32.64
C PRO C 311 39.27 3.48 33.19
N CYS C 312 39.78 3.67 34.41
CA CYS C 312 39.99 5.00 34.97
C CYS C 312 41.36 5.15 35.58
N TYR C 313 41.99 4.05 35.95
CA TYR C 313 43.22 4.07 36.71
C TYR C 313 44.29 3.36 35.90
N ILE C 314 45.49 3.95 35.89
CA ILE C 314 46.60 3.45 35.10
C ILE C 314 47.21 2.25 35.82
N ALA C 315 46.95 1.06 35.29
CA ALA C 315 47.36 -0.20 35.88
C ALA C 315 47.23 -1.28 34.82
N TRP C 316 47.87 -2.42 35.06
CA TRP C 316 47.73 -3.63 34.24
C TRP C 316 47.25 -4.79 35.09
N SER C 317 46.60 -5.76 34.44
CA SER C 317 46.24 -7.01 35.13
C SER C 317 45.83 -8.07 34.11
N GLY C 318 45.96 -9.32 34.52
CA GLY C 318 45.55 -10.44 33.69
C GLY C 318 44.14 -10.88 34.07
N LYS C 319 43.35 -11.18 33.05
CA LYS C 319 41.98 -11.66 33.21
C LYS C 319 41.04 -10.56 33.69
N ASN C 320 41.66 -9.64 34.39
CA ASN C 320 40.92 -8.54 34.99
C ASN C 320 40.44 -7.63 33.88
N ARG C 321 39.15 -7.34 33.86
CA ARG C 321 38.58 -6.36 32.89
C ARG C 321 38.43 -5.04 33.61
N SER C 322 38.98 -4.93 34.81
CA SER C 322 38.85 -3.69 35.57
C SER C 322 39.75 -2.63 35.00
N PRO C 323 41.22 -2.74 34.74
CA PRO C 323 42.24 -1.69 34.58
C PRO C 323 42.40 -1.14 33.17
N LEU C 324 43.45 -0.32 33.02
CA LEU C 324 43.82 0.23 31.72
C LEU C 324 44.26 -0.87 30.76
N ILE C 325 45.13 -1.77 31.22
CA ILE C 325 45.65 -2.88 30.41
C ILE C 325 45.19 -4.20 31.02
N ARG C 326 44.56 -5.02 30.18
CA ARG C 326 44.28 -6.41 30.51
C ARG C 326 45.21 -7.27 29.68
N VAL C 327 45.62 -8.42 30.21
CA VAL C 327 46.20 -9.45 29.35
C VAL C 327 45.18 -10.58 29.24
N PRO C 328 44.52 -10.74 28.08
CA PRO C 328 43.55 -11.81 27.92
C PRO C 328 44.23 -13.14 28.19
N SER C 329 43.50 -14.06 28.85
CA SER C 329 44.16 -15.30 29.26
C SER C 329 44.68 -16.13 28.10
N SER C 330 44.33 -15.82 26.84
CA SER C 330 44.87 -16.56 25.70
C SER C 330 46.39 -16.44 25.68
N ARG C 331 47.06 -17.46 25.13
CA ARG C 331 48.50 -17.39 24.86
C ARG C 331 48.80 -18.17 23.57
N GLY C 332 50.09 -18.26 23.25
CA GLY C 332 50.50 -18.72 21.94
C GLY C 332 50.59 -17.60 20.93
N LEU C 333 50.13 -17.83 19.70
CA LEU C 333 50.18 -16.74 18.73
C LEU C 333 49.12 -15.67 19.00
N SER C 334 48.28 -15.85 20.03
CA SER C 334 47.29 -14.87 20.43
C SER C 334 47.66 -14.12 21.70
N THR C 335 48.87 -14.33 22.22
CA THR C 335 49.35 -13.56 23.35
C THR C 335 49.35 -12.07 23.00
N ARG C 336 48.54 -11.29 23.72
CA ARG C 336 48.47 -9.85 23.48
C ARG C 336 48.40 -9.12 24.81
N ILE C 337 48.54 -7.80 24.74
CA ILE C 337 47.99 -6.91 25.75
C ILE C 337 46.84 -6.16 25.09
N GLU C 338 45.77 -5.97 25.85
CA GLU C 338 44.57 -5.26 25.45
C GLU C 338 44.54 -3.94 26.23
N VAL C 339 44.73 -2.83 25.52
CA VAL C 339 44.60 -1.49 26.10
C VAL C 339 43.15 -1.08 25.93
N ARG C 340 42.43 -0.95 27.05
CA ARG C 340 40.98 -0.80 27.01
C ARG C 340 40.49 0.64 27.02
N SER C 341 41.38 1.64 27.06
CA SER C 341 40.92 3.01 27.14
C SER C 341 40.44 3.54 25.79
N VAL C 342 41.00 3.06 24.68
CA VAL C 342 40.60 3.54 23.35
C VAL C 342 39.11 3.38 23.15
N ASP C 343 38.47 4.42 22.63
CA ASP C 343 37.09 4.37 22.17
C ASP C 343 36.96 4.63 20.67
N PRO C 344 35.76 4.40 20.12
CA PRO C 344 35.63 4.30 18.65
C PRO C 344 35.79 5.61 17.94
N ALA C 345 35.57 6.72 18.64
CA ALA C 345 35.73 8.05 18.06
C ALA C 345 37.19 8.44 17.86
N ALA C 346 38.13 7.75 18.48
CA ALA C 346 39.52 8.06 18.28
C ALA C 346 39.97 7.73 16.85
N ASN C 347 40.85 8.57 16.31
CA ASN C 347 41.49 8.31 15.05
C ASN C 347 42.33 7.05 15.15
N PRO C 348 42.08 6.01 14.35
CA PRO C 348 42.87 4.77 14.51
C PRO C 348 44.36 4.97 14.26
N TYR C 349 44.73 5.74 13.23
CA TYR C 349 46.14 5.87 12.88
C TYR C 349 46.92 6.66 13.92
N MET C 350 46.26 7.60 14.60
CA MET C 350 46.97 8.30 15.66
C MET C 350 46.99 7.48 16.94
N ALA C 351 45.86 6.86 17.30
CA ALA C 351 45.78 6.00 18.47
C ALA C 351 46.93 5.00 18.52
N LEU C 352 47.04 4.17 17.49
CA LEU C 352 48.10 3.16 17.39
C LEU C 352 49.47 3.78 17.50
N ALA C 353 49.78 4.73 16.60
CA ALA C 353 51.04 5.45 16.67
C ALA C 353 51.35 5.86 18.10
N ALA C 354 50.43 6.55 18.75
CA ALA C 354 50.65 6.99 20.13
C ALA C 354 50.91 5.80 21.07
N ILE C 355 50.12 4.72 20.93
CA ILE C 355 50.35 3.51 21.73
C ILE C 355 51.71 2.92 21.42
N LEU C 356 52.12 2.97 20.14
CA LEU C 356 53.34 2.28 19.74
C LEU C 356 54.56 2.88 20.44
N GLU C 357 54.68 4.22 20.40
CA GLU C 357 55.88 4.84 20.93
C GLU C 357 55.87 4.92 22.45
N ALA C 358 54.69 4.93 23.08
CA ALA C 358 54.63 4.59 24.49
C ALA C 358 55.22 3.20 24.76
N GLY C 359 54.92 2.25 23.87
CA GLY C 359 55.39 0.88 24.06
C GLY C 359 56.86 0.71 23.73
N LEU C 360 57.35 1.46 22.74
CA LEU C 360 58.77 1.40 22.42
C LEU C 360 59.61 2.19 23.41
N ASP C 361 59.10 3.30 23.92
CA ASP C 361 59.81 4.02 24.98
C ASP C 361 60.10 3.08 26.15
N GLY C 362 59.13 2.21 26.48
CA GLY C 362 59.37 1.20 27.52
C GLY C 362 60.42 0.18 27.12
N ILE C 363 60.52 -0.11 25.83
CA ILE C 363 61.53 -1.06 25.37
C ILE C 363 62.90 -0.39 25.26
N LYS C 364 62.96 0.79 24.65
CA LYS C 364 64.25 1.44 24.44
C LYS C 364 64.98 1.66 25.76
N ASN C 365 64.24 1.81 26.86
CA ASN C 365 64.79 2.13 28.18
C ASN C 365 64.61 1.02 29.21
N LYS C 366 64.23 -0.18 28.77
CA LYS C 366 64.03 -1.33 29.65
C LYS C 366 63.40 -0.88 30.97
N LEU C 367 62.19 -0.37 30.87
CA LEU C 367 61.45 -0.10 32.08
C LEU C 367 60.98 -1.41 32.73
N LYS C 368 60.73 -1.34 34.04
CA LYS C 368 60.18 -2.44 34.79
C LYS C 368 58.73 -2.11 35.15
N VAL C 369 57.81 -3.03 34.83
CA VAL C 369 56.38 -2.82 35.04
C VAL C 369 56.04 -2.98 36.51
N PRO C 370 55.08 -2.21 37.03
CA PRO C 370 54.70 -2.38 38.44
C PRO C 370 53.97 -3.69 38.64
N GLU C 371 53.81 -4.03 39.92
CA GLU C 371 53.13 -5.27 40.25
C GLU C 371 51.67 -5.18 39.80
N PRO C 372 51.10 -6.30 39.34
CA PRO C 372 49.73 -6.27 38.84
C PRO C 372 48.72 -5.92 39.93
N VAL C 373 47.64 -5.27 39.53
CA VAL C 373 46.49 -5.05 40.41
C VAL C 373 45.51 -6.18 40.10
N ASN C 374 45.59 -7.27 40.87
CA ASN C 374 44.71 -8.41 40.69
C ASN C 374 43.47 -8.29 41.58
N GLN C 375 42.72 -7.22 41.31
CA GLN C 375 41.63 -6.78 42.17
C GLN C 375 40.57 -6.11 41.31
N ASN C 376 39.38 -5.98 41.87
CA ASN C 376 38.44 -5.01 41.31
C ASN C 376 38.95 -3.62 41.67
N ILE C 377 39.49 -2.89 40.70
CA ILE C 377 40.06 -1.59 41.02
C ILE C 377 38.97 -0.54 41.24
N TYR C 378 37.78 -0.75 40.68
CA TYR C 378 36.68 0.15 41.00
C TYR C 378 36.43 0.19 42.52
N GLU C 379 36.55 -0.95 43.19
CA GLU C 379 36.26 -1.06 44.62
C GLU C 379 37.39 -0.56 45.52
N MET C 380 38.52 -0.14 44.93
CA MET C 380 39.60 0.45 45.72
C MET C 380 39.28 1.90 46.05
N ASN C 381 39.53 2.31 47.30
CA ASN C 381 39.30 3.68 47.69
C ASN C 381 40.54 4.52 47.36
N ARG C 382 40.50 5.81 47.71
CA ARG C 382 41.55 6.74 47.29
C ARG C 382 42.93 6.34 47.84
N GLU C 383 43.02 6.00 49.14
CA GLU C 383 44.34 5.74 49.70
C GLU C 383 44.92 4.42 49.23
N GLU C 384 44.14 3.34 49.29
CA GLU C 384 44.63 2.04 48.78
C GLU C 384 45.17 2.18 47.36
N ARG C 385 44.45 2.92 46.51
CA ARG C 385 44.94 3.21 45.17
C ARG C 385 46.31 3.87 45.21
N GLU C 386 46.36 5.10 45.74
CA GLU C 386 47.65 5.81 45.84
C GLU C 386 48.67 5.00 46.64
N ALA C 387 48.20 4.19 47.59
CA ALA C 387 49.09 3.40 48.42
C ALA C 387 50.14 2.64 47.60
N VAL C 388 49.69 1.85 46.62
CA VAL C 388 50.56 1.06 45.76
C VAL C 388 50.80 1.73 44.40
N GLY C 389 50.54 3.03 44.31
CA GLY C 389 50.99 3.80 43.17
C GLY C 389 50.13 3.77 41.93
N ILE C 390 48.81 3.67 42.09
CA ILE C 390 47.88 3.64 40.96
C ILE C 390 47.56 5.09 40.59
N GLN C 391 48.12 5.57 39.49
CA GLN C 391 47.78 6.89 38.94
C GLN C 391 46.42 6.87 38.23
N ASP C 392 45.68 7.97 38.35
CA ASP C 392 44.42 8.13 37.64
C ASP C 392 44.65 8.64 36.22
N LEU C 393 43.67 8.37 35.36
CA LEU C 393 43.64 8.94 34.02
C LEU C 393 43.04 10.34 34.06
N PRO C 394 43.32 11.15 33.04
CA PRO C 394 42.70 12.48 33.00
C PRO C 394 41.18 12.35 33.04
N SER C 395 40.56 13.18 33.88
CA SER C 395 39.13 13.11 34.15
C SER C 395 38.28 13.91 33.17
N THR C 396 38.87 14.91 32.51
CA THR C 396 38.20 15.65 31.44
C THR C 396 39.12 15.80 30.25
N LEU C 397 38.53 16.27 29.14
CA LEU C 397 39.30 16.44 27.91
C LEU C 397 40.34 17.55 28.04
N TYR C 398 40.01 18.62 28.77
CA TYR C 398 41.00 19.66 29.00
C TYR C 398 42.18 19.11 29.82
N THR C 399 41.89 18.27 30.83
CA THR C 399 42.95 17.65 31.61
C THR C 399 43.83 16.76 30.74
N ALA C 400 43.22 16.03 29.79
CA ALA C 400 43.96 15.19 28.87
C ALA C 400 44.86 16.02 27.98
N LEU C 401 44.30 17.08 27.39
CA LEU C 401 45.09 18.02 26.61
C LEU C 401 46.25 18.56 27.42
N LYS C 402 46.02 18.83 28.71
CA LYS C 402 47.11 19.33 29.54
C LYS C 402 48.16 18.23 29.78
N ALA C 403 47.72 16.99 29.96
CA ALA C 403 48.68 15.88 30.15
C ALA C 403 49.47 15.60 28.88
N MET C 404 48.87 15.84 27.71
CA MET C 404 49.56 15.72 26.44
C MET C 404 50.60 16.82 26.27
N ARG C 405 50.30 18.02 26.79
CA ARG C 405 51.27 19.12 26.87
C ARG C 405 52.53 18.70 27.63
N GLU C 406 52.35 17.97 28.75
CA GLU C 406 53.43 17.61 29.66
C GLU C 406 54.20 16.38 29.21
N ASN C 407 53.63 15.54 28.35
CA ASN C 407 54.25 14.29 27.94
C ASN C 407 54.94 14.47 26.61
N GLU C 408 56.23 14.15 26.56
CA GLU C 408 57.04 14.39 25.37
C GLU C 408 57.14 13.16 24.46
N VAL C 409 56.52 12.05 24.84
CA VAL C 409 56.51 10.87 23.97
C VAL C 409 55.45 10.98 22.91
N ILE C 410 54.31 11.60 23.27
CA ILE C 410 53.21 11.78 22.33
C ILE C 410 53.56 12.87 21.32
N LYS C 411 54.30 13.90 21.75
CA LYS C 411 54.93 14.83 20.81
C LYS C 411 55.70 14.07 19.75
N LYS C 412 56.44 13.03 20.15
CA LYS C 412 57.19 12.22 19.19
C LYS C 412 56.24 11.46 18.28
N ALA C 413 55.18 10.87 18.84
CA ALA C 413 54.36 9.91 18.11
C ALA C 413 53.57 10.55 16.98
N LEU C 414 53.22 11.83 17.12
CA LEU C 414 52.37 12.51 16.15
C LEU C 414 53.11 13.51 15.29
N GLY C 415 54.38 13.79 15.57
CA GLY C 415 55.03 14.87 14.87
C GLY C 415 54.39 16.20 15.23
N ASN C 416 54.96 17.31 14.75
CA ASN C 416 54.52 18.61 15.24
C ASN C 416 53.20 19.04 14.64
N HIS C 417 52.99 18.77 13.35
CA HIS C 417 51.74 19.16 12.69
C HIS C 417 50.54 18.54 13.39
N ILE C 418 50.43 17.21 13.35
CA ILE C 418 49.29 16.52 13.94
C ILE C 418 49.14 16.90 15.40
N TYR C 419 50.25 17.03 16.11
CA TYR C 419 50.20 17.35 17.53
C TYR C 419 49.58 18.71 17.74
N ASN C 420 50.06 19.74 17.02
CA ASN C 420 49.52 21.08 17.23
C ASN C 420 48.14 21.25 16.60
N GLN C 421 47.90 20.71 15.40
CA GLN C 421 46.53 20.75 14.86
C GLN C 421 45.55 20.13 15.83
N PHE C 422 45.92 19.01 16.44
CA PHE C 422 45.02 18.31 17.36
C PHE C 422 44.78 19.10 18.64
N ILE C 423 45.85 19.54 19.31
CA ILE C 423 45.68 20.25 20.58
C ILE C 423 44.84 21.51 20.40
N ASN C 424 45.03 22.22 19.29
CA ASN C 424 44.32 23.50 19.20
C ASN C 424 42.88 23.31 18.73
N SER C 425 42.62 22.31 17.87
CA SER C 425 41.24 21.98 17.49
C SER C 425 40.43 21.37 18.62
N LYS C 426 41.02 20.54 19.46
CA LYS C 426 40.28 20.11 20.65
C LYS C 426 40.18 21.22 21.69
N SER C 427 41.15 22.13 21.77
CA SER C 427 41.02 23.22 22.74
C SER C 427 39.78 24.06 22.45
N ILE C 428 39.60 24.50 21.21
CA ILE C 428 38.43 25.34 20.98
C ILE C 428 37.18 24.47 21.06
N GLU C 429 37.25 23.20 20.68
CA GLU C 429 36.10 22.34 20.85
C GLU C 429 35.70 22.25 22.33
N TRP C 430 36.67 22.37 23.24
CA TRP C 430 36.39 22.36 24.68
C TRP C 430 35.67 23.63 25.13
N ASP C 431 36.26 24.81 24.85
CA ASP C 431 35.69 26.07 25.34
C ASP C 431 34.22 26.20 24.96
N TYR C 432 33.85 25.77 23.76
CA TYR C 432 32.44 25.77 23.41
C TYR C 432 31.63 24.96 24.40
N TYR C 433 32.10 23.75 24.70
CA TYR C 433 31.44 22.94 25.72
C TYR C 433 31.51 23.59 27.11
N ARG C 434 32.61 24.29 27.41
CA ARG C 434 32.70 24.90 28.72
C ARG C 434 31.61 25.96 28.94
N THR C 435 31.11 26.57 27.87
CA THR C 435 30.21 27.71 28.01
C THR C 435 28.74 27.39 27.78
N GLN C 436 28.40 26.17 27.35
CA GLN C 436 27.00 25.82 27.12
C GLN C 436 26.34 25.52 28.46
N VAL C 437 25.06 25.86 28.58
CA VAL C 437 24.27 25.49 29.75
C VAL C 437 23.43 24.27 29.39
N SER C 438 23.60 23.20 30.14
CA SER C 438 22.93 21.93 29.88
C SER C 438 21.53 21.91 30.50
N GLU C 439 20.66 21.04 29.96
CA GLU C 439 19.38 20.87 30.60
C GLU C 439 19.54 20.31 32.01
N TRP C 440 20.68 19.71 32.31
CA TRP C 440 20.96 19.22 33.67
C TRP C 440 20.86 20.34 34.70
N GLU C 441 21.56 21.47 34.46
CA GLU C 441 21.56 22.58 35.40
C GLU C 441 20.25 23.36 35.39
N ARG C 442 19.73 23.62 34.19
CA ARG C 442 18.40 24.21 34.10
C ARG C 442 17.37 23.34 34.80
N ASP C 443 17.51 22.01 34.68
CA ASP C 443 16.54 21.14 35.33
C ASP C 443 16.91 20.78 36.76
N GLN C 444 18.08 21.21 37.24
CA GLN C 444 18.48 20.97 38.61
C GLN C 444 18.53 22.24 39.46
N TYR C 445 18.52 23.39 38.81
CA TYR C 445 18.72 24.64 39.59
C TYR C 445 17.71 25.74 39.30
N MET C 446 17.04 25.73 38.14
CA MET C 446 16.13 26.85 37.83
C MET C 446 15.07 27.00 38.91
N LYS C 447 14.35 25.95 39.25
CA LYS C 447 13.33 26.19 40.28
C LYS C 447 13.99 26.20 41.65
N GLN C 448 14.93 25.30 41.92
CA GLN C 448 15.50 25.24 43.29
C GLN C 448 16.16 26.57 43.68
N TYR C 449 16.56 27.35 42.69
CA TYR C 449 17.23 28.63 42.92
C TYR C 449 16.53 29.78 42.19
N THR D 8 32.81 17.64 -37.63
CA THR D 8 31.56 18.20 -38.14
C THR D 8 30.71 17.12 -38.83
N PHE D 9 29.39 17.11 -38.53
CA PHE D 9 28.45 16.13 -39.07
C PHE D 9 27.74 16.64 -40.32
N THR D 10 27.29 15.70 -41.16
CA THR D 10 26.55 16.02 -42.37
C THR D 10 25.04 16.08 -42.08
N LYS D 11 24.27 16.47 -43.10
CA LYS D 11 22.82 16.36 -42.98
C LYS D 11 22.36 14.92 -43.19
N GLU D 12 23.00 14.19 -44.11
CA GLU D 12 22.75 12.76 -44.22
C GLU D 12 23.39 11.98 -43.06
N ASP D 13 24.34 12.59 -42.36
CA ASP D 13 24.83 12.02 -41.11
C ASP D 13 23.68 11.80 -40.13
N ILE D 14 22.88 12.84 -39.90
CA ILE D 14 21.80 12.70 -38.93
C ILE D 14 20.59 11.99 -39.56
N ARG D 15 20.41 12.06 -40.88
CA ARG D 15 19.39 11.21 -41.51
C ARG D 15 19.65 9.74 -41.19
N LYS D 16 20.90 9.30 -41.40
CA LYS D 16 21.30 7.94 -41.03
C LYS D 16 21.11 7.66 -39.54
N PHE D 17 21.26 8.68 -38.69
CA PHE D 17 21.20 8.44 -37.24
C PHE D 17 19.79 8.16 -36.77
N VAL D 18 18.79 8.80 -37.39
CA VAL D 18 17.41 8.62 -36.91
C VAL D 18 16.84 7.29 -37.39
N GLU D 19 17.31 6.80 -38.55
CA GLU D 19 16.93 5.45 -38.95
C GLU D 19 17.59 4.40 -38.06
N GLU D 20 18.91 4.50 -37.86
CA GLU D 20 19.70 3.46 -37.20
C GLU D 20 19.27 3.21 -35.75
N GLU D 21 18.79 4.24 -35.06
CA GLU D 21 18.36 4.14 -33.67
C GLU D 21 16.85 4.26 -33.49
N ASN D 22 16.11 4.56 -34.56
CA ASN D 22 14.69 4.88 -34.49
C ASN D 22 14.40 5.96 -33.44
N VAL D 23 14.98 7.12 -33.68
CA VAL D 23 14.69 8.31 -32.89
C VAL D 23 13.37 8.87 -33.42
N ARG D 24 12.35 8.91 -32.57
CA ARG D 24 11.02 9.29 -33.00
C ARG D 24 10.69 10.76 -32.71
N TYR D 25 11.41 11.38 -31.79
CA TYR D 25 11.17 12.78 -31.46
C TYR D 25 12.48 13.54 -31.38
N LEU D 26 12.42 14.80 -31.78
CA LEU D 26 13.57 15.69 -31.86
C LEU D 26 13.31 16.91 -30.99
N ARG D 27 14.25 17.23 -30.10
CA ARG D 27 14.16 18.43 -29.28
C ARG D 27 15.22 19.42 -29.76
N LEU D 28 14.78 20.48 -30.42
CA LEU D 28 15.64 21.61 -30.78
C LEU D 28 15.72 22.55 -29.60
N GLN D 29 16.96 22.88 -29.20
CA GLN D 29 17.23 23.68 -28.02
C GLN D 29 17.99 24.96 -28.36
N PHE D 30 17.80 25.97 -27.51
CA PHE D 30 18.62 27.19 -27.54
C PHE D 30 18.52 27.89 -26.18
N THR D 31 19.16 29.05 -26.08
CA THR D 31 19.38 29.69 -24.79
C THR D 31 18.97 31.16 -24.89
N ASP D 32 18.12 31.62 -23.97
CA ASP D 32 17.80 33.04 -23.90
C ASP D 32 18.93 33.76 -23.15
N ILE D 33 18.68 35.02 -22.79
CA ILE D 33 19.72 35.88 -22.23
C ILE D 33 20.09 35.57 -20.80
N LEU D 34 19.19 34.95 -20.03
CA LEU D 34 19.49 34.60 -18.65
C LEU D 34 20.11 33.23 -18.50
N GLY D 35 20.40 32.56 -19.62
CA GLY D 35 20.96 31.22 -19.58
C GLY D 35 19.97 30.12 -19.29
N THR D 36 18.69 30.32 -19.65
CA THR D 36 17.69 29.27 -19.47
C THR D 36 17.48 28.54 -20.79
N ILE D 37 17.56 27.21 -20.73
CA ILE D 37 17.33 26.37 -21.90
C ILE D 37 15.87 26.52 -22.33
N LYS D 38 15.67 26.77 -23.63
CA LYS D 38 14.34 26.85 -24.23
C LYS D 38 14.29 25.82 -25.36
N ASN D 39 13.17 25.13 -25.51
CA ASN D 39 13.16 24.12 -26.56
C ASN D 39 11.74 23.79 -26.99
N VAL D 40 11.66 22.97 -28.03
CA VAL D 40 10.40 22.52 -28.61
C VAL D 40 10.64 21.11 -29.17
N GLU D 41 9.66 20.25 -28.99
CA GLU D 41 9.72 18.87 -29.48
C GLU D 41 8.90 18.73 -30.75
N VAL D 42 9.49 18.05 -31.73
CA VAL D 42 8.97 17.86 -33.08
C VAL D 42 9.02 16.37 -33.40
N PRO D 43 7.99 15.78 -33.96
CA PRO D 43 8.13 14.39 -34.41
C PRO D 43 9.14 14.27 -35.54
N VAL D 44 9.80 13.10 -35.57
CA VAL D 44 10.78 12.73 -36.59
C VAL D 44 10.24 12.99 -38.00
N SER D 45 8.91 12.94 -38.13
CA SER D 45 8.16 13.30 -39.32
C SER D 45 8.62 14.61 -39.92
N GLN D 46 9.17 15.50 -39.08
CA GLN D 46 9.45 16.88 -39.46
C GLN D 46 10.94 17.16 -39.71
N LEU D 47 11.73 16.13 -40.01
CA LEU D 47 13.18 16.24 -39.86
C LEU D 47 13.86 17.05 -40.95
N GLU D 48 13.25 17.21 -42.13
CA GLU D 48 13.85 18.09 -43.13
C GLU D 48 13.24 19.48 -43.13
N LYS D 49 12.15 19.70 -42.39
CA LYS D 49 11.84 21.06 -41.97
C LYS D 49 12.93 21.57 -41.03
N VAL D 50 13.28 20.78 -40.02
CA VAL D 50 14.34 21.17 -39.11
C VAL D 50 15.68 21.26 -39.84
N LEU D 51 15.96 20.30 -40.73
CA LEU D 51 17.24 20.31 -41.46
C LEU D 51 17.28 21.36 -42.55
N ASP D 52 16.13 21.66 -43.17
CA ASP D 52 16.10 22.77 -44.09
C ASP D 52 16.05 24.13 -43.38
N ASN D 53 16.12 24.15 -42.05
CA ASN D 53 16.14 25.38 -41.28
C ASN D 53 14.83 26.14 -41.32
N GLU D 54 13.73 25.47 -41.63
CA GLU D 54 12.44 26.13 -41.73
C GLU D 54 11.68 26.17 -40.40
N MET D 55 12.28 25.64 -39.33
CA MET D 55 11.74 25.73 -37.97
C MET D 55 11.66 27.17 -37.49
N MET D 56 10.59 27.49 -36.76
CA MET D 56 10.27 28.87 -36.42
C MET D 56 9.71 28.96 -35.00
N PHE D 57 9.78 30.16 -34.42
CA PHE D 57 9.19 30.37 -33.10
C PHE D 57 8.90 31.86 -32.91
N ASP D 58 8.67 32.26 -31.65
CA ASP D 58 8.15 33.59 -31.29
C ASP D 58 9.16 34.28 -30.36
N GLY D 59 9.82 35.33 -30.87
CA GLY D 59 10.79 36.05 -30.08
C GLY D 59 10.22 37.04 -29.09
N SER D 60 8.93 37.38 -29.19
CA SER D 60 8.32 38.26 -28.21
C SER D 60 8.42 37.66 -26.81
N SER D 61 8.26 36.34 -26.71
CA SER D 61 8.14 35.64 -25.45
C SER D 61 9.45 35.02 -24.98
N ILE D 62 10.56 35.46 -25.55
CA ILE D 62 11.89 35.09 -25.10
C ILE D 62 12.52 36.34 -24.51
N GLU D 63 12.94 36.27 -23.25
CA GLU D 63 13.51 37.45 -22.62
C GLU D 63 14.82 37.82 -23.31
N GLY D 64 15.00 39.10 -23.59
CA GLY D 64 16.21 39.58 -24.21
C GLY D 64 16.25 39.49 -25.73
N PHE D 65 15.20 38.99 -26.40
CA PHE D 65 15.30 38.86 -27.84
C PHE D 65 14.71 40.03 -28.62
N VAL D 66 13.37 40.11 -28.74
CA VAL D 66 12.76 40.96 -29.77
C VAL D 66 11.36 41.38 -29.39
N ARG D 67 10.87 42.40 -30.11
CA ARG D 67 9.59 43.06 -29.88
C ARG D 67 8.46 42.30 -30.58
N ILE D 68 7.23 42.51 -30.08
CA ILE D 68 6.07 41.75 -30.57
C ILE D 68 5.75 42.01 -32.04
N GLU D 69 6.22 43.12 -32.61
CA GLU D 69 5.96 43.41 -34.02
C GLU D 69 7.04 42.83 -34.93
N GLU D 70 8.18 42.41 -34.36
CA GLU D 70 9.34 41.88 -35.05
C GLU D 70 9.58 40.43 -34.59
N SER D 71 8.49 39.65 -34.44
CA SER D 71 8.54 38.49 -33.55
C SER D 71 8.91 37.18 -34.23
N ASP D 72 8.60 36.98 -35.51
CA ASP D 72 8.94 35.72 -36.16
C ASP D 72 10.45 35.52 -36.15
N MET D 73 10.88 34.36 -35.64
CA MET D 73 12.29 34.00 -35.62
C MET D 73 12.45 32.54 -36.02
N TYR D 74 13.63 32.22 -36.56
CA TYR D 74 13.96 30.92 -37.09
C TYR D 74 15.02 30.24 -36.23
N LEU D 75 14.99 28.91 -36.22
CA LEU D 75 16.04 28.11 -35.61
C LEU D 75 16.86 27.46 -36.72
N HIS D 76 18.19 27.59 -36.60
CA HIS D 76 19.09 26.88 -37.49
C HIS D 76 19.84 25.87 -36.65
N PRO D 77 19.56 24.57 -36.80
CA PRO D 77 20.24 23.57 -35.96
C PRO D 77 21.71 23.48 -36.30
N ASP D 78 22.50 23.13 -35.28
CA ASP D 78 23.94 22.87 -35.38
C ASP D 78 24.13 21.36 -35.24
N LEU D 79 24.33 20.68 -36.38
CA LEU D 79 24.29 19.22 -36.40
C LEU D 79 25.39 18.59 -35.54
N ASP D 80 26.49 19.31 -35.30
CA ASP D 80 27.58 18.80 -34.45
C ASP D 80 27.11 18.42 -33.06
N THR D 81 25.95 18.94 -32.62
CA THR D 81 25.49 18.83 -31.24
C THR D 81 24.70 17.57 -30.97
N TRP D 82 24.49 16.71 -31.97
CA TRP D 82 23.51 15.62 -31.87
C TRP D 82 23.81 14.67 -30.70
N VAL D 83 22.76 14.27 -29.99
CA VAL D 83 22.89 13.36 -28.86
C VAL D 83 21.50 12.82 -28.53
N ILE D 84 21.46 11.56 -28.08
CA ILE D 84 20.21 10.91 -27.72
C ILE D 84 20.14 10.81 -26.19
N PHE D 85 18.92 10.69 -25.66
CA PHE D 85 18.77 10.68 -24.20
C PHE D 85 18.75 9.25 -23.68
N PRO D 86 19.73 8.84 -22.86
CA PRO D 86 19.87 7.42 -22.49
C PRO D 86 18.79 6.89 -21.58
N TRP D 87 17.77 7.69 -21.26
CA TRP D 87 16.66 7.23 -20.47
C TRP D 87 15.36 7.16 -21.25
N THR D 88 15.19 8.01 -22.27
CA THR D 88 14.16 7.78 -23.26
C THR D 88 14.52 6.57 -24.11
N ALA D 89 13.50 5.83 -24.54
CA ALA D 89 13.75 4.70 -25.42
C ALA D 89 12.41 4.14 -25.86
N GLY D 90 12.45 3.42 -26.98
CA GLY D 90 11.28 2.73 -27.50
C GLY D 90 10.33 3.64 -28.24
N GLN D 91 9.02 3.42 -28.04
CA GLN D 91 8.02 4.25 -28.70
C GLN D 91 8.28 5.74 -28.53
N GLY D 92 9.06 6.14 -27.53
CA GLY D 92 9.31 7.55 -27.28
C GLY D 92 10.76 7.96 -27.14
N LYS D 93 11.65 7.35 -27.93
CA LYS D 93 13.07 7.73 -27.94
C LYS D 93 13.25 9.17 -28.45
N VAL D 94 14.02 9.96 -27.71
CA VAL D 94 14.15 11.40 -27.95
C VAL D 94 15.62 11.78 -28.20
N ALA D 95 15.84 12.64 -29.19
CA ALA D 95 17.16 13.14 -29.55
C ALA D 95 17.14 14.68 -29.57
N ARG D 96 18.32 15.29 -29.58
CA ARG D 96 18.43 16.72 -29.35
C ARG D 96 19.46 17.38 -30.27
N LEU D 97 19.15 18.60 -30.70
CA LEU D 97 20.04 19.46 -31.48
C LEU D 97 20.00 20.89 -30.91
N ILE D 98 21.15 21.41 -30.53
CA ILE D 98 21.24 22.82 -30.13
C ILE D 98 21.26 23.68 -31.38
N CYS D 99 20.58 24.83 -31.32
CA CYS D 99 20.44 25.70 -32.49
C CYS D 99 20.90 27.11 -32.17
N ASP D 100 21.26 27.82 -33.22
CA ASP D 100 21.46 29.26 -33.18
C ASP D 100 20.21 29.91 -33.77
N VAL D 101 20.00 31.18 -33.40
CA VAL D 101 18.78 31.90 -33.76
C VAL D 101 19.06 32.81 -34.96
N TYR D 102 18.25 32.67 -36.00
CA TYR D 102 18.36 33.52 -37.17
C TYR D 102 17.12 34.37 -37.33
N LYS D 103 17.30 35.54 -37.93
CA LYS D 103 16.20 36.42 -38.22
C LYS D 103 15.55 36.04 -39.56
N THR D 104 14.44 36.71 -39.86
CA THR D 104 13.81 36.52 -41.17
C THR D 104 14.73 36.94 -42.30
N ASP D 105 15.68 37.85 -42.03
CA ASP D 105 16.77 38.12 -42.96
C ASP D 105 17.27 36.85 -43.63
N GLY D 106 17.60 35.85 -42.82
CA GLY D 106 18.55 34.80 -43.17
C GLY D 106 19.86 34.93 -42.44
N THR D 107 20.09 36.10 -41.79
CA THR D 107 21.22 36.53 -40.98
C THR D 107 21.06 36.10 -39.51
N PRO D 108 22.16 35.78 -38.82
CA PRO D 108 22.04 35.39 -37.41
C PRO D 108 21.60 36.57 -36.53
N PHE D 109 20.93 36.24 -35.44
CA PHE D 109 20.36 37.26 -34.57
C PHE D 109 21.45 37.85 -33.67
N GLU D 110 21.61 39.17 -33.75
CA GLU D 110 22.58 39.88 -32.92
C GLU D 110 22.42 39.57 -31.43
N GLY D 111 21.23 39.15 -31.01
CA GLY D 111 20.93 38.97 -29.60
C GLY D 111 21.02 37.56 -29.06
N ASP D 112 21.52 36.61 -29.86
CA ASP D 112 21.63 35.21 -29.43
C ASP D 112 22.95 34.97 -28.72
N PRO D 113 22.94 34.72 -27.40
CA PRO D 113 24.21 34.63 -26.66
C PRO D 113 25.25 33.70 -27.30
N ARG D 114 24.80 32.64 -27.98
CA ARG D 114 25.68 31.56 -28.41
C ARG D 114 26.39 31.92 -29.71
N ALA D 115 25.62 32.24 -30.75
CA ALA D 115 26.20 32.86 -31.93
C ALA D 115 27.17 33.95 -31.54
N ASN D 116 26.86 34.70 -30.47
CA ASN D 116 27.75 35.77 -30.03
C ASN D 116 29.09 35.23 -29.54
N LEU D 117 29.10 34.07 -28.90
CA LEU D 117 30.36 33.45 -28.52
C LEU D 117 31.14 33.06 -29.76
N LYS D 118 30.48 32.36 -30.68
CA LYS D 118 31.11 32.06 -31.96
C LYS D 118 31.74 33.32 -32.56
N ARG D 119 31.15 34.48 -32.33
CA ARG D 119 31.72 35.70 -32.93
C ARG D 119 33.02 36.09 -32.25
N VAL D 120 33.10 36.01 -30.92
CA VAL D 120 34.37 36.38 -30.29
C VAL D 120 35.45 35.36 -30.63
N LEU D 121 35.06 34.09 -30.84
CA LEU D 121 36.02 33.03 -31.12
C LEU D 121 36.72 33.23 -32.46
N LYS D 122 36.12 33.99 -33.37
CA LYS D 122 36.82 34.33 -34.60
C LYS D 122 37.80 35.47 -34.38
N GLU D 123 37.48 36.38 -33.45
CA GLU D 123 38.43 37.41 -33.02
C GLU D 123 39.64 36.81 -32.32
N MET D 124 39.59 35.55 -31.92
CA MET D 124 40.71 34.89 -31.26
C MET D 124 41.46 33.92 -32.17
N GLU D 125 40.78 33.29 -33.13
CA GLU D 125 41.54 32.52 -34.12
C GLU D 125 42.25 33.44 -35.12
N ASP D 126 41.84 34.71 -35.21
CA ASP D 126 42.60 35.71 -35.96
C ASP D 126 43.86 36.15 -35.22
N LEU D 127 44.03 35.77 -33.95
CA LEU D 127 45.24 36.09 -33.20
C LEU D 127 46.14 34.88 -32.98
N GLY D 128 45.85 33.76 -33.65
CA GLY D 128 46.79 32.67 -33.76
C GLY D 128 46.41 31.41 -33.02
N PHE D 129 45.26 31.35 -32.37
CA PHE D 129 44.95 30.25 -31.49
C PHE D 129 43.88 29.33 -32.10
N THR D 130 44.06 28.04 -31.87
CA THR D 130 43.21 27.00 -32.44
C THR D 130 41.84 26.94 -31.74
N ASP D 131 41.86 26.75 -30.42
CA ASP D 131 40.67 26.56 -29.60
C ASP D 131 40.78 27.40 -28.33
N PHE D 132 39.61 27.71 -27.76
CA PHE D 132 39.51 28.32 -26.43
C PHE D 132 38.85 27.31 -25.49
N ASN D 133 39.64 26.65 -24.67
CA ASN D 133 39.17 25.47 -23.96
C ASN D 133 38.72 25.84 -22.56
N LEU D 134 37.54 25.33 -22.18
CA LEU D 134 36.93 25.66 -20.90
C LEU D 134 36.55 24.38 -20.16
N GLY D 135 36.88 24.37 -18.88
CA GLY D 135 36.41 23.35 -17.97
C GLY D 135 35.69 23.98 -16.80
N PRO D 136 34.37 23.76 -16.74
CA PRO D 136 33.55 24.39 -15.70
C PRO D 136 33.34 23.49 -14.50
N GLU D 137 33.14 24.15 -13.36
CA GLU D 137 32.93 23.49 -12.07
C GLU D 137 31.60 23.95 -11.49
N PRO D 138 30.48 23.54 -12.07
CA PRO D 138 29.17 24.02 -11.59
C PRO D 138 28.75 23.27 -10.33
N GLU D 139 28.85 23.95 -9.18
CA GLU D 139 28.41 23.38 -7.90
C GLU D 139 26.90 23.57 -7.71
N PHE D 140 26.30 22.76 -6.83
CA PHE D 140 24.85 22.88 -6.68
C PHE D 140 24.39 22.31 -5.34
N PHE D 141 23.24 22.80 -4.87
CA PHE D 141 22.61 22.28 -3.67
C PHE D 141 21.44 21.38 -4.03
N LEU D 142 21.14 20.46 -3.11
CA LEU D 142 20.03 19.53 -3.21
C LEU D 142 19.09 19.79 -2.03
N PHE D 143 17.85 20.16 -2.33
CA PHE D 143 16.84 20.34 -1.30
C PHE D 143 15.80 19.24 -1.40
N LYS D 144 15.25 18.86 -0.25
CA LYS D 144 14.17 17.88 -0.18
C LYS D 144 12.89 18.47 -0.76
N LEU D 145 12.09 17.63 -1.40
CA LEU D 145 10.74 18.01 -1.83
C LEU D 145 9.74 17.61 -0.77
N ASP D 146 8.52 18.16 -0.87
CA ASP D 146 7.45 17.84 0.07
C ASP D 146 6.41 16.93 -0.58
N GLU D 147 5.30 16.70 0.11
CA GLU D 147 4.29 15.76 -0.38
C GLU D 147 3.80 16.14 -1.79
N LYS D 148 3.57 17.42 -2.05
CA LYS D 148 3.03 17.94 -3.30
C LYS D 148 4.10 18.40 -4.28
N GLY D 149 5.32 17.89 -4.16
CA GLY D 149 6.30 18.01 -5.22
C GLY D 149 7.02 19.33 -5.33
N GLU D 150 7.00 20.14 -4.27
CA GLU D 150 7.53 21.49 -4.27
C GLU D 150 8.73 21.60 -3.33
N PRO D 151 9.69 22.47 -3.62
CA PRO D 151 10.92 22.50 -2.83
C PRO D 151 10.70 22.94 -1.39
N THR D 152 11.54 22.43 -0.50
CA THR D 152 11.62 22.87 0.87
C THR D 152 12.99 23.51 1.10
N LEU D 153 13.14 24.11 2.27
CA LEU D 153 14.42 24.65 2.70
C LEU D 153 15.25 23.61 3.45
N GLU D 154 14.86 22.34 3.37
CA GLU D 154 15.55 21.24 4.04
C GLU D 154 16.54 20.57 3.08
N LEU D 155 17.83 20.68 3.38
CA LEU D 155 18.87 20.09 2.57
C LEU D 155 18.90 18.58 2.74
N ASN D 156 19.38 17.89 1.70
CA ASN D 156 19.31 16.43 1.70
C ASN D 156 20.18 15.82 2.78
N ASP D 157 21.28 16.48 3.13
CA ASP D 157 22.17 15.98 4.16
C ASP D 157 22.73 17.16 4.92
N ASP D 158 23.43 16.86 6.00
CA ASP D 158 24.23 17.81 6.75
C ASP D 158 25.70 17.39 6.73
N GLY D 159 26.20 17.00 5.54
CA GLY D 159 27.59 16.62 5.36
C GLY D 159 28.47 17.77 4.90
N GLY D 160 29.76 17.48 4.84
CA GLY D 160 30.75 18.46 4.45
C GLY D 160 31.60 17.96 3.32
N TYR D 161 32.81 18.51 3.15
CA TYR D 161 33.68 18.20 2.00
C TYR D 161 34.08 16.75 1.94
N PHE D 162 33.90 16.12 0.79
CA PHE D 162 34.41 14.77 0.57
C PHE D 162 33.85 13.79 1.57
N ASP D 163 32.65 14.04 2.07
CA ASP D 163 32.13 13.12 3.06
C ASP D 163 31.52 11.90 2.38
N LEU D 164 31.35 10.84 3.17
CA LEU D 164 30.79 9.57 2.75
C LEU D 164 29.39 9.41 3.32
N ALA D 165 28.61 8.53 2.70
CA ALA D 165 27.34 8.10 3.30
C ALA D 165 27.59 7.21 4.50
N PRO D 166 26.69 7.22 5.51
CA PRO D 166 25.44 8.00 5.50
C PRO D 166 25.57 9.48 5.88
N THR D 167 26.75 10.02 6.19
CA THR D 167 26.81 11.46 6.42
C THR D 167 26.40 12.22 5.18
N ASP D 168 26.67 11.63 4.01
CA ASP D 168 26.40 12.22 2.71
C ASP D 168 25.38 11.33 2.00
N LEU D 169 24.19 11.88 1.74
CA LEU D 169 23.10 11.12 1.19
C LEU D 169 22.84 11.40 -0.29
N GLY D 170 23.61 12.29 -0.93
CA GLY D 170 23.51 12.49 -2.36
C GLY D 170 24.26 11.49 -3.19
N GLU D 171 24.69 10.36 -2.61
CA GLU D 171 25.55 9.44 -3.32
C GLU D 171 24.87 8.91 -4.59
N ASN D 172 23.73 8.24 -4.44
CA ASN D 172 23.17 7.54 -5.60
C ASN D 172 22.67 8.52 -6.64
N CYS D 173 22.07 9.61 -6.20
CA CYS D 173 21.63 10.66 -7.10
C CYS D 173 22.78 11.10 -8.01
N ARG D 174 23.93 11.47 -7.41
CA ARG D 174 25.11 11.82 -8.19
C ARG D 174 25.55 10.68 -9.10
N ARG D 175 25.55 9.44 -8.59
CA ARG D 175 25.81 8.27 -9.42
C ARG D 175 24.86 8.23 -10.60
N ASP D 176 23.55 8.26 -10.32
CA ASP D 176 22.56 8.24 -11.39
C ASP D 176 22.81 9.38 -12.39
N ILE D 177 23.18 10.56 -11.88
CA ILE D 177 23.48 11.67 -12.77
C ILE D 177 24.67 11.33 -13.67
N VAL D 178 25.69 10.81 -13.03
CA VAL D 178 26.94 10.46 -13.76
C VAL D 178 26.61 9.47 -14.85
N LEU D 179 25.97 8.33 -14.53
CA LEU D 179 25.77 7.37 -15.64
C LEU D 179 24.90 7.94 -16.76
N GLU D 180 23.90 8.76 -16.48
CA GLU D 180 23.18 9.32 -17.65
C GLU D 180 24.15 10.26 -18.36
N LEU D 181 24.89 11.07 -17.61
CA LEU D 181 25.86 11.97 -18.27
C LEU D 181 26.85 11.13 -19.07
N GLU D 182 27.41 10.07 -18.47
CA GLU D 182 28.38 9.26 -19.20
C GLU D 182 27.80 8.74 -20.49
N ASP D 183 26.56 8.21 -20.43
CA ASP D 183 25.85 7.65 -21.58
C ASP D 183 25.40 8.71 -22.55
N MET D 184 25.78 9.97 -22.32
CA MET D 184 25.50 11.07 -23.22
C MET D 184 26.74 11.66 -23.87
N GLY D 185 27.93 11.14 -23.60
CA GLY D 185 29.15 11.63 -24.21
C GLY D 185 30.08 12.39 -23.29
N PHE D 186 29.66 12.72 -22.07
CA PHE D 186 30.55 13.41 -21.14
C PHE D 186 31.72 12.53 -20.71
N ASP D 187 32.91 13.11 -20.65
CA ASP D 187 34.01 12.49 -19.93
C ASP D 187 33.99 13.07 -18.52
N ILE D 188 33.27 12.37 -17.64
CA ILE D 188 33.22 12.74 -16.24
C ILE D 188 34.59 12.51 -15.60
N GLU D 189 34.98 13.44 -14.73
CA GLU D 189 36.28 13.48 -14.08
C GLU D 189 36.24 13.14 -12.60
N ALA D 190 35.27 13.67 -11.87
CA ALA D 190 35.08 13.33 -10.45
C ALA D 190 33.66 13.66 -10.04
N SER D 191 33.26 13.13 -8.88
CA SER D 191 31.97 13.37 -8.25
C SER D 191 32.14 13.25 -6.75
N HIS D 192 31.64 14.23 -5.99
CA HIS D 192 31.84 14.32 -4.55
C HIS D 192 30.94 15.40 -3.94
N HIS D 193 30.88 15.37 -2.60
CA HIS D 193 30.15 16.35 -1.79
C HIS D 193 31.04 17.55 -1.49
N GLU D 194 30.53 18.77 -1.77
CA GLU D 194 31.38 19.92 -1.50
C GLU D 194 31.07 20.42 -0.09
N VAL D 195 31.67 21.57 0.25
CA VAL D 195 31.87 22.04 1.63
C VAL D 195 30.56 22.22 2.38
N ALA D 196 29.54 22.74 1.73
CA ALA D 196 28.37 23.16 2.44
C ALA D 196 27.42 21.99 2.64
N PRO D 197 26.49 22.10 3.58
CA PRO D 197 25.52 21.02 3.76
C PRO D 197 24.69 20.90 2.50
N GLY D 198 24.43 19.66 2.10
CA GLY D 198 23.70 19.42 0.86
C GLY D 198 24.30 19.99 -0.40
N GLN D 199 25.60 20.28 -0.42
CA GLN D 199 26.26 20.81 -1.60
C GLN D 199 27.01 19.70 -2.36
N HIS D 200 26.99 19.78 -3.69
CA HIS D 200 27.53 18.70 -4.49
C HIS D 200 28.29 19.26 -5.68
N GLU D 201 29.27 18.47 -6.17
CA GLU D 201 30.13 18.82 -7.30
C GLU D 201 30.28 17.60 -8.20
N ILE D 202 30.27 17.84 -9.50
CA ILE D 202 30.58 16.81 -10.49
C ILE D 202 31.34 17.49 -11.59
N ASP D 203 32.63 17.19 -11.72
CA ASP D 203 33.51 17.82 -12.70
C ASP D 203 33.59 16.94 -13.94
N PHE D 204 33.83 17.57 -15.08
CA PHE D 204 33.98 16.85 -16.34
C PHE D 204 35.03 17.55 -17.19
N LYS D 205 35.54 16.85 -18.20
CA LYS D 205 36.74 17.29 -18.93
C LYS D 205 36.47 18.51 -19.81
N TYR D 206 37.54 19.28 -20.05
CA TYR D 206 37.43 20.51 -20.83
C TYR D 206 37.02 20.22 -22.26
N ALA D 207 36.56 21.26 -22.96
CA ALA D 207 36.11 21.13 -24.34
C ALA D 207 36.18 22.48 -25.03
N ASP D 208 35.89 22.49 -26.33
CA ASP D 208 35.89 23.73 -27.09
C ASP D 208 34.99 24.77 -26.43
N ALA D 209 35.38 26.03 -26.54
CA ALA D 209 34.62 27.13 -25.96
C ALA D 209 33.12 26.93 -26.13
N VAL D 210 32.66 26.72 -27.37
CA VAL D 210 31.23 26.60 -27.58
C VAL D 210 30.70 25.31 -26.96
N THR D 211 31.33 24.16 -27.25
CA THR D 211 30.77 22.91 -26.72
C THR D 211 30.87 22.83 -25.20
N ALA D 212 31.81 23.53 -24.58
CA ALA D 212 31.83 23.56 -23.12
C ALA D 212 30.53 24.15 -22.57
N CYS D 213 30.11 25.33 -23.06
CA CYS D 213 28.86 25.92 -22.60
C CYS D 213 27.66 25.06 -22.95
N ASP D 214 27.61 24.56 -24.20
CA ASP D 214 26.68 23.51 -24.57
C ASP D 214 26.66 22.42 -23.50
N ASN D 215 27.84 22.09 -22.97
CA ASN D 215 27.94 21.10 -21.90
C ASN D 215 27.29 21.60 -20.61
N ILE D 216 27.61 22.84 -20.20
CA ILE D 216 27.07 23.37 -18.95
C ILE D 216 25.55 23.38 -18.98
N GLN D 217 24.97 23.89 -20.08
CA GLN D 217 23.52 23.99 -20.16
C GLN D 217 22.86 22.62 -20.19
N THR D 218 23.53 21.61 -20.76
CA THR D 218 23.03 20.24 -20.63
C THR D 218 23.24 19.72 -19.22
N PHE D 219 24.44 19.96 -18.65
CA PHE D 219 24.68 19.54 -17.28
C PHE D 219 23.50 19.90 -16.38
N LYS D 220 23.16 21.20 -16.33
CA LYS D 220 22.12 21.67 -15.41
C LYS D 220 20.79 21.00 -15.69
N LEU D 221 20.45 20.83 -16.98
CA LEU D 221 19.24 20.09 -17.38
C LEU D 221 19.21 18.68 -16.78
N VAL D 222 20.35 17.98 -16.78
CA VAL D 222 20.35 16.60 -16.28
C VAL D 222 20.33 16.60 -14.75
N VAL D 223 21.02 17.54 -14.11
CA VAL D 223 21.06 17.58 -12.66
C VAL D 223 19.64 17.76 -12.11
N LYS D 224 18.89 18.70 -12.68
CA LYS D 224 17.56 19.02 -12.16
C LYS D 224 16.56 17.92 -12.46
N THR D 225 16.77 17.18 -13.56
CA THR D 225 15.83 16.13 -13.95
C THR D 225 16.01 14.86 -13.12
N ILE D 226 17.25 14.36 -13.01
CA ILE D 226 17.49 13.23 -12.13
C ILE D 226 17.20 13.63 -10.69
N ALA D 227 17.64 14.82 -10.25
CA ALA D 227 17.41 15.23 -8.87
C ALA D 227 15.94 15.10 -8.49
N ARG D 228 15.04 15.48 -9.39
CA ARG D 228 13.61 15.38 -9.12
C ARG D 228 13.17 13.91 -9.00
N LYS D 229 13.69 13.04 -9.88
CA LYS D 229 13.33 11.62 -9.78
C LYS D 229 13.73 11.03 -8.43
N HIS D 230 14.85 11.49 -7.86
CA HIS D 230 15.30 11.11 -6.52
C HIS D 230 14.56 11.87 -5.42
N ASN D 231 13.49 12.55 -5.78
CA ASN D 231 12.68 13.28 -4.82
C ASN D 231 13.43 14.47 -4.23
N LEU D 232 14.24 15.12 -5.04
CA LEU D 232 14.99 16.27 -4.56
C LEU D 232 14.82 17.43 -5.52
N HIS D 233 15.20 18.61 -5.05
CA HIS D 233 15.19 19.83 -5.87
C HIS D 233 16.61 20.38 -5.95
N ALA D 234 17.19 20.38 -7.15
CA ALA D 234 18.52 20.92 -7.38
C ALA D 234 18.41 22.40 -7.71
N THR D 235 19.19 23.22 -6.99
CA THR D 235 19.31 24.64 -7.31
C THR D 235 20.76 25.00 -7.60
N PHE D 236 20.96 25.79 -8.65
CA PHE D 236 22.23 26.47 -8.89
C PHE D 236 22.23 27.92 -8.41
N MET D 237 21.40 28.24 -7.40
CA MET D 237 21.41 29.58 -6.82
C MET D 237 22.77 29.84 -6.19
N PRO D 238 23.42 30.97 -6.48
CA PRO D 238 24.77 31.17 -5.96
C PRO D 238 24.83 30.95 -4.46
N LYS D 239 24.03 31.69 -3.69
CA LYS D 239 24.13 31.68 -2.23
C LYS D 239 22.74 31.52 -1.63
N PRO D 240 22.22 30.28 -1.57
CA PRO D 240 20.84 30.08 -1.13
C PRO D 240 20.66 30.11 0.37
N LEU D 241 21.72 29.89 1.14
CA LEU D 241 21.66 30.02 2.59
C LEU D 241 22.83 30.87 3.07
N PHE D 242 22.53 31.76 4.01
CA PHE D 242 23.56 32.55 4.64
C PHE D 242 24.36 31.70 5.63
N GLY D 243 25.66 31.96 5.69
CA GLY D 243 26.51 31.37 6.70
C GLY D 243 27.12 30.05 6.34
N VAL D 244 26.79 29.50 5.17
CA VAL D 244 27.47 28.33 4.63
C VAL D 244 28.01 28.73 3.26
N ASN D 245 28.88 27.87 2.72
CA ASN D 245 29.44 28.13 1.40
C ASN D 245 28.34 28.28 0.37
N GLY D 246 28.44 29.30 -0.46
CA GLY D 246 27.72 29.35 -1.71
C GLY D 246 28.34 28.36 -2.66
N SER D 247 27.76 28.28 -3.86
CA SER D 247 28.32 27.43 -4.91
C SER D 247 28.59 28.32 -6.11
N GLY D 248 29.82 28.26 -6.62
CA GLY D 248 30.17 28.95 -7.84
C GLY D 248 30.31 28.01 -9.06
N MET D 249 30.66 28.62 -10.18
CA MET D 249 30.97 27.88 -11.40
C MET D 249 32.37 28.30 -11.84
N HIS D 250 33.40 27.65 -11.29
CA HIS D 250 34.76 28.03 -11.61
C HIS D 250 35.03 27.77 -13.09
N PHE D 251 35.56 28.77 -13.76
CA PHE D 251 35.86 28.68 -15.19
C PHE D 251 37.38 28.49 -15.32
N ASN D 252 37.78 27.23 -15.51
CA ASN D 252 39.16 26.90 -15.88
C ASN D 252 39.30 27.06 -17.38
N VAL D 253 40.33 27.80 -17.78
CA VAL D 253 40.40 28.39 -19.11
C VAL D 253 41.82 28.26 -19.63
N SER D 254 41.94 28.08 -20.94
CA SER D 254 43.24 27.95 -21.58
C SER D 254 43.05 28.16 -23.08
N LEU D 255 44.08 28.70 -23.72
CA LEU D 255 44.16 28.78 -25.18
C LEU D 255 45.04 27.67 -25.70
N PHE D 256 44.66 27.10 -26.84
CA PHE D 256 45.47 26.06 -27.47
C PHE D 256 45.91 26.52 -28.85
N LYS D 257 47.17 26.23 -29.18
CA LYS D 257 47.63 26.22 -30.57
C LYS D 257 47.68 24.78 -31.07
N GLY D 258 46.50 24.21 -31.30
CA GLY D 258 46.39 22.88 -31.89
C GLY D 258 47.12 21.77 -31.14
N LYS D 259 46.64 21.36 -29.96
CA LYS D 259 47.33 20.45 -29.06
C LYS D 259 48.52 21.12 -28.38
N GLU D 260 48.83 22.37 -28.73
CA GLU D 260 49.69 23.26 -27.96
C GLU D 260 48.90 23.78 -26.75
N ASN D 261 49.34 23.48 -25.54
CA ASN D 261 48.82 24.23 -24.40
C ASN D 261 49.63 25.50 -24.33
N ALA D 262 49.08 26.58 -24.90
CA ALA D 262 49.83 27.82 -25.10
C ALA D 262 50.02 28.60 -23.82
N PHE D 263 49.46 28.13 -22.71
CA PHE D 263 49.71 28.74 -21.40
C PHE D 263 50.91 28.13 -20.69
N PHE D 264 51.41 26.98 -21.15
CA PHE D 264 52.36 26.15 -20.41
C PHE D 264 53.75 26.29 -21.01
N ASP D 265 54.66 26.93 -20.26
CA ASP D 265 56.07 26.96 -20.67
C ASP D 265 56.80 25.79 -20.02
N PRO D 266 57.50 24.95 -20.79
CA PRO D 266 57.95 23.65 -20.24
C PRO D 266 59.28 23.68 -19.52
N ASN D 267 60.03 24.79 -19.50
CA ASN D 267 61.27 24.88 -18.71
C ASN D 267 61.22 25.89 -17.56
N THR D 268 60.38 26.94 -17.63
CA THR D 268 60.13 27.78 -16.46
C THR D 268 59.92 26.91 -15.23
N GLU D 269 60.22 27.43 -14.04
CA GLU D 269 59.93 26.66 -12.84
C GLU D 269 58.44 26.72 -12.49
N MET D 270 57.82 27.89 -12.63
CA MET D 270 56.37 27.98 -12.43
C MET D 270 55.58 27.55 -13.66
N GLY D 271 56.26 27.30 -14.78
CA GLY D 271 55.67 26.55 -15.88
C GLY D 271 54.61 27.28 -16.68
N LEU D 272 54.61 28.61 -16.65
CA LEU D 272 53.63 29.41 -17.37
C LEU D 272 54.33 30.25 -18.41
N THR D 273 53.93 30.09 -19.67
CA THR D 273 54.27 31.08 -20.70
C THR D 273 53.78 32.44 -20.23
N GLU D 274 54.16 33.50 -20.93
CA GLU D 274 53.60 34.78 -20.53
C GLU D 274 52.57 35.33 -21.51
N THR D 275 52.28 34.64 -22.63
CA THR D 275 50.99 34.90 -23.26
C THR D 275 49.85 34.49 -22.32
N ALA D 276 50.11 33.54 -21.42
CA ALA D 276 49.18 33.27 -20.32
C ALA D 276 49.28 34.34 -19.23
N TYR D 277 50.49 34.85 -18.97
CA TYR D 277 50.62 35.97 -18.05
C TYR D 277 49.84 37.19 -18.54
N GLN D 278 49.92 37.49 -19.85
CA GLN D 278 49.21 38.66 -20.36
C GLN D 278 47.71 38.43 -20.31
N PHE D 279 47.26 37.19 -20.54
CA PHE D 279 45.84 36.85 -20.42
C PHE D 279 45.32 37.18 -19.04
N THR D 280 45.99 36.69 -17.99
CA THR D 280 45.65 37.05 -16.62
C THR D 280 45.57 38.56 -16.43
N ALA D 281 46.40 39.32 -17.13
CA ALA D 281 46.40 40.77 -16.94
C ALA D 281 45.09 41.39 -17.41
N GLY D 282 44.55 40.92 -18.54
CA GLY D 282 43.35 41.53 -19.10
C GLY D 282 42.09 41.19 -18.33
N VAL D 283 42.01 39.96 -17.79
CA VAL D 283 40.82 39.61 -17.02
C VAL D 283 40.83 40.34 -15.68
N LEU D 284 42.01 40.61 -15.13
CA LEU D 284 42.08 41.48 -13.96
C LEU D 284 41.81 42.95 -14.31
N LYS D 285 42.26 43.41 -15.49
CA LYS D 285 41.97 44.79 -15.87
C LYS D 285 40.49 45.02 -16.07
N ASN D 286 39.75 44.00 -16.53
CA ASN D 286 38.35 44.14 -16.85
C ASN D 286 37.42 43.42 -15.89
N ALA D 287 37.94 42.93 -14.75
CA ALA D 287 37.15 42.13 -13.82
C ALA D 287 35.91 42.88 -13.37
N ARG D 288 36.10 44.11 -12.88
CA ARG D 288 34.95 44.91 -12.49
C ARG D 288 33.95 45.01 -13.62
N GLY D 289 34.44 45.08 -14.86
CA GLY D 289 33.56 45.27 -16.01
C GLY D 289 32.58 44.13 -16.22
N PHE D 290 33.05 42.88 -16.12
CA PHE D 290 32.21 41.74 -16.52
C PHE D 290 31.55 41.02 -15.34
N THR D 291 31.80 41.45 -14.10
CA THR D 291 31.20 40.78 -12.95
C THR D 291 29.69 40.66 -13.05
N ALA D 292 29.04 41.65 -13.66
CA ALA D 292 27.59 41.63 -13.73
C ALA D 292 27.07 40.48 -14.60
N VAL D 293 27.86 39.99 -15.54
CA VAL D 293 27.41 38.86 -16.33
C VAL D 293 27.82 37.53 -15.71
N CYS D 294 28.94 37.49 -14.98
CA CYS D 294 29.34 36.30 -14.26
C CYS D 294 28.70 36.19 -12.88
N ASN D 295 28.08 37.27 -12.39
CA ASN D 295 27.37 37.27 -11.12
C ASN D 295 26.08 38.07 -11.35
N PRO D 296 25.08 37.48 -11.99
CA PRO D 296 23.96 38.26 -12.54
C PRO D 296 22.76 38.41 -11.62
N LEU D 297 22.70 37.71 -10.49
CA LEU D 297 21.60 37.87 -9.55
C LEU D 297 21.97 38.85 -8.46
N VAL D 298 20.97 39.38 -7.78
CA VAL D 298 21.25 40.05 -6.51
C VAL D 298 21.78 39.04 -5.52
N ASN D 299 21.28 37.80 -5.59
CA ASN D 299 21.78 36.73 -4.73
C ASN D 299 23.26 36.46 -4.98
N SER D 300 23.76 36.82 -6.16
CA SER D 300 25.15 36.57 -6.49
C SER D 300 26.11 37.28 -5.55
N TYR D 301 25.71 38.43 -5.02
CA TYR D 301 26.63 39.24 -4.26
C TYR D 301 26.59 38.91 -2.78
N LYS D 302 25.65 38.06 -2.42
CA LYS D 302 25.58 37.58 -1.02
C LYS D 302 26.59 36.43 -0.88
N ARG D 303 27.22 36.01 -1.97
CA ARG D 303 28.22 34.92 -2.00
C ARG D 303 29.61 35.51 -2.18
N LEU D 304 29.69 36.77 -2.62
CA LEU D 304 30.95 37.51 -2.85
C LEU D 304 31.28 38.36 -1.63
N VAL D 305 31.03 37.81 -0.46
CA VAL D 305 31.43 38.33 0.87
C VAL D 305 32.58 37.42 1.27
N PRO D 306 33.77 37.80 2.08
CA PRO D 306 34.96 37.05 2.52
C PRO D 306 34.61 35.85 3.40
N GLY D 307 35.43 34.81 3.31
CA GLY D 307 35.37 33.70 4.22
C GLY D 307 34.78 32.42 3.71
N TYR D 308 34.51 32.30 2.41
CA TYR D 308 33.87 31.09 1.92
C TYR D 308 34.52 30.57 0.64
N GLU D 309 35.80 30.84 0.44
CA GLU D 309 36.50 30.38 -0.75
C GLU D 309 35.85 30.91 -2.02
N ALA D 310 35.28 32.12 -1.96
CA ALA D 310 34.74 32.78 -3.13
C ALA D 310 35.52 34.07 -3.37
N PRO D 311 35.76 34.44 -4.63
CA PRO D 311 36.58 35.61 -4.91
C PRO D 311 35.93 36.87 -4.36
N CYS D 312 36.73 37.67 -3.67
CA CYS D 312 36.25 38.89 -3.03
C CYS D 312 36.96 40.11 -3.60
N TYR D 313 38.27 40.04 -3.70
CA TYR D 313 39.09 41.11 -4.21
C TYR D 313 39.76 40.62 -5.49
N ILE D 314 40.11 41.57 -6.35
CA ILE D 314 40.69 41.24 -7.66
C ILE D 314 42.19 41.04 -7.47
N ALA D 315 42.65 39.79 -7.68
CA ALA D 315 44.03 39.35 -7.45
C ALA D 315 44.15 37.92 -7.97
N TRP D 316 45.39 37.52 -8.28
CA TRP D 316 45.68 36.16 -8.69
C TRP D 316 46.72 35.56 -7.75
N SER D 317 46.71 34.23 -7.67
CA SER D 317 47.71 33.49 -6.92
C SER D 317 47.67 32.06 -7.42
N GLY D 318 48.62 31.26 -6.96
CA GLY D 318 48.69 29.85 -7.32
C GLY D 318 48.44 29.03 -6.07
N LYS D 319 47.82 27.86 -6.25
CA LYS D 319 47.49 27.00 -5.12
C LYS D 319 46.66 27.75 -4.08
N ASN D 320 45.84 28.70 -4.52
CA ASN D 320 45.17 29.61 -3.60
C ASN D 320 43.68 29.68 -3.92
N ARG D 321 42.84 29.44 -2.92
CA ARG D 321 41.40 29.55 -3.10
C ARG D 321 40.82 30.83 -2.50
N SER D 322 41.63 31.65 -1.84
CA SER D 322 41.18 32.96 -1.36
C SER D 322 41.03 33.99 -2.47
N PRO D 323 41.80 33.90 -3.59
CA PRO D 323 41.85 35.02 -4.55
C PRO D 323 40.80 34.96 -5.66
N LEU D 324 40.81 35.98 -6.52
CA LEU D 324 39.93 35.94 -7.68
C LEU D 324 40.35 34.86 -8.67
N ILE D 325 41.65 34.73 -8.90
CA ILE D 325 42.18 33.84 -9.94
C ILE D 325 43.17 32.87 -9.30
N ARG D 326 42.85 31.58 -9.35
CA ARG D 326 43.76 30.53 -8.94
C ARG D 326 44.50 29.97 -10.16
N VAL D 327 45.73 29.54 -9.93
CA VAL D 327 46.44 28.73 -10.92
C VAL D 327 46.75 27.37 -10.28
N PRO D 328 45.90 26.36 -10.49
CA PRO D 328 46.12 25.05 -9.87
C PRO D 328 47.53 24.54 -10.12
N SER D 329 48.01 23.73 -9.17
CA SER D 329 49.38 23.21 -9.27
C SER D 329 49.57 22.42 -10.54
N SER D 330 48.50 21.94 -11.14
CA SER D 330 48.60 21.12 -12.35
C SER D 330 49.15 21.94 -13.50
N ARG D 331 50.27 21.51 -14.05
CA ARG D 331 50.86 22.08 -15.25
C ARG D 331 50.78 21.03 -16.36
N GLY D 332 51.44 21.31 -17.48
CA GLY D 332 51.46 20.37 -18.58
C GLY D 332 50.36 20.67 -19.57
N LEU D 333 49.78 19.65 -20.19
CA LEU D 333 48.64 19.90 -21.05
C LEU D 333 47.42 20.40 -20.27
N SER D 334 47.53 20.44 -18.93
CA SER D 334 46.45 20.84 -18.04
C SER D 334 46.71 22.19 -17.37
N THR D 335 47.74 22.92 -17.80
CA THR D 335 48.04 24.23 -17.22
C THR D 335 46.90 25.19 -17.51
N ARG D 336 46.28 25.72 -16.46
CA ARG D 336 45.12 26.56 -16.68
C ARG D 336 45.07 27.65 -15.61
N ILE D 337 44.29 28.70 -15.89
CA ILE D 337 43.86 29.67 -14.88
C ILE D 337 42.39 29.44 -14.58
N GLU D 338 42.08 29.24 -13.31
CA GLU D 338 40.70 29.08 -12.83
C GLU D 338 40.17 30.44 -12.40
N VAL D 339 39.07 30.88 -13.03
CA VAL D 339 38.44 32.17 -12.75
C VAL D 339 37.25 31.89 -11.84
N ARG D 340 37.40 32.18 -10.54
CA ARG D 340 36.45 31.70 -9.53
C ARG D 340 35.23 32.60 -9.31
N SER D 341 35.20 33.82 -9.83
CA SER D 341 34.07 34.70 -9.59
C SER D 341 32.78 34.11 -10.16
N VAL D 342 32.85 33.50 -11.36
CA VAL D 342 31.64 33.09 -12.06
C VAL D 342 30.80 32.22 -11.15
N ASP D 343 29.51 32.48 -11.06
CA ASP D 343 28.66 31.52 -10.37
C ASP D 343 27.66 30.88 -11.30
N PRO D 344 27.06 29.76 -10.89
CA PRO D 344 26.30 28.91 -11.83
C PRO D 344 25.06 29.57 -12.42
N ALA D 345 24.65 30.74 -11.92
CA ALA D 345 23.50 31.44 -12.50
C ALA D 345 23.87 32.20 -13.75
N ALA D 346 25.16 32.36 -14.02
CA ALA D 346 25.57 33.14 -15.18
C ALA D 346 25.32 32.37 -16.47
N ASN D 347 24.98 33.12 -17.51
CA ASN D 347 24.80 32.57 -18.82
C ASN D 347 26.16 32.11 -19.32
N PRO D 348 26.39 30.80 -19.52
CA PRO D 348 27.77 30.36 -19.80
C PRO D 348 28.35 30.98 -21.05
N TYR D 349 27.58 31.02 -22.15
CA TYR D 349 28.08 31.62 -23.38
C TYR D 349 28.49 33.07 -23.17
N MET D 350 27.71 33.83 -22.40
CA MET D 350 28.05 35.23 -22.25
C MET D 350 29.20 35.39 -21.29
N ALA D 351 29.18 34.67 -20.18
CA ALA D 351 30.29 34.75 -19.24
C ALA D 351 31.61 34.45 -19.95
N LEU D 352 31.60 33.50 -20.89
CA LEU D 352 32.81 33.12 -21.62
C LEU D 352 33.30 34.24 -22.51
N ALA D 353 32.41 34.83 -23.31
CA ALA D 353 32.79 35.92 -24.21
C ALA D 353 33.41 37.08 -23.43
N ALA D 354 32.86 37.39 -22.25
CA ALA D 354 33.43 38.46 -21.44
C ALA D 354 34.83 38.11 -20.98
N ILE D 355 35.02 36.90 -20.46
CA ILE D 355 36.33 36.49 -19.95
C ILE D 355 37.33 36.35 -21.10
N LEU D 356 36.88 35.88 -22.26
CA LEU D 356 37.80 35.71 -23.39
C LEU D 356 38.28 37.06 -23.90
N GLU D 357 37.34 37.92 -24.34
CA GLU D 357 37.74 39.24 -24.83
C GLU D 357 38.51 40.03 -23.79
N ALA D 358 38.20 39.79 -22.52
CA ALA D 358 38.95 40.43 -21.45
C ALA D 358 40.40 39.95 -21.44
N GLY D 359 40.64 38.73 -21.89
CA GLY D 359 41.99 38.18 -21.86
C GLY D 359 42.77 38.49 -23.13
N LEU D 360 42.06 38.71 -24.23
CA LEU D 360 42.69 39.08 -25.49
C LEU D 360 43.05 40.55 -25.52
N ASP D 361 42.18 41.42 -25.00
CA ASP D 361 42.64 42.79 -24.81
C ASP D 361 43.75 42.87 -23.79
N GLY D 362 44.09 41.74 -23.16
CA GLY D 362 45.25 41.62 -22.29
C GLY D 362 46.51 41.19 -23.01
N ILE D 363 46.37 40.43 -24.08
CA ILE D 363 47.50 40.11 -24.94
C ILE D 363 47.60 41.09 -26.09
N LYS D 364 46.50 41.28 -26.83
CA LYS D 364 46.48 42.30 -27.88
C LYS D 364 47.19 43.57 -27.42
N ASN D 365 46.97 43.97 -26.17
CA ASN D 365 47.57 45.14 -25.55
C ASN D 365 48.87 44.83 -24.82
N LYS D 366 49.38 43.60 -24.92
CA LYS D 366 50.65 43.23 -24.30
C LYS D 366 50.75 43.79 -22.88
N LEU D 367 49.81 43.40 -22.01
CA LEU D 367 49.72 43.93 -20.66
C LEU D 367 50.61 43.18 -19.66
N LYS D 368 51.11 43.93 -18.70
CA LYS D 368 52.02 43.43 -17.67
C LYS D 368 51.19 42.87 -16.51
N VAL D 369 51.49 41.62 -16.13
CA VAL D 369 50.80 40.93 -15.03
C VAL D 369 51.15 41.64 -13.72
N PRO D 370 50.23 41.67 -12.73
CA PRO D 370 50.62 42.17 -11.39
C PRO D 370 51.29 41.09 -10.56
N GLU D 371 51.71 41.42 -9.30
CA GLU D 371 52.39 40.40 -8.50
C GLU D 371 51.36 39.57 -7.72
N PRO D 372 51.66 38.28 -7.48
CA PRO D 372 50.69 37.41 -6.85
C PRO D 372 50.59 37.61 -5.34
N VAL D 373 49.39 37.38 -4.82
CA VAL D 373 49.14 37.49 -3.39
C VAL D 373 49.15 36.07 -2.85
N ASN D 374 50.31 35.62 -2.38
CA ASN D 374 50.42 34.25 -1.88
C ASN D 374 49.99 34.16 -0.41
N GLN D 375 48.82 34.73 -0.09
CA GLN D 375 48.35 34.76 1.28
C GLN D 375 46.86 34.49 1.29
N ASN D 376 46.33 34.36 2.51
CA ASN D 376 44.89 34.40 2.70
C ASN D 376 44.47 35.86 2.63
N ILE D 377 43.82 36.23 1.51
CA ILE D 377 43.43 37.61 1.31
C ILE D 377 42.34 38.04 2.30
N TYR D 378 41.57 37.10 2.82
CA TYR D 378 40.50 37.46 3.74
C TYR D 378 41.06 37.99 5.06
N GLU D 379 42.26 37.57 5.44
CA GLU D 379 42.93 37.99 6.67
C GLU D 379 43.71 39.30 6.50
N MET D 380 43.56 39.95 5.35
CA MET D 380 44.29 41.18 5.04
C MET D 380 43.46 42.38 5.45
N ASN D 381 44.07 43.26 6.22
CA ASN D 381 43.46 44.52 6.62
C ASN D 381 43.07 45.34 5.39
N ARG D 382 41.93 46.02 5.47
CA ARG D 382 41.47 46.82 4.34
C ARG D 382 42.57 47.77 3.85
N GLU D 383 43.20 48.48 4.79
CA GLU D 383 44.29 49.38 4.43
C GLU D 383 45.53 48.63 3.97
N GLU D 384 45.77 47.44 4.51
CA GLU D 384 46.91 46.65 4.06
C GLU D 384 46.73 46.16 2.62
N ARG D 385 45.48 45.81 2.24
CA ARG D 385 45.24 45.44 0.85
C ARG D 385 45.14 46.66 -0.04
N GLU D 386 44.67 47.79 0.48
CA GLU D 386 44.75 49.03 -0.30
C GLU D 386 46.22 49.44 -0.52
N ALA D 387 47.11 49.00 0.37
CA ALA D 387 48.53 49.37 0.26
C ALA D 387 49.17 48.73 -0.97
N VAL D 388 49.00 47.42 -1.14
CA VAL D 388 49.45 46.75 -2.35
C VAL D 388 48.54 47.01 -3.55
N GLY D 389 47.52 47.85 -3.38
CA GLY D 389 46.71 48.35 -4.49
C GLY D 389 45.76 47.38 -5.17
N ILE D 390 45.14 46.47 -4.43
CA ILE D 390 44.26 45.49 -5.04
C ILE D 390 42.83 45.99 -4.99
N GLN D 391 42.19 46.04 -6.15
CA GLN D 391 40.80 46.46 -6.25
C GLN D 391 39.88 45.47 -5.56
N ASP D 392 38.65 45.92 -5.30
CA ASP D 392 37.56 45.08 -4.82
C ASP D 392 36.58 44.81 -5.95
N LEU D 393 35.92 43.63 -5.91
CA LEU D 393 34.85 43.44 -6.88
C LEU D 393 33.61 44.23 -6.45
N PRO D 394 32.75 44.59 -7.40
CA PRO D 394 31.46 45.20 -7.04
C PRO D 394 30.75 44.42 -5.93
N SER D 395 30.32 45.15 -4.89
CA SER D 395 29.66 44.55 -3.74
C SER D 395 28.16 44.30 -3.93
N THR D 396 27.52 44.93 -4.93
CA THR D 396 26.12 44.72 -5.21
C THR D 396 25.88 44.71 -6.72
N LEU D 397 24.77 44.08 -7.12
CA LEU D 397 24.43 44.05 -8.53
C LEU D 397 24.30 45.45 -9.12
N TYR D 398 23.81 46.44 -8.36
CA TYR D 398 23.75 47.80 -8.90
C TYR D 398 25.16 48.34 -9.21
N THR D 399 26.08 48.22 -8.24
CA THR D 399 27.45 48.64 -8.49
C THR D 399 28.10 47.83 -9.60
N ALA D 400 27.73 46.55 -9.74
CA ALA D 400 28.19 45.77 -10.88
C ALA D 400 27.72 46.40 -12.17
N LEU D 401 26.43 46.73 -12.22
CA LEU D 401 25.85 47.31 -13.42
C LEU D 401 26.57 48.58 -13.83
N LYS D 402 26.79 49.49 -12.89
CA LYS D 402 27.40 50.76 -13.27
C LYS D 402 28.85 50.56 -13.68
N ALA D 403 29.56 49.64 -13.01
CA ALA D 403 30.90 49.25 -13.48
C ALA D 403 30.85 48.65 -14.87
N MET D 404 29.70 48.12 -15.26
CA MET D 404 29.57 47.54 -16.58
C MET D 404 29.48 48.62 -17.66
N ARG D 405 28.76 49.71 -17.39
CA ARG D 405 28.58 50.76 -18.39
C ARG D 405 29.79 51.65 -18.52
N GLU D 406 30.75 51.53 -17.62
CA GLU D 406 32.05 52.19 -17.72
C GLU D 406 33.02 51.40 -18.58
N ASN D 407 33.01 50.08 -18.46
CA ASN D 407 34.00 49.25 -19.13
C ASN D 407 33.67 49.11 -20.61
N GLU D 408 34.64 49.42 -21.47
CA GLU D 408 34.43 49.31 -22.90
C GLU D 408 34.62 47.88 -23.40
N VAL D 409 35.54 47.11 -22.79
CA VAL D 409 35.88 45.76 -23.26
C VAL D 409 34.69 44.82 -23.19
N ILE D 410 33.72 45.11 -22.32
CA ILE D 410 32.56 44.24 -22.16
C ILE D 410 31.51 44.53 -23.24
N LYS D 411 31.22 45.81 -23.52
CA LYS D 411 30.32 46.09 -24.63
C LYS D 411 30.83 45.44 -25.91
N LYS D 412 32.16 45.39 -26.07
CA LYS D 412 32.75 44.69 -27.21
C LYS D 412 32.37 43.20 -27.18
N ALA D 413 32.47 42.57 -26.02
CA ALA D 413 32.30 41.13 -25.96
C ALA D 413 30.86 40.71 -26.20
N LEU D 414 29.90 41.58 -25.83
CA LEU D 414 28.48 41.25 -25.87
C LEU D 414 27.74 41.88 -27.03
N GLY D 415 28.27 42.97 -27.59
CA GLY D 415 27.57 43.74 -28.62
C GLY D 415 26.40 44.56 -28.11
N ASN D 416 25.79 45.36 -29.00
CA ASN D 416 24.76 46.30 -28.56
C ASN D 416 23.52 45.58 -28.03
N HIS D 417 22.90 44.76 -28.88
CA HIS D 417 21.62 44.18 -28.52
C HIS D 417 21.69 43.44 -27.20
N ILE D 418 22.77 42.69 -26.98
CA ILE D 418 22.86 41.94 -25.73
C ILE D 418 23.27 42.87 -24.60
N TYR D 419 24.36 43.60 -24.77
CA TYR D 419 24.77 44.54 -23.75
C TYR D 419 23.57 45.40 -23.33
N ASN D 420 22.86 45.97 -24.32
CA ASN D 420 21.74 46.85 -24.01
C ASN D 420 20.62 46.10 -23.29
N GLN D 421 20.16 44.98 -23.85
CA GLN D 421 19.08 44.23 -23.25
C GLN D 421 19.45 43.64 -21.90
N PHE D 422 20.71 43.68 -21.51
CA PHE D 422 21.12 43.17 -20.21
C PHE D 422 21.12 44.26 -19.13
N ILE D 423 21.89 45.34 -19.34
CA ILE D 423 21.82 46.46 -18.40
C ILE D 423 20.38 46.81 -18.13
N ASN D 424 19.54 46.78 -19.17
CA ASN D 424 18.15 47.21 -19.05
C ASN D 424 17.33 46.26 -18.19
N SER D 425 17.48 44.96 -18.40
CA SER D 425 16.65 43.99 -17.68
C SER D 425 17.13 43.78 -16.25
N LYS D 426 18.44 43.72 -16.06
CA LYS D 426 18.94 43.50 -14.69
C LYS D 426 18.81 44.76 -13.86
N SER D 427 18.28 45.84 -14.42
CA SER D 427 18.15 47.08 -13.62
C SER D 427 16.72 47.16 -13.10
N ILE D 428 15.83 46.43 -13.74
CA ILE D 428 14.43 46.34 -13.23
C ILE D 428 14.49 45.36 -12.08
N GLU D 429 15.23 44.27 -12.24
CA GLU D 429 15.34 43.29 -11.15
C GLU D 429 15.97 44.01 -9.95
N TRP D 430 16.88 44.95 -10.15
CA TRP D 430 17.40 45.70 -8.99
C TRP D 430 16.34 46.66 -8.47
N ASP D 431 15.58 47.29 -9.35
CA ASP D 431 14.57 48.25 -8.85
C ASP D 431 13.57 47.50 -7.97
N TYR D 432 12.96 46.46 -8.52
CA TYR D 432 12.01 45.61 -7.82
C TYR D 432 12.57 45.19 -6.46
N TYR D 433 13.84 44.78 -6.44
CA TYR D 433 14.45 44.27 -5.21
C TYR D 433 14.74 45.41 -4.24
N ARG D 434 15.18 46.55 -4.73
CA ARG D 434 15.31 47.72 -3.85
C ARG D 434 13.98 48.44 -3.72
N THR D 435 12.91 47.68 -3.52
CA THR D 435 11.67 48.21 -2.96
C THR D 435 11.07 47.26 -1.95
N GLN D 436 11.43 45.98 -1.95
CA GLN D 436 10.82 45.03 -1.04
C GLN D 436 11.35 45.23 0.39
N VAL D 437 10.56 44.80 1.36
CA VAL D 437 10.91 44.88 2.78
C VAL D 437 11.20 43.47 3.26
N SER D 438 12.48 43.25 3.59
CA SER D 438 12.99 41.90 3.98
C SER D 438 12.57 41.51 5.39
N GLU D 439 12.41 40.21 5.63
CA GLU D 439 12.06 39.68 6.97
C GLU D 439 13.13 40.15 7.95
N TRP D 440 14.33 40.49 7.44
CA TRP D 440 15.39 40.97 8.28
C TRP D 440 15.04 42.30 8.92
N GLU D 441 14.67 43.30 8.12
CA GLU D 441 14.28 44.58 8.67
C GLU D 441 13.11 44.43 9.61
N ARG D 442 12.02 43.85 9.11
CA ARG D 442 10.87 43.69 9.99
C ARG D 442 11.28 42.96 11.25
N ASP D 443 12.21 42.01 11.14
CA ASP D 443 12.63 41.23 12.31
C ASP D 443 13.64 41.95 13.17
N GLN D 444 14.26 43.01 12.66
CA GLN D 444 15.28 43.68 13.43
C GLN D 444 14.87 45.09 13.79
N TYR D 445 13.69 45.54 13.36
CA TYR D 445 13.35 46.95 13.44
C TYR D 445 11.94 47.20 13.98
N MET D 446 11.01 46.27 13.72
CA MET D 446 9.59 46.53 14.00
C MET D 446 9.25 46.48 15.48
N LYS D 447 10.02 45.76 16.30
CA LYS D 447 9.81 45.78 17.73
C LYS D 447 10.72 46.77 18.46
N GLN D 448 11.93 47.01 17.93
CA GLN D 448 12.90 47.91 18.57
C GLN D 448 12.58 49.38 18.31
N TYR D 449 11.83 49.68 17.26
CA TYR D 449 11.48 51.05 16.87
C TYR D 449 9.96 51.27 16.80
N ARG E 7 -18.32 -51.57 5.95
CA ARG E 7 -18.93 -50.23 5.77
C ARG E 7 -18.33 -49.30 6.88
N THR E 8 -17.75 -49.93 7.93
CA THR E 8 -16.96 -49.26 8.97
C THR E 8 -15.48 -49.36 8.60
N PHE E 9 -14.66 -48.40 9.07
CA PHE E 9 -13.20 -48.35 8.82
C PHE E 9 -12.41 -49.03 9.92
N THR E 10 -11.33 -49.72 9.54
CA THR E 10 -10.44 -50.46 10.43
C THR E 10 -9.17 -49.67 10.69
N LYS E 11 -8.46 -50.03 11.77
CA LYS E 11 -7.22 -49.34 12.12
C LYS E 11 -6.26 -49.30 10.96
N GLU E 12 -6.32 -50.28 10.06
CA GLU E 12 -5.39 -50.27 8.96
C GLU E 12 -5.93 -49.48 7.78
N ASP E 13 -7.25 -49.44 7.62
CA ASP E 13 -7.87 -48.45 6.74
C ASP E 13 -7.27 -47.07 6.99
N ILE E 14 -7.44 -46.57 8.23
CA ILE E 14 -6.92 -45.28 8.64
C ILE E 14 -5.41 -45.20 8.43
N ARG E 15 -4.69 -46.28 8.76
CA ARG E 15 -3.23 -46.28 8.56
C ARG E 15 -2.88 -46.02 7.09
N LYS E 16 -3.66 -46.57 6.15
CA LYS E 16 -3.39 -46.34 4.73
C LYS E 16 -3.72 -44.91 4.30
N PHE E 17 -4.88 -44.39 4.71
CA PHE E 17 -5.20 -43.00 4.36
C PHE E 17 -4.11 -42.03 4.79
N VAL E 18 -3.49 -42.28 5.96
CA VAL E 18 -2.48 -41.35 6.46
C VAL E 18 -1.26 -41.35 5.56
N GLU E 19 -0.93 -42.48 4.94
CA GLU E 19 0.23 -42.57 4.06
C GLU E 19 -0.11 -42.23 2.61
N GLU E 20 -1.34 -42.50 2.16
CA GLU E 20 -1.73 -42.20 0.79
C GLU E 20 -1.74 -40.70 0.55
N GLU E 21 -2.52 -39.97 1.34
CA GLU E 21 -2.64 -38.52 1.19
C GLU E 21 -1.53 -37.77 1.91
N ASN E 22 -0.55 -38.47 2.49
CA ASN E 22 0.53 -37.87 3.28
C ASN E 22 -0.01 -36.83 4.25
N VAL E 23 -0.84 -37.32 5.17
CA VAL E 23 -1.39 -36.49 6.24
C VAL E 23 -0.30 -36.22 7.28
N ARG E 24 -0.24 -34.97 7.75
CA ARG E 24 0.81 -34.59 8.70
C ARG E 24 0.32 -34.48 10.14
N TYR E 25 -0.88 -33.98 10.39
CA TYR E 25 -1.35 -33.86 11.77
C TYR E 25 -2.77 -34.43 11.90
N LEU E 26 -3.12 -34.80 13.13
CA LEU E 26 -4.45 -35.28 13.48
C LEU E 26 -5.11 -34.35 14.47
N ARG E 27 -6.37 -34.09 14.25
CA ARG E 27 -7.20 -33.41 15.24
C ARG E 27 -8.16 -34.43 15.82
N LEU E 28 -8.06 -34.67 17.13
CA LEU E 28 -9.02 -35.50 17.87
C LEU E 28 -10.06 -34.57 18.42
N GLN E 29 -11.31 -34.73 18.00
CA GLN E 29 -12.38 -33.80 18.36
C GLN E 29 -13.52 -34.49 19.11
N PHE E 30 -14.07 -33.77 20.06
CA PHE E 30 -15.20 -34.26 20.81
C PHE E 30 -16.00 -33.06 21.25
N THR E 31 -17.11 -33.30 21.93
CA THR E 31 -18.14 -32.28 22.14
C THR E 31 -18.52 -32.25 23.61
N ASP E 32 -18.48 -31.08 24.22
CA ASP E 32 -18.82 -31.00 25.63
C ASP E 32 -20.34 -30.91 25.80
N ILE E 33 -20.78 -30.61 27.02
CA ILE E 33 -22.20 -30.52 27.35
C ILE E 33 -22.87 -29.31 26.69
N LEU E 34 -22.12 -28.30 26.27
CA LEU E 34 -22.74 -27.13 25.67
C LEU E 34 -22.90 -27.23 24.15
N GLY E 35 -22.48 -28.33 23.55
CA GLY E 35 -22.43 -28.39 22.09
C GLY E 35 -21.16 -27.83 21.50
N THR E 36 -20.16 -27.54 22.33
CA THR E 36 -18.96 -26.85 21.90
C THR E 36 -17.87 -27.86 21.56
N ILE E 37 -17.37 -27.81 20.33
CA ILE E 37 -16.39 -28.80 19.91
C ILE E 37 -15.02 -28.42 20.46
N LYS E 38 -14.34 -29.43 20.98
CA LYS E 38 -13.02 -29.32 21.58
C LYS E 38 -12.06 -30.26 20.83
N ASN E 39 -10.79 -29.96 20.92
CA ASN E 39 -9.90 -30.79 20.12
C ASN E 39 -8.48 -30.46 20.51
N VAL E 40 -7.61 -31.48 20.38
CA VAL E 40 -6.17 -31.33 20.46
C VAL E 40 -5.58 -31.84 19.14
N GLU E 41 -4.48 -31.25 18.73
CA GLU E 41 -3.79 -31.67 17.52
C GLU E 41 -2.54 -32.45 17.91
N VAL E 42 -2.39 -33.65 17.34
CA VAL E 42 -1.18 -34.42 17.53
C VAL E 42 -0.51 -34.62 16.18
N PRO E 43 0.82 -34.68 16.13
CA PRO E 43 1.51 -35.08 14.89
C PRO E 43 1.27 -36.55 14.58
N VAL E 44 1.05 -36.82 13.31
CA VAL E 44 0.68 -38.14 12.81
C VAL E 44 1.66 -39.21 13.25
N SER E 45 2.86 -38.79 13.70
CA SER E 45 3.75 -39.76 14.36
C SER E 45 3.14 -40.39 15.59
N GLN E 46 2.03 -39.86 16.11
CA GLN E 46 1.36 -40.42 17.28
C GLN E 46 0.17 -41.27 16.92
N LEU E 47 0.06 -41.66 15.65
CA LEU E 47 -1.10 -42.41 15.19
C LEU E 47 -1.34 -43.67 16.03
N GLU E 48 -0.28 -44.45 16.32
CA GLU E 48 -0.50 -45.72 17.02
C GLU E 48 -1.03 -45.50 18.43
N LYS E 49 -0.60 -44.42 19.09
CA LYS E 49 -1.18 -44.04 20.38
C LYS E 49 -2.66 -43.71 20.25
N VAL E 50 -3.03 -43.05 19.15
CA VAL E 50 -4.41 -42.65 18.88
C VAL E 50 -5.31 -43.87 18.69
N LEU E 51 -4.85 -44.84 17.91
CA LEU E 51 -5.68 -45.98 17.59
C LEU E 51 -5.76 -46.99 18.74
N ASP E 52 -4.78 -47.01 19.65
CA ASP E 52 -4.89 -47.86 20.82
C ASP E 52 -5.53 -47.14 22.00
N ASN E 53 -6.15 -46.00 21.75
CA ASN E 53 -7.09 -45.36 22.69
C ASN E 53 -6.37 -44.88 23.95
N GLU E 54 -5.14 -44.38 23.78
CA GLU E 54 -4.30 -43.94 24.89
C GLU E 54 -4.05 -42.43 24.87
N MET E 55 -4.98 -41.65 24.31
CA MET E 55 -4.87 -40.19 24.30
C MET E 55 -5.64 -39.62 25.48
N MET E 56 -4.97 -38.79 26.28
CA MET E 56 -5.54 -38.28 27.52
C MET E 56 -5.74 -36.77 27.45
N PHE E 57 -6.69 -36.27 28.25
CA PHE E 57 -6.89 -34.84 28.42
C PHE E 57 -7.42 -34.56 29.82
N ASP E 58 -7.36 -33.30 30.23
CA ASP E 58 -7.89 -32.86 31.51
C ASP E 58 -9.41 -32.77 31.41
N GLY E 59 -10.12 -33.76 31.98
CA GLY E 59 -11.57 -33.66 32.03
C GLY E 59 -12.12 -32.56 32.92
N SER E 60 -11.35 -32.09 33.90
CA SER E 60 -11.95 -31.11 34.80
C SER E 60 -12.08 -29.76 34.10
N SER E 61 -11.38 -29.59 32.98
CA SER E 61 -11.36 -28.33 32.28
C SER E 61 -12.42 -28.27 31.19
N ILE E 62 -13.38 -29.18 31.22
CA ILE E 62 -14.47 -29.26 30.25
C ILE E 62 -15.79 -29.13 31.00
N GLU E 63 -16.77 -28.53 30.33
CA GLU E 63 -17.91 -28.02 31.09
C GLU E 63 -18.61 -29.15 31.86
N GLY E 64 -19.21 -30.10 31.15
CA GLY E 64 -20.08 -31.02 31.86
C GLY E 64 -19.49 -32.36 32.26
N PHE E 65 -18.19 -32.38 32.48
CA PHE E 65 -17.37 -33.57 32.73
C PHE E 65 -17.09 -33.79 34.22
N VAL E 66 -15.87 -34.25 34.51
CA VAL E 66 -15.42 -34.71 35.82
C VAL E 66 -14.85 -33.58 36.66
N ARG E 67 -14.61 -33.86 37.95
CA ARG E 67 -14.00 -32.93 38.92
C ARG E 67 -12.47 -33.05 38.96
N ILE E 68 -11.83 -32.02 39.56
CA ILE E 68 -10.37 -31.87 39.50
C ILE E 68 -9.65 -33.03 40.15
N GLU E 69 -10.30 -33.75 41.04
CA GLU E 69 -9.65 -34.86 41.73
C GLU E 69 -9.68 -36.15 40.93
N GLU E 70 -10.39 -36.20 39.81
CA GLU E 70 -10.41 -37.34 38.91
C GLU E 70 -10.21 -36.89 37.47
N SER E 71 -9.25 -35.98 37.24
CA SER E 71 -9.22 -35.23 35.98
C SER E 71 -9.04 -36.16 34.78
N ASP E 72 -8.09 -37.09 34.85
CA ASP E 72 -7.66 -37.86 33.70
C ASP E 72 -8.81 -38.53 32.99
N MET E 73 -8.87 -38.33 31.68
CA MET E 73 -9.83 -39.01 30.83
C MET E 73 -9.20 -39.27 29.47
N TYR E 74 -9.78 -40.23 28.74
CA TYR E 74 -9.22 -40.69 27.47
C TYR E 74 -10.13 -40.32 26.32
N LEU E 75 -9.54 -40.27 25.12
CA LEU E 75 -10.26 -40.20 23.86
C LEU E 75 -10.16 -41.53 23.10
N HIS E 76 -11.27 -41.95 22.51
CA HIS E 76 -11.38 -43.17 21.71
C HIS E 76 -11.87 -42.79 20.31
N PRO E 77 -11.04 -42.82 19.28
CA PRO E 77 -11.51 -42.31 17.97
C PRO E 77 -12.54 -43.23 17.31
N ASP E 78 -13.65 -42.63 16.87
CA ASP E 78 -14.60 -43.32 15.99
C ASP E 78 -14.03 -43.26 14.58
N LEU E 79 -13.55 -44.40 14.10
CA LEU E 79 -12.81 -44.40 12.84
C LEU E 79 -13.65 -43.95 11.65
N ASP E 80 -14.98 -44.20 11.68
CA ASP E 80 -15.81 -43.82 10.54
C ASP E 80 -15.82 -42.31 10.32
N THR E 81 -15.54 -41.55 11.38
CA THR E 81 -15.55 -40.10 11.27
C THR E 81 -14.36 -39.53 10.49
N TRP E 82 -13.52 -40.36 9.90
CA TRP E 82 -12.34 -39.84 9.22
C TRP E 82 -12.74 -38.83 8.14
N VAL E 83 -11.97 -37.75 8.03
CA VAL E 83 -12.07 -36.80 6.93
C VAL E 83 -10.83 -35.93 6.95
N ILE E 84 -10.41 -35.47 5.77
CA ILE E 84 -9.29 -34.54 5.63
C ILE E 84 -9.85 -33.16 5.28
N PHE E 85 -9.26 -32.12 5.91
CA PHE E 85 -9.58 -30.71 5.77
C PHE E 85 -9.10 -30.14 4.43
N PRO E 86 -9.98 -29.95 3.46
CA PRO E 86 -9.51 -29.63 2.09
C PRO E 86 -8.83 -28.27 1.95
N TRP E 87 -8.60 -27.55 3.04
CA TRP E 87 -7.90 -26.29 2.96
C TRP E 87 -6.50 -26.38 3.53
N THR E 88 -6.01 -27.58 3.77
CA THR E 88 -4.68 -27.75 4.35
C THR E 88 -3.67 -28.15 3.28
N ALA E 89 -2.40 -27.79 3.54
CA ALA E 89 -1.27 -27.87 2.62
C ALA E 89 -0.82 -29.31 2.48
N GLY E 90 0.39 -29.54 1.97
CA GLY E 90 0.96 -30.87 1.94
C GLY E 90 1.73 -31.18 3.20
N GLN E 91 2.61 -30.26 3.61
CA GLN E 91 3.34 -30.40 4.88
C GLN E 91 2.49 -30.03 6.08
N GLY E 92 1.29 -29.49 5.85
CA GLY E 92 0.39 -29.18 6.94
C GLY E 92 -0.96 -29.82 6.71
N LYS E 93 -1.01 -30.93 6.02
CA LYS E 93 -2.33 -31.53 5.81
C LYS E 93 -2.85 -31.97 7.17
N VAL E 94 -4.08 -31.60 7.51
CA VAL E 94 -4.60 -32.04 8.82
C VAL E 94 -5.82 -32.89 8.54
N ALA E 95 -6.00 -33.94 9.32
CA ALA E 95 -7.17 -34.82 9.23
C ALA E 95 -7.86 -34.84 10.57
N ARG E 96 -9.03 -35.45 10.63
CA ARG E 96 -9.79 -35.40 11.87
C ARG E 96 -10.29 -36.77 12.27
N LEU E 97 -10.35 -37.03 13.58
CA LEU E 97 -11.21 -38.11 14.08
C LEU E 97 -12.10 -37.55 15.20
N ILE E 98 -13.39 -37.83 15.12
CA ILE E 98 -14.29 -37.51 16.23
C ILE E 98 -14.22 -38.64 17.24
N CYS E 99 -14.25 -38.28 18.51
CA CYS E 99 -13.97 -39.24 19.57
C CYS E 99 -15.12 -39.33 20.56
N ASP E 100 -15.24 -40.50 21.16
CA ASP E 100 -16.00 -40.70 22.38
C ASP E 100 -15.06 -40.66 23.58
N VAL E 101 -15.62 -40.27 24.73
CA VAL E 101 -14.85 -40.02 25.94
C VAL E 101 -14.96 -41.22 26.85
N TYR E 102 -13.85 -41.64 27.43
CA TYR E 102 -13.84 -42.75 28.37
C TYR E 102 -13.17 -42.33 29.67
N LYS E 103 -13.49 -43.09 30.72
CA LYS E 103 -12.87 -42.95 32.03
C LYS E 103 -11.57 -43.76 32.09
N THR E 104 -10.75 -43.48 33.11
CA THR E 104 -9.46 -44.18 33.21
C THR E 104 -9.62 -45.69 33.19
N ASP E 105 -10.74 -46.21 33.69
CA ASP E 105 -10.90 -47.65 33.82
C ASP E 105 -11.46 -48.31 32.58
N GLY E 106 -11.73 -47.56 31.51
CA GLY E 106 -12.29 -48.10 30.30
C GLY E 106 -13.79 -48.09 30.24
N THR E 107 -14.43 -47.67 31.32
CA THR E 107 -15.83 -47.31 31.31
C THR E 107 -16.07 -46.11 30.39
N PRO E 108 -16.88 -46.24 29.34
CA PRO E 108 -17.36 -45.06 28.63
C PRO E 108 -18.05 -44.07 29.56
N PHE E 109 -17.87 -42.78 29.25
CA PHE E 109 -18.26 -41.73 30.19
C PHE E 109 -19.78 -41.51 30.17
N GLU E 110 -20.38 -41.60 31.36
CA GLU E 110 -21.81 -41.35 31.49
C GLU E 110 -22.17 -39.93 31.05
N GLY E 111 -21.19 -39.04 30.98
CA GLY E 111 -21.37 -37.68 30.57
C GLY E 111 -21.09 -37.38 29.13
N ASP E 112 -20.64 -38.35 28.35
CA ASP E 112 -20.39 -38.08 26.95
C ASP E 112 -21.70 -37.83 26.22
N PRO E 113 -21.88 -36.68 25.56
CA PRO E 113 -23.11 -36.45 24.80
C PRO E 113 -23.25 -37.36 23.60
N ARG E 114 -22.18 -37.57 22.84
CA ARG E 114 -22.27 -38.42 21.66
C ARG E 114 -22.61 -39.84 22.06
N ALA E 115 -21.94 -40.36 23.09
CA ALA E 115 -22.20 -41.74 23.48
C ALA E 115 -23.61 -41.85 24.05
N ASN E 116 -24.04 -40.87 24.85
CA ASN E 116 -25.42 -40.94 25.33
C ASN E 116 -26.42 -41.04 24.19
N LEU E 117 -26.18 -40.37 23.07
CA LEU E 117 -27.09 -40.60 21.95
C LEU E 117 -26.95 -42.03 21.44
N LYS E 118 -25.71 -42.55 21.36
CA LYS E 118 -25.55 -43.94 20.96
C LYS E 118 -26.32 -44.89 21.87
N ARG E 119 -26.43 -44.55 23.17
CA ARG E 119 -27.21 -45.38 24.08
C ARG E 119 -28.70 -45.34 23.75
N VAL E 120 -29.26 -44.15 23.55
CA VAL E 120 -30.68 -44.07 23.25
C VAL E 120 -31.02 -44.69 21.90
N LEU E 121 -30.06 -44.79 20.97
CA LEU E 121 -30.35 -45.38 19.67
C LEU E 121 -30.44 -46.90 19.74
N LYS E 122 -29.84 -47.52 20.75
CA LYS E 122 -30.02 -48.96 20.95
C LYS E 122 -31.44 -49.26 21.43
N GLU E 123 -32.10 -48.29 22.08
CA GLU E 123 -33.47 -48.48 22.51
C GLU E 123 -34.42 -48.48 21.32
N MET E 124 -34.19 -47.61 20.33
CA MET E 124 -35.00 -47.63 19.13
C MET E 124 -34.78 -48.89 18.32
N GLU E 125 -33.60 -49.51 18.45
CA GLU E 125 -33.32 -50.71 17.67
C GLU E 125 -34.04 -51.92 18.23
N ASP E 126 -34.08 -52.07 19.56
CA ASP E 126 -34.83 -53.17 20.16
C ASP E 126 -36.32 -53.05 19.89
N LEU E 127 -36.78 -51.89 19.42
CA LEU E 127 -38.16 -51.66 19.00
C LEU E 127 -38.36 -51.84 17.49
N GLY E 128 -37.33 -52.32 16.78
CA GLY E 128 -37.48 -52.78 15.41
C GLY E 128 -37.10 -51.82 14.31
N PHE E 129 -36.48 -50.69 14.64
CA PHE E 129 -36.09 -49.67 13.67
C PHE E 129 -34.59 -49.74 13.40
N THR E 130 -34.20 -49.66 12.13
CA THR E 130 -32.82 -49.85 11.72
C THR E 130 -31.99 -48.55 11.73
N ASP E 131 -32.63 -47.40 11.61
CA ASP E 131 -31.92 -46.12 11.52
C ASP E 131 -32.88 -45.00 11.91
N PHE E 132 -32.32 -43.96 12.52
CA PHE E 132 -33.05 -42.75 12.86
C PHE E 132 -32.37 -41.58 12.14
N ASN E 133 -33.00 -41.08 11.07
CA ASN E 133 -32.35 -40.11 10.19
C ASN E 133 -32.75 -38.69 10.58
N LEU E 134 -31.74 -37.80 10.61
CA LEU E 134 -31.91 -36.39 10.96
C LEU E 134 -31.32 -35.51 9.88
N GLY E 135 -32.14 -34.67 9.28
CA GLY E 135 -31.66 -33.66 8.39
C GLY E 135 -31.77 -32.29 9.04
N PRO E 136 -30.65 -31.77 9.54
CA PRO E 136 -30.66 -30.49 10.25
C PRO E 136 -30.59 -29.29 9.32
N GLU E 137 -31.14 -28.16 9.80
CA GLU E 137 -31.26 -26.92 9.05
C GLU E 137 -30.65 -25.76 9.85
N PRO E 138 -29.33 -25.76 10.06
CA PRO E 138 -28.73 -24.71 10.90
C PRO E 138 -28.59 -23.39 10.13
N GLU E 139 -29.35 -22.37 10.56
CA GLU E 139 -29.30 -21.04 9.97
C GLU E 139 -28.38 -20.14 10.80
N PHE E 140 -27.75 -19.17 10.15
CA PHE E 140 -26.76 -18.34 10.84
C PHE E 140 -26.79 -16.92 10.31
N PHE E 141 -26.25 -16.00 11.11
CA PHE E 141 -26.09 -14.58 10.76
C PHE E 141 -24.62 -14.31 10.49
N LEU E 142 -24.35 -13.30 9.65
CA LEU E 142 -22.97 -12.92 9.38
C LEU E 142 -22.74 -11.47 9.77
N PHE E 143 -21.88 -11.23 10.75
CA PHE E 143 -21.55 -9.86 11.14
C PHE E 143 -20.20 -9.43 10.56
N LYS E 144 -20.05 -8.13 10.39
CA LYS E 144 -18.77 -7.59 9.94
C LYS E 144 -17.80 -7.43 11.10
N LEU E 145 -16.52 -7.67 10.81
CA LEU E 145 -15.42 -7.47 11.74
C LEU E 145 -14.84 -6.05 11.63
N ASP E 146 -14.20 -5.61 12.70
CA ASP E 146 -13.71 -4.24 12.80
C ASP E 146 -12.21 -4.14 12.45
N GLU E 147 -11.64 -2.99 12.83
CA GLU E 147 -10.19 -2.75 12.80
C GLU E 147 -9.38 -3.97 13.25
N LYS E 148 -9.55 -4.37 14.52
CA LYS E 148 -8.68 -5.33 15.20
C LYS E 148 -9.28 -6.75 15.29
N GLY E 149 -10.15 -7.12 14.36
CA GLY E 149 -10.56 -8.50 14.20
C GLY E 149 -11.78 -8.96 14.98
N GLU E 150 -12.28 -8.16 15.91
CA GLU E 150 -13.41 -8.60 16.71
C GLU E 150 -14.74 -8.21 16.08
N PRO E 151 -15.82 -8.91 16.41
CA PRO E 151 -17.09 -8.67 15.70
C PRO E 151 -17.71 -7.34 16.09
N THR E 152 -18.52 -6.82 15.17
CA THR E 152 -19.33 -5.62 15.38
C THR E 152 -20.80 -6.03 15.40
N LEU E 153 -21.68 -5.04 15.54
CA LEU E 153 -23.11 -5.27 15.51
C LEU E 153 -23.72 -4.96 14.15
N GLU E 154 -22.90 -4.77 13.12
CA GLU E 154 -23.36 -4.39 11.79
C GLU E 154 -23.49 -5.63 10.91
N LEU E 155 -24.72 -6.02 10.57
CA LEU E 155 -24.92 -7.20 9.74
C LEU E 155 -24.20 -7.04 8.40
N ASN E 156 -24.06 -8.14 7.68
CA ASN E 156 -23.30 -8.03 6.44
C ASN E 156 -24.15 -7.54 5.27
N ASP E 157 -25.46 -7.50 5.41
CA ASP E 157 -26.27 -6.88 4.37
C ASP E 157 -27.62 -6.49 4.98
N ASP E 158 -28.47 -5.89 4.16
CA ASP E 158 -29.86 -5.67 4.50
C ASP E 158 -30.79 -6.48 3.60
N GLY E 159 -30.34 -7.67 3.19
CA GLY E 159 -31.12 -8.56 2.38
C GLY E 159 -32.11 -9.39 3.16
N GLY E 160 -32.92 -10.14 2.41
CA GLY E 160 -33.95 -10.97 2.95
C GLY E 160 -34.10 -12.27 2.20
N TYR E 161 -35.26 -12.90 2.32
CA TYR E 161 -35.41 -14.28 1.86
C TYR E 161 -35.22 -14.40 0.36
N PHE E 162 -34.35 -15.33 -0.02
CA PHE E 162 -34.01 -15.65 -1.41
C PHE E 162 -33.51 -14.43 -2.22
N ASP E 163 -32.97 -13.40 -1.58
CA ASP E 163 -32.41 -12.31 -2.36
C ASP E 163 -31.11 -12.72 -3.02
N LEU E 164 -30.72 -11.98 -4.04
CA LEU E 164 -29.44 -12.18 -4.70
C LEU E 164 -28.65 -10.87 -4.70
N ALA E 165 -27.44 -10.94 -5.27
CA ALA E 165 -26.47 -9.86 -5.09
C ALA E 165 -26.83 -8.65 -5.95
N PRO E 166 -26.60 -7.42 -5.46
CA PRO E 166 -25.86 -7.05 -4.26
C PRO E 166 -26.71 -6.85 -3.00
N THR E 167 -28.02 -7.06 -3.06
CA THR E 167 -28.81 -6.98 -1.83
C THR E 167 -28.36 -8.01 -0.81
N ASP E 168 -28.06 -9.23 -1.29
CA ASP E 168 -27.45 -10.32 -0.53
C ASP E 168 -25.94 -10.26 -0.77
N LEU E 169 -25.17 -9.91 0.26
CA LEU E 169 -23.74 -9.72 0.13
C LEU E 169 -22.91 -10.87 0.68
N GLY E 170 -23.54 -11.90 1.25
CA GLY E 170 -22.82 -13.08 1.68
C GLY E 170 -22.86 -14.15 0.63
N GLU E 171 -23.13 -13.76 -0.62
CA GLU E 171 -23.16 -14.70 -1.74
C GLU E 171 -21.83 -15.45 -1.92
N ASN E 172 -20.70 -14.74 -1.90
CA ASN E 172 -19.40 -15.39 -2.14
C ASN E 172 -19.02 -16.27 -0.97
N CYS E 173 -19.32 -15.79 0.22
CA CYS E 173 -18.97 -16.46 1.44
C CYS E 173 -19.75 -17.77 1.56
N ARG E 174 -20.97 -17.76 1.08
CA ARG E 174 -21.75 -19.01 1.13
C ARG E 174 -21.20 -19.96 0.09
N ARG E 175 -20.70 -19.45 -1.02
CA ARG E 175 -20.14 -20.34 -2.06
C ARG E 175 -18.91 -21.03 -1.52
N ASP E 176 -18.07 -20.29 -0.82
CA ASP E 176 -16.82 -20.84 -0.25
C ASP E 176 -17.17 -21.88 0.81
N ILE E 177 -18.27 -21.72 1.52
CA ILE E 177 -18.61 -22.72 2.53
C ILE E 177 -19.13 -24.00 1.87
N VAL E 178 -19.87 -23.89 0.77
CA VAL E 178 -20.31 -25.08 0.05
C VAL E 178 -19.11 -25.82 -0.55
N LEU E 179 -18.10 -25.08 -1.02
CA LEU E 179 -16.97 -25.70 -1.69
C LEU E 179 -16.18 -26.60 -0.76
N GLU E 180 -15.72 -26.04 0.37
CA GLU E 180 -14.99 -26.82 1.35
C GLU E 180 -15.85 -27.93 1.92
N LEU E 181 -17.14 -27.66 2.15
CA LEU E 181 -18.02 -28.68 2.70
C LEU E 181 -18.19 -29.85 1.75
N GLU E 182 -18.37 -29.55 0.47
CA GLU E 182 -18.54 -30.63 -0.49
C GLU E 182 -17.30 -31.50 -0.55
N ASP E 183 -16.11 -30.87 -0.55
CA ASP E 183 -14.84 -31.59 -0.50
C ASP E 183 -14.67 -32.41 0.79
N MET E 184 -15.49 -32.19 1.80
CA MET E 184 -15.45 -32.99 3.02
C MET E 184 -16.49 -34.11 3.02
N GLY E 185 -17.07 -34.43 1.86
CA GLY E 185 -18.05 -35.48 1.80
C GLY E 185 -19.44 -35.10 2.24
N PHE E 186 -19.74 -33.81 2.37
CA PHE E 186 -21.10 -33.36 2.63
C PHE E 186 -21.91 -33.40 1.35
N ASP E 187 -23.13 -33.90 1.42
CA ASP E 187 -24.01 -33.88 0.26
C ASP E 187 -24.87 -32.63 0.38
N ILE E 188 -24.40 -31.53 -0.22
CA ILE E 188 -25.07 -30.25 -0.10
C ILE E 188 -26.31 -30.25 -0.97
N GLU E 189 -27.28 -29.42 -0.60
CA GLU E 189 -28.60 -29.47 -1.23
C GLU E 189 -29.07 -28.09 -1.70
N ALA E 190 -28.77 -27.03 -0.95
CA ALA E 190 -29.24 -25.70 -1.30
C ALA E 190 -28.50 -24.66 -0.50
N SER E 191 -28.43 -23.45 -1.05
CA SER E 191 -27.75 -22.34 -0.42
C SER E 191 -28.48 -21.03 -0.74
N HIS E 192 -28.79 -20.26 0.28
CA HIS E 192 -29.64 -19.10 0.02
C HIS E 192 -29.66 -18.15 1.21
N HIS E 193 -29.96 -16.89 0.91
CA HIS E 193 -30.16 -15.87 1.92
C HIS E 193 -31.45 -16.13 2.69
N GLU E 194 -31.43 -15.88 3.99
CA GLU E 194 -32.63 -16.16 4.77
C GLU E 194 -33.48 -14.89 4.97
N VAL E 195 -34.55 -15.03 5.75
CA VAL E 195 -35.51 -13.93 5.97
C VAL E 195 -34.80 -12.70 6.50
N ALA E 196 -34.15 -12.82 7.67
CA ALA E 196 -33.65 -11.67 8.40
C ALA E 196 -32.42 -11.09 7.71
N PRO E 197 -32.25 -9.77 7.78
CA PRO E 197 -31.01 -9.15 7.25
C PRO E 197 -29.77 -9.83 7.83
N GLY E 198 -28.85 -10.23 6.94
CA GLY E 198 -27.62 -10.85 7.38
C GLY E 198 -27.68 -12.35 7.65
N GLN E 199 -28.85 -12.97 7.48
CA GLN E 199 -29.07 -14.37 7.82
C GLN E 199 -28.84 -15.28 6.61
N HIS E 200 -28.37 -16.50 6.87
CA HIS E 200 -28.03 -17.39 5.76
C HIS E 200 -28.35 -18.82 6.13
N GLU E 201 -28.60 -19.62 5.11
CA GLU E 201 -28.96 -21.02 5.26
C GLU E 201 -28.16 -21.83 4.25
N ILE E 202 -27.66 -22.97 4.68
CA ILE E 202 -27.08 -23.95 3.78
C ILE E 202 -27.59 -25.30 4.23
N ASP E 203 -28.19 -26.06 3.31
CA ASP E 203 -28.81 -27.32 3.66
C ASP E 203 -27.99 -28.50 3.14
N PHE E 204 -28.16 -29.64 3.80
CA PHE E 204 -27.47 -30.83 3.35
C PHE E 204 -28.33 -32.05 3.67
N LYS E 205 -28.14 -33.11 2.86
CA LYS E 205 -28.91 -34.34 3.00
C LYS E 205 -28.84 -34.88 4.42
N TYR E 206 -29.94 -35.49 4.82
CA TYR E 206 -30.04 -36.13 6.12
C TYR E 206 -29.06 -37.30 6.22
N ALA E 207 -28.84 -37.71 7.45
CA ALA E 207 -27.92 -38.79 7.72
C ALA E 207 -28.48 -39.52 8.93
N ASP E 208 -27.88 -40.65 9.26
CA ASP E 208 -28.26 -41.32 10.48
C ASP E 208 -27.87 -40.46 11.68
N ALA E 209 -28.60 -40.65 12.79
CA ALA E 209 -28.47 -39.80 13.97
C ALA E 209 -27.04 -39.41 14.34
N VAL E 210 -26.18 -40.39 14.66
CA VAL E 210 -24.83 -40.02 15.05
C VAL E 210 -24.14 -39.22 13.94
N THR E 211 -24.27 -39.64 12.68
CA THR E 211 -23.59 -38.94 11.60
C THR E 211 -24.13 -37.51 11.46
N ALA E 212 -25.45 -37.34 11.54
CA ALA E 212 -26.05 -36.03 11.36
C ALA E 212 -25.51 -35.04 12.38
N CYS E 213 -25.48 -35.42 13.65
CA CYS E 213 -24.88 -34.55 14.67
C CYS E 213 -23.44 -34.26 14.38
N ASP E 214 -22.66 -35.29 13.99
CA ASP E 214 -21.28 -35.02 13.62
C ASP E 214 -21.26 -33.98 12.52
N ASN E 215 -22.22 -34.06 11.62
CA ASN E 215 -22.32 -33.08 10.54
C ASN E 215 -22.53 -31.68 11.09
N ILE E 216 -23.53 -31.50 11.93
CA ILE E 216 -23.80 -30.18 12.51
C ILE E 216 -22.51 -29.59 13.09
N GLN E 217 -21.80 -30.37 13.91
CA GLN E 217 -20.58 -29.89 14.53
C GLN E 217 -19.54 -29.48 13.49
N THR E 218 -19.35 -30.32 12.48
CA THR E 218 -18.47 -29.94 11.38
C THR E 218 -18.95 -28.66 10.73
N PHE E 219 -20.25 -28.61 10.40
CA PHE E 219 -20.86 -27.50 9.70
C PHE E 219 -20.53 -26.18 10.36
N LYS E 220 -21.00 -26.00 11.60
CA LYS E 220 -20.61 -24.85 12.41
C LYS E 220 -19.11 -24.58 12.26
N LEU E 221 -18.30 -25.63 12.45
CA LEU E 221 -16.84 -25.47 12.42
C LEU E 221 -16.38 -24.82 11.12
N VAL E 222 -16.89 -25.28 9.97
CA VAL E 222 -16.49 -24.71 8.69
C VAL E 222 -17.13 -23.35 8.47
N VAL E 223 -18.40 -23.19 8.86
CA VAL E 223 -19.06 -21.91 8.62
C VAL E 223 -18.26 -20.79 9.29
N LYS E 224 -17.86 -20.98 10.55
CA LYS E 224 -17.23 -19.91 11.30
C LYS E 224 -15.87 -19.52 10.71
N THR E 225 -14.99 -20.50 10.42
CA THR E 225 -13.63 -20.15 9.96
C THR E 225 -13.64 -19.54 8.56
N ILE E 226 -14.42 -20.10 7.63
CA ILE E 226 -14.49 -19.50 6.30
C ILE E 226 -15.01 -18.07 6.38
N ALA E 227 -16.06 -17.85 7.19
CA ALA E 227 -16.53 -16.48 7.39
C ALA E 227 -15.40 -15.56 7.80
N ARG E 228 -14.49 -16.04 8.65
CA ARG E 228 -13.44 -15.14 9.14
C ARG E 228 -12.52 -14.77 8.00
N LYS E 229 -12.26 -15.70 7.10
CA LYS E 229 -11.47 -15.44 5.92
C LYS E 229 -12.18 -14.48 4.97
N HIS E 230 -13.48 -14.23 5.15
CA HIS E 230 -14.18 -13.23 4.39
C HIS E 230 -14.42 -11.96 5.21
N ASN E 231 -13.58 -11.73 6.21
CA ASN E 231 -13.70 -10.59 7.11
C ASN E 231 -15.08 -10.48 7.74
N LEU E 232 -15.68 -11.63 8.02
CA LEU E 232 -16.97 -11.70 8.66
C LEU E 232 -16.85 -12.58 9.89
N HIS E 233 -17.79 -12.37 10.81
CA HIS E 233 -17.93 -13.19 12.00
C HIS E 233 -19.26 -13.93 11.94
N ALA E 234 -19.23 -15.24 11.90
CA ALA E 234 -20.50 -15.97 11.87
C ALA E 234 -20.96 -16.26 13.30
N THR E 235 -22.27 -16.37 13.50
CA THR E 235 -22.82 -16.69 14.81
C THR E 235 -24.10 -17.50 14.67
N PHE E 236 -24.21 -18.56 15.48
CA PHE E 236 -25.44 -19.36 15.56
C PHE E 236 -26.30 -19.00 16.77
N MET E 237 -26.23 -17.75 17.26
CA MET E 237 -27.05 -17.32 18.38
C MET E 237 -28.53 -17.35 17.99
N PRO E 238 -29.43 -17.80 18.85
CA PRO E 238 -30.85 -17.84 18.45
C PRO E 238 -31.38 -16.49 17.95
N LYS E 239 -31.41 -15.44 18.76
CA LYS E 239 -32.01 -14.17 18.36
C LYS E 239 -30.97 -13.08 18.61
N PRO E 240 -30.03 -12.91 17.69
CA PRO E 240 -29.10 -11.77 17.83
C PRO E 240 -29.78 -10.42 17.96
N LEU E 241 -30.98 -10.23 17.37
CA LEU E 241 -31.61 -8.91 17.28
C LEU E 241 -33.13 -8.91 17.44
N PHE E 242 -33.63 -7.94 18.20
CA PHE E 242 -35.06 -7.77 18.33
C PHE E 242 -35.70 -7.43 16.98
N GLY E 243 -36.91 -7.94 16.77
CA GLY E 243 -37.72 -7.54 15.63
C GLY E 243 -37.26 -8.02 14.28
N VAL E 244 -36.41 -9.04 14.22
CA VAL E 244 -36.16 -9.75 12.98
C VAL E 244 -36.23 -11.24 13.28
N ASN E 245 -36.32 -12.04 12.22
CA ASN E 245 -36.33 -13.48 12.42
C ASN E 245 -35.10 -13.90 13.21
N GLY E 246 -35.29 -14.87 14.09
CA GLY E 246 -34.19 -15.55 14.70
C GLY E 246 -33.69 -16.69 13.84
N SER E 247 -32.68 -17.37 14.36
CA SER E 247 -32.12 -18.55 13.72
C SER E 247 -32.61 -19.79 14.45
N GLY E 248 -33.08 -20.76 13.69
CA GLY E 248 -33.50 -22.03 14.24
C GLY E 248 -32.86 -23.19 13.53
N MET E 249 -32.56 -24.24 14.28
CA MET E 249 -31.97 -25.43 13.69
C MET E 249 -33.08 -26.48 13.53
N HIS E 250 -33.87 -26.35 12.48
CA HIS E 250 -34.96 -27.30 12.33
C HIS E 250 -34.38 -28.70 12.25
N PHE E 251 -35.04 -29.63 12.92
CA PHE E 251 -34.64 -31.02 13.04
C PHE E 251 -35.65 -31.89 12.29
N ASN E 252 -35.35 -32.19 11.04
CA ASN E 252 -36.14 -33.12 10.25
C ASN E 252 -35.74 -34.55 10.59
N VAL E 253 -36.72 -35.38 10.96
CA VAL E 253 -36.44 -36.70 11.52
C VAL E 253 -37.40 -37.74 10.94
N SER E 254 -36.92 -38.98 10.94
CA SER E 254 -37.70 -40.09 10.44
C SER E 254 -37.04 -41.39 10.89
N LEU E 255 -37.87 -42.40 11.08
CA LEU E 255 -37.43 -43.73 11.45
C LEU E 255 -37.45 -44.60 10.22
N PHE E 256 -36.44 -45.45 10.04
CA PHE E 256 -36.41 -46.41 8.95
C PHE E 256 -36.44 -47.82 9.50
N LYS E 257 -37.32 -48.65 8.95
CA LYS E 257 -37.16 -50.10 9.08
C LYS E 257 -36.28 -50.64 7.96
N GLY E 258 -35.16 -50.00 7.66
CA GLY E 258 -34.19 -50.52 6.72
C GLY E 258 -34.53 -50.11 5.30
N LYS E 259 -33.87 -49.08 4.76
CA LYS E 259 -34.07 -48.73 3.36
C LYS E 259 -35.50 -48.28 3.06
N GLU E 260 -36.41 -48.47 4.03
CA GLU E 260 -37.79 -48.07 3.89
C GLU E 260 -38.15 -47.12 5.03
N ASN E 261 -38.84 -46.06 4.65
CA ASN E 261 -39.21 -44.97 5.55
C ASN E 261 -40.50 -45.37 6.28
N ALA E 262 -40.35 -45.77 7.56
CA ALA E 262 -41.49 -46.13 8.37
C ALA E 262 -42.51 -45.02 8.53
N PHE E 263 -42.22 -43.80 8.10
CA PHE E 263 -43.21 -42.75 8.25
C PHE E 263 -44.11 -42.60 7.05
N PHE E 264 -43.74 -43.19 5.92
CA PHE E 264 -44.43 -42.96 4.66
C PHE E 264 -45.44 -44.06 4.39
N ASP E 265 -46.63 -43.68 3.95
CA ASP E 265 -47.66 -44.65 3.61
C ASP E 265 -48.11 -44.44 2.16
N PRO E 266 -47.83 -45.37 1.26
CA PRO E 266 -48.28 -45.21 -0.14
C PRO E 266 -49.76 -45.46 -0.36
N ASN E 267 -50.53 -45.73 0.70
CA ASN E 267 -51.95 -46.04 0.63
C ASN E 267 -52.83 -44.83 0.87
N THR E 268 -52.53 -44.07 1.92
CA THR E 268 -53.38 -43.00 2.41
C THR E 268 -53.21 -41.72 1.58
N GLU E 269 -54.15 -40.80 1.75
CA GLU E 269 -54.08 -39.54 1.03
C GLU E 269 -53.01 -38.63 1.62
N MET E 270 -52.78 -38.70 2.93
CA MET E 270 -51.69 -37.95 3.54
C MET E 270 -50.43 -38.76 3.79
N GLY E 271 -50.31 -39.94 3.20
CA GLY E 271 -49.08 -40.69 3.20
C GLY E 271 -48.30 -40.74 4.50
N LEU E 272 -48.99 -40.76 5.64
CA LEU E 272 -48.34 -40.94 6.92
C LEU E 272 -48.75 -42.27 7.50
N THR E 273 -47.78 -43.03 8.00
CA THR E 273 -48.07 -44.26 8.72
C THR E 273 -48.54 -43.93 10.13
N GLU E 274 -49.00 -44.96 10.84
CA GLU E 274 -49.40 -44.70 12.22
C GLU E 274 -48.21 -44.78 13.17
N THR E 275 -47.08 -45.36 12.74
CA THR E 275 -45.84 -45.13 13.45
C THR E 275 -45.56 -43.63 13.56
N ALA E 276 -45.63 -42.93 12.41
CA ALA E 276 -45.32 -41.50 12.39
C ALA E 276 -46.28 -40.70 13.25
N TYR E 277 -47.59 -40.94 13.11
CA TYR E 277 -48.56 -40.30 13.98
C TYR E 277 -48.22 -40.54 15.45
N GLN E 278 -47.93 -41.79 15.80
CA GLN E 278 -47.57 -42.09 17.18
C GLN E 278 -46.32 -41.34 17.58
N PHE E 279 -45.32 -41.33 16.71
CA PHE E 279 -44.09 -40.61 17.01
C PHE E 279 -44.35 -39.14 17.27
N THR E 280 -45.06 -38.48 16.35
CA THR E 280 -45.41 -37.08 16.56
C THR E 280 -46.17 -36.89 17.87
N ALA E 281 -47.00 -37.86 18.23
CA ALA E 281 -47.70 -37.79 19.52
C ALA E 281 -46.71 -37.61 20.68
N GLY E 282 -45.63 -38.41 20.69
CA GLY E 282 -44.68 -38.36 21.78
C GLY E 282 -43.92 -37.04 21.88
N VAL E 283 -43.41 -36.55 20.75
CA VAL E 283 -42.79 -35.23 20.74
C VAL E 283 -43.75 -34.18 21.31
N LEU E 284 -45.01 -34.18 20.88
CA LEU E 284 -45.96 -33.17 21.36
C LEU E 284 -46.21 -33.30 22.86
N LYS E 285 -46.40 -34.55 23.33
CA LYS E 285 -46.60 -34.79 24.76
C LYS E 285 -45.43 -34.30 25.59
N ASN E 286 -44.21 -34.53 25.13
CA ASN E 286 -43.03 -34.24 25.95
C ASN E 286 -42.32 -32.96 25.55
N ALA E 287 -42.90 -32.15 24.66
CA ALA E 287 -42.21 -30.96 24.17
C ALA E 287 -41.85 -29.99 25.29
N ARG E 288 -42.70 -29.87 26.30
CA ARG E 288 -42.36 -29.00 27.42
C ARG E 288 -41.11 -29.50 28.12
N GLY E 289 -41.02 -30.81 28.34
CA GLY E 289 -39.90 -31.36 29.09
C GLY E 289 -38.57 -31.20 28.39
N PHE E 290 -38.56 -31.13 27.06
CA PHE E 290 -37.29 -31.09 26.35
C PHE E 290 -36.96 -29.73 25.71
N THR E 291 -37.72 -28.67 25.96
CA THR E 291 -37.30 -27.46 25.27
C THR E 291 -36.10 -26.79 25.97
N ALA E 292 -35.87 -26.99 27.26
CA ALA E 292 -34.65 -26.43 27.84
C ALA E 292 -33.40 -26.93 27.11
N VAL E 293 -33.49 -28.09 26.49
CA VAL E 293 -32.37 -28.74 25.85
C VAL E 293 -32.30 -28.38 24.37
N CYS E 294 -33.44 -28.21 23.72
CA CYS E 294 -33.41 -27.70 22.37
C CYS E 294 -33.26 -26.19 22.31
N ASN E 295 -33.56 -25.48 23.40
CA ASN E 295 -33.39 -24.03 23.46
C ASN E 295 -32.73 -23.70 24.78
N PRO E 296 -31.42 -23.93 24.88
CA PRO E 296 -30.74 -23.91 26.18
C PRO E 296 -30.07 -22.59 26.55
N LEU E 297 -30.22 -21.55 25.75
CA LEU E 297 -29.75 -20.25 26.20
C LEU E 297 -30.92 -19.40 26.72
N VAL E 298 -30.57 -18.41 27.55
CA VAL E 298 -31.55 -17.38 27.87
C VAL E 298 -32.09 -16.79 26.58
N ASN E 299 -31.20 -16.45 25.65
CA ASN E 299 -31.56 -15.85 24.37
C ASN E 299 -32.43 -16.75 23.50
N SER E 300 -32.57 -17.99 23.86
CA SER E 300 -33.37 -18.92 23.03
C SER E 300 -34.84 -18.57 23.13
N TYR E 301 -35.24 -17.88 24.17
CA TYR E 301 -36.67 -17.59 24.38
C TYR E 301 -37.00 -16.19 23.91
N LYS E 302 -36.01 -15.48 23.40
CA LYS E 302 -36.28 -14.18 22.78
C LYS E 302 -36.62 -14.42 21.30
N ARG E 303 -36.46 -15.66 20.82
CA ARG E 303 -36.78 -16.12 19.45
C ARG E 303 -38.07 -16.93 19.50
N LEU E 304 -38.47 -17.43 20.66
CA LEU E 304 -39.73 -18.20 20.72
C LEU E 304 -40.83 -17.19 21.01
N VAL E 305 -41.01 -16.25 20.11
CA VAL E 305 -42.02 -15.19 20.18
C VAL E 305 -42.79 -15.20 18.87
N PRO E 306 -44.11 -14.98 18.91
CA PRO E 306 -44.92 -15.11 17.70
C PRO E 306 -44.54 -14.09 16.64
N GLY E 307 -44.70 -14.51 15.38
CA GLY E 307 -44.53 -13.64 14.24
C GLY E 307 -43.26 -13.82 13.44
N TYR E 308 -42.38 -14.79 13.79
CA TYR E 308 -41.14 -14.96 13.04
C TYR E 308 -40.90 -16.38 12.56
N GLU E 309 -41.95 -17.20 12.43
CA GLU E 309 -41.79 -18.53 11.89
C GLU E 309 -41.02 -19.43 12.85
N ALA E 310 -41.04 -19.07 14.10
CA ALA E 310 -40.55 -19.93 15.16
C ALA E 310 -41.74 -20.36 16.01
N PRO E 311 -41.71 -21.57 16.55
CA PRO E 311 -42.85 -22.03 17.34
C PRO E 311 -42.90 -21.38 18.72
N CYS E 312 -44.14 -21.13 19.18
CA CYS E 312 -44.46 -20.80 20.56
C CYS E 312 -45.47 -21.74 21.19
N TYR E 313 -46.18 -22.53 20.38
CA TYR E 313 -47.34 -23.30 20.82
C TYR E 313 -47.16 -24.75 20.37
N ILE E 314 -47.42 -25.68 21.29
CA ILE E 314 -47.31 -27.10 21.01
C ILE E 314 -48.48 -27.55 20.13
N ALA E 315 -48.22 -27.72 18.83
CA ALA E 315 -49.20 -28.31 17.92
C ALA E 315 -48.45 -28.76 16.68
N TRP E 316 -49.18 -29.44 15.80
CA TRP E 316 -48.59 -29.92 14.56
C TRP E 316 -49.53 -29.62 13.40
N SER E 317 -48.96 -29.50 12.22
CA SER E 317 -49.73 -29.22 11.00
C SER E 317 -48.84 -29.48 9.80
N GLY E 318 -49.46 -29.61 8.63
CA GLY E 318 -48.75 -29.81 7.39
C GLY E 318 -48.61 -28.53 6.58
N LYS E 319 -47.49 -28.40 5.87
CA LYS E 319 -47.26 -27.21 5.04
C LYS E 319 -47.34 -25.89 5.80
N ASN E 320 -47.37 -25.94 7.14
CA ASN E 320 -47.66 -24.79 7.99
C ASN E 320 -46.45 -24.49 8.87
N ARG E 321 -45.93 -23.26 8.81
CA ARG E 321 -44.69 -22.92 9.48
C ARG E 321 -44.88 -22.19 10.81
N SER E 322 -46.12 -21.91 11.22
CA SER E 322 -46.42 -21.35 12.53
C SER E 322 -46.30 -22.34 13.71
N PRO E 323 -46.50 -23.69 13.51
CA PRO E 323 -46.58 -24.59 14.67
C PRO E 323 -45.26 -25.20 15.11
N LEU E 324 -45.29 -25.94 16.23
CA LEU E 324 -44.09 -26.59 16.72
C LEU E 324 -43.59 -27.67 15.76
N ILE E 325 -44.51 -28.45 15.17
CA ILE E 325 -44.16 -29.51 14.21
C ILE E 325 -44.82 -29.22 12.87
N ARG E 326 -44.02 -28.79 11.89
CA ARG E 326 -44.47 -28.80 10.51
C ARG E 326 -44.25 -30.20 9.90
N VAL E 327 -45.25 -30.67 9.17
CA VAL E 327 -45.09 -31.82 8.27
C VAL E 327 -44.90 -31.31 6.85
N PRO E 328 -43.67 -31.30 6.33
CA PRO E 328 -43.45 -30.79 4.97
C PRO E 328 -44.21 -31.61 3.95
N SER E 329 -44.43 -31.04 2.76
CA SER E 329 -45.34 -31.70 1.82
C SER E 329 -44.72 -32.94 1.17
N SER E 330 -43.40 -33.01 1.09
CA SER E 330 -42.74 -34.12 0.43
C SER E 330 -43.13 -35.44 1.06
N ARG E 331 -43.25 -36.45 0.22
CA ARG E 331 -43.59 -37.80 0.65
C ARG E 331 -42.56 -38.78 0.13
N GLY E 332 -42.88 -40.07 0.15
CA GLY E 332 -41.87 -40.97 -0.37
C GLY E 332 -40.77 -41.06 0.65
N LEU E 333 -39.55 -41.33 0.19
CA LEU E 333 -38.46 -41.45 1.15
C LEU E 333 -38.19 -40.14 1.88
N SER E 334 -38.78 -39.03 1.43
CA SER E 334 -38.61 -37.71 2.03
C SER E 334 -39.67 -37.39 3.06
N THR E 335 -40.46 -38.39 3.47
CA THR E 335 -41.51 -38.15 4.46
C THR E 335 -40.88 -37.94 5.83
N ARG E 336 -41.23 -36.84 6.48
CA ARG E 336 -40.55 -36.49 7.71
C ARG E 336 -41.43 -35.58 8.53
N ILE E 337 -41.15 -35.53 9.82
CA ILE E 337 -41.67 -34.47 10.66
C ILE E 337 -40.53 -33.48 10.93
N GLU E 338 -40.85 -32.19 10.93
CA GLU E 338 -39.87 -31.12 11.16
C GLU E 338 -40.15 -30.54 12.54
N VAL E 339 -39.19 -30.71 13.45
CA VAL E 339 -39.32 -30.17 14.81
C VAL E 339 -38.69 -28.79 14.78
N ARG E 340 -39.51 -27.75 14.71
CA ARG E 340 -38.96 -26.44 14.41
C ARG E 340 -38.37 -25.72 15.63
N SER E 341 -38.62 -26.21 16.84
CA SER E 341 -38.17 -25.48 18.02
C SER E 341 -36.66 -25.52 18.18
N VAL E 342 -35.98 -26.50 17.60
CA VAL E 342 -34.57 -26.66 17.92
C VAL E 342 -33.82 -25.45 17.39
N ASP E 343 -32.88 -24.93 18.17
CA ASP E 343 -32.08 -23.84 17.65
C ASP E 343 -30.59 -24.19 17.64
N PRO E 344 -29.79 -23.48 16.83
CA PRO E 344 -28.44 -23.94 16.59
C PRO E 344 -27.51 -23.86 17.80
N ALA E 345 -27.95 -23.31 18.95
CA ALA E 345 -27.11 -23.40 20.14
C ALA E 345 -27.29 -24.72 20.87
N ALA E 346 -28.32 -25.49 20.52
CA ALA E 346 -28.56 -26.77 21.18
C ALA E 346 -27.39 -27.71 20.95
N ASN E 347 -27.12 -28.54 21.98
CA ASN E 347 -26.20 -29.67 21.78
C ASN E 347 -26.91 -30.73 20.95
N PRO E 348 -26.46 -30.96 19.73
CA PRO E 348 -27.25 -31.78 18.80
C PRO E 348 -27.49 -33.17 19.34
N TYR E 349 -26.42 -33.81 19.79
CA TYR E 349 -26.53 -35.16 20.35
C TYR E 349 -27.60 -35.23 21.43
N MET E 350 -27.62 -34.27 22.34
CA MET E 350 -28.62 -34.29 23.41
C MET E 350 -30.00 -33.97 22.86
N ALA E 351 -30.12 -32.94 22.01
CA ALA E 351 -31.42 -32.60 21.45
C ALA E 351 -32.01 -33.77 20.68
N LEU E 352 -31.20 -34.48 19.90
CA LEU E 352 -31.77 -35.60 19.16
C LEU E 352 -32.11 -36.75 20.09
N ALA E 353 -31.30 -36.99 21.13
CA ALA E 353 -31.70 -37.94 22.16
C ALA E 353 -33.05 -37.55 22.75
N ALA E 354 -33.20 -36.28 23.12
CA ALA E 354 -34.50 -35.82 23.60
C ALA E 354 -35.60 -36.19 22.62
N ILE E 355 -35.49 -35.77 21.36
CA ILE E 355 -36.61 -35.93 20.44
C ILE E 355 -36.88 -37.41 20.22
N LEU E 356 -35.83 -38.19 20.04
CA LEU E 356 -35.98 -39.63 19.81
C LEU E 356 -36.75 -40.31 20.95
N GLU E 357 -36.32 -40.10 22.21
CA GLU E 357 -37.00 -40.83 23.27
C GLU E 357 -38.41 -40.32 23.53
N ALA E 358 -38.67 -39.05 23.26
CA ALA E 358 -40.04 -38.58 23.26
C ALA E 358 -40.82 -39.27 22.15
N GLY E 359 -40.22 -39.39 20.98
CA GLY E 359 -40.89 -40.07 19.89
C GLY E 359 -41.11 -41.53 20.19
N LEU E 360 -40.09 -42.20 20.75
CA LEU E 360 -40.24 -43.59 21.12
C LEU E 360 -41.22 -43.77 22.28
N ASP E 361 -41.45 -42.72 23.08
CA ASP E 361 -42.50 -42.78 24.09
C ASP E 361 -43.87 -42.92 23.46
N GLY E 362 -44.11 -42.21 22.36
CA GLY E 362 -45.41 -42.31 21.69
C GLY E 362 -45.62 -43.67 21.05
N ILE E 363 -44.57 -44.24 20.48
CA ILE E 363 -44.68 -45.58 19.88
C ILE E 363 -44.91 -46.63 20.96
N LYS E 364 -44.03 -46.69 21.97
CA LYS E 364 -44.17 -47.73 22.99
C LYS E 364 -45.51 -47.63 23.69
N ASN E 365 -46.04 -46.42 23.84
CA ASN E 365 -47.33 -46.20 24.51
C ASN E 365 -48.48 -46.05 23.52
N LYS E 366 -48.22 -46.18 22.22
CA LYS E 366 -49.24 -46.14 21.17
C LYS E 366 -50.26 -45.02 21.41
N LEU E 367 -49.76 -43.79 21.53
CA LEU E 367 -50.64 -42.64 21.70
C LEU E 367 -51.21 -42.16 20.37
N LYS E 368 -52.41 -41.63 20.43
CA LYS E 368 -53.04 -41.02 19.27
C LYS E 368 -52.83 -39.51 19.28
N VAL E 369 -52.45 -38.97 18.12
CA VAL E 369 -52.02 -37.58 17.96
C VAL E 369 -53.19 -36.62 18.07
N PRO E 370 -52.99 -35.39 18.57
CA PRO E 370 -54.07 -34.39 18.57
C PRO E 370 -54.45 -33.95 17.16
N GLU E 371 -55.40 -33.06 17.08
CA GLU E 371 -55.89 -32.62 15.79
C GLU E 371 -54.88 -31.68 15.14
N PRO E 372 -54.53 -31.87 13.88
CA PRO E 372 -53.72 -30.87 13.18
C PRO E 372 -54.35 -29.49 13.30
N VAL E 373 -53.52 -28.49 13.57
CA VAL E 373 -53.98 -27.11 13.61
C VAL E 373 -53.63 -26.50 12.25
N ASN E 374 -54.57 -26.62 11.30
CA ASN E 374 -54.34 -26.19 9.92
C ASN E 374 -54.78 -24.73 9.76
N GLN E 375 -53.94 -23.85 10.27
CA GLN E 375 -54.36 -22.48 10.53
C GLN E 375 -53.14 -21.75 11.09
N ASN E 376 -53.22 -20.42 11.11
CA ASN E 376 -52.08 -19.59 11.53
C ASN E 376 -52.14 -19.40 13.04
N ILE E 377 -51.40 -20.23 13.78
CA ILE E 377 -51.53 -20.24 15.23
C ILE E 377 -51.15 -18.91 15.88
N TYR E 378 -50.46 -18.02 15.18
CA TYR E 378 -50.13 -16.75 15.81
C TYR E 378 -51.37 -15.90 16.01
N GLU E 379 -52.27 -15.84 14.99
CA GLU E 379 -53.51 -15.05 14.97
C GLU E 379 -54.61 -15.63 15.88
N MET E 380 -54.26 -16.70 16.61
CA MET E 380 -55.12 -17.27 17.64
C MET E 380 -54.80 -16.63 18.99
N ASN E 381 -55.85 -16.43 19.80
CA ASN E 381 -55.73 -15.78 21.09
C ASN E 381 -55.74 -16.81 22.22
N ARG E 382 -55.39 -16.33 23.42
CA ARG E 382 -55.06 -17.24 24.52
C ARG E 382 -56.18 -18.25 24.79
N GLU E 383 -57.44 -17.82 24.71
CA GLU E 383 -58.54 -18.75 24.98
C GLU E 383 -59.13 -19.35 23.71
N GLU E 384 -58.84 -18.80 22.53
CA GLU E 384 -59.20 -19.52 21.30
C GLU E 384 -58.35 -20.77 21.15
N ARG E 385 -57.07 -20.71 21.54
CA ARG E 385 -56.25 -21.92 21.54
C ARG E 385 -56.50 -22.76 22.79
N GLU E 386 -56.76 -22.12 23.94
CA GLU E 386 -57.17 -22.88 25.12
C GLU E 386 -58.43 -23.70 24.85
N ALA E 387 -59.22 -23.30 23.85
CA ALA E 387 -60.38 -24.07 23.45
C ALA E 387 -59.97 -25.43 22.88
N VAL E 388 -59.06 -25.43 21.93
CA VAL E 388 -58.74 -26.67 21.20
C VAL E 388 -57.63 -27.44 21.91
N GLY E 389 -57.22 -26.97 23.09
CA GLY E 389 -56.27 -27.69 23.91
C GLY E 389 -54.82 -27.54 23.52
N ILE E 390 -54.42 -26.34 23.11
CA ILE E 390 -53.07 -26.08 22.59
C ILE E 390 -52.24 -25.48 23.72
N GLN E 391 -51.22 -26.22 24.16
CA GLN E 391 -50.38 -25.74 25.25
C GLN E 391 -49.17 -24.97 24.71
N ASP E 392 -48.69 -24.03 25.52
CA ASP E 392 -47.52 -23.21 25.22
C ASP E 392 -46.21 -23.93 25.55
N LEU E 393 -45.15 -23.57 24.84
CA LEU E 393 -43.82 -23.95 25.29
C LEU E 393 -43.35 -23.00 26.39
N PRO E 394 -42.36 -23.41 27.18
CA PRO E 394 -41.89 -22.54 28.26
C PRO E 394 -41.42 -21.21 27.68
N SER E 395 -41.72 -20.14 28.42
CA SER E 395 -41.51 -18.76 28.00
C SER E 395 -40.09 -18.26 28.31
N THR E 396 -39.53 -18.64 29.45
CA THR E 396 -38.18 -18.27 29.84
C THR E 396 -37.35 -19.54 29.97
N LEU E 397 -36.02 -19.36 30.05
CA LEU E 397 -35.14 -20.50 30.31
C LEU E 397 -35.37 -21.09 31.71
N TYR E 398 -35.80 -20.26 32.68
CA TYR E 398 -36.11 -20.76 34.01
C TYR E 398 -37.38 -21.61 34.00
N THR E 399 -38.41 -21.16 33.30
CA THR E 399 -39.59 -21.99 33.20
C THR E 399 -39.34 -23.25 32.39
N ALA E 400 -38.30 -23.26 31.56
CA ALA E 400 -38.01 -24.42 30.75
C ALA E 400 -37.37 -25.54 31.58
N LEU E 401 -36.52 -25.16 32.54
CA LEU E 401 -35.86 -26.13 33.41
C LEU E 401 -36.86 -26.79 34.34
N LYS E 402 -37.75 -25.98 34.94
CA LYS E 402 -38.83 -26.52 35.77
C LYS E 402 -39.67 -27.53 34.99
N ALA E 403 -40.13 -27.14 33.80
CA ALA E 403 -40.71 -28.11 32.88
C ALA E 403 -39.82 -29.34 32.74
N MET E 404 -38.49 -29.17 32.86
CA MET E 404 -37.58 -30.30 32.75
C MET E 404 -37.59 -31.13 34.01
N ARG E 405 -37.59 -30.48 35.17
CA ARG E 405 -37.52 -31.22 36.41
C ARG E 405 -38.77 -32.09 36.57
N GLU E 406 -39.88 -31.68 35.98
CA GLU E 406 -41.12 -32.44 36.15
C GLU E 406 -41.40 -33.41 35.00
N ASN E 407 -40.62 -33.39 33.93
CA ASN E 407 -40.76 -34.41 32.90
C ASN E 407 -39.89 -35.61 33.22
N GLU E 408 -40.43 -36.79 32.94
CA GLU E 408 -39.78 -38.04 33.23
C GLU E 408 -38.96 -38.56 32.03
N VAL E 409 -39.32 -38.13 30.82
CA VAL E 409 -38.71 -38.69 29.61
C VAL E 409 -37.35 -38.07 29.33
N ILE E 410 -37.22 -36.75 29.50
CA ILE E 410 -35.92 -36.13 29.26
C ILE E 410 -34.88 -36.69 30.22
N LYS E 411 -35.30 -37.13 31.42
CA LYS E 411 -34.34 -37.68 32.37
C LYS E 411 -33.82 -39.03 31.88
N LYS E 412 -34.70 -39.84 31.28
CA LYS E 412 -34.25 -41.09 30.67
C LYS E 412 -33.41 -40.84 29.43
N ALA E 413 -33.77 -39.82 28.64
CA ALA E 413 -33.05 -39.58 27.40
C ALA E 413 -31.64 -39.09 27.65
N LEU E 414 -31.38 -38.53 28.84
CA LEU E 414 -30.06 -37.96 29.13
C LEU E 414 -29.24 -38.77 30.12
N GLY E 415 -29.86 -39.55 30.97
CA GLY E 415 -29.11 -40.19 32.03
C GLY E 415 -28.77 -39.21 33.13
N ASN E 416 -28.43 -39.75 34.30
CA ASN E 416 -28.43 -38.91 35.49
C ASN E 416 -27.33 -37.83 35.43
N HIS E 417 -26.14 -38.17 34.90
CA HIS E 417 -25.04 -37.21 34.86
C HIS E 417 -25.37 -36.00 33.99
N ILE E 418 -25.55 -36.21 32.68
CA ILE E 418 -25.86 -35.08 31.83
C ILE E 418 -27.03 -34.30 32.39
N TYR E 419 -28.11 -35.02 32.75
CA TYR E 419 -29.30 -34.35 33.28
C TYR E 419 -28.93 -33.40 34.41
N ASN E 420 -28.18 -33.87 35.41
CA ASN E 420 -27.87 -33.00 36.54
C ASN E 420 -26.90 -31.91 36.14
N GLN E 421 -25.86 -32.26 35.38
CA GLN E 421 -24.88 -31.26 35.00
C GLN E 421 -25.53 -30.17 34.15
N PHE E 422 -26.41 -30.57 33.22
CA PHE E 422 -27.15 -29.59 32.44
C PHE E 422 -27.97 -28.67 33.34
N ILE E 423 -28.77 -29.26 34.24
CA ILE E 423 -29.64 -28.43 35.06
C ILE E 423 -28.80 -27.51 35.95
N ASN E 424 -27.75 -28.06 36.57
CA ASN E 424 -26.93 -27.26 37.48
C ASN E 424 -26.30 -26.08 36.77
N SER E 425 -25.77 -26.29 35.57
CA SER E 425 -25.15 -25.19 34.82
C SER E 425 -26.16 -24.11 34.48
N LYS E 426 -27.30 -24.51 33.87
CA LYS E 426 -28.22 -23.55 33.29
C LYS E 426 -28.92 -22.75 34.37
N SER E 427 -29.11 -23.35 35.55
CA SER E 427 -29.63 -22.59 36.68
C SER E 427 -28.66 -21.50 37.13
N ILE E 428 -27.35 -21.79 37.24
CA ILE E 428 -26.39 -20.72 37.44
C ILE E 428 -26.50 -19.70 36.32
N GLU E 429 -26.59 -20.16 35.08
CA GLU E 429 -26.73 -19.26 33.94
C GLU E 429 -27.89 -18.30 34.13
N TRP E 430 -29.08 -18.82 34.47
CA TRP E 430 -30.27 -17.99 34.66
C TRP E 430 -30.03 -16.91 35.70
N ASP E 431 -29.37 -17.26 36.81
CA ASP E 431 -29.25 -16.34 37.94
C ASP E 431 -28.25 -15.22 37.68
N TYR E 432 -27.24 -15.45 36.85
CA TYR E 432 -26.45 -14.32 36.40
C TYR E 432 -27.29 -13.38 35.55
N TYR E 433 -27.98 -13.95 34.56
CA TYR E 433 -28.89 -13.14 33.74
C TYR E 433 -29.92 -12.42 34.61
N ARG E 434 -30.62 -13.16 35.48
CA ARG E 434 -31.74 -12.62 36.25
C ARG E 434 -31.38 -11.38 37.06
N THR E 435 -30.08 -11.16 37.36
CA THR E 435 -29.65 -10.00 38.14
C THR E 435 -28.94 -8.96 37.30
N GLN E 436 -28.75 -9.20 36.01
CA GLN E 436 -28.33 -8.15 35.09
C GLN E 436 -29.37 -7.02 35.11
N VAL E 437 -28.91 -5.79 34.92
CA VAL E 437 -29.81 -4.67 34.67
C VAL E 437 -29.57 -4.22 33.23
N SER E 438 -30.58 -4.37 32.38
CA SER E 438 -30.51 -4.12 30.95
C SER E 438 -30.38 -2.62 30.63
N GLU E 439 -29.85 -2.31 29.42
CA GLU E 439 -30.03 -0.96 28.87
C GLU E 439 -31.51 -0.65 28.67
N TRP E 440 -32.35 -1.67 28.48
CA TRP E 440 -33.79 -1.45 28.38
C TRP E 440 -34.32 -0.84 29.67
N GLU E 441 -34.11 -1.53 30.80
CA GLU E 441 -34.60 -1.02 32.08
C GLU E 441 -34.13 0.41 32.34
N ARG E 442 -32.88 0.73 32.01
CA ARG E 442 -32.36 2.07 32.29
C ARG E 442 -33.01 3.11 31.39
N ASP E 443 -33.21 2.77 30.12
CA ASP E 443 -33.81 3.74 29.21
C ASP E 443 -35.28 3.97 29.51
N GLN E 444 -35.97 2.99 30.07
CA GLN E 444 -37.39 3.15 30.38
C GLN E 444 -37.65 3.66 31.78
N TYR E 445 -36.70 3.49 32.71
CA TYR E 445 -37.00 3.73 34.12
C TYR E 445 -36.09 4.74 34.83
N MET E 446 -34.96 5.15 34.24
CA MET E 446 -34.08 6.02 35.03
C MET E 446 -34.62 7.43 35.13
N LYS E 447 -35.16 7.98 34.04
CA LYS E 447 -35.79 9.30 34.13
C LYS E 447 -37.25 9.22 34.56
N GLN E 448 -38.00 8.26 34.02
CA GLN E 448 -39.43 8.20 34.32
C GLN E 448 -39.69 8.05 35.82
N TYR E 449 -38.93 7.20 36.50
CA TYR E 449 -39.04 7.08 37.97
C TYR E 449 -37.78 7.63 38.62
N THR F 8 27.30 -41.04 20.44
CA THR F 8 28.16 -39.90 20.76
C THR F 8 28.83 -39.32 19.50
N PHE F 9 28.42 -38.11 19.12
CA PHE F 9 29.00 -37.39 18.00
C PHE F 9 30.46 -37.02 18.28
N THR F 10 31.21 -36.75 17.21
CA THR F 10 32.61 -36.37 17.34
C THR F 10 32.97 -35.32 16.29
N LYS F 11 34.21 -34.80 16.42
CA LYS F 11 34.70 -33.71 15.59
C LYS F 11 34.57 -34.02 14.11
N GLU F 12 35.09 -35.17 13.67
CA GLU F 12 35.11 -35.42 12.23
C GLU F 12 33.71 -35.56 11.66
N ASP F 13 32.72 -35.91 12.48
CA ASP F 13 31.33 -35.89 12.03
C ASP F 13 30.86 -34.46 11.82
N ILE F 14 31.28 -33.55 12.70
CA ILE F 14 30.85 -32.17 12.58
C ILE F 14 31.48 -31.53 11.35
N ARG F 15 32.80 -31.64 11.21
CA ARG F 15 33.41 -31.16 9.98
C ARG F 15 32.65 -31.67 8.76
N LYS F 16 32.22 -32.95 8.78
CA LYS F 16 31.37 -33.45 7.69
C LYS F 16 30.09 -32.63 7.57
N PHE F 17 29.38 -32.41 8.68
CA PHE F 17 28.09 -31.72 8.56
C PHE F 17 28.25 -30.32 7.98
N VAL F 18 29.16 -29.52 8.54
CA VAL F 18 29.29 -28.14 8.09
C VAL F 18 29.63 -28.10 6.61
N GLU F 19 30.47 -29.04 6.13
CA GLU F 19 30.87 -29.06 4.73
C GLU F 19 29.82 -29.72 3.83
N GLU F 20 29.08 -30.69 4.35
CA GLU F 20 28.07 -31.37 3.55
C GLU F 20 26.81 -30.53 3.40
N GLU F 21 26.41 -29.83 4.45
CA GLU F 21 25.26 -28.94 4.41
C GLU F 21 25.65 -27.48 4.24
N ASN F 22 26.94 -27.19 4.06
CA ASN F 22 27.41 -25.84 3.80
C ASN F 22 26.89 -24.87 4.86
N VAL F 23 27.05 -25.27 6.12
CA VAL F 23 26.76 -24.38 7.23
C VAL F 23 27.78 -23.26 7.24
N ARG F 24 27.31 -22.02 7.24
CA ARG F 24 28.23 -20.90 7.19
C ARG F 24 28.41 -20.18 8.52
N TYR F 25 27.56 -20.44 9.53
CA TYR F 25 27.68 -19.75 10.81
C TYR F 25 27.35 -20.70 11.95
N LEU F 26 27.94 -20.42 13.11
CA LEU F 26 27.83 -21.26 14.30
C LEU F 26 27.40 -20.43 15.49
N ARG F 27 26.32 -20.82 16.16
CA ARG F 27 25.92 -20.18 17.40
C ARG F 27 26.25 -21.08 18.58
N LEU F 28 27.03 -20.56 19.52
CA LEU F 28 27.39 -21.29 20.73
C LEU F 28 26.52 -20.81 21.86
N GLN F 29 25.81 -21.72 22.52
CA GLN F 29 24.80 -21.37 23.50
C GLN F 29 25.15 -21.98 24.86
N PHE F 30 24.89 -21.22 25.91
CA PHE F 30 24.86 -21.69 27.28
C PHE F 30 23.77 -20.93 28.00
N THR F 31 23.68 -21.13 29.31
CA THR F 31 22.55 -20.69 30.10
C THR F 31 23.09 -20.06 31.38
N ASP F 32 22.63 -18.86 31.70
CA ASP F 32 23.04 -18.19 32.94
C ASP F 32 22.20 -18.72 34.09
N ILE F 33 22.43 -18.19 35.30
CA ILE F 33 21.78 -18.73 36.50
C ILE F 33 20.28 -18.42 36.54
N LEU F 34 19.81 -17.47 35.75
CA LEU F 34 18.38 -17.19 35.65
C LEU F 34 17.70 -18.02 34.57
N GLY F 35 18.44 -18.95 33.95
CA GLY F 35 17.90 -19.79 32.90
C GLY F 35 17.70 -19.10 31.56
N THR F 36 18.29 -17.93 31.34
CA THR F 36 18.19 -17.34 30.02
C THR F 36 19.40 -17.76 29.17
N ILE F 37 19.13 -18.18 27.94
CA ILE F 37 20.16 -18.71 27.06
C ILE F 37 20.97 -17.57 26.45
N LYS F 38 22.28 -17.67 26.54
CA LYS F 38 23.20 -16.73 25.92
C LYS F 38 23.89 -17.41 24.74
N ASN F 39 24.18 -16.66 23.68
CA ASN F 39 24.82 -17.22 22.49
C ASN F 39 25.84 -16.22 21.95
N VAL F 40 26.69 -16.68 21.04
CA VAL F 40 27.57 -15.79 20.30
C VAL F 40 27.76 -16.37 18.90
N GLU F 41 27.52 -15.58 17.85
CA GLU F 41 27.65 -16.09 16.49
C GLU F 41 29.10 -16.00 16.07
N VAL F 42 29.53 -16.98 15.28
CA VAL F 42 30.91 -17.22 14.83
C VAL F 42 30.83 -17.71 13.39
N PRO F 43 31.63 -17.20 12.46
CA PRO F 43 31.56 -17.74 11.10
C PRO F 43 32.22 -19.11 11.07
N VAL F 44 31.81 -19.92 10.09
CA VAL F 44 32.21 -21.32 10.09
C VAL F 44 33.72 -21.50 9.92
N SER F 45 34.38 -20.48 9.36
CA SER F 45 35.83 -20.48 9.25
C SER F 45 36.52 -20.62 10.59
N GLN F 46 35.78 -20.56 11.69
CA GLN F 46 36.37 -20.66 13.02
C GLN F 46 36.07 -22.00 13.68
N LEU F 47 35.60 -22.98 12.89
CA LEU F 47 35.23 -24.26 13.46
C LEU F 47 36.37 -24.87 14.27
N GLU F 48 37.61 -24.76 13.78
CA GLU F 48 38.70 -25.40 14.53
C GLU F 48 38.87 -24.79 15.91
N LYS F 49 38.80 -23.46 16.02
CA LYS F 49 38.92 -22.80 17.31
C LYS F 49 37.78 -23.21 18.25
N VAL F 50 36.57 -23.38 17.69
CA VAL F 50 35.41 -23.76 18.48
C VAL F 50 35.54 -25.21 18.96
N LEU F 51 35.97 -26.11 18.07
CA LEU F 51 36.18 -27.52 18.40
C LEU F 51 37.41 -27.74 19.26
N ASP F 52 38.37 -26.82 19.24
CA ASP F 52 39.53 -26.87 20.11
C ASP F 52 39.26 -26.28 21.49
N ASN F 53 38.04 -25.80 21.74
CA ASN F 53 37.68 -25.15 23.00
C ASN F 53 38.47 -23.85 23.20
N GLU F 54 38.84 -23.19 22.11
CA GLU F 54 39.69 -22.00 22.18
C GLU F 54 38.85 -20.72 22.16
N MET F 55 37.63 -20.78 22.68
CA MET F 55 36.67 -19.69 22.53
C MET F 55 36.18 -19.19 23.89
N MET F 56 36.40 -17.91 24.15
CA MET F 56 36.13 -17.32 25.45
C MET F 56 35.14 -16.18 25.37
N PHE F 57 34.86 -15.60 26.53
CA PHE F 57 33.75 -14.66 26.72
C PHE F 57 33.87 -14.09 28.12
N ASP F 58 33.07 -13.06 28.40
CA ASP F 58 33.21 -12.31 29.64
C ASP F 58 32.22 -12.81 30.67
N GLY F 59 32.72 -13.62 31.62
CA GLY F 59 31.90 -14.20 32.68
C GLY F 59 31.43 -13.21 33.72
N SER F 60 32.07 -12.04 33.80
CA SER F 60 31.63 -11.02 34.75
C SER F 60 30.32 -10.42 34.34
N SER F 61 29.94 -10.61 33.08
CA SER F 61 28.75 -10.02 32.46
C SER F 61 27.62 -11.03 32.29
N ILE F 62 27.72 -12.21 32.91
CA ILE F 62 26.65 -13.18 32.92
C ILE F 62 26.20 -13.33 34.36
N GLU F 63 24.89 -13.16 34.60
CA GLU F 63 24.40 -13.20 35.97
C GLU F 63 24.79 -14.52 36.62
N GLY F 64 25.33 -14.43 37.84
CA GLY F 64 25.65 -15.60 38.62
C GLY F 64 27.00 -16.23 38.33
N PHE F 65 27.75 -15.74 37.34
CA PHE F 65 28.98 -16.45 37.08
C PHE F 65 30.13 -16.00 37.97
N VAL F 66 30.73 -14.85 37.70
CA VAL F 66 32.11 -14.61 38.13
C VAL F 66 32.37 -13.12 38.28
N ARG F 67 33.41 -12.78 39.03
CA ARG F 67 33.70 -11.37 39.27
C ARG F 67 34.49 -10.78 38.11
N ILE F 68 34.65 -9.45 38.11
CA ILE F 68 35.31 -8.79 36.98
C ILE F 68 36.82 -9.04 36.95
N GLU F 69 37.42 -9.42 38.08
CA GLU F 69 38.86 -9.69 38.19
C GLU F 69 39.22 -11.08 37.71
N GLU F 70 38.28 -12.03 37.83
CA GLU F 70 38.42 -13.37 37.32
C GLU F 70 37.67 -13.56 36.01
N SER F 71 37.61 -12.51 35.21
CA SER F 71 36.59 -12.31 34.20
C SER F 71 36.67 -13.25 32.99
N ASP F 72 37.68 -14.09 32.82
CA ASP F 72 37.81 -14.84 31.58
C ASP F 72 37.25 -16.24 31.75
N MET F 73 36.45 -16.66 30.77
CA MET F 73 35.78 -17.94 30.81
C MET F 73 35.92 -18.59 29.44
N TYR F 74 35.67 -19.89 29.41
CA TYR F 74 35.87 -20.69 28.20
C TYR F 74 34.64 -21.52 27.88
N LEU F 75 34.35 -21.69 26.60
CA LEU F 75 33.22 -22.50 26.15
C LEU F 75 33.72 -23.83 25.57
N HIS F 76 33.18 -24.93 26.10
CA HIS F 76 33.40 -26.29 25.60
C HIS F 76 32.12 -26.80 24.97
N PRO F 77 32.02 -26.89 23.64
CA PRO F 77 30.78 -27.38 23.04
C PRO F 77 30.50 -28.83 23.43
N ASP F 78 29.23 -29.21 23.44
CA ASP F 78 28.79 -30.59 23.58
C ASP F 78 28.19 -30.94 22.24
N LEU F 79 28.97 -31.65 21.42
CA LEU F 79 28.68 -31.86 20.02
C LEU F 79 27.49 -32.78 19.81
N ASP F 80 27.06 -33.50 20.84
CA ASP F 80 25.81 -34.25 20.78
C ASP F 80 24.61 -33.36 20.52
N THR F 81 24.76 -32.04 20.67
CA THR F 81 23.67 -31.07 20.55
C THR F 81 23.66 -30.38 19.21
N TRP F 82 24.23 -31.00 18.18
CA TRP F 82 24.35 -30.32 16.90
C TRP F 82 22.98 -30.18 16.26
N VAL F 83 22.67 -28.97 15.78
CA VAL F 83 21.36 -28.69 15.19
C VAL F 83 21.41 -27.55 14.18
N ILE F 84 20.88 -27.78 13.00
CA ILE F 84 20.78 -26.73 11.98
C ILE F 84 19.39 -26.10 12.05
N PHE F 85 19.35 -24.78 12.25
CA PHE F 85 18.08 -24.03 12.31
C PHE F 85 17.34 -24.11 10.98
N PRO F 86 16.19 -24.74 10.93
CA PRO F 86 15.50 -24.97 9.65
C PRO F 86 14.97 -23.71 8.96
N TRP F 87 15.19 -22.53 9.55
CA TRP F 87 14.68 -21.28 9.00
C TRP F 87 15.77 -20.37 8.43
N THR F 88 17.02 -20.79 8.50
CA THR F 88 18.13 -20.20 7.80
C THR F 88 18.42 -21.03 6.55
N ALA F 89 19.17 -20.47 5.60
CA ALA F 89 19.36 -21.19 4.35
C ALA F 89 20.55 -20.65 3.58
N GLY F 90 21.36 -21.56 3.04
CA GLY F 90 22.39 -21.21 2.08
C GLY F 90 23.35 -20.16 2.56
N GLN F 91 23.25 -18.96 1.98
CA GLN F 91 24.23 -17.92 2.24
C GLN F 91 24.31 -17.55 3.72
N GLY F 92 23.23 -17.79 4.47
CA GLY F 92 23.16 -17.43 5.87
C GLY F 92 22.70 -18.55 6.76
N LYS F 93 23.15 -19.78 6.49
CA LYS F 93 22.66 -20.95 7.23
C LYS F 93 23.41 -21.13 8.53
N VAL F 94 22.65 -21.22 9.62
CA VAL F 94 23.23 -21.22 10.97
C VAL F 94 23.06 -22.59 11.61
N ALA F 95 24.03 -22.93 12.46
CA ALA F 95 24.01 -24.17 13.22
C ALA F 95 24.34 -23.88 14.68
N ARG F 96 23.71 -24.64 15.56
CA ARG F 96 23.75 -24.43 17.00
C ARG F 96 24.62 -25.49 17.66
N LEU F 97 25.36 -25.09 18.70
CA LEU F 97 25.98 -26.04 19.62
C LEU F 97 25.86 -25.47 21.02
N ILE F 98 25.24 -26.21 21.94
CA ILE F 98 25.25 -25.85 23.36
C ILE F 98 26.63 -26.16 23.94
N CYS F 99 27.05 -25.39 24.95
CA CYS F 99 28.37 -25.56 25.56
C CYS F 99 28.25 -25.61 27.08
N ASP F 100 29.36 -26.03 27.68
CA ASP F 100 29.62 -25.92 29.11
C ASP F 100 30.64 -24.83 29.37
N VAL F 101 30.63 -24.30 30.58
CA VAL F 101 31.55 -23.25 30.97
C VAL F 101 32.77 -23.84 31.69
N TYR F 102 33.94 -23.36 31.32
CA TYR F 102 35.17 -23.81 31.95
C TYR F 102 35.97 -22.61 32.41
N LYS F 103 36.73 -22.78 33.49
CA LYS F 103 37.61 -21.71 33.95
C LYS F 103 38.87 -21.68 33.10
N THR F 104 39.65 -20.61 33.25
CA THR F 104 40.91 -20.48 32.51
C THR F 104 41.86 -21.65 32.77
N ASP F 105 41.58 -22.49 33.78
CA ASP F 105 42.46 -23.58 34.16
C ASP F 105 42.08 -24.92 33.56
N GLY F 106 41.13 -24.97 32.64
CA GLY F 106 40.79 -26.24 32.03
C GLY F 106 39.89 -27.14 32.87
N THR F 107 39.50 -26.70 34.13
CA THR F 107 38.48 -27.40 34.91
C THR F 107 37.09 -26.79 34.67
N PRO F 108 36.03 -27.60 34.73
CA PRO F 108 34.68 -27.05 34.52
C PRO F 108 34.29 -26.12 35.66
N PHE F 109 33.33 -25.24 35.39
CA PHE F 109 33.04 -24.12 36.30
C PHE F 109 31.91 -24.48 37.26
N GLU F 110 32.18 -24.37 38.56
CA GLU F 110 31.23 -24.85 39.56
C GLU F 110 29.90 -24.06 39.56
N GLY F 111 29.85 -22.93 38.87
CA GLY F 111 28.67 -22.12 38.76
C GLY F 111 27.85 -22.37 37.52
N ASP F 112 28.18 -23.38 36.72
CA ASP F 112 27.52 -23.63 35.44
C ASP F 112 26.30 -24.53 35.63
N PRO F 113 25.09 -24.04 35.48
CA PRO F 113 23.91 -24.89 35.69
C PRO F 113 23.97 -26.20 34.91
N ARG F 114 24.46 -26.18 33.67
CA ARG F 114 24.42 -27.39 32.87
C ARG F 114 25.43 -28.42 33.37
N ALA F 115 26.65 -27.99 33.74
CA ALA F 115 27.61 -28.93 34.30
C ALA F 115 27.11 -29.48 35.61
N ASN F 116 26.58 -28.62 36.47
CA ASN F 116 26.12 -29.04 37.78
C ASN F 116 25.09 -30.16 37.65
N LEU F 117 24.20 -30.04 36.66
CA LEU F 117 23.24 -31.10 36.42
C LEU F 117 23.96 -32.38 36.03
N LYS F 118 24.96 -32.28 35.16
CA LYS F 118 25.77 -33.47 34.85
C LYS F 118 26.41 -34.03 36.11
N ARG F 119 26.78 -33.15 37.06
CA ARG F 119 27.43 -33.63 38.27
C ARG F 119 26.46 -34.35 39.20
N VAL F 120 25.20 -33.90 39.26
CA VAL F 120 24.22 -34.62 40.07
C VAL F 120 23.94 -35.98 39.46
N LEU F 121 23.90 -36.08 38.12
CA LEU F 121 23.56 -37.34 37.46
C LEU F 121 24.57 -38.44 37.71
N LYS F 122 25.82 -38.10 38.08
CA LYS F 122 26.79 -39.12 38.45
C LYS F 122 26.46 -39.70 39.83
N GLU F 123 26.00 -38.86 40.76
CA GLU F 123 25.41 -39.35 42.01
C GLU F 123 24.25 -40.30 41.76
N MET F 124 23.60 -40.19 40.60
CA MET F 124 22.49 -41.07 40.30
C MET F 124 22.97 -42.41 39.79
N GLU F 125 23.98 -42.42 38.91
CA GLU F 125 24.48 -43.66 38.36
C GLU F 125 25.27 -44.45 39.39
N ASP F 126 25.89 -43.75 40.33
CA ASP F 126 26.48 -44.35 41.52
C ASP F 126 25.46 -45.13 42.35
N LEU F 127 24.17 -44.94 42.08
CA LEU F 127 23.12 -45.67 42.76
C LEU F 127 22.39 -46.64 41.83
N GLY F 128 22.85 -46.78 40.60
CA GLY F 128 22.42 -47.87 39.77
C GLY F 128 21.40 -47.54 38.70
N PHE F 129 21.22 -46.28 38.34
CA PHE F 129 20.25 -45.91 37.33
C PHE F 129 21.00 -45.39 36.12
N THR F 130 20.47 -45.68 34.94
CA THR F 130 21.18 -45.39 33.71
C THR F 130 20.84 -44.03 33.13
N ASP F 131 19.61 -43.56 33.34
CA ASP F 131 19.12 -42.34 32.73
C ASP F 131 17.99 -41.80 33.58
N PHE F 132 17.97 -40.48 33.79
CA PHE F 132 16.87 -39.77 34.44
C PHE F 132 16.11 -39.02 33.36
N ASN F 133 14.86 -39.39 33.13
CA ASN F 133 14.10 -38.85 32.03
C ASN F 133 13.19 -37.72 32.51
N LEU F 134 13.18 -36.60 31.78
CA LEU F 134 12.22 -35.54 32.02
C LEU F 134 11.43 -35.23 30.76
N GLY F 135 10.11 -35.19 30.90
CA GLY F 135 9.25 -34.56 29.91
C GLY F 135 8.52 -33.33 30.44
N PRO F 136 8.93 -32.14 29.98
CA PRO F 136 8.37 -30.88 30.50
C PRO F 136 7.26 -30.34 29.61
N GLU F 137 6.22 -29.76 30.23
CA GLU F 137 5.11 -29.15 29.49
C GLU F 137 5.10 -27.65 29.80
N PRO F 138 5.94 -26.87 29.09
CA PRO F 138 6.02 -25.43 29.41
C PRO F 138 4.90 -24.64 28.76
N GLU F 139 3.89 -24.25 29.54
CA GLU F 139 2.76 -23.49 29.04
C GLU F 139 3.18 -22.06 28.74
N PHE F 140 2.49 -21.40 27.78
CA PHE F 140 2.81 -20.00 27.48
C PHE F 140 1.59 -19.22 26.98
N PHE F 141 1.60 -17.91 27.28
CA PHE F 141 0.59 -16.98 26.79
C PHE F 141 1.13 -16.23 25.56
N LEU F 142 0.20 -15.63 24.83
CA LEU F 142 0.53 -14.78 23.70
C LEU F 142 -0.29 -13.51 23.79
N PHE F 143 0.38 -12.37 23.75
CA PHE F 143 -0.29 -11.09 23.65
C PHE F 143 -0.04 -10.45 22.29
N LYS F 144 -0.97 -9.60 21.88
CA LYS F 144 -0.81 -8.86 20.64
C LYS F 144 0.31 -7.82 20.78
N LEU F 145 1.04 -7.60 19.69
CA LEU F 145 2.03 -6.54 19.64
C LEU F 145 1.38 -5.31 19.04
N ASP F 146 1.92 -4.15 19.37
CA ASP F 146 1.36 -2.87 18.95
C ASP F 146 2.04 -2.36 17.67
N GLU F 147 1.77 -1.10 17.33
CA GLU F 147 2.31 -0.50 16.11
C GLU F 147 3.84 -0.51 16.13
N LYS F 148 4.44 -0.15 17.27
CA LYS F 148 5.89 -0.11 17.41
C LYS F 148 6.50 -1.48 17.65
N GLY F 149 5.68 -2.53 17.67
CA GLY F 149 6.17 -3.87 17.93
C GLY F 149 6.47 -4.18 19.38
N GLU F 150 5.66 -3.69 20.31
CA GLU F 150 5.95 -3.98 21.71
C GLU F 150 4.76 -4.67 22.37
N PRO F 151 5.00 -5.53 23.35
CA PRO F 151 3.88 -6.27 23.96
C PRO F 151 2.83 -5.35 24.58
N THR F 152 1.58 -5.51 24.14
CA THR F 152 0.46 -4.89 24.81
C THR F 152 -0.13 -5.88 25.81
N LEU F 153 -1.16 -5.43 26.52
CA LEU F 153 -1.87 -6.30 27.44
C LEU F 153 -2.99 -7.07 26.76
N GLU F 154 -3.16 -6.91 25.44
CA GLU F 154 -4.18 -7.63 24.69
C GLU F 154 -3.71 -9.06 24.45
N LEU F 155 -4.38 -10.02 25.09
CA LEU F 155 -4.25 -11.43 24.75
C LEU F 155 -4.71 -11.68 23.32
N ASN F 156 -4.10 -12.71 22.70
CA ASN F 156 -4.31 -13.03 21.30
C ASN F 156 -5.70 -13.55 21.01
N ASP F 157 -6.43 -14.04 22.01
CA ASP F 157 -7.81 -14.49 21.79
C ASP F 157 -8.52 -14.58 23.13
N ASP F 158 -9.79 -14.98 23.08
CA ASP F 158 -10.60 -15.15 24.28
C ASP F 158 -10.98 -16.61 24.48
N GLY F 159 -10.14 -17.52 23.98
CA GLY F 159 -10.46 -18.93 23.97
C GLY F 159 -10.04 -19.66 25.23
N GLY F 160 -10.43 -20.93 25.27
CA GLY F 160 -10.15 -21.77 26.43
C GLY F 160 -9.54 -23.13 26.12
N TYR F 161 -9.62 -24.02 27.11
CA TYR F 161 -9.00 -25.34 26.98
C TYR F 161 -9.59 -26.10 25.80
N PHE F 162 -8.70 -26.57 24.91
CA PHE F 162 -9.09 -27.43 23.78
C PHE F 162 -10.09 -26.75 22.83
N ASP F 163 -10.05 -25.44 22.71
CA ASP F 163 -10.93 -24.76 21.77
C ASP F 163 -10.34 -24.80 20.36
N LEU F 164 -11.16 -24.55 19.34
CA LEU F 164 -10.60 -24.42 18.00
C LEU F 164 -10.95 -23.06 17.40
N ALA F 165 -10.34 -22.80 16.25
CA ALA F 165 -10.52 -21.54 15.55
C ALA F 165 -11.98 -21.39 15.08
N PRO F 166 -12.54 -20.18 15.16
CA PRO F 166 -11.84 -18.94 15.51
C PRO F 166 -11.79 -18.56 16.98
N THR F 167 -12.45 -19.29 17.88
CA THR F 167 -12.29 -18.99 19.31
C THR F 167 -10.83 -19.09 19.74
N ASP F 168 -10.11 -20.11 19.29
CA ASP F 168 -8.66 -20.21 19.47
C ASP F 168 -8.02 -19.58 18.24
N LEU F 169 -7.43 -18.41 18.41
CA LEU F 169 -6.78 -17.73 17.31
C LEU F 169 -5.27 -18.00 17.28
N GLY F 170 -4.78 -18.88 18.13
CA GLY F 170 -3.39 -19.22 18.05
C GLY F 170 -3.04 -20.42 17.20
N GLU F 171 -3.96 -20.90 16.36
CA GLU F 171 -3.70 -22.15 15.63
C GLU F 171 -2.51 -22.04 14.70
N ASN F 172 -2.41 -20.95 13.95
CA ASN F 172 -1.39 -20.85 12.92
C ASN F 172 -0.02 -20.55 13.49
N CYS F 173 0.02 -19.80 14.60
CA CYS F 173 1.23 -19.65 15.39
C CYS F 173 1.71 -21.00 15.89
N ARG F 174 0.79 -21.76 16.52
CA ARG F 174 1.14 -23.08 17.02
C ARG F 174 1.58 -24.02 15.89
N ARG F 175 0.86 -24.03 14.77
CA ARG F 175 1.27 -24.86 13.65
C ARG F 175 2.66 -24.49 13.18
N ASP F 176 2.96 -23.18 13.15
CA ASP F 176 4.27 -22.77 12.70
C ASP F 176 5.35 -23.20 13.68
N ILE F 177 5.06 -23.17 14.98
CA ILE F 177 6.07 -23.59 15.94
C ILE F 177 6.31 -25.08 15.82
N VAL F 178 5.25 -25.89 15.85
CA VAL F 178 5.42 -27.34 15.70
C VAL F 178 6.29 -27.65 14.49
N LEU F 179 6.00 -27.03 13.34
CA LEU F 179 6.73 -27.34 12.12
C LEU F 179 8.23 -27.17 12.30
N GLU F 180 8.65 -26.03 12.83
CA GLU F 180 10.08 -25.77 12.94
C GLU F 180 10.69 -26.64 14.03
N LEU F 181 9.94 -26.91 15.12
CA LEU F 181 10.42 -27.84 16.14
C LEU F 181 10.58 -29.25 15.58
N GLU F 182 9.64 -29.69 14.73
CA GLU F 182 9.75 -31.00 14.10
C GLU F 182 11.02 -31.10 13.27
N ASP F 183 11.26 -30.10 12.37
CA ASP F 183 12.43 -29.95 11.47
C ASP F 183 13.67 -29.61 12.22
N MET F 184 13.57 -29.60 13.54
CA MET F 184 14.72 -29.46 14.43
C MET F 184 14.98 -30.72 15.25
N GLY F 185 14.20 -31.79 15.05
CA GLY F 185 14.44 -33.05 15.72
C GLY F 185 13.53 -33.37 16.90
N PHE F 186 12.67 -32.45 17.31
CA PHE F 186 11.72 -32.73 18.37
C PHE F 186 10.78 -33.84 17.93
N ASP F 187 10.39 -34.70 18.87
CA ASP F 187 9.22 -35.53 18.64
C ASP F 187 8.04 -34.82 19.31
N ILE F 188 7.39 -33.92 18.57
CA ILE F 188 6.20 -33.24 19.08
C ILE F 188 5.13 -34.27 19.33
N GLU F 189 4.30 -34.00 20.32
CA GLU F 189 3.27 -34.94 20.76
C GLU F 189 1.89 -34.32 20.88
N ALA F 190 1.77 -33.02 21.07
CA ALA F 190 0.47 -32.37 21.09
C ALA F 190 0.66 -30.86 20.98
N SER F 191 -0.33 -30.20 20.39
CA SER F 191 -0.48 -28.76 20.51
C SER F 191 -1.95 -28.46 20.77
N HIS F 192 -2.24 -27.51 21.68
CA HIS F 192 -3.62 -27.16 21.95
C HIS F 192 -3.71 -25.88 22.77
N HIS F 193 -4.90 -25.26 22.75
CA HIS F 193 -5.23 -24.14 23.65
C HIS F 193 -5.38 -24.62 25.10
N GLU F 194 -4.80 -23.87 26.04
CA GLU F 194 -4.89 -24.22 27.45
C GLU F 194 -6.10 -23.51 28.07
N VAL F 195 -6.22 -23.57 29.39
CA VAL F 195 -7.44 -23.15 30.07
C VAL F 195 -7.66 -21.64 29.94
N ALA F 196 -6.61 -20.86 30.12
CA ALA F 196 -6.77 -19.42 30.16
C ALA F 196 -6.83 -18.82 28.75
N PRO F 197 -7.48 -17.66 28.61
CA PRO F 197 -7.45 -16.94 27.33
C PRO F 197 -6.02 -16.61 26.91
N GLY F 198 -5.76 -16.73 25.60
CA GLY F 198 -4.43 -16.50 25.11
C GLY F 198 -3.36 -17.49 25.59
N GLN F 199 -3.75 -18.66 26.12
CA GLN F 199 -2.79 -19.61 26.68
C GLN F 199 -2.65 -20.88 25.85
N HIS F 200 -1.43 -21.40 25.76
CA HIS F 200 -1.09 -22.40 24.76
C HIS F 200 -0.13 -23.44 25.32
N GLU F 201 -0.33 -24.69 24.88
CA GLU F 201 0.52 -25.82 25.25
C GLU F 201 0.99 -26.50 23.97
N ILE F 202 2.27 -26.86 23.94
CA ILE F 202 2.80 -27.72 22.88
C ILE F 202 3.65 -28.75 23.58
N ASP F 203 3.24 -30.01 23.53
CA ASP F 203 4.01 -31.03 24.22
C ASP F 203 5.01 -31.72 23.30
N PHE F 204 6.04 -32.29 23.91
CA PHE F 204 6.95 -33.11 23.13
C PHE F 204 7.50 -34.23 24.00
N LYS F 205 8.01 -35.28 23.34
CA LYS F 205 8.45 -36.48 24.06
C LYS F 205 9.53 -36.16 25.10
N TYR F 206 9.62 -37.04 26.10
CA TYR F 206 10.63 -36.96 27.13
C TYR F 206 11.96 -37.45 26.58
N ALA F 207 13.03 -37.11 27.30
CA ALA F 207 14.38 -37.40 26.86
C ALA F 207 15.29 -37.43 28.07
N ASP F 208 16.53 -37.85 27.82
CA ASP F 208 17.64 -37.73 28.77
C ASP F 208 17.60 -36.38 29.46
N ALA F 209 17.78 -36.41 30.77
CA ALA F 209 17.76 -35.23 31.63
C ALA F 209 18.45 -34.03 30.97
N VAL F 210 19.75 -34.15 30.66
CA VAL F 210 20.44 -33.02 30.05
C VAL F 210 19.77 -32.62 28.74
N THR F 211 19.56 -33.58 27.83
CA THR F 211 18.88 -33.26 26.57
C THR F 211 17.57 -32.51 26.82
N ALA F 212 16.76 -32.99 27.76
CA ALA F 212 15.43 -32.41 27.99
C ALA F 212 15.53 -30.93 28.34
N CYS F 213 16.54 -30.54 29.14
CA CYS F 213 16.75 -29.12 29.43
C CYS F 213 17.17 -28.34 28.19
N ASP F 214 18.20 -28.81 27.48
CA ASP F 214 18.50 -28.24 26.17
C ASP F 214 17.24 -28.11 25.33
N ASN F 215 16.34 -29.10 25.41
CA ASN F 215 15.07 -29.04 24.70
C ASN F 215 14.26 -27.84 25.16
N ILE F 216 14.04 -27.71 26.48
CA ILE F 216 13.27 -26.60 27.02
C ILE F 216 13.80 -25.29 26.43
N GLN F 217 15.11 -25.05 26.60
CA GLN F 217 15.70 -23.80 26.13
C GLN F 217 15.42 -23.59 24.66
N THR F 218 15.72 -24.58 23.83
CA THR F 218 15.38 -24.44 22.41
C THR F 218 13.89 -24.14 22.21
N PHE F 219 13.00 -24.73 23.01
CA PHE F 219 11.57 -24.54 22.84
C PHE F 219 11.18 -23.09 23.12
N LYS F 220 11.68 -22.54 24.24
CA LYS F 220 11.40 -21.14 24.56
C LYS F 220 11.90 -20.20 23.45
N LEU F 221 13.07 -20.51 22.91
CA LEU F 221 13.60 -19.71 21.81
C LEU F 221 12.67 -19.75 20.60
N VAL F 222 12.28 -20.94 20.16
CA VAL F 222 11.47 -21.09 18.96
C VAL F 222 10.09 -20.46 19.17
N VAL F 223 9.49 -20.68 20.32
CA VAL F 223 8.19 -20.07 20.57
C VAL F 223 8.33 -18.55 20.53
N LYS F 224 9.31 -18.00 21.25
CA LYS F 224 9.38 -16.55 21.31
C LYS F 224 9.62 -15.92 19.93
N THR F 225 10.39 -16.57 19.05
CA THR F 225 10.62 -15.96 17.74
C THR F 225 9.47 -16.17 16.77
N ILE F 226 8.90 -17.38 16.70
CA ILE F 226 7.79 -17.56 15.76
C ILE F 226 6.62 -16.66 16.15
N ALA F 227 6.34 -16.55 17.44
CA ALA F 227 5.28 -15.65 17.89
C ALA F 227 5.46 -14.27 17.25
N ARG F 228 6.66 -13.72 17.37
CA ARG F 228 6.89 -12.38 16.87
C ARG F 228 6.69 -12.32 15.35
N LYS F 229 7.07 -13.37 14.63
CA LYS F 229 6.83 -13.32 13.19
C LYS F 229 5.35 -13.32 12.87
N HIS F 230 4.51 -13.62 13.86
CA HIS F 230 3.06 -13.54 13.75
C HIS F 230 2.54 -12.26 14.37
N ASN F 231 3.41 -11.34 14.73
CA ASN F 231 3.01 -10.10 15.39
C ASN F 231 2.47 -10.37 16.80
N LEU F 232 3.00 -11.39 17.43
CA LEU F 232 2.66 -11.66 18.81
C LEU F 232 3.92 -11.68 19.65
N HIS F 233 3.72 -11.54 20.94
CA HIS F 233 4.79 -11.65 21.92
C HIS F 233 4.42 -12.78 22.87
N ALA F 234 5.29 -13.76 22.99
CA ALA F 234 5.03 -14.88 23.85
C ALA F 234 5.72 -14.67 25.18
N THR F 235 5.08 -15.12 26.24
CA THR F 235 5.63 -14.88 27.56
C THR F 235 5.53 -16.15 28.39
N PHE F 236 6.61 -16.53 29.05
CA PHE F 236 6.60 -17.67 29.96
C PHE F 236 6.50 -17.21 31.41
N MET F 237 6.04 -15.97 31.60
CA MET F 237 5.69 -15.49 32.93
C MET F 237 4.68 -16.47 33.57
N PRO F 238 4.89 -16.88 34.82
CA PRO F 238 3.95 -17.84 35.44
C PRO F 238 2.51 -17.34 35.55
N LYS F 239 2.29 -16.14 36.11
CA LYS F 239 0.95 -15.55 36.21
C LYS F 239 0.99 -14.12 35.68
N PRO F 240 0.73 -13.93 34.37
CA PRO F 240 0.62 -12.57 33.84
C PRO F 240 -0.67 -11.84 34.22
N LEU F 241 -1.75 -12.55 34.53
CA LEU F 241 -3.03 -11.92 34.83
C LEU F 241 -3.69 -12.57 36.04
N PHE F 242 -4.22 -11.74 36.93
CA PHE F 242 -5.02 -12.23 38.03
C PHE F 242 -6.29 -12.93 37.51
N GLY F 243 -6.77 -13.91 38.28
CA GLY F 243 -8.09 -14.49 38.02
C GLY F 243 -8.22 -15.47 36.87
N VAL F 244 -7.10 -15.90 36.29
CA VAL F 244 -7.07 -16.93 35.27
C VAL F 244 -5.92 -17.86 35.59
N ASN F 245 -5.87 -19.01 34.91
CA ASN F 245 -4.75 -19.92 35.16
C ASN F 245 -3.45 -19.22 34.84
N GLY F 246 -2.42 -19.54 35.63
CA GLY F 246 -1.06 -19.20 35.31
C GLY F 246 -0.48 -20.20 34.33
N SER F 247 0.79 -20.00 34.00
CA SER F 247 1.54 -20.96 33.20
C SER F 247 2.38 -21.85 34.12
N GLY F 248 2.13 -23.17 34.06
CA GLY F 248 3.02 -24.12 34.68
C GLY F 248 4.05 -24.60 33.68
N MET F 249 5.07 -25.29 34.19
CA MET F 249 5.93 -26.14 33.37
C MET F 249 6.04 -27.47 34.12
N HIS F 250 5.03 -28.32 34.00
CA HIS F 250 5.08 -29.61 34.69
C HIS F 250 6.36 -30.34 34.33
N PHE F 251 7.03 -30.88 35.36
CA PHE F 251 8.23 -31.70 35.21
C PHE F 251 7.85 -33.16 35.42
N ASN F 252 7.59 -33.86 34.33
CA ASN F 252 7.37 -35.31 34.39
C ASN F 252 8.70 -36.04 34.43
N VAL F 253 8.95 -36.77 35.52
CA VAL F 253 10.21 -37.46 35.74
C VAL F 253 9.96 -38.96 35.84
N SER F 254 11.03 -39.72 35.61
CA SER F 254 11.10 -41.14 35.98
C SER F 254 12.55 -41.57 35.88
N LEU F 255 12.87 -42.72 36.51
CA LEU F 255 14.21 -43.30 36.50
C LEU F 255 14.24 -44.57 35.64
N PHE F 256 15.35 -44.79 34.94
CA PHE F 256 15.46 -45.93 34.04
C PHE F 256 16.67 -46.79 34.43
N LYS F 257 16.52 -48.11 34.30
CA LYS F 257 17.61 -49.07 34.47
C LYS F 257 17.76 -49.70 33.08
N GLY F 258 18.72 -49.19 32.31
CA GLY F 258 18.88 -49.60 30.92
C GLY F 258 17.70 -49.10 30.13
N LYS F 259 16.95 -50.02 29.52
CA LYS F 259 15.80 -49.66 28.68
C LYS F 259 14.47 -49.93 29.37
N GLU F 260 14.48 -50.32 30.64
CA GLU F 260 13.27 -50.54 31.42
C GLU F 260 13.04 -49.34 32.33
N ASN F 261 11.77 -48.96 32.47
CA ASN F 261 11.35 -47.85 33.34
C ASN F 261 11.38 -48.34 34.78
N ALA F 262 12.21 -47.73 35.60
CA ALA F 262 12.37 -48.27 36.94
C ALA F 262 11.19 -47.95 37.87
N PHE F 263 10.19 -47.19 37.41
CA PHE F 263 9.02 -46.81 38.20
C PHE F 263 7.80 -47.71 37.98
N PHE F 264 7.81 -48.55 36.94
CA PHE F 264 6.65 -49.31 36.49
C PHE F 264 6.73 -50.73 37.04
N ASP F 265 5.78 -51.11 37.92
CA ASP F 265 5.68 -52.51 38.33
C ASP F 265 4.58 -53.19 37.52
N PRO F 266 4.89 -54.09 36.59
CA PRO F 266 3.86 -54.57 35.65
C PRO F 266 2.89 -55.58 36.24
N ASN F 267 3.20 -56.17 37.39
CA ASN F 267 2.39 -57.25 37.96
C ASN F 267 1.32 -56.76 38.93
N THR F 268 1.32 -55.48 39.26
CA THR F 268 0.47 -55.00 40.35
C THR F 268 -0.60 -54.06 39.81
N GLU F 269 -1.73 -54.05 40.52
CA GLU F 269 -2.89 -53.25 40.11
C GLU F 269 -2.52 -51.79 39.91
N MET F 270 -1.83 -51.22 40.91
CA MET F 270 -1.38 -49.84 40.84
C MET F 270 -0.25 -49.67 39.85
N GLY F 271 0.63 -50.67 39.76
CA GLY F 271 1.71 -50.62 38.81
C GLY F 271 2.84 -49.67 39.16
N LEU F 272 3.09 -49.42 40.45
CA LEU F 272 4.24 -48.63 40.84
C LEU F 272 5.15 -49.46 41.74
N THR F 273 6.45 -49.22 41.60
CA THR F 273 7.51 -49.87 42.33
C THR F 273 7.83 -49.10 43.60
N GLU F 274 8.71 -49.66 44.43
CA GLU F 274 9.04 -48.99 45.69
C GLU F 274 10.12 -47.93 45.50
N THR F 275 10.84 -47.92 44.38
CA THR F 275 11.64 -46.74 44.09
C THR F 275 10.73 -45.57 43.68
N ALA F 276 9.67 -45.84 42.91
CA ALA F 276 8.73 -44.78 42.56
C ALA F 276 8.17 -44.10 43.83
N TYR F 277 7.66 -44.90 44.78
CA TYR F 277 7.21 -44.32 46.05
C TYR F 277 8.35 -43.64 46.80
N GLN F 278 9.55 -44.24 46.80
CA GLN F 278 10.64 -43.64 47.56
C GLN F 278 11.05 -42.28 46.98
N PHE F 279 11.18 -42.21 45.66
CA PHE F 279 11.42 -40.95 44.99
C PHE F 279 10.37 -39.92 45.39
N THR F 280 9.09 -40.30 45.34
CA THR F 280 8.05 -39.35 45.71
C THR F 280 8.26 -38.84 47.13
N ALA F 281 8.52 -39.76 48.05
CA ALA F 281 8.80 -39.38 49.44
C ALA F 281 9.94 -38.38 49.54
N GLY F 282 11.01 -38.54 48.76
CA GLY F 282 12.08 -37.56 48.83
C GLY F 282 11.65 -36.23 48.24
N VAL F 283 11.10 -36.27 47.03
CA VAL F 283 10.52 -35.08 46.41
C VAL F 283 9.57 -34.40 47.40
N LEU F 284 8.62 -35.16 47.98
CA LEU F 284 7.62 -34.58 48.86
C LEU F 284 8.25 -34.01 50.12
N LYS F 285 9.35 -34.61 50.58
CA LYS F 285 9.97 -34.17 51.84
C LYS F 285 10.84 -32.94 51.63
N ASN F 286 11.26 -32.66 50.41
CA ASN F 286 12.14 -31.54 50.15
C ASN F 286 11.50 -30.41 49.37
N ALA F 287 10.20 -30.52 49.05
CA ALA F 287 9.51 -29.54 48.20
C ALA F 287 9.70 -28.13 48.73
N ARG F 288 9.43 -27.92 50.02
CA ARG F 288 9.67 -26.63 50.64
C ARG F 288 11.08 -26.12 50.36
N GLY F 289 12.07 -27.02 50.38
CA GLY F 289 13.45 -26.60 50.21
C GLY F 289 13.79 -26.17 48.80
N PHE F 290 13.13 -26.75 47.78
CA PHE F 290 13.48 -26.46 46.39
C PHE F 290 12.44 -25.62 45.64
N THR F 291 11.35 -25.17 46.28
CA THR F 291 10.38 -24.43 45.50
C THR F 291 10.84 -23.00 45.23
N ALA F 292 11.81 -22.48 45.98
CA ALA F 292 12.39 -21.21 45.58
C ALA F 292 13.10 -21.34 44.25
N VAL F 293 13.70 -22.51 43.97
CA VAL F 293 14.40 -22.73 42.71
C VAL F 293 13.46 -23.09 41.56
N CYS F 294 12.36 -23.79 41.84
CA CYS F 294 11.36 -24.10 40.81
C CYS F 294 10.36 -22.97 40.60
N ASN F 295 10.44 -21.92 41.41
CA ASN F 295 9.48 -20.83 41.36
C ASN F 295 10.24 -19.57 41.75
N PRO F 296 11.07 -19.06 40.85
CA PRO F 296 12.08 -18.07 41.25
C PRO F 296 11.65 -16.61 41.17
N LEU F 297 10.58 -16.29 40.47
CA LEU F 297 10.05 -14.93 40.44
C LEU F 297 9.11 -14.71 41.64
N VAL F 298 9.00 -13.45 42.09
CA VAL F 298 7.89 -13.13 42.99
C VAL F 298 6.57 -13.49 42.32
N ASN F 299 6.48 -13.25 41.01
CA ASN F 299 5.30 -13.58 40.23
C ASN F 299 4.96 -15.06 40.33
N SER F 300 5.94 -15.89 40.68
CA SER F 300 5.69 -17.32 40.76
C SER F 300 4.68 -17.64 41.83
N TYR F 301 4.60 -16.81 42.86
CA TYR F 301 3.74 -17.08 44.02
C TYR F 301 2.39 -16.43 43.87
N LYS F 302 2.19 -15.81 42.73
CA LYS F 302 0.87 -15.29 42.34
C LYS F 302 0.14 -16.40 41.59
N ARG F 303 0.82 -17.49 41.25
CA ARG F 303 0.24 -18.63 40.52
C ARG F 303 -0.02 -19.79 41.47
N LEU F 304 0.78 -19.89 42.51
CA LEU F 304 0.67 -20.97 43.51
C LEU F 304 -0.37 -20.56 44.53
N VAL F 305 -1.57 -20.28 44.05
CA VAL F 305 -2.71 -19.90 44.85
C VAL F 305 -3.84 -20.87 44.55
N PRO F 306 -4.75 -21.15 45.50
CA PRO F 306 -5.76 -22.18 45.25
C PRO F 306 -6.56 -21.89 44.00
N GLY F 307 -7.08 -22.97 43.42
CA GLY F 307 -8.18 -22.89 42.48
C GLY F 307 -7.83 -22.83 41.02
N TYR F 308 -6.57 -23.03 40.66
CA TYR F 308 -6.20 -22.90 39.25
C TYR F 308 -5.33 -24.06 38.79
N GLU F 309 -5.48 -25.24 39.41
CA GLU F 309 -4.68 -26.38 39.03
C GLU F 309 -3.18 -26.11 39.20
N ALA F 310 -2.82 -25.18 40.10
CA ALA F 310 -1.44 -25.09 40.50
C ALA F 310 -1.32 -25.48 41.97
N PRO F 311 -0.29 -26.22 42.35
CA PRO F 311 -0.24 -26.75 43.71
C PRO F 311 0.00 -25.64 44.72
N CYS F 312 -0.66 -25.79 45.88
CA CYS F 312 -0.36 -25.00 47.06
C CYS F 312 0.13 -25.84 48.22
N TYR F 313 -0.27 -27.11 48.28
CA TYR F 313 -0.04 -27.94 49.45
C TYR F 313 0.80 -29.15 49.05
N ILE F 314 1.81 -29.45 49.88
CA ILE F 314 2.73 -30.55 49.61
C ILE F 314 2.01 -31.88 49.88
N ALA F 315 1.63 -32.58 48.81
CA ALA F 315 0.92 -33.85 48.85
C ALA F 315 1.04 -34.51 47.49
N TRP F 316 0.77 -35.81 47.43
CA TRP F 316 0.70 -36.50 46.14
C TRP F 316 -0.64 -37.19 45.98
N SER F 317 -0.97 -37.50 44.73
CA SER F 317 -2.23 -38.16 44.42
C SER F 317 -2.24 -38.58 42.95
N GLY F 318 -2.75 -39.78 42.67
CA GLY F 318 -2.99 -40.18 41.30
C GLY F 318 -4.17 -39.44 40.68
N LYS F 319 -4.05 -39.21 39.37
CA LYS F 319 -5.07 -38.58 38.53
C LYS F 319 -5.67 -37.34 39.15
N ASN F 320 -4.88 -36.56 39.88
CA ASN F 320 -5.38 -35.41 40.62
C ASN F 320 -4.58 -34.17 40.24
N ARG F 321 -5.26 -33.12 39.78
CA ARG F 321 -4.58 -31.91 39.33
C ARG F 321 -4.51 -30.82 40.42
N SER F 322 -4.98 -31.11 41.66
CA SER F 322 -4.79 -30.26 42.84
C SER F 322 -3.46 -30.45 43.59
N PRO F 323 -2.85 -31.67 43.67
CA PRO F 323 -1.71 -31.79 44.58
C PRO F 323 -0.40 -31.25 44.02
N LEU F 324 0.68 -31.35 44.82
CA LEU F 324 2.02 -31.02 44.30
C LEU F 324 2.45 -32.00 43.21
N ILE F 325 2.50 -33.27 43.56
CA ILE F 325 2.86 -34.34 42.60
C ILE F 325 1.56 -35.04 42.23
N ARG F 326 1.32 -35.22 40.95
CA ARG F 326 0.20 -36.04 40.49
C ARG F 326 0.79 -37.26 39.82
N VAL F 327 0.20 -38.42 40.05
CA VAL F 327 0.70 -39.62 39.32
C VAL F 327 -0.27 -39.87 38.18
N PRO F 328 0.09 -39.59 36.92
CA PRO F 328 -0.78 -39.86 35.81
C PRO F 328 -1.20 -41.31 35.62
N SER F 329 -2.28 -41.50 34.93
CA SER F 329 -2.83 -42.83 34.73
C SER F 329 -1.93 -43.71 33.89
N SER F 330 -1.32 -43.13 32.85
CA SER F 330 -0.42 -43.87 31.99
C SER F 330 0.49 -44.75 32.83
N ARG F 331 0.68 -45.96 32.38
CA ARG F 331 1.55 -46.88 33.07
C ARG F 331 2.58 -47.33 32.04
N GLY F 332 3.26 -48.44 32.34
CA GLY F 332 4.17 -48.98 31.35
C GLY F 332 5.36 -48.06 31.18
N LEU F 333 5.81 -47.94 29.93
CA LEU F 333 6.97 -47.09 29.65
C LEU F 333 6.71 -45.64 30.03
N SER F 334 5.45 -45.24 30.17
CA SER F 334 5.09 -43.87 30.50
C SER F 334 4.80 -43.67 31.98
N THR F 335 5.20 -44.59 32.84
CA THR F 335 4.92 -44.36 34.25
C THR F 335 5.79 -43.20 34.72
N ARG F 336 5.15 -42.21 35.38
CA ARG F 336 5.90 -41.05 35.85
C ARG F 336 5.27 -40.39 37.06
N ILE F 337 6.09 -39.63 37.72
CA ILE F 337 5.73 -38.63 38.70
C ILE F 337 5.68 -37.31 37.97
N GLU F 338 4.64 -36.51 38.22
CA GLU F 338 4.49 -35.17 37.63
C GLU F 338 4.54 -34.15 38.77
N VAL F 339 5.66 -33.40 38.83
CA VAL F 339 5.90 -32.36 39.85
C VAL F 339 5.41 -31.05 39.25
N ARG F 340 4.21 -30.59 39.67
CA ARG F 340 3.55 -29.44 39.05
C ARG F 340 3.95 -28.10 39.67
N SER F 341 4.80 -28.13 40.70
CA SER F 341 5.39 -26.94 41.28
C SER F 341 6.07 -26.09 40.21
N VAL F 342 6.91 -26.71 39.37
CA VAL F 342 7.77 -25.93 38.46
C VAL F 342 6.95 -25.04 37.54
N ASP F 343 7.43 -23.82 37.30
CA ASP F 343 6.90 -22.94 36.27
C ASP F 343 7.97 -22.51 35.27
N PRO F 344 7.56 -21.96 34.13
CA PRO F 344 8.52 -21.80 33.01
C PRO F 344 9.69 -20.85 33.30
N ALA F 345 9.58 -19.93 34.27
CA ALA F 345 10.72 -19.09 34.64
C ALA F 345 11.84 -19.90 35.32
N ALA F 346 11.55 -21.11 35.78
CA ALA F 346 12.54 -21.88 36.51
C ALA F 346 13.71 -22.30 35.61
N ASN F 347 14.92 -22.19 36.14
CA ASN F 347 16.07 -22.65 35.37
C ASN F 347 15.99 -24.18 35.22
N PRO F 348 15.80 -24.71 34.02
CA PRO F 348 15.55 -26.16 33.91
C PRO F 348 16.70 -27.00 34.45
N TYR F 349 17.94 -26.61 34.17
CA TYR F 349 19.04 -27.40 34.71
C TYR F 349 19.05 -27.32 36.23
N MET F 350 18.68 -26.18 36.80
CA MET F 350 18.71 -26.10 38.25
C MET F 350 17.53 -26.85 38.88
N ALA F 351 16.31 -26.56 38.40
CA ALA F 351 15.14 -27.25 38.93
C ALA F 351 15.32 -28.75 38.88
N LEU F 352 15.95 -29.26 37.80
CA LEU F 352 16.03 -30.69 37.59
C LEU F 352 17.03 -31.34 38.54
N ALA F 353 18.21 -30.74 38.67
CA ALA F 353 19.13 -31.07 39.75
C ALA F 353 18.44 -31.00 41.11
N ALA F 354 17.58 -30.00 41.31
CA ALA F 354 16.81 -29.90 42.54
C ALA F 354 15.94 -31.15 42.76
N ILE F 355 15.04 -31.43 41.80
CA ILE F 355 14.11 -32.55 41.90
C ILE F 355 14.86 -33.86 42.09
N LEU F 356 15.85 -34.11 41.22
CA LEU F 356 16.61 -35.36 41.27
C LEU F 356 17.22 -35.58 42.65
N GLU F 357 17.95 -34.58 43.16
CA GLU F 357 18.63 -34.81 44.43
C GLU F 357 17.64 -35.07 45.56
N ALA F 358 16.42 -34.57 45.46
CA ALA F 358 15.42 -34.86 46.47
C ALA F 358 14.99 -36.32 46.40
N GLY F 359 14.55 -36.76 45.22
CA GLY F 359 14.10 -38.14 45.07
C GLY F 359 15.20 -39.13 45.39
N LEU F 360 16.42 -38.86 44.91
CA LEU F 360 17.56 -39.68 45.32
C LEU F 360 17.69 -39.73 46.83
N ASP F 361 17.43 -38.60 47.51
CA ASP F 361 17.37 -38.63 48.98
C ASP F 361 16.27 -39.55 49.48
N GLY F 362 15.18 -39.71 48.72
CA GLY F 362 14.12 -40.62 49.13
C GLY F 362 14.56 -42.07 49.11
N ILE F 363 15.33 -42.47 48.10
CA ILE F 363 15.64 -43.88 47.95
C ILE F 363 16.91 -44.28 48.68
N LYS F 364 17.97 -43.47 48.66
CA LYS F 364 19.16 -43.90 49.40
C LYS F 364 18.94 -43.83 50.91
N ASN F 365 17.79 -43.31 51.36
CA ASN F 365 17.34 -43.36 52.75
C ASN F 365 16.11 -44.25 52.91
N LYS F 366 15.70 -44.96 51.86
CA LYS F 366 14.53 -45.85 51.83
C LYS F 366 13.30 -45.24 52.56
N LEU F 367 12.86 -44.07 52.09
CA LEU F 367 11.71 -43.38 52.67
C LEU F 367 10.36 -43.95 52.22
N LYS F 368 9.38 -43.94 53.14
CA LYS F 368 8.03 -44.42 52.88
C LYS F 368 7.10 -43.24 52.60
N VAL F 369 6.33 -43.33 51.53
CA VAL F 369 5.41 -42.25 51.14
C VAL F 369 4.28 -42.11 52.15
N PRO F 370 3.75 -40.91 52.33
CA PRO F 370 2.52 -40.78 53.11
C PRO F 370 1.32 -41.27 52.32
N GLU F 371 0.19 -41.38 52.99
CA GLU F 371 -1.04 -41.71 52.28
C GLU F 371 -1.33 -40.64 51.23
N PRO F 372 -1.76 -41.02 50.04
CA PRO F 372 -2.12 -40.00 49.04
C PRO F 372 -3.36 -39.22 49.51
N VAL F 373 -3.66 -38.13 48.82
CA VAL F 373 -4.82 -37.29 49.13
C VAL F 373 -5.74 -37.33 47.91
N ASN F 374 -6.77 -38.17 47.95
CA ASN F 374 -7.68 -38.32 46.81
C ASN F 374 -8.94 -37.45 46.97
N GLN F 375 -8.68 -36.16 47.21
CA GLN F 375 -9.71 -35.14 47.36
C GLN F 375 -9.34 -33.94 46.51
N ASN F 376 -10.33 -33.09 46.24
CA ASN F 376 -10.02 -31.72 45.83
C ASN F 376 -9.40 -31.04 47.04
N ILE F 377 -8.07 -30.96 47.03
CA ILE F 377 -7.33 -30.42 48.16
C ILE F 377 -7.57 -28.93 48.38
N TYR F 378 -8.04 -28.22 47.35
CA TYR F 378 -8.37 -26.81 47.50
C TYR F 378 -9.58 -26.62 48.41
N GLU F 379 -10.53 -27.55 48.35
CA GLU F 379 -11.72 -27.46 49.18
C GLU F 379 -11.45 -27.96 50.61
N MET F 380 -10.20 -27.96 51.04
CA MET F 380 -9.80 -28.55 52.30
C MET F 380 -9.57 -27.47 53.35
N ASN F 381 -10.22 -27.64 54.50
CA ASN F 381 -10.08 -26.71 55.62
C ASN F 381 -8.61 -26.52 55.97
N ARG F 382 -8.31 -25.39 56.60
CA ARG F 382 -6.99 -25.22 57.19
C ARG F 382 -6.74 -26.26 58.29
N GLU F 383 -7.75 -26.53 59.12
CA GLU F 383 -7.61 -27.58 60.13
C GLU F 383 -7.71 -28.97 59.50
N GLU F 384 -8.56 -29.13 58.48
CA GLU F 384 -8.67 -30.44 57.84
C GLU F 384 -7.35 -30.87 57.23
N ARG F 385 -6.56 -29.92 56.74
CA ARG F 385 -5.24 -30.26 56.22
C ARG F 385 -4.26 -30.48 57.36
N GLU F 386 -4.37 -29.68 58.43
CA GLU F 386 -3.54 -29.91 59.62
C GLU F 386 -3.78 -31.32 60.16
N ALA F 387 -5.06 -31.70 60.32
CA ALA F 387 -5.44 -33.04 60.76
C ALA F 387 -4.61 -34.13 60.08
N VAL F 388 -4.65 -34.22 58.75
CA VAL F 388 -3.93 -35.27 58.03
C VAL F 388 -2.42 -35.03 57.93
N GLY F 389 -1.94 -33.81 58.23
CA GLY F 389 -0.52 -33.52 58.12
C GLY F 389 -0.06 -33.09 56.74
N ILE F 390 -0.78 -32.15 56.13
CA ILE F 390 -0.40 -31.58 54.85
C ILE F 390 0.26 -30.23 55.12
N GLN F 391 1.53 -30.08 54.76
CA GLN F 391 2.17 -28.77 54.87
C GLN F 391 1.86 -27.89 53.64
N ASP F 392 2.04 -26.59 53.81
CA ASP F 392 1.87 -25.67 52.70
C ASP F 392 3.21 -25.47 52.02
N LEU F 393 3.16 -25.12 50.73
CA LEU F 393 4.32 -24.56 50.08
C LEU F 393 4.59 -23.12 50.55
N PRO F 394 5.81 -22.64 50.37
CA PRO F 394 6.09 -21.22 50.66
C PRO F 394 5.13 -20.27 49.92
N SER F 395 4.45 -19.41 50.70
CA SER F 395 3.45 -18.50 50.14
C SER F 395 4.08 -17.44 49.25
N THR F 396 5.20 -16.86 49.67
CA THR F 396 5.90 -15.84 48.90
C THR F 396 7.36 -16.24 48.67
N LEU F 397 7.97 -15.62 47.66
CA LEU F 397 9.35 -15.92 47.31
C LEU F 397 10.30 -15.64 48.46
N TYR F 398 10.02 -14.63 49.29
CA TYR F 398 10.84 -14.39 50.47
C TYR F 398 10.90 -15.63 51.36
N THR F 399 9.72 -16.13 51.79
CA THR F 399 9.69 -17.28 52.68
C THR F 399 10.16 -18.54 51.98
N ALA F 400 10.15 -18.55 50.65
CA ALA F 400 10.70 -19.68 49.93
C ALA F 400 12.23 -19.69 50.01
N LEU F 401 12.85 -18.53 49.80
CA LEU F 401 14.29 -18.41 50.05
C LEU F 401 14.64 -18.87 51.45
N LYS F 402 13.73 -18.66 52.41
CA LYS F 402 14.03 -19.07 53.78
C LYS F 402 13.94 -20.58 53.93
N ALA F 403 12.86 -21.19 53.42
CA ALA F 403 12.84 -22.64 53.30
C ALA F 403 14.11 -23.18 52.64
N MET F 404 14.65 -22.43 51.68
CA MET F 404 15.88 -22.85 51.00
C MET F 404 17.08 -22.81 51.93
N ARG F 405 17.21 -21.77 52.75
CA ARG F 405 18.31 -21.68 53.71
C ARG F 405 18.22 -22.75 54.80
N GLU F 406 17.09 -23.45 54.93
CA GLU F 406 16.93 -24.45 55.98
C GLU F 406 17.03 -25.90 55.51
N ASN F 407 17.33 -26.17 54.23
CA ASN F 407 17.25 -27.51 53.66
C ASN F 407 18.59 -27.92 53.03
N GLU F 408 19.12 -29.08 53.43
CA GLU F 408 20.46 -29.49 53.04
C GLU F 408 20.54 -30.12 51.65
N VAL F 409 19.49 -30.83 51.24
CA VAL F 409 19.44 -31.45 49.91
C VAL F 409 19.66 -30.42 48.81
N ILE F 410 19.00 -29.25 48.92
CA ILE F 410 19.06 -28.30 47.81
C ILE F 410 20.42 -27.63 47.76
N LYS F 411 21.13 -27.58 48.89
CA LYS F 411 22.52 -27.13 48.81
C LYS F 411 23.39 -28.16 48.09
N LYS F 412 23.21 -29.45 48.42
CA LYS F 412 23.93 -30.52 47.74
C LYS F 412 23.63 -30.58 46.26
N ALA F 413 22.45 -30.11 45.82
CA ALA F 413 22.05 -30.31 44.44
C ALA F 413 22.61 -29.22 43.53
N LEU F 414 22.88 -28.03 44.08
CA LEU F 414 23.41 -26.93 43.30
C LEU F 414 24.86 -26.59 43.62
N GLY F 415 25.38 -27.02 44.76
CA GLY F 415 26.72 -26.64 45.14
C GLY F 415 26.79 -25.22 45.64
N ASN F 416 27.88 -24.89 46.32
CA ASN F 416 27.94 -23.64 47.08
C ASN F 416 27.92 -22.42 46.16
N HIS F 417 28.46 -22.52 44.95
CA HIS F 417 28.49 -21.33 44.11
C HIS F 417 27.08 -20.93 43.64
N ILE F 418 26.40 -21.82 42.92
CA ILE F 418 25.05 -21.46 42.46
C ILE F 418 24.15 -21.18 43.65
N TYR F 419 24.15 -22.07 44.64
CA TYR F 419 23.29 -21.88 45.81
C TYR F 419 23.44 -20.48 46.37
N ASN F 420 24.68 -20.05 46.60
CA ASN F 420 24.95 -18.70 47.10
C ASN F 420 24.49 -17.63 46.10
N GLN F 421 24.98 -17.69 44.85
CA GLN F 421 24.59 -16.72 43.85
C GLN F 421 23.07 -16.57 43.77
N PHE F 422 22.36 -17.69 43.65
CA PHE F 422 20.91 -17.62 43.58
C PHE F 422 20.33 -16.86 44.78
N ILE F 423 20.51 -17.40 45.99
CA ILE F 423 19.96 -16.76 47.19
C ILE F 423 20.25 -15.27 47.21
N ASN F 424 21.45 -14.87 46.76
CA ASN F 424 21.84 -13.47 46.82
C ASN F 424 21.00 -12.61 45.87
N SER F 425 20.93 -12.98 44.58
CA SER F 425 20.10 -12.21 43.65
C SER F 425 18.65 -12.10 44.11
N LYS F 426 17.99 -13.26 44.25
CA LYS F 426 16.56 -13.27 44.57
C LYS F 426 16.25 -12.55 45.88
N SER F 427 17.13 -12.60 46.88
CA SER F 427 16.78 -11.77 48.01
C SER F 427 16.95 -10.30 47.67
N ILE F 428 17.81 -9.96 46.72
CA ILE F 428 17.81 -8.58 46.24
C ILE F 428 16.53 -8.30 45.47
N GLU F 429 16.16 -9.20 44.56
CA GLU F 429 14.91 -9.08 43.81
C GLU F 429 13.75 -8.81 44.76
N TRP F 430 13.65 -9.59 45.84
CA TRP F 430 12.56 -9.43 46.80
C TRP F 430 12.51 -8.03 47.37
N ASP F 431 13.68 -7.47 47.71
CA ASP F 431 13.67 -6.23 48.47
C ASP F 431 13.35 -5.01 47.61
N TYR F 432 13.54 -5.08 46.31
CA TYR F 432 13.00 -4.02 45.47
C TYR F 432 11.50 -4.14 45.31
N TYR F 433 10.98 -5.36 45.44
CA TYR F 433 9.55 -5.58 45.31
C TYR F 433 8.82 -5.13 46.57
N ARG F 434 9.28 -5.56 47.75
CA ARG F 434 8.60 -5.21 48.99
C ARG F 434 8.52 -3.71 49.22
N THR F 435 9.16 -2.91 48.36
CA THR F 435 9.10 -1.46 48.50
C THR F 435 8.25 -0.78 47.43
N GLN F 436 7.98 -1.44 46.31
CA GLN F 436 7.10 -0.87 45.30
C GLN F 436 5.72 -0.62 45.89
N VAL F 437 4.99 0.31 45.28
CA VAL F 437 3.60 0.58 45.65
C VAL F 437 2.73 0.26 44.44
N SER F 438 1.86 -0.73 44.59
CA SER F 438 1.02 -1.16 43.49
C SER F 438 -0.14 -0.18 43.26
N GLU F 439 -0.65 -0.17 42.01
CA GLU F 439 -1.93 0.46 41.74
C GLU F 439 -3.02 -0.20 42.57
N TRP F 440 -2.83 -1.46 42.94
CA TRP F 440 -3.80 -2.09 43.82
C TRP F 440 -4.00 -1.30 45.10
N GLU F 441 -2.90 -0.94 45.79
CA GLU F 441 -3.01 -0.15 47.02
C GLU F 441 -3.53 1.27 46.73
N ARG F 442 -3.00 1.93 45.70
CA ARG F 442 -3.45 3.26 45.37
C ARG F 442 -4.91 3.26 44.92
N ASP F 443 -5.49 2.09 44.64
CA ASP F 443 -6.89 1.97 44.26
C ASP F 443 -7.79 1.60 45.43
N GLN F 444 -7.25 0.98 46.48
CA GLN F 444 -8.04 0.67 47.67
C GLN F 444 -7.89 1.71 48.76
N TYR F 445 -6.84 2.54 48.73
CA TYR F 445 -6.50 3.33 49.89
C TYR F 445 -6.41 4.83 49.66
N MET F 446 -6.18 5.28 48.42
CA MET F 446 -5.85 6.70 48.23
C MET F 446 -7.06 7.63 48.34
N LYS F 447 -8.27 7.19 47.95
CA LYS F 447 -9.48 7.93 48.29
C LYS F 447 -10.04 7.51 49.64
N GLN F 448 -10.00 6.20 49.92
CA GLN F 448 -10.53 5.62 51.15
C GLN F 448 -9.96 6.28 52.41
N TYR F 449 -8.67 6.63 52.40
CA TYR F 449 -7.94 7.06 53.60
C TYR F 449 -7.20 8.39 53.41
PB ADP G . 3.06 30.19 -35.15
O1B ADP G . 2.94 31.45 -36.02
O2B ADP G . 2.24 30.18 -33.90
O3B ADP G . 4.50 29.84 -34.88
PA ADP G . 2.51 27.36 -35.61
O1A ADP G . 2.19 27.21 -34.11
O2A ADP G . 3.75 26.68 -36.19
O3A ADP G . 2.46 28.96 -36.02
O5' ADP G . 1.26 26.82 -36.47
C5' ADP G . 1.40 26.77 -37.88
C4' ADP G . 0.11 26.22 -38.44
O4' ADP G . -0.22 26.73 -39.75
C3' ADP G . 0.09 24.69 -38.58
O3' ADP G . -1.04 24.31 -37.77
C2' ADP G . -0.12 24.34 -40.05
O2' ADP G . -0.96 23.20 -40.17
C1' ADP G . -0.70 25.65 -40.58
N9 ADP G . -0.39 25.92 -41.98
C8 ADP G . 0.81 25.91 -42.59
N7 ADP G . 0.66 26.22 -43.90
C5 ADP G . -0.65 26.46 -44.12
C6 ADP G . -1.51 26.83 -45.28
N6 ADP G . -0.93 27.02 -46.49
N1 ADP G . -2.83 26.98 -45.09
C2 ADP G . -3.39 26.77 -43.87
N3 ADP G . -2.68 26.43 -42.78
C4 ADP G . -1.33 26.26 -42.85
H5'1 ADP G . 2.24 26.12 -38.16
H5'2 ADP G . 1.60 27.77 -38.28
H4' ADP G . -0.62 26.56 -37.70
H3' ADP G . 1.01 24.18 -38.27
HO3' ADP G . -0.97 23.37 -37.55
H2' ADP G . 0.77 24.03 -40.62
HO2' ADP G . -0.58 22.47 -39.67
H1' ADP G . -1.79 25.55 -40.52
H8 ADP G . 1.75 25.68 -42.10
HN61 ADP G . -1.49 27.28 -47.29
HN62 ADP G . 0.06 26.91 -46.58
H2 ADP G . -4.46 26.90 -43.77
O3A P3S H . 3.12 31.46 -31.24
PA P3S H . 1.67 31.06 -31.01
O1A P3S H . 0.91 31.39 -32.28
O2A P3S H . 1.53 29.60 -30.62
NE P3S H . 0.87 31.89 -29.76
SD P3S H . 1.42 33.08 -28.95
OE P3S H . 1.90 33.49 -30.29
CE P3S H . 3.00 33.83 -28.44
CG P3S H . 0.11 33.55 -27.79
CB P3S H . -1.30 33.55 -28.42
CA P3S H . -2.17 33.59 -27.17
N P3S H . -2.22 32.25 -26.59
C P3S H . -3.59 34.05 -27.44
OT P3S H . -4.06 33.92 -28.62
O P3S H . -4.24 34.55 -26.45
HEC1 P3S H . 3.34 34.54 -29.19
HEC2 P3S H . 3.76 33.06 -28.31
HEC3 P3S H . 2.87 34.36 -27.49
HGC1 P3S H . 0.33 34.56 -27.42
HGC2 P3S H . 0.12 32.86 -26.96
HBC1 P3S H . -1.47 32.65 -29.01
HBC2 P3S H . -1.46 34.42 -29.05
HA P3S H . -1.72 34.31 -26.49
HN1 P3S H . -1.75 31.62 -27.22
HN2 P3S H . -3.19 31.97 -26.50
MG MG I . 2.34 28.04 -32.35
MG MG J . -0.15 31.36 -33.74
PB ADP K . -35.61 5.56 -28.41
O1B ADP K . -37.02 5.53 -27.85
O2B ADP K . -35.35 6.26 -29.74
O3B ADP K . -34.55 5.83 -27.34
PA ADP K . -34.18 3.09 -28.32
O1A ADP K . -33.63 3.56 -26.97
O2A ADP K . -33.27 2.93 -29.56
O3A ADP K . -35.44 4.01 -28.82
O5' ADP K . -35.00 1.76 -28.01
C5' ADP K . -35.43 1.06 -29.15
C4' ADP K . -35.99 -0.27 -28.68
O4' ADP K . -37.18 -0.52 -29.44
C3' ADP K . -35.04 -1.48 -28.79
O3' ADP K . -35.18 -2.14 -27.51
C2' ADP K . -35.58 -2.33 -29.92
O2' ADP K . -35.37 -3.73 -29.76
C1' ADP K . -37.06 -1.88 -29.83
N9 ADP K . -37.77 -2.25 -31.04
C8 ADP K . -37.41 -2.20 -32.34
N7 ADP K . -38.40 -2.76 -33.09
C5 ADP K . -39.36 -3.16 -32.24
C6 ADP K . -40.66 -3.83 -32.30
N6 ADP K . -41.11 -4.13 -33.52
N1 ADP K . -41.38 -4.10 -31.17
C2 ADP K . -40.90 -3.77 -29.96
N3 ADP K . -39.70 -3.15 -29.82
C4 ADP K . -38.93 -2.85 -30.89
H5'1 ADP K . -34.59 0.89 -29.83
H5'2 ADP K . -36.19 1.62 -29.68
H4' ADP K . -36.18 -0.18 -27.61
H3' ADP K . -33.98 -1.27 -28.99
HO3' ADP K . -34.30 -2.37 -27.16
H2' ADP K . -35.11 -2.19 -30.90
HO2' ADP K . -34.57 -3.88 -29.22
H1' ADP K . -37.54 -2.42 -29.00
H8 ADP K . -36.49 -1.78 -32.72
HN61 ADP K . -41.99 -4.58 -33.66
HN62 ADP K . -40.52 -3.90 -34.31
H2 ADP K . -41.46 -4.01 -29.07
O3A P3S L . -34.22 7.01 -24.67
PA P3S L . -35.36 7.97 -25.03
O1A P3S L . -36.59 7.21 -25.52
O2A P3S L . -34.88 8.94 -26.09
NE P3S L . -35.82 8.70 -23.56
SD P3S L . -35.39 10.16 -23.28
OE P3S L . -36.32 10.38 -24.41
CE P3S L . -34.34 11.42 -24.08
CG P3S L . -35.38 10.44 -21.49
CB P3S L . -36.70 10.05 -20.85
CA P3S L . -36.57 10.21 -19.33
N P3S L . -35.31 9.67 -18.81
C P3S L . -37.83 9.56 -18.75
OT P3S L . -38.48 8.80 -19.51
O P3S L . -38.21 9.83 -17.57
HEC1 P3S L . -34.46 12.37 -23.56
HEC2 P3S L . -34.64 11.53 -25.12
HEC3 P3S L . -33.30 11.11 -24.02
HGC1 P3S L . -35.19 11.50 -21.30
HGC2 P3S L . -34.59 9.85 -21.04
HBC1 P3S L . -36.94 9.01 -21.09
HBC2 P3S L . -37.50 10.70 -21.22
HA P3S L . -36.51 11.27 -19.04
HN1 P3S L . -35.44 9.47 -17.83
HN2 P3S L . -34.60 10.38 -18.90
MG MG M . -33.95 7.08 -22.75
MG MG N . -33.27 5.24 -26.09
MG MG O . -37.21 5.44 -25.62
MG MG P . -54.86 0.12 -44.20
MG MG Q . -37.41 -38.08 -5.88
PB ADP R . 37.79 -9.94 24.19
O1B ADP R . 36.35 -9.61 23.86
O2B ADP R . 37.96 -10.93 25.33
O3B ADP R . 38.77 -8.79 24.26
PA ADP R . 37.77 -10.49 21.35
O1A ADP R . 36.45 -9.71 21.38
O2A ADP R . 37.85 -11.84 20.66
O3A ADP R . 38.30 -10.75 22.87
O5' ADP R . 38.92 -9.55 20.73
C5' ADP R . 40.27 -10.01 20.69
C4' ADP R . 40.81 -9.61 19.32
O4' ADP R . 42.21 -9.39 19.32
C3' ADP R . 40.56 -10.61 18.18
O3' ADP R . 39.51 -10.02 17.42
C2' ADP R . 41.83 -10.84 17.39
O2' ADP R . 41.74 -10.45 16.02
C1' ADP R . 42.83 -9.97 18.15
N9 ADP R . 44.06 -10.72 18.57
C8 ADP R . 44.19 -11.98 19.06
N7 ADP R . 45.49 -12.27 19.29
C5 ADP R . 46.20 -11.18 18.95
C6 ADP R . 47.62 -10.79 18.94
N6 ADP R . 48.60 -11.62 19.35
N1 ADP R . 47.94 -9.56 18.49
C2 ADP R . 47.02 -8.69 18.07
N3 ADP R . 45.71 -8.96 18.05
C4 ADP R . 45.26 -10.17 18.47
H5'1 ADP R . 40.32 -11.10 20.81
H5'2 ADP R . 40.86 -9.55 21.48
H4' ADP R . 40.25 -8.68 19.13
H3' ADP R . 40.25 -11.61 18.53
HO3' ADP R . 38.85 -10.70 17.18
H2' ADP R . 42.10 -11.91 17.32
HO2' ADP R . 40.90 -10.76 15.66
H1' ADP R . 43.13 -9.20 17.44
H8 ADP R . 43.36 -12.65 19.24
HN61 ADP R . 49.56 -11.32 19.33
HN62 ADP R . 48.35 -12.54 19.68
H2 ADP R . 47.35 -7.72 17.73
O3A P3S S . 34.91 -8.44 26.72
PA P3S S . 34.99 -7.28 25.70
O1A P3S S . 34.49 -7.71 24.34
O2A P3S S . 36.45 -6.87 25.59
NE P3S S . 34.07 -5.88 26.14
SD P3S S . 33.42 -5.76 27.55
OE P3S S . 34.67 -6.40 27.93
CE P3S S . 32.69 -6.92 28.76
CG P3S S . 32.74 -4.10 27.78
CB P3S S . 33.89 -3.06 27.85
CA P3S S . 33.13 -1.78 27.52
N P3S S . 32.73 -1.82 26.12
C P3S S . 33.92 -0.49 27.64
OT P3S S . 35.17 -0.49 27.44
O P3S S . 33.25 0.56 27.92
HEC1 P3S S . 31.94 -6.41 29.36
HEC2 P3S S . 33.47 -7.32 29.39
HEC3 P3S S . 32.21 -7.75 28.21
HGC1 P3S S . 32.16 -4.07 28.71
HGC2 P3S S . 32.09 -3.85 26.95
HBC1 P3S S . 34.67 -3.28 27.12
HBC2 P3S S . 34.32 -3.02 28.85
HA P3S S . 32.31 -1.77 28.24
HN1 P3S S . 32.80 -0.90 25.69
HN2 P3S S . 31.79 -2.19 26.01
MG MG T . 34.70 -9.38 22.64
MG MG U . 38.05 -6.63 24.64
MG MG V . 40.23 24.64 7.75
PB ADP W . 39.88 21.95 -8.45
O1B ADP W . 39.33 23.34 -8.46
O2B ADP W . 39.06 20.97 -7.65
O3B ADP W . 41.36 21.92 -8.16
PA ADP W . 38.45 20.48 -10.51
O1A ADP W . 37.16 20.66 -9.73
O2A ADP W . 39.01 19.09 -10.68
O3A ADP W . 39.64 21.47 -9.99
O5' ADP W . 38.22 21.06 -11.98
C5' ADP W . 39.06 20.57 -13.01
C4' ADP W . 38.64 21.18 -14.32
O4' ADP W . 39.75 21.77 -14.99
C3' ADP W . 38.05 20.21 -15.35
O3' ADP W . 36.70 20.64 -15.46
C2' ADP W . 38.81 20.32 -16.67
O2' ADP W . 37.95 20.46 -17.79
C1' ADP W . 39.61 21.58 -16.39
N9 ADP W . 40.92 21.58 -17.04
C8 ADP W . 42.01 20.81 -16.86
N7 ADP W . 43.00 21.20 -17.70
C5 ADP W . 42.53 22.23 -18.42
C6 ADP W . 43.02 23.12 -19.48
N6 ADP W . 44.27 22.97 -19.96
N1 ADP W . 42.16 24.06 -19.93
C2 ADP W . 40.92 24.23 -19.47
N3 ADP W . 40.41 23.46 -18.50
C4 ADP W . 41.16 22.47 -17.98
H5'1 ADP W . 38.98 19.48 -13.07
H5'2 ADP W . 40.11 20.82 -12.80
H4' ADP W . 37.86 21.91 -14.03
H3' ADP W . 38.12 19.15 -15.07
HO3' ADP W . 36.11 19.88 -15.38
H2' ADP W . 39.40 19.43 -16.93
HO2' ADP W . 37.09 20.04 -17.60
H1' ADP W . 39.04 22.41 -16.84
H8 ADP W . 42.07 20.00 -16.15
HN61 ADP W . 44.59 23.59 -20.69
HN62 ADP W . 44.88 22.27 -19.61
H2 ADP W . 40.30 25.01 -19.88
O3A P3S X . 37.31 22.47 -5.07
PA P3S X . 36.60 23.55 -5.87
O1A P3S X . 35.37 23.02 -6.59
O2A P3S X . 37.62 24.13 -6.84
NE P3S X . 35.91 24.81 -4.92
SD P3S X . 35.99 24.95 -3.39
OE P3S X . 37.39 25.03 -3.74
CE P3S X . 36.52 23.89 -1.99
CG P3S X . 34.70 26.12 -2.84
CB P3S X . 33.88 26.75 -3.99
CA P3S X . 33.15 27.98 -3.46
N P3S X . 31.93 27.58 -2.79
C P3S X . 32.79 28.97 -4.57
OT P3S X . 33.46 28.97 -5.64
O P3S X . 31.82 29.78 -4.42
HEC1 P3S X . 36.00 24.20 -1.08
HEC2 P3S X . 37.59 23.99 -1.84
HEC3 P3S X . 36.28 22.85 -2.21
HGC1 P3S X . 35.18 26.93 -2.29
HGC2 P3S X . 34.01 25.59 -2.18
HBC1 P3S X . 33.15 26.02 -4.37
HBC2 P3S X . 34.56 27.03 -4.81
HA P3S X . 33.83 28.48 -2.76
HN1 P3S X . 31.26 28.35 -2.81
HN2 P3S X . 32.11 27.33 -1.83
MG MG Y . 36.59 20.77 -7.86
MG MG Z . 37.62 25.02 -8.58
MG MG AA . 9.46 40.07 -24.08
MG MG BA . 18.99 4.17 -19.72
PB ADP CA . -37.42 -26.64 4.60
O1B ADP CA . -38.56 -26.38 3.62
O2B ADP CA . -36.34 -25.56 4.56
O3B ADP CA . -37.87 -27.15 5.96
PA ADP CA . -35.02 -27.92 3.62
O1A ADP CA . -34.93 -27.79 2.14
O2A ADP CA . -34.17 -27.05 4.51
O3A ADP CA . -36.61 -27.93 4.01
O5' ADP CA . -34.52 -29.38 3.85
C5' ADP CA . -35.05 -30.10 4.92
C4' ADP CA . -34.10 -31.27 5.17
O4' ADP CA . -34.94 -32.37 5.54
C3' ADP CA . -33.11 -31.85 4.16
O3' ADP CA . -31.92 -31.38 4.79
C2' ADP CA . -33.18 -33.34 4.21
O2' ADP CA . -31.88 -33.92 4.37
C1' ADP CA . -34.17 -33.54 5.36
N9 ADP CA . -34.87 -34.77 5.00
C8 ADP CA . -35.32 -35.22 3.80
N7 ADP CA . -35.87 -36.45 3.94
C5 ADP CA . -35.75 -36.77 5.24
C6 ADP CA . -36.11 -37.90 6.10
N6 ADP CA . -36.73 -38.95 5.54
N1 ADP CA . -35.81 -37.84 7.42
C2 ADP CA . -35.19 -36.76 7.97
N3 ADP CA . -34.83 -35.69 7.25
C4 ADP CA . -35.08 -35.66 5.93
H5'1 ADP CA . -36.05 -30.47 4.68
H5'2 ADP CA . -35.12 -29.47 5.81
H4' ADP CA . -33.41 -30.80 5.87
H3' ADP CA . -33.25 -31.58 3.11
HO3' ADP CA . -31.58 -32.05 5.41
H2' ADP CA . -33.50 -33.87 3.30
HO2' ADP CA . -31.24 -33.41 3.87
H1' ADP CA . -33.72 -33.67 6.35
H8 ADP CA . -35.26 -34.67 2.87
HN61 ADP CA . -37.00 -39.75 6.10
HN62 ADP CA . -36.91 -38.93 4.56
H2 ADP CA . -35.00 -36.77 9.03
O3A P3S DA . -35.73 -23.27 6.19
PA P3S DA . -37.18 -22.96 6.50
O1A P3S DA . -37.91 -22.48 5.25
O2A P3S DA . -37.75 -24.29 6.97
NE P3S DA . -37.28 -21.85 7.82
SD P3S DA . -37.81 -20.38 7.81
OE P3S DA . -39.10 -21.06 7.67
CE P3S DA . -38.59 -19.18 6.68
CG P3S DA . -36.90 -19.48 9.14
CB P3S DA . -37.52 -19.89 10.51
CA P3S DA . -36.96 -19.10 11.70
N P3S DA . -35.69 -18.45 11.37
C P3S DA . -36.68 -20.02 12.89
OT P3S DA . -36.53 -21.27 12.69
O P3S DA . -36.58 -19.56 14.06
HEC1 P3S DA . -37.87 -18.85 5.94
HEC2 P3S DA . -39.44 -19.65 6.17
HEC3 P3S DA . -38.96 -18.32 7.24
HGC1 P3S DA . -35.85 -19.75 9.12
HGC2 P3S DA . -37.01 -18.40 9.00
HBC1 P3S DA . -38.60 -19.72 10.46
HBC2 P3S DA . -37.33 -20.95 10.67
HA P3S DA . -37.70 -18.34 11.96
HN1 P3S DA . -35.87 -17.56 10.93
HN2 P3S DA . -35.14 -18.31 12.19
MG MG EA . -34.71 -24.66 4.52
MG MG FA . -37.01 -26.15 7.76
MG MG GA . -2.15 -50.22 24.57
MG MG HA . -34.69 -21.52 7.08
MG MG IA . -9.58 -27.04 -1.84
PB ADP JA . -0.66 -34.11 31.12
O1B ADP JA . -0.44 -32.62 30.97
O2B ADP JA . -1.91 -34.52 30.37
O3B ADP JA . -0.63 -34.62 32.57
PA ADP JA . 1.03 -34.35 28.79
O1A ADP JA . 0.81 -32.88 28.43
O2A ADP JA . 0.56 -35.46 27.87
O3A ADP JA . 0.58 -34.75 30.32
O5' ADP JA . 2.62 -34.40 28.95
C5' ADP JA . 3.16 -35.59 29.45
C4' ADP JA . 4.64 -35.54 29.19
O4' ADP JA . 5.25 -36.40 30.12
C3' ADP JA . 5.12 -36.00 27.82
O3' ADP JA . 5.82 -34.81 27.45
C2' ADP JA . 6.18 -37.09 27.92
O2' ADP JA . 7.21 -36.79 26.97
C1' ADP JA . 6.32 -37.09 29.46
N9 ADP JA . 6.53 -38.55 29.74
C8 ADP JA . 5.98 -39.68 29.23
N7 ADP JA . 6.57 -40.78 29.75
C5 ADP JA . 7.51 -40.34 30.59
C6 ADP JA . 8.51 -40.92 31.49
N6 ADP JA . 8.58 -42.24 31.57
N1 ADP JA . 9.33 -40.12 32.22
C2 ADP JA . 9.22 -38.78 32.12
N3 ADP JA . 8.33 -38.14 31.32
C4 ADP JA . 7.49 -38.87 30.56
H5'1 ADP JA . 2.71 -36.47 28.96
H5'2 ADP JA . 2.97 -35.68 30.53
H4' ADP JA . 4.91 -34.48 29.25
H3' ADP JA . 4.33 -36.38 27.16
HO3' ADP JA . 5.62 -34.58 26.54
H2' ADP JA . 6.04 -38.14 27.61
HO2' ADP JA . 7.19 -37.45 26.26
H1' ADP JA . 7.16 -36.52 29.87
H8 ADP JA . 5.17 -39.70 28.51
HN61 ADP JA . 9.25 -42.69 32.18
HN62 ADP JA . 7.96 -42.79 31.02
H2 ADP JA . 9.89 -38.17 32.71
O3A P3S KA . -0.95 -30.95 32.74
PA P3S KA . -1.80 -30.10 31.82
O1A P3S KA . -3.00 -30.97 31.46
O2A P3S KA . -0.95 -29.68 30.63
NE P3S KA . -2.22 -28.59 32.57
SD P3S KA . -3.51 -28.13 33.36
OE P3S KA . -3.75 -29.56 33.45
CE P3S KA . -5.28 -28.11 33.04
CG P3S KA . -3.06 -26.85 34.58
CB P3S KA . -1.94 -25.90 34.09
CA P3S KA . -1.66 -24.87 35.19
N P3S KA . -1.64 -23.57 34.56
C P3S KA . -0.34 -25.08 35.94
OT P3S KA . 0.21 -26.22 35.97
O P3S KA . 0.20 -24.10 36.57
HEC1 P3S KA . -5.82 -28.22 33.99
HEC2 P3S KA . -5.55 -28.95 32.40
HEC3 P3S KA . -5.57 -27.17 32.56
HGC1 P3S KA . -2.72 -27.34 35.49
HGC2 P3S KA . -3.95 -26.25 34.78
HBC1 P3S KA . -2.26 -25.39 33.18
HBC2 P3S KA . -1.04 -26.47 33.88
HA P3S KA . -2.44 -24.97 35.94
HN1 P3S KA . -1.39 -22.84 35.20
HN2 P3S KA . -2.54 -23.39 34.15
MG MG LA . -0.63 -31.48 28.97
MG MG MA . 0.68 -31.83 32.88
S SO4 NA . 16.85 -14.92 53.76
O1 SO4 NA . 15.66 -14.05 53.81
O2 SO4 NA . 18.05 -14.09 53.91
O3 SO4 NA . 16.90 -15.59 52.46
O4 SO4 NA . 16.77 -15.90 54.83
#